data_7UTV
#
_entry.id   7UTV
#
_cell.length_a   1.00
_cell.length_b   1.00
_cell.length_c   1.00
_cell.angle_alpha   90.00
_cell.angle_beta   90.00
_cell.angle_gamma   90.00
#
_symmetry.space_group_name_H-M   'P 1'
#
loop_
_entity.id
_entity.type
_entity.pdbx_description
1 polymer 'Light chain antibody fragment'
2 polymer 'Heavy chain antibody fragment'
3 polymer 'Capsid protein VP1'
#
loop_
_entity_poly.entity_id
_entity_poly.type
_entity_poly.pdbx_seq_one_letter_code
_entity_poly.pdbx_strand_id
1 'polypeptide(L)'
;(UNK)(UNK)(UNK)(UNK)(UNK)(UNK)(UNK)(UNK)(UNK)(UNK)(UNK)(UNK)(UNK)(UNK)(UNK)(UNK)
(UNK)(UNK)(UNK)(UNK)(UNK)(UNK)(UNK)(UNK)(UNK)(UNK)(UNK)(UNK)(UNK)(UNK)(UNK)(UNK)
(UNK)(UNK)(UNK)(UNK)(UNK)(UNK)(UNK)(UNK)(UNK)(UNK)(UNK)(UNK)(UNK)(UNK)(UNK)(UNK)
(UNK)(UNK)(UNK)(UNK)(UNK)(UNK)(UNK)(UNK)(UNK)(UNK)(UNK)(UNK)(UNK)(UNK)(UNK)(UNK)
(UNK)(UNK)(UNK)(UNK)(UNK)(UNK)(UNK)(UNK)(UNK)(UNK)(UNK)(UNK)(UNK)(UNK)(UNK)(UNK)
(UNK)(UNK)(UNK)(UNK)(UNK)(UNK)(UNK)(UNK)(UNK)(UNK)(UNK)
;
L
2 'polypeptide(L)'
;(UNK)(UNK)(UNK)(UNK)(UNK)(UNK)(UNK)(UNK)(UNK)(UNK)(UNK)(UNK)(UNK)(UNK)(UNK)(UNK)
(UNK)(UNK)(UNK)(UNK)(UNK)(UNK)(UNK)(UNK)(UNK)(UNK)(UNK)(UNK)(UNK)(UNK)(UNK)(UNK)
(UNK)(UNK)(UNK)(UNK)(UNK)(UNK)(UNK)(UNK)(UNK)(UNK)(UNK)(UNK)(UNK)(UNK)(UNK)(UNK)
(UNK)(UNK)(UNK)(UNK)(UNK)(UNK)(UNK)(UNK)(UNK)(UNK)(UNK)(UNK)(UNK)(UNK)(UNK)(UNK)
(UNK)(UNK)(UNK)(UNK)(UNK)(UNK)(UNK)(UNK)(UNK)(UNK)(UNK)(UNK)(UNK)(UNK)(UNK)(UNK)
(UNK)(UNK)(UNK)(UNK)(UNK)(UNK)(UNK)(UNK)(UNK)(UNK)(UNK)(UNK)(UNK)(UNK)(UNK)(UNK)
(UNK)(UNK)(UNK)(UNK)
;
H
3 'polypeptide(L)'
;GVGISTGTFNNQTEFKFLENGWVEITANSSRLVHLNMPESENYRRVVVNNMDKTAVNGNMALDDIHAQIVTPWSLVDANA
WGVWFNPGDWQLIVNTMSELHLVSFEQEIFNVVLKTVSESATQPPTKVYNNDLTASLMVALDSNNTMPFTPAAMRSETLG
FYPWKPTIPTPWRYYFQWDRTLIPSHTGTSGTPTNIYHGTDPDDVQFYTIENSVPVHLLRTGDEFATGTFFFDCKPCRLT
HTWQTNRALGLPPFLNSLPQSEGATNFGDIGVQQDKRRGVTQMGNTNYITEATIMRPAEVGYSAPYYSFEASTQGPFKTP
IAAGRGGAQTDENQAADGNPRYAFGRQHGQKTTTTGETPERFTYIAHQDTGRYPEGDWIQNINFNLPVTNDNVLLPTDPI
GGKTGINYTNIFNTYGPLTALNNVPPVYPNGQIWDKEFDTDLKPRLHVNAPFVCQNNCPGQLFVKVAPNLTNEYDPDASA
NMSRIVTYSDFWWKGKLVFKAKLRASHTWNPIQQMSINVDNQFNYVPSNIGGMKIVYEKSQLAPRKLY
;
A,B,C,D,E,F,G,I
#
# COMPACT_ATOMS: atom_id res chain seq x y z
N UNK A 1 -18.56 34.68 -8.23
CA UNK A 1 -19.17 33.42 -8.71
C UNK A 1 -18.27 32.23 -8.39
N UNK A 2 -18.90 31.14 -7.95
CA UNK A 2 -18.15 29.95 -7.56
C UNK A 2 -17.62 29.17 -8.76
N UNK A 3 -18.31 29.23 -9.90
CA UNK A 3 -17.89 28.45 -11.07
C UNK A 3 -18.57 28.82 -12.40
N UNK A 4 -19.80 29.32 -12.36
CA UNK A 4 -20.60 29.46 -13.57
C UNK A 4 -20.14 30.58 -14.51
N UNK A 5 -20.58 30.51 -15.75
CA UNK A 5 -20.32 31.53 -16.76
C UNK A 5 -21.06 31.15 -18.05
N UNK A 6 -21.45 32.13 -18.87
CA UNK A 6 -22.21 31.85 -20.10
C UNK A 6 -22.15 32.96 -21.13
N UNK A 7 -22.75 34.11 -20.77
CA UNK A 7 -22.83 35.28 -21.65
C UNK A 7 -23.74 35.03 -22.86
N UNK A 8 -23.98 36.07 -23.66
CA UNK A 8 -24.95 35.99 -24.76
C UNK A 8 -24.56 34.94 -25.80
N UNK A 9 -25.55 34.49 -26.57
CA UNK A 9 -25.33 33.45 -27.56
C UNK A 9 -26.46 33.36 -28.57
N UNK A 10 -26.45 32.32 -29.39
CA UNK A 10 -27.46 32.12 -30.43
C UNK A 10 -27.48 30.64 -30.84
N UNK A 11 -28.63 30.18 -31.30
CA UNK A 11 -28.79 28.79 -31.72
C UNK A 11 -30.03 28.64 -32.60
N UNK A 12 -30.17 27.49 -33.24
CA UNK A 12 -31.30 27.24 -34.15
C UNK A 12 -31.65 25.76 -34.34
N UNK A 13 -31.09 24.86 -33.54
CA UNK A 13 -31.39 23.43 -33.66
C UNK A 13 -32.74 23.13 -33.03
N UNK A 14 -33.29 21.95 -33.33
CA UNK A 14 -34.57 21.53 -32.78
C UNK A 14 -34.52 21.22 -31.29
N UNK A 15 -33.32 21.05 -30.73
CA UNK A 15 -33.16 20.82 -29.30
C UNK A 15 -31.87 21.49 -28.83
N UNK A 16 -31.67 22.73 -29.26
CA UNK A 16 -30.43 23.45 -28.99
C UNK A 16 -30.37 23.94 -27.54
N UNK A 17 -29.19 24.44 -27.15
CA UNK A 17 -28.96 24.94 -25.80
C UNK A 17 -28.00 26.12 -25.84
N UNK A 18 -28.23 27.10 -24.97
CA UNK A 18 -27.42 28.31 -24.96
C UNK A 18 -26.08 28.07 -24.28
N UNK A 19 -25.05 28.79 -24.74
CA UNK A 19 -23.67 28.56 -24.32
C UNK A 19 -23.44 28.73 -22.82
N UNK A 20 -22.72 27.78 -22.24
CA UNK A 20 -22.36 27.80 -20.83
C UNK A 20 -21.04 27.06 -20.63
N UNK A 21 -20.30 27.43 -19.58
CA UNK A 21 -19.00 26.82 -19.32
C UNK A 21 -18.65 26.92 -17.83
N UNK A 22 -19.49 26.34 -16.99
CA UNK A 22 -19.23 26.30 -15.55
C UNK A 22 -18.02 25.42 -15.27
N UNK A 23 -17.10 25.92 -14.45
CA UNK A 23 -15.87 25.20 -14.15
C UNK A 23 -16.13 23.92 -13.35
N UNK A 24 -17.10 23.98 -12.44
CA UNK A 24 -17.41 22.87 -11.55
C UNK A 24 -18.27 21.77 -12.18
N UNK A 25 -18.77 21.98 -13.40
CA UNK A 25 -19.54 21.00 -14.18
C UNK A 25 -21.02 20.89 -13.76
N UNK A 26 -21.29 20.86 -12.46
CA UNK A 26 -22.66 20.74 -11.97
C UNK A 26 -23.49 21.98 -12.35
N UNK A 27 -24.71 21.75 -12.83
CA UNK A 27 -25.57 22.87 -13.23
C UNK A 27 -27.01 22.46 -13.53
N UNK A 28 -27.84 23.46 -13.82
CA UNK A 28 -29.24 23.24 -14.18
C UNK A 28 -29.65 24.33 -15.19
N UNK A 29 -30.90 24.30 -15.65
CA UNK A 29 -31.34 25.18 -16.75
C UNK A 29 -32.74 25.76 -16.54
N UNK A 30 -32.94 26.96 -17.08
CA UNK A 30 -34.23 27.64 -17.06
C UNK A 30 -34.35 28.53 -18.28
N UNK A 31 -35.57 28.94 -18.63
CA UNK A 31 -35.82 29.71 -19.85
C UNK A 31 -36.95 30.72 -19.74
N UNK A 32 -36.95 31.66 -20.68
CA UNK A 32 -37.99 32.68 -20.79
C UNK A 32 -37.90 33.30 -22.18
N UNK A 33 -38.89 34.11 -22.54
CA UNK A 33 -38.92 34.74 -23.86
C UNK A 33 -39.73 36.04 -23.88
N UNK A 34 -39.87 36.70 -22.73
CA UNK A 34 -40.62 37.95 -22.67
C UNK A 34 -40.43 38.60 -21.31
N UNK A 35 -41.23 39.62 -21.02
CA UNK A 35 -41.20 40.27 -19.72
C UNK A 35 -41.73 39.37 -18.61
N UNK A 36 -42.52 38.36 -18.97
CA UNK A 36 -43.05 37.41 -18.00
C UNK A 36 -41.90 36.66 -17.32
N UNK A 37 -42.17 36.10 -16.14
CA UNK A 37 -41.13 35.45 -15.37
C UNK A 37 -40.66 34.18 -16.07
N UNK A 38 -39.38 33.86 -15.88
CA UNK A 38 -38.79 32.69 -16.50
C UNK A 38 -39.12 31.46 -15.67
N UNK A 39 -38.75 30.29 -16.18
CA UNK A 39 -39.08 29.02 -15.55
C UNK A 39 -38.02 27.97 -15.81
N UNK A 40 -37.93 27.01 -14.89
CA UNK A 40 -36.97 25.92 -15.00
C UNK A 40 -37.39 24.95 -16.10
N UNK A 41 -36.44 24.17 -16.61
CA UNK A 41 -36.73 23.19 -17.64
C UNK A 41 -35.78 22.00 -17.55
N UNK A 42 -34.60 22.11 -18.16
CA UNK A 42 -33.66 21.00 -18.23
C UNK A 42 -32.74 21.01 -17.01
N UNK A 43 -33.32 20.75 -15.84
CA UNK A 43 -32.63 20.90 -14.56
C UNK A 43 -32.80 19.69 -13.63
N UNK A 44 -33.76 18.82 -13.90
CA UNK A 44 -34.03 17.71 -13.00
C UNK A 44 -34.79 16.58 -13.69
N UNK A 45 -34.37 16.22 -14.90
CA UNK A 45 -34.99 15.12 -15.61
C UNK A 45 -34.12 14.58 -16.74
N UNK A 46 -34.61 13.53 -17.40
CA UNK A 46 -33.93 12.94 -18.56
C UNK A 46 -33.98 13.85 -19.78
N UNK A 47 -34.90 14.81 -19.79
CA UNK A 47 -34.95 15.84 -20.83
C UNK A 47 -35.35 17.17 -20.20
N UNK A 48 -36.51 17.19 -19.58
CA UNK A 48 -36.99 18.38 -18.88
C UNK A 48 -38.07 17.98 -17.89
N UNK A 49 -38.34 18.85 -16.93
CA UNK A 49 -39.38 18.59 -15.93
C UNK A 49 -40.76 18.79 -16.55
N UNK A 50 -41.20 17.77 -17.30
CA UNK A 50 -42.52 17.76 -17.92
C UNK A 50 -42.70 18.83 -19.01
N UNK A 51 -41.60 19.37 -19.53
CA UNK A 51 -41.65 20.36 -20.60
C UNK A 51 -41.59 19.67 -21.95
N UNK A 52 -41.45 20.44 -23.02
CA UNK A 52 -41.37 19.87 -24.36
C UNK A 52 -40.06 19.09 -24.50
N UNK A 53 -39.97 18.29 -25.56
CA UNK A 53 -38.83 17.40 -25.74
C UNK A 53 -37.59 18.08 -26.34
N UNK A 54 -37.61 19.39 -26.50
CA UNK A 54 -36.45 20.12 -27.01
C UNK A 54 -35.35 20.29 -25.95
N UNK A 55 -35.70 20.16 -24.67
CA UNK A 55 -34.75 20.37 -23.59
C UNK A 55 -33.86 19.16 -23.34
N UNK A 56 -32.75 19.37 -22.62
CA UNK A 56 -31.80 18.30 -22.32
C UNK A 56 -31.03 18.60 -21.04
N UNK A 57 -31.18 17.73 -20.04
CA UNK A 57 -30.66 17.95 -18.68
C UNK A 57 -29.42 17.23 -18.06
N UNK A 58 -28.95 16.00 -18.36
CA UNK A 58 -29.35 15.10 -19.44
C UNK A 58 -29.01 15.69 -20.82
N UNK A 59 -27.85 16.33 -20.87
CA UNK A 59 -27.28 16.85 -22.11
C UNK A 59 -25.77 16.79 -21.98
N UNK A 60 -25.23 17.66 -21.12
CA UNK A 60 -23.80 17.69 -20.85
C UNK A 60 -23.53 18.70 -19.74
N UNK A 61 -22.30 18.69 -19.23
CA UNK A 61 -21.88 19.67 -18.23
C UNK A 61 -21.41 20.93 -18.93
N UNK A 62 -22.34 21.62 -19.58
CA UNK A 62 -22.01 22.85 -20.28
C UNK A 62 -23.29 23.64 -20.62
N UNK A 63 -23.78 23.60 -21.86
CA UNK A 63 -24.89 24.47 -22.25
C UNK A 63 -26.20 24.03 -21.61
N UNK A 64 -26.88 24.97 -20.97
CA UNK A 64 -28.19 24.70 -20.39
C UNK A 64 -29.24 24.80 -21.49
N UNK A 65 -30.36 24.08 -21.34
CA UNK A 65 -31.36 23.96 -22.40
C UNK A 65 -32.78 24.08 -21.87
N UNK A 66 -33.75 24.09 -22.80
CA UNK A 66 -35.16 24.21 -22.44
C UNK A 66 -36.03 23.94 -23.66
N UNK A 67 -37.34 24.18 -23.52
CA UNK A 67 -38.29 23.89 -24.59
C UNK A 67 -38.11 24.86 -25.75
N UNK A 68 -38.83 24.61 -26.84
CA UNK A 68 -38.63 25.33 -28.09
C UNK A 68 -39.08 26.79 -28.01
N UNK A 69 -38.53 27.60 -28.92
CA UNK A 69 -38.97 28.98 -29.14
C UNK A 69 -38.58 29.97 -28.04
N UNK A 70 -37.88 29.52 -27.00
CA UNK A 70 -37.50 30.38 -25.90
C UNK A 70 -36.27 31.20 -26.27
N UNK A 71 -36.16 32.40 -25.69
CA UNK A 71 -35.05 33.30 -25.99
C UNK A 71 -33.90 33.04 -25.04
N UNK A 72 -34.22 32.95 -23.75
CA UNK A 72 -33.23 32.74 -22.72
C UNK A 72 -32.99 31.25 -22.49
N UNK A 73 -31.83 30.93 -21.93
CA UNK A 73 -31.49 29.56 -21.58
C UNK A 73 -30.35 29.58 -20.57
N UNK A 74 -30.57 30.31 -19.47
CA UNK A 74 -29.52 30.54 -18.49
C UNK A 74 -29.16 29.27 -17.73
N UNK A 75 -27.90 29.19 -17.32
CA UNK A 75 -27.38 28.04 -16.60
C UNK A 75 -27.35 28.33 -15.10
N UNK A 76 -28.24 27.68 -14.35
CA UNK A 76 -28.29 27.85 -12.90
C UNK A 76 -27.25 26.95 -12.24
N UNK A 77 -26.80 27.34 -11.05
CA UNK A 77 -25.79 26.58 -10.33
C UNK A 77 -25.89 26.85 -8.84
N UNK A 78 -25.56 25.83 -8.05
CA UNK A 78 -25.68 25.93 -6.60
C UNK A 78 -24.65 26.92 -6.06
N UNK A 79 -23.49 27.00 -6.70
CA UNK A 79 -22.50 28.03 -6.39
C UNK A 79 -21.97 27.93 -4.96
N UNK A 80 -21.90 26.71 -4.44
CA UNK A 80 -21.45 26.45 -3.08
C UNK A 80 -22.36 27.14 -2.06
N UNK A 81 -23.57 26.60 -1.96
CA UNK A 81 -24.58 27.10 -1.01
C UNK A 81 -24.95 28.55 -1.30
N UNK A 82 -24.98 28.90 -2.58
CA UNK A 82 -25.36 30.23 -3.04
C UNK A 82 -26.34 30.05 -4.20
N UNK A 83 -26.36 30.93 -5.18
CA UNK A 83 -27.20 30.75 -6.36
C UNK A 83 -26.59 31.42 -7.58
N UNK A 84 -25.93 30.62 -8.41
CA UNK A 84 -25.33 31.11 -9.64
C UNK A 84 -26.38 31.15 -10.75
N UNK A 85 -26.17 32.03 -11.72
CA UNK A 85 -27.08 32.14 -12.85
C UNK A 85 -26.35 32.75 -14.03
N UNK A 86 -25.66 31.90 -14.78
CA UNK A 86 -24.93 32.34 -15.97
C UNK A 86 -25.91 32.86 -17.01
N UNK A 87 -25.51 33.92 -17.73
CA UNK A 87 -26.44 34.66 -18.57
C UNK A 87 -26.47 34.18 -20.01
N UNK A 88 -26.68 32.87 -20.19
CA UNK A 88 -26.85 32.31 -21.53
C UNK A 88 -28.22 32.72 -22.06
N UNK A 89 -28.24 33.50 -23.14
CA UNK A 89 -29.49 33.97 -23.72
C UNK A 89 -29.29 34.65 -25.06
N UNK A 90 -30.33 34.60 -25.88
CA UNK A 90 -30.34 35.25 -27.18
C UNK A 90 -30.83 36.69 -27.01
N UNK A 91 -30.71 37.48 -28.08
CA UNK A 91 -31.11 38.88 -28.02
C UNK A 91 -31.39 39.40 -29.43
N UNK B 1 -50.17 25.28 -9.94
CA UNK B 1 -50.68 24.87 -8.60
C UNK B 1 -50.46 25.98 -7.59
N UNK B 2 -49.21 26.23 -7.26
CA UNK B 2 -48.87 27.23 -6.26
C UNK B 2 -49.08 28.63 -6.82
N UNK B 3 -49.02 29.62 -5.95
CA UNK B 3 -49.18 31.01 -6.35
C UNK B 3 -48.49 31.91 -5.34
N UNK B 4 -48.28 33.16 -5.73
CA UNK B 4 -47.58 34.12 -4.88
C UNK B 4 -47.92 35.54 -5.30
N UNK B 5 -47.74 36.46 -4.35
CA UNK B 5 -48.10 37.85 -4.56
C UNK B 5 -46.90 38.65 -5.06
N UNK B 6 -47.11 39.95 -5.25
CA UNK B 6 -46.04 40.88 -5.60
C UNK B 6 -45.47 41.50 -4.32
N UNK B 7 -44.29 42.14 -4.43
CA UNK B 7 -43.58 42.60 -3.24
C UNK B 7 -44.14 43.89 -2.59
N UNK B 8 -44.36 45.03 -3.27
CA UNK B 8 -44.13 45.27 -4.70
C UNK B 8 -43.89 46.76 -4.95
N UNK B 9 -43.28 47.09 -6.08
CA UNK B 9 -43.25 48.45 -6.61
C UNK B 9 -42.62 49.48 -5.69
N UNK B 10 -41.47 49.14 -5.11
CA UNK B 10 -40.75 50.08 -4.26
C UNK B 10 -39.30 49.63 -4.08
N UNK B 11 -38.48 50.50 -3.48
CA UNK B 11 -37.08 50.19 -3.20
C UNK B 11 -36.97 49.48 -1.86
N UNK B 12 -37.62 48.31 -1.79
CA UNK B 12 -37.64 47.47 -0.60
C UNK B 12 -38.26 48.11 0.64
N UNK B 13 -38.93 47.25 1.41
CA UNK B 13 -39.70 47.67 2.57
C UNK B 13 -40.34 46.43 3.18
N UNK B 14 -41.10 45.75 2.33
CA UNK B 14 -41.80 44.53 2.67
C UNK B 14 -41.71 43.57 1.50
N UNK B 15 -42.42 42.44 1.62
CA UNK B 15 -42.38 41.39 0.62
C UNK B 15 -43.73 40.69 0.47
N UNK B 16 -43.79 39.76 -0.48
CA UNK B 16 -45.04 39.18 -0.94
C UNK B 16 -45.45 37.95 -0.14
N UNK B 17 -46.71 37.58 -0.29
CA UNK B 17 -47.27 36.40 0.35
C UNK B 17 -47.21 35.22 -0.61
N UNK B 18 -47.70 34.07 -0.16
CA UNK B 18 -47.64 32.84 -0.93
C UNK B 18 -48.86 32.00 -0.62
N UNK B 19 -49.18 31.06 -1.50
CA UNK B 19 -50.37 30.23 -1.33
C UNK B 19 -50.31 28.94 -2.14
N UNK B 20 -51.12 27.98 -1.72
CA UNK B 20 -51.27 26.71 -2.42
C UNK B 20 -49.97 25.92 -2.45
N UNK B 21 -49.23 25.95 -1.35
CA UNK B 21 -47.98 25.22 -1.23
C UNK B 21 -47.65 24.97 0.23
N UNK B 22 -46.60 24.19 0.47
CA UNK B 22 -46.19 23.82 1.82
C UNK B 22 -45.28 24.89 2.40
N UNK B 23 -45.88 26.03 2.74
CA UNK B 23 -45.14 27.17 3.28
C UNK B 23 -44.53 26.87 4.65
N UNK B 24 -45.06 25.90 5.37
CA UNK B 24 -44.56 25.54 6.68
C UNK B 24 -43.30 24.68 6.65
N UNK B 25 -42.83 24.29 5.46
CA UNK B 25 -41.70 23.35 5.33
C UNK B 25 -40.71 23.74 4.24
N UNK B 26 -41.22 24.26 3.12
CA UNK B 26 -40.37 24.52 1.96
C UNK B 26 -39.53 25.78 2.14
N UNK B 27 -38.34 25.77 1.56
CA UNK B 27 -37.46 26.93 1.58
C UNK B 27 -37.92 27.91 0.50
N UNK B 28 -37.29 29.08 0.45
CA UNK B 28 -37.65 30.10 -0.52
C UNK B 28 -36.49 31.06 -0.74
N UNK B 29 -36.59 31.86 -1.80
CA UNK B 29 -35.53 32.81 -2.13
C UNK B 29 -36.07 33.95 -2.99
N UNK B 30 -35.16 34.83 -3.41
CA UNK B 30 -35.52 35.98 -4.24
C UNK B 30 -34.33 36.36 -5.12
N UNK B 31 -34.62 36.97 -6.28
CA UNK B 31 -33.59 37.33 -7.23
C UNK B 31 -33.97 38.58 -8.03
N UNK B 32 -32.97 39.16 -8.71
CA UNK B 32 -33.17 40.42 -9.44
C UNK B 32 -33.89 40.17 -10.76
N UNK B 33 -34.36 41.24 -11.40
CA UNK B 33 -35.17 41.11 -12.61
C UNK B 33 -35.18 42.37 -13.47
N UNK B 34 -34.06 43.10 -13.50
CA UNK B 34 -33.92 44.29 -14.33
C UNK B 34 -32.54 44.35 -14.97
N UNK B 35 -32.46 45.00 -16.13
CA UNK B 35 -31.20 45.21 -16.84
C UNK B 35 -30.61 43.87 -17.27
N UNK B 36 -29.31 43.85 -17.58
CA UNK B 36 -28.61 42.61 -17.87
C UNK B 36 -28.55 41.67 -16.66
N UNK B 37 -28.67 42.22 -15.45
CA UNK B 37 -28.61 41.42 -14.23
C UNK B 37 -29.99 40.93 -13.78
N UNK B 38 -30.86 40.61 -14.72
CA UNK B 38 -32.23 40.21 -14.42
C UNK B 38 -32.40 38.71 -14.18
N UNK B 39 -31.36 38.05 -13.67
CA UNK B 39 -31.47 36.67 -13.20
C UNK B 39 -30.53 36.34 -12.04
N UNK B 40 -29.92 37.36 -11.44
CA UNK B 40 -28.96 37.14 -10.36
C UNK B 40 -29.68 36.97 -9.02
N UNK B 41 -29.17 36.07 -8.19
CA UNK B 41 -29.78 35.80 -6.89
C UNK B 41 -29.65 37.03 -5.99
N UNK B 42 -30.39 37.04 -4.89
CA UNK B 42 -30.43 38.17 -3.98
C UNK B 42 -30.57 37.76 -2.52
N UNK B 43 -31.37 36.73 -2.26
CA UNK B 43 -31.63 36.31 -0.88
C UNK B 43 -32.12 34.88 -0.80
N UNK B 44 -32.13 34.34 0.42
CA UNK B 44 -32.57 32.98 0.66
C UNK B 44 -32.91 32.80 2.14
N UNK B 45 -33.85 31.91 2.41
CA UNK B 45 -34.26 31.63 3.79
C UNK B 45 -34.84 30.23 3.89
N UNK B 46 -34.93 29.73 5.11
CA UNK B 46 -35.45 28.38 5.37
C UNK B 46 -36.29 28.38 6.64
N UNK B 47 -36.69 27.19 7.06
CA UNK B 47 -37.45 27.03 8.30
C UNK B 47 -36.63 27.49 9.50
N UNK B 48 -36.88 28.72 9.94
CA UNK B 48 -36.14 29.33 11.05
C UNK B 48 -34.66 29.46 10.72
N UNK B 49 -34.37 29.92 9.52
CA UNK B 49 -32.99 30.15 9.08
C UNK B 49 -32.96 31.20 7.98
N UNK B 50 -31.79 31.79 7.76
CA UNK B 50 -31.62 32.84 6.77
C UNK B 50 -30.19 32.80 6.24
N UNK B 51 -30.00 33.22 5.00
CA UNK B 51 -28.68 33.19 4.37
C UNK B 51 -28.55 34.20 3.23
N UNK B 52 -29.29 35.31 3.32
CA UNK B 52 -29.17 36.39 2.35
C UNK B 52 -27.98 37.25 2.73
N UNK B 53 -26.78 36.75 2.45
CA UNK B 53 -25.55 37.44 2.84
C UNK B 53 -24.35 37.00 2.00
N UNK B 54 -23.20 37.58 2.33
CA UNK B 54 -21.91 37.29 1.69
C UNK B 54 -21.78 37.81 0.25
N UNK B 55 -22.76 38.55 -0.25
CA UNK B 55 -22.69 39.07 -1.61
C UNK B 55 -23.85 40.03 -1.87
N UNK B 56 -23.54 41.32 -1.94
CA UNK B 56 -24.54 42.37 -2.15
C UNK B 56 -25.52 42.35 -0.98
N UNK B 57 -24.97 42.24 0.22
CA UNK B 57 -25.77 42.12 1.43
C UNK B 57 -26.64 43.37 1.63
N UNK B 58 -26.07 44.45 2.15
CA UNK B 58 -26.81 45.68 2.38
C UNK B 58 -27.91 45.37 3.39
N UNK B 59 -29.04 46.08 3.33
CA UNK B 59 -30.20 45.66 4.08
C UNK B 59 -30.71 44.35 3.48
N UNK B 60 -30.99 43.36 4.33
CA UNK B 60 -31.37 42.04 3.86
C UNK B 60 -32.18 41.25 4.88
N UNK B 61 -33.38 41.73 5.18
CA UNK B 61 -34.27 41.03 6.10
C UNK B 61 -34.90 39.84 5.39
N UNK B 62 -35.57 39.00 6.16
CA UNK B 62 -36.23 37.82 5.60
C UNK B 62 -37.33 37.35 6.56
N UNK B 63 -38.22 36.51 6.06
CA UNK B 63 -39.34 36.02 6.86
C UNK B 63 -39.90 34.72 6.28
N UNK B 64 -40.84 34.11 6.99
CA UNK B 64 -41.42 32.85 6.55
C UNK B 64 -42.82 32.54 7.13
N UNK B 65 -43.45 33.52 7.78
CA UNK B 65 -44.79 33.32 8.33
C UNK B 65 -45.85 33.56 7.25
N UNK B 66 -45.90 32.63 6.30
CA UNK B 66 -46.83 32.70 5.17
C UNK B 66 -46.58 33.91 4.28
N UNK B 67 -45.35 34.45 4.30
CA UNK B 67 -44.99 35.61 3.50
C UNK B 67 -43.52 35.95 3.75
N UNK B 68 -42.92 36.63 2.77
CA UNK B 68 -41.50 36.96 2.81
C UNK B 68 -41.27 38.28 3.54
N UNK B 69 -40.06 38.82 3.41
CA UNK B 69 -39.72 40.10 4.00
C UNK B 69 -38.64 40.81 3.18
N UNK B 70 -38.34 42.05 3.56
CA UNK B 70 -37.34 42.83 2.85
C UNK B 70 -36.85 43.97 3.75
N UNK B 71 -35.90 44.74 3.23
CA UNK B 71 -35.32 45.84 3.99
C UNK B 71 -34.85 46.95 3.03
N UNK B 72 -35.09 48.20 3.45
CA UNK B 72 -34.97 49.34 2.55
C UNK B 72 -33.54 49.84 2.40
N UNK B 73 -32.72 49.10 1.67
CA UNK B 73 -31.37 49.55 1.33
C UNK B 73 -31.48 50.66 0.28
N UNK B 74 -32.33 50.44 -0.71
CA UNK B 74 -32.65 51.44 -1.71
C UNK B 74 -31.44 51.81 -2.58
N UNK B 75 -30.58 50.83 -2.84
CA UNK B 75 -29.36 51.06 -3.61
C UNK B 75 -29.62 51.19 -5.11
N UNK B 76 -30.70 50.57 -5.60
CA UNK B 76 -31.00 50.58 -7.03
C UNK B 76 -32.49 50.34 -7.27
N UNK B 77 -32.97 50.80 -8.43
CA UNK B 77 -34.39 50.73 -8.77
C UNK B 77 -34.79 49.48 -9.57
N UNK B 78 -33.91 48.49 -9.63
CA UNK B 78 -34.16 47.30 -10.44
C UNK B 78 -35.23 46.41 -9.81
N UNK B 79 -35.93 45.67 -10.66
CA UNK B 79 -37.00 44.77 -10.24
C UNK B 79 -36.47 43.50 -9.59
N UNK B 80 -37.40 42.68 -9.09
CA UNK B 80 -37.04 41.42 -8.45
C UNK B 80 -38.23 40.47 -8.42
N UNK B 81 -37.97 39.20 -8.12
CA UNK B 81 -39.00 38.17 -8.10
C UNK B 81 -38.61 37.03 -7.16
N UNK B 82 -39.61 36.31 -6.67
CA UNK B 82 -39.39 35.25 -5.68
C UNK B 82 -39.40 33.87 -6.31
N UNK B 83 -39.03 32.86 -5.53
CA UNK B 83 -38.90 31.49 -6.03
C UNK B 83 -38.91 30.50 -4.87
N UNK B 84 -39.42 29.29 -5.15
CA UNK B 84 -39.56 28.25 -4.13
C UNK B 84 -38.36 27.33 -4.16
N UNK B 85 -38.08 26.71 -3.01
CA UNK B 85 -37.11 25.60 -2.86
C UNK B 85 -35.63 26.03 -2.78
N UNK B 86 -35.27 27.15 -3.41
CA UNK B 86 -33.92 27.71 -3.36
C UNK B 86 -32.92 26.85 -4.14
N UNK B 87 -31.67 27.30 -4.23
CA UNK B 87 -30.68 26.73 -5.16
C UNK B 87 -29.78 25.67 -4.52
N UNK B 88 -30.35 24.88 -3.60
CA UNK B 88 -29.64 23.76 -3.01
C UNK B 88 -29.65 22.53 -3.94
N UNK B 89 -30.65 22.44 -4.82
CA UNK B 89 -30.76 21.30 -5.74
C UNK B 89 -31.65 21.65 -6.94
N UNK B 90 -32.88 22.08 -6.67
CA UNK B 90 -33.81 22.47 -7.72
C UNK B 90 -34.83 23.47 -7.17
N UNK B 91 -35.25 24.42 -8.01
CA UNK B 91 -36.17 25.48 -7.57
C UNK B 91 -37.05 25.97 -8.72
N UNK B 92 -38.08 26.74 -8.38
CA UNK B 92 -39.07 27.22 -9.34
C UNK B 92 -39.44 28.67 -9.06
N UNK B 93 -39.48 29.47 -10.12
CA UNK B 93 -39.73 30.91 -10.00
C UNK B 93 -41.22 31.22 -9.95
N UNK B 94 -41.59 32.26 -9.23
CA UNK B 94 -42.98 32.65 -9.07
C UNK B 94 -43.43 33.49 -10.26
N UNK B 95 -44.73 33.80 -10.30
CA UNK B 95 -45.31 34.55 -11.42
C UNK B 95 -45.03 36.05 -11.34
N UNK B 96 -44.81 36.56 -10.13
CA UNK B 96 -44.64 37.99 -9.94
C UNK B 96 -43.28 38.46 -10.44
N UNK B 97 -43.13 39.77 -10.58
CA UNK B 97 -41.88 40.38 -11.01
C UNK B 97 -41.97 41.88 -10.77
N UNK B 98 -42.08 42.26 -9.49
CA UNK B 98 -42.36 43.64 -9.14
C UNK B 98 -41.15 44.53 -9.38
N UNK B 99 -41.42 45.81 -9.66
CA UNK B 99 -40.38 46.79 -9.93
C UNK B 99 -39.94 47.47 -8.64
N UNK B 100 -39.04 48.44 -8.77
CA UNK B 100 -38.53 49.21 -7.64
C UNK B 100 -38.33 50.66 -8.04
N GLY C 1 22.46 9.58 -2.83
CA GLY C 1 22.31 10.99 -3.29
C GLY C 1 21.05 11.24 -4.07
N VAL C 2 21.10 12.22 -4.98
CA VAL C 2 19.91 12.61 -5.72
C VAL C 2 19.64 11.63 -6.87
N GLY C 3 20.67 11.29 -7.61
CA GLY C 3 20.51 10.61 -8.87
C GLY C 3 20.43 9.11 -8.85
N ILE C 4 20.26 8.48 -7.68
CA ILE C 4 20.25 7.03 -7.54
C ILE C 4 18.82 6.59 -7.24
N SER C 5 18.31 5.68 -8.06
CA SER C 5 16.99 5.12 -7.82
C SER C 5 16.99 4.30 -6.55
N THR C 6 15.81 4.15 -5.96
CA THR C 6 15.63 3.54 -4.65
C THR C 6 14.58 2.43 -4.66
N GLY C 7 14.26 1.87 -5.82
CA GLY C 7 13.34 0.75 -5.85
C GLY C 7 12.90 0.34 -7.24
N THR C 8 12.38 -0.87 -7.35
CA THR C 8 11.96 -1.46 -8.61
C THR C 8 10.43 -1.54 -8.66
N PHE C 9 9.85 -1.01 -9.72
CA PHE C 9 8.46 -1.28 -10.05
C PHE C 9 8.30 -2.78 -10.25
N ASN C 10 7.26 -3.35 -9.66
CA ASN C 10 6.97 -4.76 -9.82
C ASN C 10 5.47 -4.97 -9.66
N ASN C 11 4.81 -5.40 -10.75
CA ASN C 11 3.39 -5.72 -10.73
C ASN C 11 3.14 -7.16 -11.17
N GLN C 12 4.15 -8.03 -11.07
CA GLN C 12 3.93 -9.45 -11.29
C GLN C 12 3.10 -10.03 -10.17
N THR C 13 2.58 -11.23 -10.40
CA THR C 13 2.11 -12.09 -9.33
C THR C 13 2.62 -13.50 -9.56
N GLU C 14 3.36 -14.01 -8.60
CA GLU C 14 3.85 -15.38 -8.64
C GLU C 14 2.82 -16.32 -8.03
N PHE C 15 2.73 -17.52 -8.58
CA PHE C 15 2.03 -18.64 -7.96
C PHE C 15 3.08 -19.68 -7.61
N LYS C 16 3.37 -19.79 -6.31
CA LYS C 16 4.37 -20.70 -5.78
C LYS C 16 3.66 -21.91 -5.20
N PHE C 17 3.98 -23.09 -5.72
CA PHE C 17 3.22 -24.29 -5.43
C PHE C 17 3.90 -25.08 -4.33
N LEU C 18 3.27 -25.13 -3.17
CA LEU C 18 3.79 -25.81 -2.00
C LEU C 18 3.34 -27.27 -2.00
N GLU C 19 3.93 -28.05 -1.10
CA GLU C 19 3.50 -29.43 -0.92
C GLU C 19 2.07 -29.47 -0.39
N ASN C 20 1.43 -30.62 -0.61
CA ASN C 20 0.10 -30.91 -0.09
C ASN C 20 -0.96 -29.93 -0.60
N GLY C 21 -0.81 -29.48 -1.84
CA GLY C 21 -1.92 -28.84 -2.53
C GLY C 21 -2.18 -27.40 -2.18
N TRP C 22 -1.21 -26.68 -1.64
CA TRP C 22 -1.34 -25.27 -1.31
C TRP C 22 -0.50 -24.43 -2.25
N VAL C 23 -1.02 -23.26 -2.60
CA VAL C 23 -0.34 -22.29 -3.45
C VAL C 23 -0.20 -21.00 -2.67
N GLU C 24 1.03 -20.51 -2.56
CA GLU C 24 1.29 -19.19 -1.99
C GLU C 24 1.24 -18.18 -3.12
N ILE C 25 0.20 -17.34 -3.13
CA ILE C 25 -0.03 -16.37 -4.19
C ILE C 25 0.55 -15.05 -3.68
N THR C 26 1.63 -14.60 -4.30
CA THR C 26 2.26 -13.34 -3.97
C THR C 26 1.81 -12.29 -4.97
N ALA C 27 0.98 -11.36 -4.52
CA ALA C 27 0.52 -10.26 -5.35
C ALA C 27 1.38 -9.04 -5.08
N ASN C 28 2.05 -8.55 -6.12
CA ASN C 28 2.78 -7.31 -6.09
C ASN C 28 2.01 -6.27 -6.88
N SER C 29 1.93 -5.05 -6.35
CA SER C 29 1.28 -3.94 -7.03
C SER C 29 2.15 -2.72 -6.87
N SER C 30 2.35 -2.00 -7.98
CA SER C 30 3.16 -0.80 -8.00
C SER C 30 2.39 0.31 -8.71
N ARG C 31 2.47 1.52 -8.17
CA ARG C 31 1.69 2.65 -8.66
C ARG C 31 2.49 3.93 -8.51
N LEU C 32 2.42 4.79 -9.52
CA LEU C 32 2.91 6.16 -9.40
C LEU C 32 1.80 7.01 -8.83
N VAL C 33 1.99 7.47 -7.61
CA VAL C 33 0.98 8.19 -6.85
C VAL C 33 1.32 9.68 -6.92
N HIS C 34 0.37 10.48 -7.39
CA HIS C 34 0.54 11.91 -7.60
C HIS C 34 -0.21 12.67 -6.52
N LEU C 35 0.45 13.66 -5.91
CA LEU C 35 -0.03 14.29 -4.68
C LEU C 35 0.13 15.79 -4.78
N ASN C 36 -0.97 16.52 -4.87
CA ASN C 36 -0.95 17.96 -4.76
C ASN C 36 -0.87 18.38 -3.30
N MET C 37 -0.40 19.60 -3.07
CA MET C 37 -0.37 20.10 -1.72
C MET C 37 -1.79 20.35 -1.22
N PRO C 38 -2.03 20.32 0.09
CA PRO C 38 -3.39 20.49 0.57
C PRO C 38 -3.94 21.89 0.32
N GLU C 39 -5.26 21.97 0.32
CA GLU C 39 -5.92 23.26 0.15
C GLU C 39 -5.60 24.20 1.31
N SER C 40 -5.51 23.66 2.52
CA SER C 40 -5.18 24.45 3.70
C SER C 40 -4.46 23.54 4.66
N GLU C 41 -3.47 24.09 5.35
CA GLU C 41 -2.69 23.30 6.29
C GLU C 41 -3.45 23.01 7.58
N ASN C 42 -4.47 23.80 7.90
CA ASN C 42 -5.15 23.67 9.18
C ASN C 42 -6.20 22.56 9.14
N TYR C 43 -6.30 21.83 10.25
CA TYR C 43 -7.42 20.93 10.45
C TYR C 43 -8.70 21.71 10.58
N ARG C 44 -9.71 21.35 9.81
CA ARG C 44 -11.01 22.02 9.77
C ARG C 44 -12.06 21.11 10.35
N ARG C 45 -13.10 21.69 10.93
CA ARG C 45 -14.28 20.98 11.39
C ARG C 45 -15.49 21.46 10.60
N VAL C 46 -16.10 20.57 9.82
CA VAL C 46 -17.11 20.93 8.83
C VAL C 46 -18.35 20.11 9.08
N VAL C 47 -19.49 20.77 9.18
CA VAL C 47 -20.79 20.14 9.32
C VAL C 47 -21.50 20.25 7.98
N VAL C 48 -22.03 19.13 7.51
CA VAL C 48 -22.83 19.06 6.29
C VAL C 48 -24.27 18.93 6.72
N ASN C 49 -25.16 19.70 6.09
CA ASN C 49 -26.53 19.82 6.55
C ASN C 49 -27.42 20.03 5.33
N ASN C 50 -27.98 18.95 4.80
CA ASN C 50 -28.98 19.02 3.74
C ASN C 50 -30.39 19.01 4.32
N MET C 51 -30.66 19.97 5.22
CA MET C 51 -32.02 20.21 5.69
C MET C 51 -32.95 20.53 4.53
N ASP C 52 -32.43 21.20 3.50
CA ASP C 52 -33.26 21.60 2.36
C ASP C 52 -33.85 20.39 1.66
N LYS C 53 -33.10 19.29 1.54
CA LYS C 53 -33.58 18.11 0.82
C LYS C 53 -34.32 17.13 1.72
N THR C 54 -34.04 17.12 3.02
CA THR C 54 -34.74 16.27 3.97
C THR C 54 -35.99 16.92 4.54
N ALA C 55 -36.14 18.23 4.42
CA ALA C 55 -37.35 18.87 4.92
C ALA C 55 -38.55 18.63 4.02
N VAL C 56 -38.34 18.49 2.71
CA VAL C 56 -39.42 18.02 1.85
C VAL C 56 -39.77 16.60 2.27
N ASN C 57 -41.04 16.36 2.55
CA ASN C 57 -41.45 15.10 3.15
C ASN C 57 -41.22 13.94 2.18
N GLY C 58 -40.90 12.78 2.75
CA GLY C 58 -40.62 11.59 2.00
C GLY C 58 -39.16 11.35 1.70
N ASN C 59 -38.32 12.39 1.79
CA ASN C 59 -36.91 12.31 1.49
C ASN C 59 -36.06 11.94 2.70
N MET C 60 -36.64 11.18 3.64
CA MET C 60 -35.91 10.80 4.86
C MET C 60 -34.63 10.05 4.52
N ALA C 61 -34.71 9.12 3.57
CA ALA C 61 -33.58 8.26 3.25
C ALA C 61 -32.42 9.00 2.59
N LEU C 62 -32.61 10.23 2.13
CA LEU C 62 -31.56 11.01 1.49
C LEU C 62 -30.78 11.85 2.49
N ASP C 63 -30.78 11.47 3.75
CA ASP C 63 -30.18 12.26 4.83
C ASP C 63 -28.66 12.14 4.75
N ASP C 64 -28.00 13.26 4.45
CA ASP C 64 -26.55 13.33 4.34
C ASP C 64 -25.90 14.09 5.49
N ILE C 65 -26.63 14.38 6.57
CA ILE C 65 -26.06 15.21 7.62
C ILE C 65 -24.96 14.46 8.33
N HIS C 66 -23.80 15.10 8.45
CA HIS C 66 -22.70 14.56 9.21
C HIS C 66 -21.73 15.68 9.51
N ALA C 67 -20.84 15.41 10.45
CA ALA C 67 -19.72 16.27 10.80
C ALA C 67 -18.46 15.48 10.55
N GLN C 68 -17.41 16.15 10.09
CA GLN C 68 -16.15 15.48 9.83
C GLN C 68 -15.02 16.48 10.05
N ILE C 69 -13.83 15.93 10.26
CA ILE C 69 -12.62 16.72 10.45
C ILE C 69 -11.82 16.61 9.17
N VAL C 70 -11.98 17.59 8.29
CA VAL C 70 -11.18 17.66 7.08
C VAL C 70 -9.74 17.91 7.49
N THR C 71 -8.83 17.12 6.93
CA THR C 71 -7.47 16.96 7.38
C THR C 71 -6.51 17.27 6.22
N PRO C 72 -5.35 17.88 6.48
CA PRO C 72 -4.42 18.11 5.36
C PRO C 72 -3.87 16.85 4.73
N TRP C 73 -3.79 15.77 5.49
CA TRP C 73 -3.13 14.58 5.02
C TRP C 73 -3.98 13.85 3.99
N SER C 74 -3.31 13.00 3.21
CA SER C 74 -3.93 12.11 2.26
C SER C 74 -3.50 10.69 2.55
N LEU C 75 -4.37 9.74 2.25
CA LEU C 75 -4.21 8.34 2.64
C LEU C 75 -3.98 7.50 1.40
N VAL C 76 -2.99 6.61 1.47
CA VAL C 76 -2.78 5.59 0.44
C VAL C 76 -3.44 4.32 0.95
N ASP C 77 -4.54 3.93 0.31
CA ASP C 77 -5.29 2.72 0.66
C ASP C 77 -5.21 1.74 -0.50
N ALA C 78 -4.71 0.55 -0.23
CA ALA C 78 -4.62 -0.53 -1.19
C ALA C 78 -5.60 -1.66 -0.91
N ASN C 79 -6.59 -1.42 -0.06
CA ASN C 79 -7.52 -2.47 0.37
C ASN C 79 -8.66 -2.64 -0.63
N ALA C 80 -8.31 -3.13 -1.81
CA ALA C 80 -9.31 -3.56 -2.77
C ALA C 80 -8.65 -4.58 -3.69
N TRP C 81 -9.46 -5.52 -4.19
CA TRP C 81 -8.90 -6.62 -4.97
C TRP C 81 -8.28 -6.14 -6.27
N GLY C 82 -8.86 -5.13 -6.89
CA GLY C 82 -8.39 -4.70 -8.19
C GLY C 82 -6.99 -4.11 -8.17
N VAL C 83 -6.54 -3.63 -7.02
CA VAL C 83 -5.18 -3.09 -6.91
C VAL C 83 -4.14 -4.17 -7.16
N TRP C 84 -4.47 -5.44 -6.92
CA TRP C 84 -3.50 -6.52 -6.81
C TRP C 84 -3.56 -7.50 -7.96
N PHE C 85 -4.76 -7.97 -8.33
CA PHE C 85 -4.94 -9.03 -9.32
C PHE C 85 -5.61 -8.48 -10.56
N ASN C 86 -5.11 -8.88 -11.73
CA ASN C 86 -5.76 -8.58 -13.00
C ASN C 86 -6.82 -9.64 -13.26
N PRO C 87 -7.61 -9.50 -14.33
CA PRO C 87 -8.62 -10.52 -14.60
C PRO C 87 -8.07 -11.91 -14.85
N GLY C 88 -6.90 -12.03 -15.48
CA GLY C 88 -6.34 -13.36 -15.67
C GLY C 88 -5.94 -14.02 -14.37
N ASP C 89 -5.33 -13.25 -13.48
CA ASP C 89 -4.93 -13.79 -12.18
C ASP C 89 -6.16 -14.16 -11.37
N TRP C 90 -7.20 -13.34 -11.42
CA TRP C 90 -8.42 -13.63 -10.69
C TRP C 90 -9.10 -14.86 -11.24
N GLN C 91 -9.06 -15.04 -12.56
CA GLN C 91 -9.55 -16.27 -13.16
C GLN C 91 -8.79 -17.46 -12.62
N LEU C 92 -7.47 -17.39 -12.62
CA LEU C 92 -6.68 -18.53 -12.17
C LEU C 92 -6.92 -18.83 -10.70
N ILE C 93 -7.24 -17.82 -9.90
CA ILE C 93 -7.57 -18.06 -8.50
C ILE C 93 -8.93 -18.74 -8.39
N VAL C 94 -9.97 -18.10 -8.93
CA VAL C 94 -11.32 -18.58 -8.64
C VAL C 94 -11.62 -19.88 -9.34
N ASN C 95 -11.08 -20.12 -10.54
CA ASN C 95 -11.43 -21.32 -11.27
C ASN C 95 -10.80 -22.58 -10.71
N THR C 96 -9.72 -22.46 -9.93
CA THR C 96 -8.88 -23.59 -9.57
C THR C 96 -8.70 -23.81 -8.07
N MET C 97 -9.06 -22.85 -7.22
CA MET C 97 -8.71 -22.87 -5.80
C MET C 97 -9.97 -22.73 -4.95
N SER C 98 -10.04 -23.51 -3.89
CA SER C 98 -11.26 -23.67 -3.12
C SER C 98 -11.36 -22.73 -1.93
N GLU C 99 -10.24 -22.41 -1.29
CA GLU C 99 -10.23 -21.49 -0.17
C GLU C 99 -8.97 -20.66 -0.23
N LEU C 100 -9.02 -19.52 0.43
CA LEU C 100 -8.03 -18.46 0.31
C LEU C 100 -7.80 -17.87 1.68
N HIS C 101 -6.52 -17.71 2.04
CA HIS C 101 -6.09 -17.11 3.30
C HIS C 101 -5.26 -15.89 2.97
N LEU C 102 -5.34 -14.86 3.81
CA LEU C 102 -4.32 -13.82 3.81
C LEU C 102 -3.13 -14.29 4.63
N VAL C 103 -1.94 -13.88 4.19
CA VAL C 103 -0.69 -14.17 4.90
C VAL C 103 -0.04 -12.90 5.39
N SER C 104 0.30 -11.98 4.49
CA SER C 104 1.05 -10.80 4.86
C SER C 104 0.81 -9.67 3.87
N PHE C 105 1.22 -8.49 4.28
CA PHE C 105 1.04 -7.26 3.53
C PHE C 105 2.20 -6.34 3.89
N GLU C 106 2.77 -5.68 2.88
CA GLU C 106 3.80 -4.70 3.15
C GLU C 106 3.81 -3.65 2.05
N GLN C 107 4.31 -2.47 2.40
CA GLN C 107 4.30 -1.30 1.53
C GLN C 107 5.68 -0.67 1.49
N GLU C 108 5.98 -0.04 0.37
CA GLU C 108 7.17 0.79 0.22
C GLU C 108 6.84 1.99 -0.62
N ILE C 109 7.26 3.17 -0.16
CA ILE C 109 7.31 4.37 -0.99
C ILE C 109 8.76 4.55 -1.40
N PHE C 110 8.97 4.81 -2.69
CA PHE C 110 10.30 4.92 -3.26
C PHE C 110 10.27 5.88 -4.43
N ASN C 111 11.44 6.40 -4.77
CA ASN C 111 11.63 7.34 -5.89
C ASN C 111 10.69 8.53 -5.78
N VAL C 112 10.84 9.27 -4.67
CA VAL C 112 10.10 10.50 -4.49
C VAL C 112 10.68 11.55 -5.41
N VAL C 113 9.80 12.30 -6.07
CA VAL C 113 10.18 13.49 -6.82
C VAL C 113 9.27 14.63 -6.38
N LEU C 114 9.88 15.78 -6.09
CA LEU C 114 9.18 16.99 -5.68
C LEU C 114 9.39 18.05 -6.76
N LYS C 115 8.32 18.78 -7.07
CA LYS C 115 8.35 19.78 -8.12
C LYS C 115 7.56 21.00 -7.68
N THR C 116 7.91 22.15 -8.25
CA THR C 116 7.28 23.43 -7.93
C THR C 116 6.85 24.10 -9.23
N VAL C 117 5.76 24.85 -9.16
CA VAL C 117 5.14 25.49 -10.30
C VAL C 117 5.35 27.00 -10.17
N SER C 118 5.78 27.63 -11.26
CA SER C 118 5.92 29.08 -11.34
C SER C 118 5.23 29.56 -12.61
N GLU C 119 4.59 30.72 -12.52
CA GLU C 119 3.89 31.30 -13.66
C GLU C 119 4.89 31.75 -14.72
N THR C 126 1.87 31.16 -18.97
CA THR C 126 2.77 29.97 -19.13
C THR C 126 3.23 29.46 -17.78
N LYS C 127 3.65 28.18 -17.76
CA LYS C 127 4.12 27.52 -16.55
C LYS C 127 5.47 26.87 -16.80
N VAL C 128 6.37 27.04 -15.85
CA VAL C 128 7.66 26.34 -15.81
C VAL C 128 7.69 25.46 -14.57
N TYR C 129 8.04 24.20 -14.76
CA TYR C 129 8.12 23.22 -13.67
C TYR C 129 9.58 22.98 -13.33
N ASN C 130 9.92 23.18 -12.05
CA ASN C 130 11.28 23.09 -11.54
C ASN C 130 11.32 22.13 -10.37
N ASN C 131 12.38 21.33 -10.31
CA ASN C 131 12.54 20.40 -9.20
C ASN C 131 13.01 21.13 -7.96
N ASP C 132 12.49 20.71 -6.81
CA ASP C 132 12.87 21.21 -5.50
C ASP C 132 13.52 20.06 -4.77
N LEU C 133 14.85 19.99 -4.85
CA LEU C 133 15.57 18.89 -4.21
C LEU C 133 15.53 18.99 -2.68
N THR C 134 15.20 20.15 -2.12
CA THR C 134 15.22 20.35 -0.69
C THR C 134 13.90 20.00 -0.01
N ALA C 135 12.78 20.06 -0.73
CA ALA C 135 11.49 19.79 -0.11
C ALA C 135 11.37 18.32 0.24
N SER C 136 10.34 18.01 1.03
CA SER C 136 10.17 16.69 1.62
C SER C 136 8.72 16.27 1.59
N LEU C 137 8.50 15.01 1.25
CA LEU C 137 7.21 14.37 1.41
C LEU C 137 7.07 13.89 2.84
N MET C 138 6.04 14.38 3.53
CA MET C 138 5.74 13.93 4.88
C MET C 138 4.97 12.62 4.81
N VAL C 139 5.48 11.58 5.46
CA VAL C 139 4.93 10.23 5.41
C VAL C 139 4.77 9.73 6.83
N ALA C 140 3.62 9.15 7.12
CA ALA C 140 3.29 8.66 8.46
C ALA C 140 2.58 7.33 8.33
N LEU C 141 2.93 6.39 9.22
CA LEU C 141 2.34 5.07 9.29
C LEU C 141 1.72 4.88 10.66
N ASP C 142 0.41 4.61 10.69
CA ASP C 142 -0.29 4.28 11.93
C ASP C 142 -0.17 2.79 12.18
N SER C 143 1.02 2.39 12.63
CA SER C 143 1.25 0.99 12.96
C SER C 143 0.37 0.53 14.12
N ASN C 144 0.03 1.43 15.04
CA ASN C 144 -0.72 1.08 16.24
C ASN C 144 -2.24 1.14 16.06
N ASN C 145 -2.73 1.56 14.90
CA ASN C 145 -4.16 1.73 14.65
C ASN C 145 -4.78 2.70 15.67
N THR C 146 -4.04 3.75 16.01
CA THR C 146 -4.55 4.77 16.90
C THR C 146 -5.47 5.76 16.20
N MET C 147 -5.39 5.88 14.86
CA MET C 147 -6.23 6.79 14.10
C MET C 147 -7.55 6.12 13.72
N PRO C 148 -8.62 6.87 13.46
CA PRO C 148 -9.88 6.23 13.08
C PRO C 148 -9.76 5.56 11.71
N PHE C 149 -10.19 4.30 11.67
CA PHE C 149 -10.05 3.51 10.45
C PHE C 149 -11.02 3.99 9.38
N THR C 150 -10.52 4.03 8.14
CA THR C 150 -11.24 4.62 7.02
C THR C 150 -10.91 3.82 5.76
N PRO C 151 -11.62 2.71 5.51
CA PRO C 151 -11.35 1.98 4.28
C PRO C 151 -11.91 2.75 3.08
N ALA C 152 -11.04 3.03 2.13
CA ALA C 152 -11.42 3.88 1.00
C ALA C 152 -12.29 3.17 -0.02
N ALA C 153 -12.47 1.86 0.07
CA ALA C 153 -13.25 1.15 -0.93
C ALA C 153 -14.72 1.52 -0.88
N MET C 154 -15.24 1.91 0.28
CA MET C 154 -16.64 2.24 0.38
C MET C 154 -17.02 3.52 -0.35
N ARG C 155 -16.05 4.36 -0.69
CA ARG C 155 -16.24 5.52 -1.53
C ARG C 155 -15.61 5.35 -2.92
N SER C 156 -14.97 4.22 -3.19
CA SER C 156 -14.20 4.02 -4.40
C SER C 156 -13.12 5.10 -4.54
N GLU C 157 -12.31 5.20 -3.47
CA GLU C 157 -11.17 6.10 -3.44
C GLU C 157 -9.88 5.35 -3.12
N THR C 158 -9.77 4.12 -3.57
CA THR C 158 -8.55 3.35 -3.44
C THR C 158 -7.58 3.74 -4.55
N LEU C 159 -6.40 3.12 -4.53
CA LEU C 159 -5.47 3.27 -5.64
C LEU C 159 -6.09 2.75 -6.91
N GLY C 160 -5.61 3.25 -8.03
CA GLY C 160 -6.12 2.81 -9.31
C GLY C 160 -5.76 1.37 -9.60
N PHE C 161 -6.59 0.73 -10.41
CA PHE C 161 -6.50 -0.70 -10.66
C PHE C 161 -5.69 -1.05 -11.91
N TYR C 162 -5.22 -0.07 -12.68
CA TYR C 162 -4.37 -0.30 -13.84
C TYR C 162 -2.92 -0.08 -13.46
N PRO C 163 -1.98 -1.00 -13.72
CA PRO C 163 -0.58 -0.72 -13.35
C PRO C 163 0.06 0.46 -14.07
N TRP C 164 -0.42 0.83 -15.25
CA TRP C 164 0.27 1.84 -16.05
C TRP C 164 -0.17 3.25 -15.71
N LYS C 165 -1.46 3.47 -15.55
CA LYS C 165 -1.96 4.80 -15.23
C LYS C 165 -1.42 5.27 -13.87
N PRO C 166 -1.06 6.54 -13.72
CA PRO C 166 -0.86 7.07 -12.37
C PRO C 166 -2.18 7.23 -11.65
N THR C 167 -2.08 7.36 -10.33
CA THR C 167 -3.23 7.42 -9.44
C THR C 167 -2.98 8.51 -8.42
N ILE C 168 -4.00 8.77 -7.59
CA ILE C 168 -3.96 9.83 -6.58
C ILE C 168 -4.42 9.25 -5.25
N PRO C 169 -3.92 9.71 -4.10
CA PRO C 169 -4.43 9.22 -2.83
C PRO C 169 -5.65 10.01 -2.37
N THR C 170 -6.46 9.38 -1.55
CA THR C 170 -7.70 10.00 -1.08
C THR C 170 -7.41 11.11 -0.06
N PRO C 171 -7.96 12.32 -0.21
CA PRO C 171 -7.82 13.29 0.89
C PRO C 171 -8.55 12.80 2.12
N TRP C 172 -7.82 12.76 3.23
CA TRP C 172 -8.30 12.05 4.41
C TRP C 172 -9.29 12.88 5.20
N ARG C 173 -10.24 12.20 5.82
CA ARG C 173 -11.20 12.82 6.70
C ARG C 173 -11.84 11.71 7.51
N TYR C 174 -12.35 12.06 8.68
CA TYR C 174 -12.97 11.10 9.57
C TYR C 174 -14.14 11.75 10.28
N TYR C 175 -15.10 10.91 10.69
CA TYR C 175 -16.32 11.42 11.28
C TYR C 175 -16.04 12.04 12.65
N PHE C 176 -16.74 13.13 12.92
CA PHE C 176 -16.78 13.78 14.22
C PHE C 176 -18.12 13.45 14.87
N GLN C 177 -18.27 13.79 16.13
CA GLN C 177 -19.55 13.64 16.80
C GLN C 177 -20.59 14.58 16.20
N TRP C 178 -21.84 14.12 16.18
CA TRP C 178 -22.98 15.01 16.00
C TRP C 178 -24.22 14.30 16.51
N ASP C 179 -25.24 15.09 16.82
CA ASP C 179 -26.53 14.59 17.29
C ASP C 179 -27.62 15.12 16.39
N ARG C 180 -28.59 14.27 16.06
CA ARG C 180 -29.61 14.62 15.08
C ARG C 180 -30.86 13.81 15.34
N THR C 181 -32.00 14.42 15.04
CA THR C 181 -33.29 13.75 14.99
C THR C 181 -33.94 14.08 13.67
N LEU C 182 -34.50 13.07 13.02
CA LEU C 182 -35.24 13.25 11.77
C LEU C 182 -36.47 12.34 11.87
N ILE C 183 -37.55 12.90 12.39
CA ILE C 183 -38.79 12.12 12.49
C ILE C 183 -39.34 11.89 11.09
N PRO C 184 -39.63 10.66 10.66
CA PRO C 184 -39.98 10.47 9.25
C PRO C 184 -41.37 10.98 8.93
N SER C 185 -41.64 11.06 7.63
CA SER C 185 -42.87 11.66 7.15
C SER C 185 -43.09 11.28 5.70
N HIS C 186 -44.27 10.78 5.40
CA HIS C 186 -44.70 10.57 4.03
C HIS C 186 -45.14 11.88 3.40
N THR C 187 -45.19 11.89 2.08
CA THR C 187 -45.80 13.00 1.38
C THR C 187 -47.27 13.05 1.72
N GLY C 188 -47.81 14.26 1.79
CA GLY C 188 -49.17 14.45 2.26
C GLY C 188 -49.33 14.43 3.75
N THR C 189 -48.24 14.47 4.51
CA THR C 189 -48.33 14.65 5.95
C THR C 189 -48.81 16.07 6.26
N SER C 190 -49.52 16.19 7.38
CA SER C 190 -50.18 17.45 7.72
C SER C 190 -49.18 18.58 7.92
N GLY C 191 -48.04 18.29 8.55
CA GLY C 191 -47.13 19.34 8.98
C GLY C 191 -45.69 18.86 9.05
N THR C 192 -44.81 19.83 9.24
CA THR C 192 -43.37 19.58 9.16
C THR C 192 -42.91 18.74 10.35
N PRO C 193 -42.13 17.67 10.14
CA PRO C 193 -41.59 16.94 11.29
C PRO C 193 -40.39 17.65 11.89
N THR C 194 -39.97 17.17 13.06
CA THR C 194 -38.87 17.76 13.79
C THR C 194 -37.53 17.38 13.20
N ASN C 195 -37.15 18.06 12.11
CA ASN C 195 -35.86 17.86 11.45
C ASN C 195 -34.89 18.91 11.98
N ILE C 196 -34.02 18.53 12.91
CA ILE C 196 -33.18 19.47 13.64
C ILE C 196 -31.85 18.82 13.98
N TYR C 197 -30.83 19.66 14.11
CA TYR C 197 -29.45 19.26 14.36
C TYR C 197 -29.04 19.80 15.72
N HIS C 198 -28.64 18.91 16.62
CA HIS C 198 -28.48 19.23 18.03
C HIS C 198 -27.03 19.53 18.42
N GLY C 199 -26.14 19.71 17.47
CA GLY C 199 -24.74 19.96 17.82
C GLY C 199 -24.03 18.67 18.16
N THR C 200 -23.10 18.76 19.13
CA THR C 200 -22.22 17.65 19.49
C THR C 200 -22.20 17.48 21.00
N ASP C 201 -22.28 16.23 21.43
CA ASP C 201 -22.16 15.88 22.84
C ASP C 201 -20.72 16.14 23.28
N PRO C 202 -20.47 16.91 24.36
CA PRO C 202 -19.08 17.03 24.81
C PRO C 202 -18.47 15.73 25.29
N ASP C 203 -19.28 14.79 25.74
CA ASP C 203 -18.77 13.52 26.22
C ASP C 203 -18.06 12.73 25.11
N ASP C 204 -18.48 12.89 23.87
CA ASP C 204 -18.08 12.04 22.76
C ASP C 204 -17.00 12.66 21.88
N VAL C 205 -16.38 13.76 22.28
CA VAL C 205 -15.46 14.45 21.39
C VAL C 205 -14.17 13.65 21.31
N GLN C 206 -13.75 13.34 20.09
CA GLN C 206 -12.41 12.85 19.80
C GLN C 206 -11.88 13.60 18.60
N PHE C 207 -10.82 14.38 18.81
CA PHE C 207 -10.14 15.12 17.75
C PHE C 207 -8.72 14.56 17.65
N TYR C 208 -8.43 13.95 16.51
CA TYR C 208 -7.19 13.27 16.26
C TYR C 208 -6.36 14.09 15.30
N THR C 209 -5.05 14.06 15.49
CA THR C 209 -4.11 14.66 14.55
C THR C 209 -2.98 13.69 14.30
N ILE C 210 -2.52 13.66 13.05
CA ILE C 210 -1.42 12.78 12.70
C ILE C 210 -0.17 13.17 13.46
N GLU C 211 0.06 14.47 13.63
CA GLU C 211 1.32 14.93 14.20
C GLU C 211 1.46 14.50 15.65
N ASN C 212 0.39 14.59 16.43
CA ASN C 212 0.47 14.24 17.85
C ASN C 212 0.39 12.75 18.11
N SER C 213 0.03 11.94 17.12
CA SER C 213 -0.34 10.55 17.35
C SER C 213 0.71 9.55 16.87
N VAL C 214 1.33 9.80 15.71
CA VAL C 214 2.24 8.83 15.08
C VAL C 214 3.49 9.55 14.61
N PRO C 215 4.61 8.83 14.48
CA PRO C 215 5.80 9.47 13.90
C PRO C 215 5.61 9.78 12.44
N VAL C 216 6.43 10.71 11.95
CA VAL C 216 6.34 11.25 10.60
C VAL C 216 7.76 11.32 10.04
N HIS C 217 7.93 10.94 8.78
CA HIS C 217 9.23 10.89 8.13
C HIS C 217 9.28 11.86 6.96
N LEU C 218 10.35 12.65 6.91
CA LEU C 218 10.51 13.75 5.97
C LEU C 218 11.39 13.32 4.80
N LEU C 219 10.82 12.50 3.91
CA LEU C 219 11.59 11.63 3.03
C LEU C 219 12.59 12.33 2.11
N ARG C 220 12.28 13.52 1.60
CA ARG C 220 13.05 14.14 0.50
C ARG C 220 13.16 13.21 -0.73
N THR C 221 13.94 13.61 -1.75
CA THR C 221 13.93 12.90 -3.02
C THR C 221 14.77 11.63 -3.03
N GLY C 222 15.58 11.40 -2.00
CA GLY C 222 16.66 10.44 -2.09
C GLY C 222 16.55 9.19 -1.26
N ASP C 223 15.51 9.01 -0.46
CA ASP C 223 15.42 7.87 0.45
C ASP C 223 13.99 7.36 0.54
N GLU C 224 13.88 6.16 1.06
CA GLU C 224 12.68 5.34 1.04
C GLU C 224 11.96 5.36 2.37
N PHE C 225 10.70 4.97 2.33
CA PHE C 225 9.96 4.55 3.51
C PHE C 225 9.46 3.14 3.25
N ALA C 226 9.59 2.28 4.25
CA ALA C 226 9.27 0.87 4.12
C ALA C 226 8.55 0.41 5.38
N THR C 227 7.48 -0.33 5.19
CA THR C 227 6.69 -0.90 6.26
C THR C 227 7.09 -2.35 6.44
N GLY C 228 7.27 -2.77 7.68
CA GLY C 228 7.57 -4.15 7.95
C GLY C 228 6.44 -5.07 7.51
N THR C 229 6.77 -6.35 7.39
CA THR C 229 5.79 -7.31 6.95
C THR C 229 4.71 -7.50 8.01
N PHE C 230 3.54 -6.92 7.79
CA PHE C 230 2.40 -7.16 8.66
C PHE C 230 1.93 -8.58 8.38
N PHE C 231 1.45 -9.27 9.42
CA PHE C 231 1.03 -10.66 9.34
C PHE C 231 -0.40 -10.79 9.84
N PHE C 232 -1.26 -11.32 8.98
CA PHE C 232 -2.65 -11.55 9.33
C PHE C 232 -2.80 -12.86 10.09
N ASP C 233 -3.99 -13.09 10.61
CA ASP C 233 -4.36 -14.35 11.23
C ASP C 233 -5.80 -14.72 10.91
N CYS C 234 -6.32 -14.24 9.78
CA CYS C 234 -7.75 -14.34 9.51
C CYS C 234 -8.16 -15.75 9.12
N LYS C 235 -9.43 -16.05 9.37
CA LYS C 235 -9.99 -17.33 9.01
C LYS C 235 -10.18 -17.40 7.48
N PRO C 236 -10.24 -18.60 6.90
CA PRO C 236 -10.28 -18.71 5.44
C PRO C 236 -11.57 -18.17 4.82
N CYS C 237 -11.41 -17.40 3.75
CA CYS C 237 -12.50 -17.16 2.83
C CYS C 237 -12.57 -18.33 1.88
N ARG C 238 -13.78 -18.79 1.61
CA ARG C 238 -14.03 -19.98 0.82
C ARG C 238 -14.60 -19.55 -0.52
N LEU C 239 -13.96 -19.98 -1.61
CA LEU C 239 -14.31 -19.52 -2.95
C LEU C 239 -15.34 -20.41 -3.60
N THR C 240 -16.24 -21.00 -2.82
CA THR C 240 -17.23 -21.94 -3.30
C THR C 240 -18.54 -21.69 -2.58
N HIS C 241 -19.65 -21.90 -3.28
CA HIS C 241 -20.97 -21.48 -2.83
C HIS C 241 -21.85 -22.68 -2.53
N THR C 242 -22.76 -22.49 -1.60
CA THR C 242 -23.67 -23.52 -1.12
C THR C 242 -25.03 -23.29 -1.73
N TRP C 243 -25.64 -24.36 -2.25
CA TRP C 243 -26.95 -24.28 -2.89
C TRP C 243 -28.08 -24.82 -2.02
N GLN C 244 -27.78 -25.55 -0.96
CA GLN C 244 -28.79 -26.34 -0.28
C GLN C 244 -29.61 -25.47 0.66
N THR C 245 -30.83 -25.19 0.25
CA THR C 245 -31.87 -24.69 1.13
C THR C 245 -32.24 -25.79 2.12
N ASN C 246 -32.97 -25.42 3.17
CA ASN C 246 -33.58 -26.37 4.09
C ASN C 246 -34.30 -27.51 3.40
N ARG C 247 -34.97 -27.21 2.29
CA ARG C 247 -35.65 -28.25 1.53
C ARG C 247 -34.70 -29.30 0.97
N ALA C 248 -33.41 -29.00 0.84
CA ALA C 248 -32.43 -29.89 0.24
C ALA C 248 -31.43 -30.45 1.24
N LEU C 249 -31.76 -30.47 2.53
CA LEU C 249 -30.92 -31.08 3.55
C LEU C 249 -31.55 -32.40 3.97
N GLY C 250 -30.74 -33.45 3.97
CA GLY C 250 -31.12 -34.72 4.52
C GLY C 250 -31.58 -35.71 3.46
N LEU C 251 -32.22 -36.76 3.95
CA LEU C 251 -32.62 -37.88 3.10
C LEU C 251 -33.91 -37.53 2.37
N PRO C 252 -33.94 -37.54 1.03
CA PRO C 252 -35.21 -37.34 0.35
C PRO C 252 -36.15 -38.49 0.59
N PRO C 253 -37.46 -38.30 0.37
CA PRO C 253 -38.40 -39.39 0.57
C PRO C 253 -38.17 -40.51 -0.44
N PHE C 254 -38.55 -41.73 -0.06
CA PHE C 254 -38.45 -42.85 -0.97
C PHE C 254 -39.55 -42.78 -2.01
N LEU C 255 -39.18 -43.06 -3.26
CA LEU C 255 -40.09 -43.00 -4.40
C LEU C 255 -40.46 -44.41 -4.81
N ASN C 256 -41.75 -44.69 -4.88
CA ASN C 256 -42.25 -46.03 -5.14
C ASN C 256 -42.60 -46.24 -6.61
N SER C 257 -43.10 -45.20 -7.28
CA SER C 257 -43.44 -45.24 -8.69
C SER C 257 -42.42 -44.39 -9.43
N LEU C 258 -41.31 -45.01 -9.81
CA LEU C 258 -40.31 -44.31 -10.60
C LEU C 258 -40.81 -44.18 -12.04
N PRO C 259 -40.43 -43.12 -12.75
CA PRO C 259 -40.93 -42.96 -14.12
C PRO C 259 -40.37 -44.02 -15.05
N GLN C 260 -41.12 -44.31 -16.12
CA GLN C 260 -40.79 -45.32 -17.11
C GLN C 260 -40.56 -44.78 -18.50
N SER C 261 -40.54 -43.46 -18.69
CA SER C 261 -40.22 -42.90 -20.00
C SER C 261 -39.64 -41.50 -19.79
N GLU C 262 -38.95 -41.02 -20.81
CA GLU C 262 -38.22 -39.76 -20.73
C GLU C 262 -39.17 -38.58 -20.88
N GLY C 263 -38.69 -37.42 -20.44
CA GLY C 263 -39.37 -36.15 -20.60
C GLY C 263 -39.79 -35.56 -19.27
N ALA C 264 -39.98 -34.24 -19.27
CA ALA C 264 -40.38 -33.54 -18.06
C ALA C 264 -41.78 -33.93 -17.60
N THR C 265 -42.64 -34.42 -18.49
CA THR C 265 -43.98 -34.80 -18.07
C THR C 265 -43.98 -36.02 -17.16
N ASN C 266 -42.95 -36.87 -17.24
CA ASN C 266 -42.91 -38.12 -16.48
C ASN C 266 -42.28 -37.91 -15.11
N PHE C 267 -43.07 -37.34 -14.21
CA PHE C 267 -42.65 -37.21 -12.82
C PHE C 267 -42.74 -38.54 -12.11
N GLY C 268 -41.94 -38.69 -11.04
CA GLY C 268 -42.08 -39.80 -10.12
C GLY C 268 -42.86 -39.39 -8.90
N ASP C 269 -43.52 -40.36 -8.26
CA ASP C 269 -44.49 -40.10 -7.21
C ASP C 269 -44.09 -40.87 -5.96
N ILE C 270 -44.25 -40.21 -4.81
CA ILE C 270 -44.12 -40.90 -3.53
C ILE C 270 -45.34 -41.80 -3.37
N GLY C 271 -45.15 -42.96 -2.76
CA GLY C 271 -46.16 -43.99 -2.85
C GLY C 271 -47.37 -43.80 -1.97
N VAL C 272 -47.19 -43.23 -0.79
CA VAL C 272 -48.17 -43.33 0.30
C VAL C 272 -48.69 -41.93 0.66
N GLN C 273 -49.90 -41.91 1.20
CA GLN C 273 -50.60 -40.66 1.48
C GLN C 273 -49.87 -39.84 2.52
N GLN C 274 -50.02 -38.52 2.42
CA GLN C 274 -49.21 -37.60 3.22
C GLN C 274 -49.45 -37.73 4.71
N ASP C 275 -50.63 -38.17 5.13
CA ASP C 275 -50.89 -38.41 6.55
C ASP C 275 -50.47 -39.80 7.02
N LYS C 276 -50.17 -40.72 6.10
CA LYS C 276 -49.67 -42.05 6.42
C LYS C 276 -48.17 -42.19 6.16
N ARG C 277 -47.48 -41.12 5.78
CA ARG C 277 -46.03 -41.17 5.66
C ARG C 277 -45.39 -41.27 7.03
N ARG C 278 -44.09 -41.55 7.04
CA ARG C 278 -43.30 -41.76 8.22
C ARG C 278 -42.12 -40.81 8.25
N GLY C 279 -41.80 -40.32 9.42
CA GLY C 279 -40.69 -39.42 9.63
C GLY C 279 -40.96 -38.49 10.79
N VAL C 280 -40.09 -37.50 10.93
CA VAL C 280 -40.13 -36.56 12.05
C VAL C 280 -40.52 -35.18 11.51
N THR C 281 -41.67 -34.68 11.98
CA THR C 281 -42.03 -33.28 11.86
C THR C 281 -41.85 -32.61 13.22
N GLN C 282 -41.80 -31.29 13.19
CA GLN C 282 -41.79 -30.47 14.39
C GLN C 282 -43.12 -29.74 14.59
N MET C 283 -44.21 -30.44 14.27
CA MET C 283 -45.58 -29.91 14.36
C MET C 283 -46.37 -30.93 15.16
N GLY C 284 -46.42 -30.73 16.47
CA GLY C 284 -46.91 -31.75 17.38
C GLY C 284 -48.35 -32.17 17.14
N ASN C 285 -49.17 -31.27 16.62
CA ASN C 285 -50.60 -31.52 16.42
C ASN C 285 -50.95 -31.97 15.01
N THR C 286 -49.97 -32.14 14.12
CA THR C 286 -50.21 -32.36 12.71
C THR C 286 -49.59 -33.69 12.28
N ASN C 287 -50.39 -34.50 11.59
CA ASN C 287 -49.92 -35.78 11.08
C ASN C 287 -49.29 -35.69 9.68
N TYR C 288 -49.54 -34.60 8.95
CA TYR C 288 -49.00 -34.47 7.60
C TYR C 288 -47.48 -34.36 7.66
N ILE C 289 -46.79 -35.31 7.06
CA ILE C 289 -45.34 -35.25 6.85
C ILE C 289 -45.12 -34.89 5.40
N THR C 290 -44.54 -33.71 5.17
CA THR C 290 -44.32 -33.17 3.84
C THR C 290 -42.93 -32.57 3.80
N GLU C 291 -42.45 -32.27 2.61
CA GLU C 291 -41.13 -31.68 2.49
C GLU C 291 -41.06 -30.31 3.15
N ALA C 292 -42.18 -29.59 3.22
CA ALA C 292 -42.20 -28.33 3.92
C ALA C 292 -42.18 -28.51 5.43
N THR C 293 -42.80 -29.58 5.94
CA THR C 293 -43.01 -29.78 7.36
C THR C 293 -41.99 -30.69 8.00
N ILE C 294 -41.26 -31.49 7.23
CA ILE C 294 -40.37 -32.47 7.84
C ILE C 294 -39.18 -31.77 8.45
N MET C 295 -38.76 -32.26 9.60
CA MET C 295 -37.70 -31.64 10.37
C MET C 295 -36.38 -31.66 9.61
N ARG C 296 -35.64 -30.58 9.75
CA ARG C 296 -34.32 -30.38 9.18
C ARG C 296 -33.39 -30.02 10.33
N PRO C 297 -32.07 -30.17 10.16
CA PRO C 297 -31.17 -29.88 11.27
C PRO C 297 -31.21 -28.44 11.75
N ALA C 298 -31.29 -27.49 10.83
CA ALA C 298 -31.19 -26.09 11.18
C ALA C 298 -31.65 -25.29 9.97
N GLU C 299 -31.72 -23.97 10.14
CA GLU C 299 -32.20 -23.05 9.10
C GLU C 299 -31.01 -22.40 8.43
N VAL C 300 -30.97 -22.51 7.10
CA VAL C 300 -29.97 -21.82 6.28
C VAL C 300 -30.55 -20.46 5.91
N GLY C 301 -29.85 -19.40 6.29
CA GLY C 301 -30.30 -18.06 6.01
C GLY C 301 -31.40 -17.63 6.96
N TYR C 302 -31.80 -16.37 6.82
CA TYR C 302 -32.81 -15.82 7.71
C TYR C 302 -33.54 -14.68 7.02
N SER C 303 -34.84 -14.63 7.25
CA SER C 303 -35.62 -13.48 6.87
C SER C 303 -35.28 -12.31 7.78
N ALA C 304 -35.07 -11.15 7.17
CA ALA C 304 -34.67 -9.93 7.85
C ALA C 304 -35.57 -8.81 7.36
N PRO C 305 -35.84 -7.80 8.18
CA PRO C 305 -36.80 -6.77 7.76
C PRO C 305 -36.23 -5.87 6.69
N TYR C 306 -36.69 -6.01 5.45
CA TYR C 306 -35.98 -5.43 4.33
C TYR C 306 -36.38 -3.99 4.09
N TYR C 307 -35.37 -3.17 3.77
CA TYR C 307 -35.49 -1.72 3.64
C TYR C 307 -36.07 -1.12 4.91
N SER C 308 -35.56 -1.59 6.04
CA SER C 308 -35.82 -1.02 7.35
C SER C 308 -34.75 0.00 7.65
N PHE C 309 -35.17 1.22 7.95
CA PHE C 309 -34.29 2.29 8.35
C PHE C 309 -34.43 2.48 9.84
N GLU C 310 -33.30 2.57 10.53
CA GLU C 310 -33.24 2.55 11.98
C GLU C 310 -32.37 3.70 12.45
N ALA C 311 -32.75 4.30 13.57
CA ALA C 311 -32.24 5.59 13.99
C ALA C 311 -31.55 5.48 15.35
N SER C 312 -30.42 6.16 15.45
CA SER C 312 -29.60 6.30 16.64
C SER C 312 -29.51 7.77 16.96
N THR C 313 -28.58 8.13 17.85
CA THR C 313 -28.32 9.54 18.11
C THR C 313 -27.91 10.32 16.87
N GLN C 314 -27.29 9.65 15.89
CA GLN C 314 -26.71 10.31 14.72
C GLN C 314 -27.58 10.18 13.48
N GLY C 315 -28.87 9.94 13.63
CA GLY C 315 -29.78 9.96 12.50
C GLY C 315 -29.93 8.60 11.86
N PRO C 316 -30.83 8.50 10.89
CA PRO C 316 -31.22 7.18 10.38
C PRO C 316 -30.16 6.52 9.52
N PHE C 317 -30.27 5.19 9.46
CA PHE C 317 -29.39 4.38 8.64
C PHE C 317 -30.11 3.10 8.28
N LYS C 318 -29.66 2.46 7.20
CA LYS C 318 -30.26 1.21 6.78
C LYS C 318 -29.74 0.07 7.64
N THR C 319 -30.62 -0.82 8.02
CA THR C 319 -30.22 -2.01 8.74
C THR C 319 -29.56 -2.96 7.74
N PRO C 320 -28.30 -3.35 7.90
CA PRO C 320 -27.71 -4.23 6.90
C PRO C 320 -28.29 -5.62 6.98
N ILE C 321 -28.11 -6.37 5.89
CA ILE C 321 -28.67 -7.71 5.73
C ILE C 321 -27.55 -8.61 5.23
N ALA C 322 -27.47 -9.81 5.79
CA ALA C 322 -26.28 -10.63 5.58
C ALA C 322 -26.26 -11.30 4.21
N ALA C 323 -27.41 -11.64 3.65
CA ALA C 323 -27.48 -12.35 2.38
C ALA C 323 -28.70 -11.89 1.61
N GLY C 324 -28.51 -11.59 0.33
CA GLY C 324 -29.60 -11.19 -0.53
C GLY C 324 -30.22 -12.39 -1.21
N ARG C 325 -31.28 -12.10 -1.98
CA ARG C 325 -32.00 -13.11 -2.74
C ARG C 325 -31.07 -13.86 -3.68
N ALA C 336 -34.34 -6.81 -5.77
CA ALA C 336 -32.99 -7.23 -5.29
C ALA C 336 -32.62 -6.52 -3.99
N ASP C 337 -33.13 -7.06 -2.88
CA ASP C 337 -32.73 -6.61 -1.55
C ASP C 337 -31.44 -7.30 -1.14
N GLY C 338 -30.63 -6.60 -0.35
CA GLY C 338 -29.43 -7.18 0.21
C GLY C 338 -28.20 -7.21 -0.67
N ASN C 339 -28.36 -7.53 -1.95
CA ASN C 339 -27.20 -7.68 -2.81
C ASN C 339 -26.51 -6.34 -3.01
N PRO C 340 -25.18 -6.26 -2.92
CA PRO C 340 -24.54 -4.95 -2.92
C PRO C 340 -24.45 -4.34 -4.31
N ARG C 341 -24.66 -3.02 -4.36
CA ARG C 341 -24.55 -2.23 -5.57
C ARG C 341 -23.33 -1.33 -5.45
N TYR C 342 -22.39 -1.49 -6.37
CA TYR C 342 -21.14 -0.75 -6.37
C TYR C 342 -21.19 0.30 -7.48
N ALA C 343 -20.87 1.55 -7.13
CA ALA C 343 -20.75 2.65 -8.06
C ALA C 343 -19.31 3.14 -8.02
N PHE C 344 -18.70 3.31 -9.20
CA PHE C 344 -17.25 3.44 -9.29
C PHE C 344 -16.88 4.26 -10.50
N GLY C 345 -15.69 4.86 -10.43
CA GLY C 345 -15.23 5.81 -11.43
C GLY C 345 -14.23 5.23 -12.40
N ARG C 346 -13.54 6.12 -13.11
CA ARG C 346 -12.68 5.72 -14.20
C ARG C 346 -11.32 5.22 -13.75
N GLN C 347 -10.89 5.54 -12.52
CA GLN C 347 -9.73 4.88 -11.99
C GLN C 347 -9.98 3.41 -11.72
N HIS C 348 -11.24 3.04 -11.45
CA HIS C 348 -11.55 1.81 -10.75
C HIS C 348 -12.47 0.87 -11.53
N GLY C 349 -12.59 1.04 -12.85
CA GLY C 349 -13.24 0.04 -13.69
C GLY C 349 -14.02 0.57 -14.87
N GLN C 350 -14.53 1.79 -14.77
CA GLN C 350 -15.31 2.36 -15.85
C GLN C 350 -14.42 2.60 -17.06
N LYS C 351 -15.01 2.53 -18.24
CA LYS C 351 -14.26 2.72 -19.47
C LYS C 351 -13.65 4.10 -19.50
N THR C 352 -12.31 4.15 -19.51
CA THR C 352 -11.60 5.40 -19.25
C THR C 352 -11.84 6.45 -20.32
N THR C 353 -12.27 6.06 -21.51
CA THR C 353 -12.55 7.00 -22.58
C THR C 353 -13.94 7.60 -22.53
N THR C 354 -14.76 7.26 -21.54
CA THR C 354 -16.11 7.83 -21.44
C THR C 354 -16.05 9.22 -20.83
N THR C 355 -16.90 10.10 -21.35
CA THR C 355 -17.11 11.40 -20.76
C THR C 355 -18.15 11.29 -19.64
N GLY C 356 -18.28 12.35 -18.87
CA GLY C 356 -19.38 12.51 -17.94
C GLY C 356 -19.05 12.06 -16.53
N GLU C 357 -19.72 12.70 -15.56
CA GLU C 357 -19.54 12.38 -14.16
C GLU C 357 -20.12 11.02 -13.80
N THR C 358 -21.05 10.50 -14.59
CA THR C 358 -21.92 9.43 -14.14
C THR C 358 -21.13 8.14 -13.91
N PRO C 359 -21.15 7.55 -12.72
CA PRO C 359 -20.36 6.35 -12.51
C PRO C 359 -20.97 5.14 -13.19
N GLU C 360 -20.11 4.15 -13.45
CA GLU C 360 -20.59 2.84 -13.85
C GLU C 360 -21.05 2.10 -12.61
N ARG C 361 -21.98 1.18 -12.80
CA ARG C 361 -22.63 0.48 -11.71
C ARG C 361 -22.89 -0.97 -12.03
N PHE C 362 -22.70 -1.84 -11.04
CA PHE C 362 -23.17 -3.21 -11.10
C PHE C 362 -23.83 -3.56 -9.79
N THR C 363 -24.62 -4.63 -9.82
CA THR C 363 -25.18 -5.26 -8.63
C THR C 363 -24.69 -6.71 -8.61
N TYR C 364 -24.09 -7.10 -7.49
CA TYR C 364 -23.43 -8.40 -7.38
C TYR C 364 -24.45 -9.43 -6.93
N ILE C 365 -25.05 -10.11 -7.90
CA ILE C 365 -25.99 -11.18 -7.62
C ILE C 365 -25.19 -12.44 -7.34
N ALA C 366 -24.97 -12.73 -6.06
CA ALA C 366 -24.16 -13.86 -5.67
C ALA C 366 -24.84 -15.16 -6.03
N HIS C 367 -24.04 -16.21 -6.20
CA HIS C 367 -24.58 -17.51 -6.56
C HIS C 367 -25.33 -18.17 -5.41
N GLN C 368 -24.90 -17.93 -4.19
CA GLN C 368 -25.34 -18.74 -3.05
C GLN C 368 -26.82 -18.56 -2.77
N ASP C 369 -27.47 -19.66 -2.39
CA ASP C 369 -28.90 -19.72 -2.12
C ASP C 369 -29.22 -19.58 -0.63
N THR C 370 -28.41 -18.85 0.11
CA THR C 370 -28.72 -18.56 1.52
C THR C 370 -29.78 -17.47 1.67
N GLY C 371 -30.30 -16.89 0.59
CA GLY C 371 -31.26 -15.83 0.68
C GLY C 371 -32.66 -16.31 0.88
N ARG C 372 -33.61 -15.39 0.70
CA ARG C 372 -35.02 -15.62 0.86
C ARG C 372 -35.79 -15.00 -0.29
N TYR C 373 -37.01 -15.50 -0.48
CA TYR C 373 -37.95 -15.05 -1.50
C TYR C 373 -39.18 -14.60 -0.73
N PRO C 374 -39.26 -13.33 -0.32
CA PRO C 374 -40.34 -12.91 0.60
C PRO C 374 -41.75 -13.13 0.10
N GLU C 375 -41.99 -13.08 -1.20
CA GLU C 375 -43.36 -13.24 -1.70
C GLU C 375 -43.90 -14.64 -1.48
N GLY C 376 -43.04 -15.63 -1.25
CA GLY C 376 -43.46 -16.99 -0.98
C GLY C 376 -43.69 -17.33 0.48
N ASP C 377 -43.33 -16.46 1.40
CA ASP C 377 -43.47 -16.75 2.82
C ASP C 377 -44.92 -16.67 3.24
N TRP C 378 -45.26 -17.37 4.33
CA TRP C 378 -46.56 -17.18 4.95
C TRP C 378 -46.51 -17.69 6.38
N ILE C 379 -47.46 -17.21 7.17
CA ILE C 379 -47.63 -17.57 8.57
C ILE C 379 -49.08 -17.98 8.72
N GLN C 380 -49.32 -19.11 9.39
CA GLN C 380 -50.68 -19.57 9.61
C GLN C 380 -50.84 -20.12 11.02
N ASN C 381 -52.11 -20.30 11.37
CA ASN C 381 -52.53 -20.51 12.74
C ASN C 381 -52.06 -21.85 13.28
N ILE C 382 -51.97 -21.92 14.61
CA ILE C 382 -51.52 -23.13 15.29
C ILE C 382 -52.40 -24.33 14.97
N ASN C 383 -53.69 -24.12 14.73
CA ASN C 383 -54.59 -25.26 14.58
C ASN C 383 -54.28 -26.05 13.32
N PHE C 384 -53.89 -25.37 12.26
CA PHE C 384 -53.39 -26.03 11.04
C PHE C 384 -54.44 -26.93 10.40
N ASN C 385 -55.65 -26.43 10.29
CA ASN C 385 -56.60 -27.04 9.37
C ASN C 385 -56.11 -26.81 7.95
N LEU C 386 -56.12 -27.87 7.14
CA LEU C 386 -55.26 -27.91 5.95
C LEU C 386 -55.65 -26.89 4.89
N PRO C 387 -56.84 -26.96 4.25
CA PRO C 387 -57.14 -25.87 3.29
C PRO C 387 -57.46 -24.59 4.05
N VAL C 388 -56.40 -23.85 4.38
CA VAL C 388 -56.47 -22.76 5.33
C VAL C 388 -57.39 -21.66 4.83
N THR C 389 -58.33 -21.25 5.68
CA THR C 389 -59.28 -20.21 5.35
C THR C 389 -58.62 -18.84 5.38
N ASN C 390 -59.35 -17.84 4.91
CA ASN C 390 -58.81 -16.49 4.80
C ASN C 390 -58.41 -15.93 6.15
N ASP C 391 -59.22 -16.18 7.18
CA ASP C 391 -58.94 -15.57 8.47
C ASP C 391 -57.76 -16.21 9.20
N ASN C 392 -57.23 -17.33 8.71
CA ASN C 392 -56.27 -18.15 9.43
C ASN C 392 -54.86 -18.13 8.84
N VAL C 393 -54.60 -17.34 7.80
CA VAL C 393 -53.28 -17.24 7.20
C VAL C 393 -52.99 -15.79 6.87
N LEU C 394 -51.79 -15.35 7.23
CA LEU C 394 -51.28 -14.03 6.91
C LEU C 394 -50.31 -14.17 5.76
N LEU C 395 -50.64 -13.57 4.63
CA LEU C 395 -49.90 -13.68 3.38
C LEU C 395 -49.13 -12.39 3.11
N PRO C 396 -48.19 -12.39 2.17
CA PRO C 396 -47.57 -11.13 1.76
C PRO C 396 -48.48 -10.22 0.94
N THR C 397 -49.69 -10.65 0.60
CA THR C 397 -50.68 -9.76 0.01
C THR C 397 -51.42 -8.92 1.05
N ASP C 398 -51.23 -9.18 2.36
CA ASP C 398 -52.05 -8.61 3.41
C ASP C 398 -51.39 -7.38 4.02
N PRO C 399 -52.11 -6.29 4.32
CA PRO C 399 -51.43 -5.08 4.79
C PRO C 399 -51.27 -5.04 6.31
N ILE C 400 -50.07 -4.67 6.74
CA ILE C 400 -49.84 -4.26 8.12
C ILE C 400 -50.21 -2.79 8.26
N GLY C 401 -50.94 -2.46 9.31
CA GLY C 401 -51.29 -1.07 9.58
C GLY C 401 -52.13 -0.41 8.53
N GLY C 402 -52.84 -1.18 7.70
CA GLY C 402 -53.61 -0.63 6.61
C GLY C 402 -52.81 -0.16 5.42
N LYS C 403 -51.48 -0.26 5.46
CA LYS C 403 -50.64 0.14 4.34
C LYS C 403 -50.58 -1.02 3.35
N THR C 404 -51.13 -0.80 2.17
CA THR C 404 -51.14 -1.85 1.14
C THR C 404 -49.75 -2.20 0.66
N GLY C 405 -48.83 -1.25 0.68
CA GLY C 405 -47.49 -1.49 0.18
C GLY C 405 -46.55 -2.19 1.12
N ILE C 406 -46.93 -2.37 2.38
CA ILE C 406 -46.06 -2.90 3.42
C ILE C 406 -46.74 -4.15 3.95
N ASN C 407 -46.36 -5.30 3.40
CA ASN C 407 -46.82 -6.57 3.94
C ASN C 407 -45.94 -6.98 5.10
N TYR C 408 -46.32 -8.09 5.75
CA TYR C 408 -45.71 -8.45 7.02
C TYR C 408 -44.23 -8.75 6.90
N THR C 409 -43.79 -9.28 5.75
CA THR C 409 -42.39 -9.69 5.62
C THR C 409 -41.43 -8.52 5.67
N ASN C 410 -41.92 -7.31 5.45
CA ASN C 410 -41.08 -6.14 5.64
C ASN C 410 -40.72 -5.93 7.11
N ILE C 411 -41.60 -6.34 8.03
CA ILE C 411 -41.47 -6.05 9.46
C ILE C 411 -41.09 -7.30 10.25
N PHE C 412 -40.39 -8.25 9.62
CA PHE C 412 -40.35 -9.64 10.07
C PHE C 412 -38.91 -10.12 10.17
N ASN C 413 -38.60 -10.78 11.29
CA ASN C 413 -37.27 -11.28 11.57
C ASN C 413 -37.35 -12.70 12.09
N THR C 414 -36.50 -13.58 11.53
CA THR C 414 -36.43 -14.98 11.91
C THR C 414 -35.01 -15.42 12.22
N TYR C 415 -34.12 -14.49 12.54
CA TYR C 415 -32.82 -14.88 13.08
C TYR C 415 -33.04 -15.61 14.38
N GLY C 416 -32.21 -16.60 14.63
CA GLY C 416 -32.41 -17.47 15.74
C GLY C 416 -31.17 -18.28 16.03
N PRO C 417 -31.26 -19.19 17.00
CA PRO C 417 -30.11 -20.02 17.33
C PRO C 417 -29.76 -21.03 16.25
N LEU C 418 -30.65 -21.28 15.29
CA LEU C 418 -30.46 -22.25 14.23
C LEU C 418 -30.05 -21.64 12.91
N THR C 419 -29.77 -20.35 12.86
CA THR C 419 -29.42 -19.72 11.60
C THR C 419 -27.98 -20.04 11.21
N ALA C 420 -27.79 -20.45 9.97
CA ALA C 420 -26.48 -20.71 9.39
C ALA C 420 -26.28 -19.77 8.21
N LEU C 421 -25.07 -19.26 8.05
CA LEU C 421 -24.78 -18.26 7.05
C LEU C 421 -23.36 -18.42 6.56
N ASN C 422 -23.12 -17.97 5.33
CA ASN C 422 -21.80 -17.88 4.75
C ASN C 422 -21.24 -16.47 4.89
N ASN C 423 -19.92 -16.37 4.83
CA ASN C 423 -19.30 -15.06 4.73
C ASN C 423 -19.60 -14.46 3.37
N VAL C 424 -19.49 -13.14 3.29
CA VAL C 424 -19.81 -12.45 2.02
C VAL C 424 -18.77 -12.84 0.97
N PRO C 425 -19.16 -13.05 -0.29
CA PRO C 425 -18.18 -13.42 -1.29
C PRO C 425 -17.24 -12.27 -1.57
N PRO C 426 -16.02 -12.54 -2.03
CA PRO C 426 -15.21 -11.45 -2.57
C PRO C 426 -15.89 -10.87 -3.79
N VAL C 427 -15.84 -9.55 -3.91
CA VAL C 427 -16.29 -8.82 -5.09
C VAL C 427 -15.05 -8.26 -5.75
N TYR C 428 -14.83 -8.63 -7.00
CA TYR C 428 -13.75 -8.12 -7.81
C TYR C 428 -14.30 -7.07 -8.77
N PRO C 429 -13.60 -5.96 -9.04
CA PRO C 429 -12.36 -5.42 -8.47
C PRO C 429 -12.54 -4.48 -7.30
N ASN C 430 -13.77 -4.12 -6.93
CA ASN C 430 -14.01 -3.02 -6.02
C ASN C 430 -14.16 -3.44 -4.56
N GLY C 431 -14.37 -4.72 -4.27
CA GLY C 431 -14.66 -5.12 -2.91
C GLY C 431 -13.44 -5.03 -2.02
N GLN C 432 -13.69 -4.84 -0.73
CA GLN C 432 -12.60 -4.81 0.23
C GLN C 432 -11.99 -6.18 0.39
N ILE C 433 -10.73 -6.19 0.81
CA ILE C 433 -10.01 -7.44 1.08
C ILE C 433 -10.18 -7.73 2.56
N TRP C 434 -9.69 -6.82 3.41
CA TRP C 434 -9.72 -6.97 4.86
C TRP C 434 -10.49 -5.83 5.50
N ASP C 435 -10.90 -6.05 6.74
CA ASP C 435 -11.61 -5.05 7.52
C ASP C 435 -11.20 -5.22 8.97
N LYS C 436 -11.27 -4.11 9.71
CA LYS C 436 -10.90 -4.11 11.12
C LYS C 436 -12.09 -4.57 11.94
N GLU C 437 -11.84 -5.43 12.92
CA GLU C 437 -12.91 -5.87 13.80
C GLU C 437 -13.22 -4.80 14.83
N PHE C 438 -14.46 -4.78 15.28
CA PHE C 438 -14.91 -3.75 16.20
C PHE C 438 -14.29 -3.95 17.57
N ASP C 439 -14.11 -2.84 18.29
CA ASP C 439 -13.64 -2.88 19.67
C ASP C 439 -14.80 -3.01 20.66
N THR C 440 -15.97 -3.46 20.17
CA THR C 440 -17.08 -3.78 21.05
C THR C 440 -16.71 -4.96 21.93
N ASP C 441 -17.43 -5.09 23.04
CA ASP C 441 -17.24 -6.25 23.89
C ASP C 441 -17.77 -7.51 23.23
N LEU C 442 -18.92 -7.41 22.57
CA LEU C 442 -19.52 -8.46 21.77
C LEU C 442 -19.42 -8.08 20.31
N LYS C 443 -18.78 -8.94 19.52
CA LYS C 443 -18.35 -8.62 18.18
C LYS C 443 -19.27 -9.28 17.16
N PRO C 444 -19.49 -8.69 15.99
CA PRO C 444 -20.44 -9.28 15.05
C PRO C 444 -19.91 -10.57 14.45
N ARG C 445 -20.84 -11.42 14.03
CA ARG C 445 -20.47 -12.70 13.44
C ARG C 445 -19.67 -12.49 12.16
N LEU C 446 -20.13 -11.59 11.31
CA LEU C 446 -19.50 -11.30 10.02
C LEU C 446 -19.61 -9.81 9.77
N HIS C 447 -18.71 -9.32 8.94
CA HIS C 447 -18.81 -7.99 8.35
C HIS C 447 -19.30 -8.14 6.92
N VAL C 448 -20.25 -7.29 6.54
CA VAL C 448 -20.88 -7.43 5.23
C VAL C 448 -20.06 -6.80 4.11
N ASN C 449 -18.89 -6.22 4.40
CA ASN C 449 -18.13 -5.42 3.44
C ASN C 449 -16.85 -6.08 2.96
N ALA C 450 -16.35 -7.12 3.63
CA ALA C 450 -15.09 -7.74 3.27
C ALA C 450 -15.10 -9.19 3.76
N PRO C 451 -14.40 -10.12 3.07
CA PRO C 451 -14.39 -11.50 3.56
C PRO C 451 -13.58 -11.69 4.82
N PHE C 452 -12.36 -11.16 4.83
CA PHE C 452 -11.46 -11.30 5.96
C PHE C 452 -11.65 -10.15 6.93
N VAL C 453 -11.57 -10.45 8.22
CA VAL C 453 -11.72 -9.47 9.29
C VAL C 453 -10.58 -9.66 10.27
N CYS C 454 -9.87 -8.57 10.55
CA CYS C 454 -8.70 -8.62 11.42
C CYS C 454 -9.13 -8.81 12.86
N GLN C 455 -8.64 -9.87 13.50
CA GLN C 455 -9.14 -10.20 14.82
C GLN C 455 -8.65 -9.24 15.90
N ASN C 456 -7.36 -8.87 15.90
CA ASN C 456 -6.79 -8.07 16.99
C ASN C 456 -6.09 -6.81 16.48
N ASN C 457 -5.41 -6.88 15.34
CA ASN C 457 -4.84 -5.69 14.71
C ASN C 457 -4.84 -5.88 13.21
N CYS C 458 -4.83 -4.76 12.48
CA CYS C 458 -5.01 -4.68 11.04
C CYS C 458 -3.90 -3.82 10.49
N PRO C 459 -3.66 -3.87 9.17
CA PRO C 459 -2.56 -3.12 8.59
C PRO C 459 -2.67 -1.62 8.84
N GLY C 460 -1.54 -1.01 9.18
CA GLY C 460 -1.52 0.40 9.45
C GLY C 460 -1.85 1.24 8.25
N GLN C 461 -2.71 2.23 8.43
CA GLN C 461 -3.02 3.16 7.37
C GLN C 461 -1.84 4.09 7.12
N LEU C 462 -1.51 4.30 5.85
CA LEU C 462 -0.35 5.06 5.42
C LEU C 462 -0.79 6.45 4.97
N PHE C 463 -0.39 7.47 5.71
CA PHE C 463 -0.74 8.85 5.44
C PHE C 463 0.44 9.58 4.81
N VAL C 464 0.15 10.42 3.82
CA VAL C 464 1.15 11.17 3.08
C VAL C 464 0.74 12.63 2.98
N LYS C 465 1.75 13.50 2.95
CA LYS C 465 1.56 14.94 2.84
C LYS C 465 2.88 15.50 2.32
N VAL C 466 2.80 16.67 1.69
CA VAL C 466 3.97 17.41 1.24
C VAL C 466 4.18 18.56 2.21
N ALA C 467 5.43 18.80 2.59
CA ALA C 467 5.70 19.72 3.69
C ALA C 467 5.34 21.15 3.29
N PRO C 468 5.12 22.04 4.26
CA PRO C 468 4.84 23.43 3.88
C PRO C 468 6.08 24.12 3.33
N ASN C 469 6.06 24.41 2.03
CA ASN C 469 7.18 25.03 1.33
C ASN C 469 6.95 26.54 1.32
N LEU C 470 7.32 27.18 2.42
CA LEU C 470 6.90 28.55 2.68
C LEU C 470 7.59 29.57 1.79
N THR C 471 7.01 30.76 1.73
CA THR C 471 7.57 31.92 1.07
C THR C 471 8.16 32.87 2.11
N ASN C 472 8.88 33.89 1.62
CA ASN C 472 9.58 34.80 2.52
C ASN C 472 8.64 35.70 3.32
N GLU C 473 7.40 35.85 2.89
CA GLU C 473 6.52 36.84 3.48
C GLU C 473 5.86 36.37 4.77
N TYR C 474 6.15 35.15 5.22
CA TYR C 474 5.34 34.51 6.25
C TYR C 474 5.48 35.18 7.61
N ASP C 475 4.35 35.35 8.27
CA ASP C 475 4.24 35.89 9.62
C ASP C 475 3.19 35.05 10.32
N PRO C 476 3.52 34.23 11.33
CA PRO C 476 2.48 33.42 11.98
C PRO C 476 1.37 34.22 12.62
N ASP C 477 1.64 35.44 13.07
CA ASP C 477 0.62 36.25 13.70
C ASP C 477 -0.38 36.83 12.71
N ALA C 478 -0.12 36.77 11.41
CA ALA C 478 -1.09 37.24 10.43
C ALA C 478 -2.30 36.32 10.38
N SER C 479 -3.48 36.93 10.27
CA SER C 479 -4.71 36.13 10.27
C SER C 479 -4.86 35.30 9.00
N ALA C 480 -4.42 35.82 7.86
CA ALA C 480 -4.68 35.17 6.58
C ALA C 480 -3.91 33.86 6.48
N ASN C 481 -4.33 33.03 5.54
CA ASN C 481 -3.68 31.76 5.30
C ASN C 481 -2.25 31.99 4.84
N MET C 482 -1.38 31.04 5.17
CA MET C 482 0.04 31.18 4.85
C MET C 482 0.23 31.10 3.34
N SER C 483 1.20 31.87 2.83
CA SER C 483 1.58 31.79 1.44
C SER C 483 2.58 30.64 1.26
N ARG C 484 2.30 29.76 0.30
CA ARG C 484 3.10 28.59 0.03
C ARG C 484 3.54 28.56 -1.42
N ILE C 485 4.74 28.06 -1.65
CA ILE C 485 5.19 27.77 -3.01
C ILE C 485 4.37 26.58 -3.49
N VAL C 486 3.72 26.75 -4.64
CA VAL C 486 2.84 25.72 -5.18
C VAL C 486 3.68 24.50 -5.52
N THR C 487 3.50 23.42 -4.77
CA THR C 487 4.33 22.23 -4.82
C THR C 487 3.45 21.02 -5.10
N TYR C 488 3.98 20.08 -5.85
CA TYR C 488 3.37 18.76 -5.97
C TYR C 488 4.48 17.73 -6.04
N SER C 489 4.10 16.49 -5.80
CA SER C 489 5.03 15.38 -5.77
C SER C 489 4.44 14.18 -6.49
N ASP C 490 5.34 13.36 -7.02
CA ASP C 490 5.02 12.02 -7.46
C ASP C 490 5.93 11.07 -6.70
N PHE C 491 5.36 10.02 -6.13
CA PHE C 491 6.12 8.99 -5.45
C PHE C 491 5.61 7.64 -5.89
N TRP C 492 6.53 6.74 -6.20
CA TRP C 492 6.16 5.39 -6.56
C TRP C 492 5.89 4.60 -5.29
N TRP C 493 4.74 3.92 -5.27
CA TRP C 493 4.32 3.06 -4.18
C TRP C 493 4.41 1.64 -4.66
N LYS C 494 4.93 0.74 -3.83
CA LYS C 494 5.01 -0.68 -4.13
C LYS C 494 4.40 -1.43 -2.97
N GLY C 495 3.44 -2.29 -3.27
CA GLY C 495 2.81 -3.15 -2.29
C GLY C 495 3.10 -4.60 -2.62
N LYS C 496 3.08 -5.44 -1.59
CA LYS C 496 3.22 -6.88 -1.73
C LYS C 496 2.22 -7.53 -0.80
N LEU C 497 1.24 -8.21 -1.36
CA LEU C 497 0.15 -8.84 -0.61
C LEU C 497 0.17 -10.32 -0.93
N VAL C 498 0.37 -11.14 0.10
CA VAL C 498 0.62 -12.57 -0.05
C VAL C 498 -0.60 -13.31 0.45
N PHE C 499 -1.05 -14.29 -0.33
CA PHE C 499 -2.15 -15.17 0.02
C PHE C 499 -1.65 -16.60 0.03
N LYS C 500 -2.43 -17.47 0.65
CA LYS C 500 -2.21 -18.91 0.64
C LYS C 500 -3.55 -19.56 0.35
N ALA C 501 -3.58 -20.47 -0.63
CA ALA C 501 -4.83 -20.99 -1.16
C ALA C 501 -4.67 -22.45 -1.51
N LYS C 502 -5.79 -23.17 -1.46
CA LYS C 502 -5.84 -24.62 -1.62
C LYS C 502 -6.45 -24.96 -2.97
N LEU C 503 -5.78 -25.80 -3.73
CA LEU C 503 -6.28 -26.21 -5.03
C LEU C 503 -7.49 -27.11 -4.86
N ARG C 504 -8.46 -26.97 -5.77
CA ARG C 504 -9.68 -27.74 -5.67
C ARG C 504 -9.47 -29.16 -6.17
N ALA C 505 -10.47 -30.00 -5.92
CA ALA C 505 -10.50 -31.38 -6.41
C ALA C 505 -11.89 -31.65 -6.99
N SER C 506 -11.95 -32.53 -7.99
CA SER C 506 -13.17 -32.83 -8.74
C SER C 506 -13.89 -34.01 -8.10
N HIS C 507 -14.69 -33.71 -7.08
CA HIS C 507 -15.46 -34.75 -6.39
C HIS C 507 -16.66 -35.22 -7.20
N THR C 508 -17.29 -34.32 -7.94
CA THR C 508 -18.47 -34.66 -8.70
C THR C 508 -18.10 -35.24 -10.06
N TRP C 509 -19.03 -36.00 -10.63
CA TRP C 509 -18.93 -36.39 -12.02
C TRP C 509 -19.03 -35.18 -12.93
N ASN C 510 -20.00 -34.32 -12.68
CA ASN C 510 -20.27 -33.22 -13.59
C ASN C 510 -19.22 -32.13 -13.44
N PRO C 511 -18.97 -31.33 -14.48
CA PRO C 511 -18.10 -30.17 -14.33
C PRO C 511 -18.81 -29.00 -13.66
N ILE C 512 -18.00 -28.05 -13.20
CA ILE C 512 -18.49 -26.90 -12.44
C ILE C 512 -18.59 -25.66 -13.31
N GLN C 513 -19.34 -24.67 -12.85
CA GLN C 513 -19.36 -23.37 -13.48
C GLN C 513 -17.97 -22.76 -13.42
N GLN C 514 -17.57 -22.06 -14.49
CA GLN C 514 -16.24 -21.50 -14.60
C GLN C 514 -16.32 -20.16 -15.33
N MET C 515 -15.36 -19.29 -15.02
CA MET C 515 -15.20 -18.03 -15.71
C MET C 515 -14.45 -18.26 -17.01
N SER C 516 -14.92 -17.67 -18.08
CA SER C 516 -14.35 -17.88 -19.40
C SER C 516 -14.57 -16.66 -20.27
N ILE C 517 -13.59 -16.38 -21.12
CA ILE C 517 -13.81 -15.42 -22.20
C ILE C 517 -14.77 -16.04 -23.21
N ASN C 518 -15.66 -15.22 -23.73
CA ASN C 518 -16.63 -15.65 -24.74
C ASN C 518 -16.88 -14.47 -25.67
N VAL C 519 -17.68 -14.73 -26.70
CA VAL C 519 -17.93 -13.75 -27.75
C VAL C 519 -18.59 -12.51 -27.19
N ASP C 520 -19.42 -12.67 -26.17
CA ASP C 520 -20.08 -11.51 -25.56
C ASP C 520 -19.09 -10.65 -24.79
N ASN C 521 -18.37 -11.24 -23.85
CA ASN C 521 -17.57 -10.47 -22.89
C ASN C 521 -16.16 -10.17 -23.39
N GLN C 522 -15.81 -10.56 -24.61
CA GLN C 522 -14.44 -10.53 -25.12
C GLN C 522 -13.74 -9.20 -24.96
N PHE C 523 -14.32 -8.16 -25.54
CA PHE C 523 -13.65 -6.87 -25.63
C PHE C 523 -13.72 -6.07 -24.33
N ASN C 524 -14.23 -6.65 -23.25
CA ASN C 524 -14.07 -6.05 -21.94
C ASN C 524 -12.66 -6.18 -21.40
N TYR C 525 -11.87 -7.13 -21.91
CA TYR C 525 -10.56 -7.47 -21.36
C TYR C 525 -9.39 -7.05 -22.23
N VAL C 526 -9.60 -6.20 -23.24
CA VAL C 526 -8.51 -5.67 -24.08
C VAL C 526 -8.77 -4.21 -24.36
N PRO C 527 -7.71 -3.42 -24.56
CA PRO C 527 -7.91 -1.98 -24.71
C PRO C 527 -8.57 -1.65 -26.04
N SER C 528 -9.09 -0.43 -26.11
CA SER C 528 -9.81 0.04 -27.29
C SER C 528 -8.84 0.70 -28.28
N ASN C 529 -9.41 1.27 -29.34
CA ASN C 529 -8.60 1.90 -30.37
C ASN C 529 -7.81 3.08 -29.82
N ILE C 530 -8.46 3.93 -29.04
CA ILE C 530 -7.80 5.07 -28.38
C ILE C 530 -7.34 4.70 -26.99
N GLY C 531 -7.20 3.40 -26.72
CA GLY C 531 -6.58 2.93 -25.51
C GLY C 531 -7.44 2.97 -24.27
N GLY C 532 -8.76 3.03 -24.44
CA GLY C 532 -9.64 2.95 -23.30
C GLY C 532 -9.65 1.54 -22.74
N MET C 533 -9.73 1.44 -21.42
CA MET C 533 -9.72 0.18 -20.70
C MET C 533 -10.86 0.14 -19.70
N LYS C 534 -11.38 -1.07 -19.47
CA LYS C 534 -12.35 -1.30 -18.41
C LYS C 534 -12.01 -2.58 -17.68
N ILE C 535 -12.62 -2.76 -16.50
CA ILE C 535 -12.52 -3.97 -15.71
C ILE C 535 -13.94 -4.31 -15.28
N VAL C 536 -14.50 -5.38 -15.85
CA VAL C 536 -15.83 -5.81 -15.49
C VAL C 536 -15.79 -6.64 -14.21
N TYR C 537 -16.94 -6.77 -13.56
CA TYR C 537 -17.02 -7.55 -12.33
C TYR C 537 -17.05 -9.03 -12.66
N GLU C 538 -16.42 -9.83 -11.81
CA GLU C 538 -16.26 -11.26 -12.01
C GLU C 538 -16.65 -11.97 -10.74
N LYS C 539 -17.40 -13.06 -10.87
CA LYS C 539 -18.00 -13.71 -9.72
C LYS C 539 -17.01 -14.63 -9.05
N SER C 540 -16.95 -14.55 -7.72
CA SER C 540 -15.84 -15.08 -6.95
C SER C 540 -16.11 -16.45 -6.35
N GLN C 541 -17.36 -16.90 -6.29
CA GLN C 541 -17.72 -18.21 -5.75
C GLN C 541 -18.44 -18.99 -6.84
N LEU C 542 -17.67 -19.69 -7.67
CA LEU C 542 -18.21 -20.38 -8.83
C LEU C 542 -18.48 -21.85 -8.58
N ALA C 543 -17.56 -22.56 -7.96
CA ALA C 543 -17.73 -24.00 -7.80
C ALA C 543 -18.72 -24.28 -6.66
N PRO C 544 -19.71 -25.16 -6.85
CA PRO C 544 -20.60 -25.50 -5.73
C PRO C 544 -19.91 -26.37 -4.70
N ARG C 545 -20.34 -26.23 -3.44
CA ARG C 545 -19.83 -27.04 -2.34
C ARG C 545 -20.99 -27.62 -1.55
N LYS C 546 -20.67 -28.69 -0.85
CA LYS C 546 -21.65 -29.54 -0.17
C LYS C 546 -21.90 -28.99 1.22
N LEU C 547 -23.13 -28.49 1.46
CA LEU C 547 -23.44 -27.92 2.76
C LEU C 547 -23.67 -28.99 3.82
N TYR C 548 -24.09 -30.18 3.42
CA TYR C 548 -24.57 -31.17 4.39
C TYR C 548 -24.53 -32.58 3.82
N GLY D 1 26.85 9.10 -7.49
CA GLY D 1 25.86 10.20 -7.63
C GLY D 1 25.68 10.68 -9.05
N VAL D 2 25.34 11.96 -9.20
CA VAL D 2 25.02 12.51 -10.51
C VAL D 2 26.27 12.59 -11.38
N GLY D 3 27.36 13.07 -10.82
CA GLY D 3 28.49 13.51 -11.60
C GLY D 3 29.50 12.47 -12.01
N ILE D 4 29.26 11.19 -11.74
CA ILE D 4 30.22 10.13 -12.00
C ILE D 4 29.75 9.32 -13.19
N SER D 5 30.65 9.08 -14.15
CA SER D 5 30.33 8.30 -15.32
C SER D 5 30.15 6.84 -14.90
N THR D 6 29.04 6.24 -15.31
CA THR D 6 28.64 4.93 -14.85
C THR D 6 29.03 3.80 -15.79
N GLY D 7 29.80 4.07 -16.84
CA GLY D 7 30.25 3.00 -17.70
C GLY D 7 31.06 3.56 -18.86
N THR D 8 31.78 2.66 -19.51
CA THR D 8 32.74 3.01 -20.55
C THR D 8 32.21 2.62 -21.92
N PHE D 9 32.39 3.51 -22.88
CA PHE D 9 32.11 3.22 -24.28
C PHE D 9 33.20 2.31 -24.80
N ASN D 10 32.80 1.35 -25.63
CA ASN D 10 33.74 0.42 -26.22
C ASN D 10 33.09 -0.20 -27.43
N ASN D 11 33.65 0.07 -28.61
CA ASN D 11 33.19 -0.52 -29.86
C ASN D 11 34.26 -1.36 -30.54
N GLN D 12 35.29 -1.76 -29.80
CA GLN D 12 36.34 -2.59 -30.37
C GLN D 12 35.82 -3.97 -30.67
N THR D 13 36.59 -4.70 -31.47
CA THR D 13 36.42 -6.14 -31.60
C THR D 13 37.78 -6.80 -31.48
N GLU D 14 37.80 -7.95 -30.80
CA GLU D 14 39.02 -8.65 -30.45
C GLU D 14 38.99 -10.04 -31.06
N PHE D 15 40.04 -10.38 -31.81
CA PHE D 15 40.25 -11.73 -32.32
C PHE D 15 41.32 -12.37 -31.44
N LYS D 16 40.88 -13.14 -30.45
CA LYS D 16 41.75 -13.84 -29.54
C LYS D 16 41.91 -15.29 -30.02
N PHE D 17 43.15 -15.68 -30.31
CA PHE D 17 43.41 -16.95 -30.96
C PHE D 17 43.65 -18.04 -29.91
N LEU D 18 42.77 -19.02 -29.89
CA LEU D 18 42.87 -20.17 -28.99
C LEU D 18 43.73 -21.25 -29.63
N GLU D 19 43.99 -22.31 -28.88
CA GLU D 19 44.70 -23.46 -29.42
C GLU D 19 43.84 -24.21 -30.43
N ASN D 20 44.50 -25.01 -31.26
CA ASN D 20 43.87 -25.87 -32.24
C ASN D 20 43.08 -25.08 -33.29
N GLY D 21 43.53 -23.87 -33.59
CA GLY D 21 42.98 -23.14 -34.71
C GLY D 21 41.65 -22.47 -34.50
N TRP D 22 41.19 -22.36 -33.26
CA TRP D 22 39.97 -21.63 -32.95
C TRP D 22 40.27 -20.20 -32.57
N VAL D 23 39.27 -19.33 -32.73
CA VAL D 23 39.35 -17.93 -32.37
C VAL D 23 38.10 -17.58 -31.59
N GLU D 24 38.27 -16.85 -30.50
CA GLU D 24 37.17 -16.14 -29.85
C GLU D 24 37.09 -14.76 -30.48
N ILE D 25 36.04 -14.53 -31.26
CA ILE D 25 35.77 -13.22 -31.86
C ILE D 25 34.79 -12.52 -30.92
N THR D 26 35.30 -11.58 -30.14
CA THR D 26 34.51 -10.77 -29.23
C THR D 26 34.22 -9.44 -29.91
N ALA D 27 32.94 -9.09 -30.01
CA ALA D 27 32.48 -7.89 -30.66
C ALA D 27 31.76 -7.04 -29.63
N ASN D 28 32.42 -5.98 -29.18
CA ASN D 28 31.77 -4.98 -28.37
C ASN D 28 31.15 -3.95 -29.30
N SER D 29 30.01 -3.40 -28.89
CA SER D 29 29.40 -2.29 -29.59
C SER D 29 28.76 -1.38 -28.57
N SER D 30 28.73 -0.09 -28.88
CA SER D 30 28.19 0.92 -27.99
C SER D 30 27.57 2.03 -28.81
N ARG D 31 26.44 2.55 -28.33
CA ARG D 31 25.63 3.51 -29.06
C ARG D 31 25.06 4.50 -28.07
N LEU D 32 24.76 5.70 -28.57
CA LEU D 32 23.97 6.67 -27.84
C LEU D 32 22.53 6.55 -28.32
N VAL D 33 21.65 6.10 -27.44
CA VAL D 33 20.27 5.78 -27.78
C VAL D 33 19.39 6.93 -27.30
N HIS D 34 18.65 7.52 -28.22
CA HIS D 34 17.78 8.67 -27.97
C HIS D 34 16.34 8.20 -27.92
N LEU D 35 15.60 8.65 -26.91
CA LEU D 35 14.27 8.14 -26.60
C LEU D 35 13.38 9.29 -26.21
N ASN D 36 12.32 9.51 -26.99
CA ASN D 36 11.25 10.43 -26.62
C ASN D 36 10.23 9.69 -25.76
N MET D 37 9.42 10.46 -25.04
CA MET D 37 8.34 9.87 -24.28
C MET D 37 7.30 9.30 -25.24
N PRO D 38 6.44 8.39 -24.76
CA PRO D 38 5.48 7.74 -25.66
C PRO D 38 4.52 8.72 -26.32
N GLU D 39 4.05 8.34 -27.49
CA GLU D 39 3.05 9.13 -28.19
C GLU D 39 1.79 9.25 -27.34
N SER D 40 1.40 8.17 -26.68
CA SER D 40 0.39 8.22 -25.64
C SER D 40 0.75 7.17 -24.60
N GLU D 41 0.44 7.49 -23.35
CA GLU D 41 0.94 6.68 -22.24
C GLU D 41 0.29 5.32 -22.18
N ASN D 42 -0.88 5.13 -22.76
CA ASN D 42 -1.68 3.93 -22.59
C ASN D 42 -1.53 2.98 -23.76
N TYR D 43 -1.78 1.71 -23.49
CA TYR D 43 -1.82 0.71 -24.54
C TYR D 43 -3.03 0.95 -25.42
N ARG D 44 -2.87 0.72 -26.71
CA ARG D 44 -3.92 0.83 -27.69
C ARG D 44 -3.99 -0.48 -28.44
N ARG D 45 -5.17 -0.83 -28.94
CA ARG D 45 -5.38 -1.98 -29.82
C ARG D 45 -5.90 -1.46 -31.16
N VAL D 46 -5.07 -1.53 -32.18
CA VAL D 46 -5.28 -0.83 -33.44
C VAL D 46 -5.41 -1.86 -34.55
N VAL D 47 -6.45 -1.73 -35.36
CA VAL D 47 -6.71 -2.59 -36.50
C VAL D 47 -6.38 -1.80 -37.76
N VAL D 48 -5.47 -2.32 -38.56
CA VAL D 48 -5.19 -1.76 -39.88
C VAL D 48 -6.04 -2.49 -40.89
N ASN D 49 -6.63 -1.74 -41.81
CA ASN D 49 -7.49 -2.24 -42.85
C ASN D 49 -7.17 -1.45 -44.10
N ASN D 50 -7.01 -2.14 -45.22
CA ASN D 50 -6.79 -1.50 -46.51
C ASN D 50 -7.64 -2.16 -47.58
N MET D 51 -8.93 -2.28 -47.27
CA MET D 51 -9.92 -2.71 -48.25
C MET D 51 -9.93 -1.81 -49.48
N ASP D 52 -9.57 -0.53 -49.32
CA ASP D 52 -9.48 0.38 -50.45
C ASP D 52 -8.48 -0.10 -51.49
N LYS D 53 -7.41 -0.77 -51.07
CA LYS D 53 -6.35 -1.20 -51.98
C LYS D 53 -6.52 -2.63 -52.45
N THR D 54 -7.07 -3.50 -51.60
CA THR D 54 -7.27 -4.90 -51.96
C THR D 54 -8.58 -5.15 -52.70
N ALA D 55 -9.59 -4.29 -52.54
CA ALA D 55 -10.87 -4.54 -53.19
C ALA D 55 -10.78 -4.39 -54.69
N VAL D 56 -9.91 -3.52 -55.18
CA VAL D 56 -9.65 -3.47 -56.61
C VAL D 56 -8.99 -4.79 -56.99
N ASN D 57 -9.58 -5.47 -57.97
CA ASN D 57 -9.22 -6.86 -58.24
C ASN D 57 -7.79 -6.97 -58.75
N GLY D 58 -7.18 -8.11 -58.45
CA GLY D 58 -5.82 -8.40 -58.83
C GLY D 58 -4.77 -7.93 -57.85
N ASN D 59 -5.15 -7.15 -56.83
CA ASN D 59 -4.23 -6.66 -55.80
C ASN D 59 -4.34 -7.48 -54.52
N MET D 60 -4.43 -8.80 -54.65
CA MET D 60 -4.54 -9.66 -53.48
C MET D 60 -3.26 -9.64 -52.67
N ALA D 61 -2.11 -9.62 -53.35
CA ALA D 61 -0.82 -9.70 -52.69
C ALA D 61 -0.52 -8.50 -51.80
N LEU D 62 -1.23 -7.39 -51.98
CA LEU D 62 -0.96 -6.16 -51.25
C LEU D 62 -1.74 -6.08 -49.93
N ASP D 63 -2.21 -7.20 -49.42
CA ASP D 63 -3.00 -7.26 -48.20
C ASP D 63 -2.17 -6.89 -46.97
N ASP D 64 -2.56 -5.83 -46.27
CA ASP D 64 -1.89 -5.36 -45.05
C ASP D 64 -2.77 -5.45 -43.82
N ILE D 65 -3.91 -6.14 -43.88
CA ILE D 65 -4.85 -6.10 -42.76
C ILE D 65 -4.27 -6.89 -41.59
N HIS D 66 -4.27 -6.27 -40.42
CA HIS D 66 -3.86 -6.93 -39.19
C HIS D 66 -4.35 -6.12 -38.01
N ALA D 67 -4.18 -6.71 -36.83
CA ALA D 67 -4.44 -6.05 -35.56
C ALA D 67 -3.17 -6.12 -34.74
N GLN D 68 -2.87 -5.04 -34.02
CA GLN D 68 -1.68 -4.97 -33.19
C GLN D 68 -1.97 -4.16 -31.94
N ILE D 69 -1.25 -4.50 -30.87
CA ILE D 69 -1.30 -3.74 -29.62
C ILE D 69 -0.17 -2.74 -29.65
N VAL D 70 -0.50 -1.47 -29.83
CA VAL D 70 0.49 -0.41 -29.76
C VAL D 70 0.80 -0.13 -28.31
N THR D 71 2.08 -0.21 -27.96
CA THR D 71 2.57 -0.27 -26.60
C THR D 71 3.46 0.93 -26.32
N PRO D 72 3.35 1.59 -25.16
CA PRO D 72 4.20 2.75 -24.92
C PRO D 72 5.67 2.43 -24.85
N TRP D 73 6.05 1.20 -24.55
CA TRP D 73 7.45 0.85 -24.45
C TRP D 73 8.11 0.89 -25.82
N SER D 74 9.43 1.07 -25.79
CA SER D 74 10.28 1.01 -26.97
C SER D 74 11.31 -0.08 -26.75
N LEU D 75 11.73 -0.72 -27.83
CA LEU D 75 12.55 -1.91 -27.81
C LEU D 75 13.95 -1.58 -28.30
N VAL D 76 14.96 -2.00 -27.55
CA VAL D 76 16.35 -1.93 -27.98
C VAL D 76 16.73 -3.31 -28.51
N ASP D 77 17.19 -3.37 -29.76
CA ASP D 77 17.47 -4.62 -30.46
C ASP D 77 18.84 -4.52 -31.11
N ALA D 78 19.69 -5.51 -30.82
CA ALA D 78 21.01 -5.63 -31.40
C ALA D 78 21.15 -6.83 -32.31
N ASN D 79 20.05 -7.47 -32.69
CA ASN D 79 20.12 -8.68 -33.50
C ASN D 79 20.28 -8.36 -34.98
N ALA D 80 21.44 -7.79 -35.30
CA ALA D 80 21.81 -7.55 -36.68
C ALA D 80 23.31 -7.45 -36.76
N TRP D 81 23.87 -7.92 -37.89
CA TRP D 81 25.32 -8.01 -38.01
C TRP D 81 25.97 -6.64 -37.96
N GLY D 82 25.37 -5.65 -38.60
CA GLY D 82 25.99 -4.34 -38.70
C GLY D 82 26.14 -3.63 -37.37
N VAL D 83 25.37 -4.04 -36.36
CA VAL D 83 25.54 -3.49 -35.03
C VAL D 83 26.92 -3.84 -34.49
N TRP D 84 27.41 -5.03 -34.82
CA TRP D 84 28.56 -5.63 -34.16
C TRP D 84 29.85 -5.51 -34.95
N PHE D 85 29.81 -5.61 -36.27
CA PHE D 85 30.98 -5.68 -37.13
C PHE D 85 30.97 -4.60 -38.19
N ASN D 86 32.15 -4.04 -38.45
CA ASN D 86 32.39 -3.12 -39.56
C ASN D 86 32.93 -3.92 -40.73
N PRO D 87 33.01 -3.34 -41.94
CA PRO D 87 33.39 -4.15 -43.11
C PRO D 87 34.75 -4.81 -43.03
N GLY D 88 35.72 -4.22 -42.34
CA GLY D 88 37.00 -4.87 -42.21
C GLY D 88 36.95 -6.12 -41.35
N ASP D 89 36.18 -6.07 -40.27
CA ASP D 89 36.07 -7.22 -39.40
C ASP D 89 35.35 -8.34 -40.12
N TRP D 90 34.32 -8.00 -40.88
CA TRP D 90 33.61 -8.99 -41.67
C TRP D 90 34.51 -9.55 -42.76
N GLN D 91 35.38 -8.73 -43.34
CA GLN D 91 36.33 -9.22 -44.32
C GLN D 91 37.21 -10.29 -43.72
N LEU D 92 37.75 -10.01 -42.53
CA LEU D 92 38.59 -10.98 -41.85
C LEU D 92 37.84 -12.26 -41.57
N ILE D 93 36.59 -12.14 -41.13
CA ILE D 93 35.78 -13.31 -40.80
C ILE D 93 35.54 -14.16 -42.06
N VAL D 94 35.04 -13.53 -43.12
CA VAL D 94 34.63 -14.32 -44.27
C VAL D 94 35.83 -14.86 -45.02
N ASN D 95 36.95 -14.15 -45.04
CA ASN D 95 38.13 -14.61 -45.74
C ASN D 95 38.97 -15.61 -44.97
N THR D 96 38.82 -15.70 -43.64
CA THR D 96 39.72 -16.51 -42.81
C THR D 96 39.04 -17.68 -42.13
N MET D 97 37.75 -17.56 -41.83
CA MET D 97 37.05 -18.53 -41.00
C MET D 97 36.32 -19.55 -41.85
N SER D 98 36.19 -20.77 -41.32
CA SER D 98 35.44 -21.86 -41.93
C SER D 98 34.06 -22.03 -41.32
N GLU D 99 33.93 -21.83 -40.01
CA GLU D 99 32.64 -21.93 -39.34
C GLU D 99 32.61 -20.99 -38.17
N LEU D 100 31.40 -20.68 -37.70
CA LEU D 100 31.15 -19.65 -36.71
C LEU D 100 30.12 -20.15 -35.71
N HIS D 101 30.40 -19.95 -34.42
CA HIS D 101 29.54 -20.38 -33.31
C HIS D 101 29.20 -19.17 -32.46
N LEU D 102 27.96 -19.10 -32.02
CA LEU D 102 27.52 -18.07 -31.09
C LEU D 102 27.77 -18.55 -29.67
N VAL D 103 28.30 -17.66 -28.81
CA VAL D 103 28.77 -18.03 -27.48
C VAL D 103 28.00 -17.27 -26.40
N SER D 104 28.03 -15.94 -26.43
CA SER D 104 27.43 -15.16 -25.35
C SER D 104 27.05 -13.77 -25.81
N PHE D 105 26.10 -13.18 -25.10
CA PHE D 105 25.63 -11.82 -25.35
C PHE D 105 25.26 -11.17 -24.04
N GLU D 106 25.64 -9.91 -23.86
CA GLU D 106 25.30 -9.15 -22.66
C GLU D 106 25.06 -7.71 -23.06
N GLN D 107 24.39 -6.98 -22.16
CA GLN D 107 24.00 -5.60 -22.40
C GLN D 107 24.16 -4.78 -21.14
N GLU D 108 24.37 -3.49 -21.33
CA GLU D 108 24.34 -2.51 -20.26
C GLU D 108 23.70 -1.25 -20.80
N ILE D 109 22.78 -0.67 -20.04
CA ILE D 109 22.36 0.71 -20.20
C ILE D 109 23.07 1.51 -19.12
N PHE D 110 23.75 2.57 -19.52
CA PHE D 110 24.60 3.34 -18.62
C PHE D 110 24.59 4.80 -19.06
N ASN D 111 24.92 5.68 -18.12
CA ASN D 111 24.94 7.13 -18.34
C ASN D 111 23.59 7.63 -18.85
N VAL D 112 22.54 7.32 -18.11
CA VAL D 112 21.21 7.81 -18.45
C VAL D 112 21.17 9.30 -18.18
N VAL D 113 20.70 10.05 -19.17
CA VAL D 113 20.42 11.48 -19.05
C VAL D 113 18.94 11.66 -19.29
N LEU D 114 18.29 12.45 -18.44
CA LEU D 114 16.90 12.83 -18.59
C LEU D 114 16.84 14.34 -18.73
N LYS D 115 16.12 14.81 -19.75
CA LYS D 115 16.00 16.23 -20.04
C LYS D 115 14.56 16.57 -20.35
N THR D 116 14.20 17.82 -20.06
CA THR D 116 12.89 18.38 -20.34
C THR D 116 13.05 19.67 -21.13
N VAL D 117 12.05 19.95 -21.95
CA VAL D 117 12.02 21.14 -22.80
C VAL D 117 10.93 22.07 -22.30
N SER D 118 11.23 23.36 -22.28
CA SER D 118 10.28 24.42 -21.97
C SER D 118 10.26 25.42 -23.11
N GLU D 119 9.07 25.95 -23.37
CA GLU D 119 8.89 26.87 -24.50
C GLU D 119 9.57 28.21 -24.24
N THR D 126 10.49 29.37 -29.29
CA THR D 126 11.83 29.00 -28.75
C THR D 126 11.75 27.84 -27.77
N LYS D 127 12.89 27.17 -27.59
CA LYS D 127 13.04 26.06 -26.66
C LYS D 127 14.23 26.31 -25.76
N VAL D 128 14.12 25.89 -24.50
CA VAL D 128 15.23 25.88 -23.56
C VAL D 128 15.24 24.51 -22.88
N TYR D 129 16.44 23.96 -22.72
CA TYR D 129 16.65 22.56 -22.37
C TYR D 129 17.23 22.50 -20.98
N ASN D 130 16.59 21.72 -20.10
CA ASN D 130 16.95 21.62 -18.70
C ASN D 130 17.04 20.17 -18.29
N ASN D 131 17.88 19.90 -17.31
CA ASN D 131 18.00 18.57 -16.75
C ASN D 131 16.92 18.32 -15.71
N ASP D 132 16.50 17.07 -15.63
CA ASP D 132 15.64 16.56 -14.56
C ASP D 132 16.42 15.44 -13.90
N LEU D 133 17.17 15.78 -12.86
CA LEU D 133 17.92 14.77 -12.15
C LEU D 133 17.00 13.79 -11.44
N THR D 134 15.81 14.23 -11.04
CA THR D 134 14.90 13.36 -10.31
C THR D 134 14.23 12.33 -11.20
N ALA D 135 14.06 12.61 -12.49
CA ALA D 135 13.33 11.71 -13.37
C ALA D 135 14.12 10.43 -13.60
N SER D 136 13.40 9.40 -14.03
CA SER D 136 13.93 8.05 -14.13
C SER D 136 13.50 7.42 -15.45
N LEU D 137 14.41 6.64 -16.02
CA LEU D 137 14.11 5.82 -17.19
C LEU D 137 13.68 4.44 -16.71
N MET D 138 12.49 4.00 -17.12
CA MET D 138 12.05 2.65 -16.82
C MET D 138 12.70 1.68 -17.80
N VAL D 139 13.25 0.59 -17.27
CA VAL D 139 13.95 -0.42 -18.05
C VAL D 139 13.50 -1.80 -17.59
N ALA D 140 13.19 -2.66 -18.54
CA ALA D 140 12.64 -3.98 -18.26
C ALA D 140 13.30 -4.99 -19.16
N LEU D 141 13.76 -6.10 -18.59
CA LEU D 141 14.40 -7.19 -19.32
C LEU D 141 13.54 -8.44 -19.19
N ASP D 142 13.05 -8.93 -20.33
CA ASP D 142 12.23 -10.14 -20.37
C ASP D 142 13.14 -11.37 -20.42
N SER D 143 13.72 -11.70 -19.27
CA SER D 143 14.70 -12.77 -19.19
C SER D 143 14.09 -14.13 -19.48
N ASN D 144 12.84 -14.35 -19.07
CA ASN D 144 12.15 -15.62 -19.25
C ASN D 144 11.37 -15.71 -20.57
N ASN D 145 11.45 -14.69 -21.43
CA ASN D 145 10.74 -14.67 -22.71
C ASN D 145 9.24 -14.85 -22.52
N THR D 146 8.66 -14.08 -21.60
CA THR D 146 7.22 -14.05 -21.46
C THR D 146 6.54 -13.34 -22.62
N MET D 147 7.17 -12.29 -23.15
CA MET D 147 6.59 -11.47 -24.20
C MET D 147 6.82 -12.11 -25.56
N PRO D 148 6.00 -11.79 -26.57
CA PRO D 148 6.25 -12.35 -27.90
C PRO D 148 7.55 -11.82 -28.47
N PHE D 149 8.25 -12.67 -29.22
CA PHE D 149 9.51 -12.29 -29.82
C PHE D 149 9.26 -11.46 -31.07
N THR D 150 10.02 -10.38 -31.20
CA THR D 150 9.82 -9.39 -32.25
C THR D 150 11.18 -8.91 -32.74
N PRO D 151 11.84 -9.64 -33.64
CA PRO D 151 13.14 -9.19 -34.13
C PRO D 151 12.98 -8.00 -35.05
N ALA D 152 13.58 -6.87 -34.68
CA ALA D 152 13.41 -5.64 -35.42
C ALA D 152 14.09 -5.65 -36.78
N ALA D 153 14.95 -6.62 -37.06
CA ALA D 153 15.66 -6.64 -38.33
C ALA D 153 14.73 -6.85 -39.52
N MET D 154 13.61 -7.51 -39.31
CA MET D 154 12.67 -7.74 -40.40
C MET D 154 11.93 -6.48 -40.82
N ARG D 155 11.94 -5.42 -40.01
CA ARG D 155 11.53 -4.09 -40.43
C ARG D 155 12.70 -3.13 -40.60
N SER D 156 13.94 -3.58 -40.35
CA SER D 156 15.10 -2.71 -40.30
C SER D 156 14.89 -1.57 -39.31
N GLU D 157 14.66 -1.96 -38.06
CA GLU D 157 14.49 -1.03 -36.96
C GLU D 157 15.36 -1.41 -35.78
N THR D 158 16.54 -1.96 -36.04
CA THR D 158 17.51 -2.30 -35.01
C THR D 158 18.30 -1.05 -34.64
N LEU D 159 19.25 -1.23 -33.72
CA LEU D 159 20.23 -0.18 -33.43
C LEU D 159 21.02 0.14 -34.70
N GLY D 160 21.56 1.35 -34.73
CA GLY D 160 22.29 1.77 -35.90
C GLY D 160 23.60 1.04 -36.05
N PHE D 161 24.11 1.03 -37.28
CA PHE D 161 25.29 0.27 -37.65
C PHE D 161 26.58 1.09 -37.59
N TYR D 162 26.52 2.38 -37.23
CA TYR D 162 27.67 3.24 -37.11
C TYR D 162 27.98 3.49 -35.64
N PRO D 163 29.22 3.35 -35.16
CA PRO D 163 29.47 3.62 -33.74
C PRO D 163 29.18 5.04 -33.28
N TRP D 164 29.36 6.03 -34.14
CA TRP D 164 29.36 7.43 -33.71
C TRP D 164 27.99 8.10 -33.85
N LYS D 165 27.23 7.77 -34.87
CA LYS D 165 25.91 8.34 -35.01
C LYS D 165 25.01 7.86 -33.86
N PRO D 166 24.16 8.70 -33.30
CA PRO D 166 23.14 8.21 -32.38
C PRO D 166 22.05 7.43 -33.10
N THR D 167 21.29 6.68 -32.31
CA THR D 167 20.24 5.79 -32.80
C THR D 167 19.02 5.93 -31.92
N ILE D 168 17.92 5.30 -32.34
CA ILE D 168 16.63 5.34 -31.64
C ILE D 168 16.14 3.92 -31.41
N PRO D 169 15.38 3.63 -30.34
CA PRO D 169 14.75 2.32 -30.24
C PRO D 169 13.38 2.30 -30.90
N THR D 170 13.05 1.15 -31.48
CA THR D 170 11.79 1.01 -32.21
C THR D 170 10.61 1.01 -31.24
N PRO D 171 9.52 1.74 -31.51
CA PRO D 171 8.34 1.60 -30.64
C PRO D 171 7.76 0.21 -30.76
N TRP D 172 7.57 -0.43 -29.61
CA TRP D 172 7.22 -1.84 -29.61
C TRP D 172 5.75 -2.04 -29.88
N ARG D 173 5.45 -3.15 -30.55
CA ARG D 173 4.08 -3.54 -30.84
C ARG D 173 4.11 -5.03 -31.16
N TYR D 174 2.97 -5.69 -30.99
CA TYR D 174 2.86 -7.11 -31.24
C TYR D 174 1.47 -7.42 -31.76
N TYR D 175 1.37 -8.54 -32.47
CA TYR D 175 0.11 -8.90 -33.11
C TYR D 175 -0.92 -9.33 -32.10
N PHE D 176 -2.16 -9.00 -32.41
CA PHE D 176 -3.34 -9.36 -31.65
C PHE D 176 -4.21 -10.11 -32.65
N GLN D 177 -4.90 -11.15 -32.19
CA GLN D 177 -5.47 -12.09 -33.14
C GLN D 177 -6.59 -11.45 -33.95
N TRP D 178 -6.67 -11.84 -35.21
CA TRP D 178 -7.76 -11.43 -36.08
C TRP D 178 -8.09 -12.54 -37.06
N ASP D 179 -9.32 -12.52 -37.52
CA ASP D 179 -9.85 -13.46 -38.50
C ASP D 179 -10.13 -12.69 -39.78
N ARG D 180 -9.78 -13.28 -40.92
CA ARG D 180 -9.93 -12.59 -42.20
C ARG D 180 -10.02 -13.60 -43.32
N THR D 181 -10.78 -13.25 -44.35
CA THR D 181 -10.86 -14.01 -45.59
C THR D 181 -10.74 -13.03 -46.75
N LEU D 182 -9.95 -13.39 -47.75
CA LEU D 182 -9.74 -12.58 -48.95
C LEU D 182 -9.64 -13.55 -50.12
N ILE D 183 -10.78 -13.80 -50.76
CA ILE D 183 -10.87 -14.75 -51.85
C ILE D 183 -10.16 -14.08 -53.04
N PRO D 184 -9.16 -14.70 -53.67
CA PRO D 184 -8.41 -13.97 -54.69
C PRO D 184 -9.16 -13.82 -55.99
N SER D 185 -8.79 -12.80 -56.75
CA SER D 185 -9.43 -12.49 -58.02
C SER D 185 -8.44 -11.79 -58.94
N HIS D 186 -8.64 -12.00 -60.23
CA HIS D 186 -7.87 -11.34 -61.27
C HIS D 186 -8.61 -10.12 -61.78
N THR D 187 -7.87 -9.25 -62.47
CA THR D 187 -8.51 -8.16 -63.17
C THR D 187 -9.42 -8.73 -64.24
N GLY D 188 -10.64 -8.24 -64.30
CA GLY D 188 -11.65 -8.80 -65.17
C GLY D 188 -12.51 -9.88 -64.58
N THR D 189 -12.45 -10.08 -63.26
CA THR D 189 -13.42 -10.94 -62.61
C THR D 189 -14.79 -10.27 -62.62
N SER D 190 -15.83 -11.08 -62.45
CA SER D 190 -17.20 -10.58 -62.64
C SER D 190 -17.56 -9.53 -61.60
N GLY D 191 -17.14 -9.72 -60.36
CA GLY D 191 -17.56 -8.82 -59.29
C GLY D 191 -16.62 -8.95 -58.11
N THR D 192 -16.85 -8.08 -57.13
CA THR D 192 -15.99 -7.96 -55.98
C THR D 192 -16.03 -9.25 -55.16
N PRO D 193 -14.93 -9.96 -54.93
CA PRO D 193 -14.99 -11.18 -54.12
C PRO D 193 -15.04 -10.86 -52.64
N THR D 194 -15.20 -11.93 -51.86
CA THR D 194 -15.29 -11.83 -50.41
C THR D 194 -14.00 -11.29 -49.82
N ASN D 195 -14.05 -10.07 -49.28
CA ASN D 195 -12.91 -9.38 -48.70
C ASN D 195 -13.43 -8.74 -47.43
N ILE D 196 -13.37 -9.47 -46.32
CA ILE D 196 -14.01 -9.08 -45.08
C ILE D 196 -13.15 -9.43 -43.89
N TYR D 197 -13.26 -8.61 -42.86
CA TYR D 197 -12.52 -8.72 -41.62
C TYR D 197 -13.48 -9.19 -40.55
N HIS D 198 -13.17 -10.34 -39.94
CA HIS D 198 -14.11 -11.04 -39.09
C HIS D 198 -13.89 -10.78 -37.61
N GLY D 199 -13.09 -9.80 -37.25
CA GLY D 199 -12.85 -9.51 -35.86
C GLY D 199 -11.91 -10.53 -35.26
N THR D 200 -12.12 -10.88 -33.99
CA THR D 200 -11.16 -11.62 -33.20
C THR D 200 -11.82 -12.84 -32.60
N ASP D 201 -11.14 -13.97 -32.68
CA ASP D 201 -11.62 -15.19 -32.05
C ASP D 201 -11.44 -15.05 -30.55
N PRO D 202 -12.47 -15.22 -29.72
CA PRO D 202 -12.23 -15.15 -28.28
C PRO D 202 -11.31 -16.22 -27.74
N ASP D 203 -11.17 -17.34 -28.44
CA ASP D 203 -10.29 -18.41 -27.99
C ASP D 203 -8.84 -18.00 -27.94
N ASP D 204 -8.44 -16.97 -28.69
CA ASP D 204 -7.06 -16.69 -29.02
C ASP D 204 -6.54 -15.35 -28.50
N VAL D 205 -7.32 -14.65 -27.69
CA VAL D 205 -6.92 -13.32 -27.24
C VAL D 205 -5.75 -13.45 -26.28
N GLN D 206 -4.74 -12.61 -26.49
CA GLN D 206 -3.59 -12.52 -25.60
C GLN D 206 -3.15 -11.07 -25.57
N PHE D 207 -3.39 -10.41 -24.44
CA PHE D 207 -3.04 -9.01 -24.23
C PHE D 207 -1.95 -8.95 -23.19
N TYR D 208 -0.74 -8.62 -23.63
CA TYR D 208 0.44 -8.60 -22.79
C TYR D 208 0.76 -7.18 -22.40
N THR D 209 1.23 -7.00 -21.18
CA THR D 209 1.74 -5.73 -20.70
C THR D 209 3.05 -5.98 -19.99
N ILE D 210 4.01 -5.08 -20.20
CA ILE D 210 5.32 -5.22 -19.56
C ILE D 210 5.16 -5.18 -18.05
N GLU D 211 4.22 -4.37 -17.55
CA GLU D 211 4.13 -4.16 -16.11
C GLU D 211 3.71 -5.43 -15.37
N ASN D 212 2.80 -6.20 -15.96
CA ASN D 212 2.31 -7.41 -15.31
C ASN D 212 3.20 -8.63 -15.53
N SER D 213 4.27 -8.51 -16.33
CA SER D 213 5.00 -9.65 -16.85
C SER D 213 6.49 -9.63 -16.56
N VAL D 214 7.11 -8.46 -16.49
CA VAL D 214 8.57 -8.31 -16.43
C VAL D 214 8.89 -7.46 -15.21
N PRO D 215 9.97 -7.71 -14.46
CA PRO D 215 10.38 -6.74 -13.43
C PRO D 215 10.95 -5.49 -14.07
N VAL D 216 10.48 -4.33 -13.61
CA VAL D 216 10.75 -3.05 -14.23
C VAL D 216 11.71 -2.30 -13.32
N HIS D 217 12.88 -1.95 -13.86
CA HIS D 217 13.87 -1.16 -13.14
C HIS D 217 13.73 0.30 -13.51
N LEU D 218 13.75 1.16 -12.50
CA LEU D 218 13.77 2.60 -12.69
C LEU D 218 15.19 3.08 -12.48
N LEU D 219 15.70 3.81 -13.47
CA LEU D 219 17.08 4.29 -13.48
C LEU D 219 17.08 5.80 -13.53
N ARG D 220 17.48 6.43 -12.43
CA ARG D 220 17.76 7.85 -12.44
C ARG D 220 19.12 8.07 -13.10
N THR D 221 19.56 9.32 -13.16
CA THR D 221 20.72 9.66 -13.98
C THR D 221 22.01 9.02 -13.52
N GLY D 222 22.09 8.53 -12.29
CA GLY D 222 23.29 7.90 -11.77
C GLY D 222 23.35 6.39 -11.89
N ASP D 223 22.36 5.76 -12.50
CA ASP D 223 22.15 4.33 -12.35
C ASP D 223 22.69 3.56 -13.54
N GLU D 224 22.71 2.23 -13.39
CA GLU D 224 23.12 1.29 -14.42
C GLU D 224 22.15 0.12 -14.41
N PHE D 225 22.09 -0.59 -15.54
CA PHE D 225 21.32 -1.82 -15.62
C PHE D 225 22.09 -2.78 -16.53
N ALA D 226 22.79 -3.73 -15.91
CA ALA D 226 23.57 -4.71 -16.63
C ALA D 226 22.76 -5.99 -16.82
N THR D 227 22.42 -6.31 -18.06
CA THR D 227 21.94 -7.64 -18.38
C THR D 227 23.09 -8.61 -18.18
N GLY D 228 22.87 -9.63 -17.36
CA GLY D 228 23.90 -10.63 -17.17
C GLY D 228 24.17 -11.40 -18.45
N THR D 229 25.35 -12.01 -18.49
CA THR D 229 25.76 -12.75 -19.68
C THR D 229 24.84 -13.93 -19.95
N PHE D 230 24.13 -13.87 -21.06
CA PHE D 230 23.39 -14.98 -21.61
C PHE D 230 24.34 -15.88 -22.37
N PHE D 231 24.02 -17.17 -22.43
CA PHE D 231 24.83 -18.17 -23.11
C PHE D 231 23.98 -18.94 -24.11
N PHE D 232 24.45 -19.00 -25.35
CA PHE D 232 23.81 -19.76 -26.40
C PHE D 232 24.33 -21.19 -26.40
N ASP D 233 23.65 -22.04 -27.16
CA ASP D 233 24.07 -23.41 -27.39
C ASP D 233 23.80 -23.83 -28.83
N CYS D 234 23.77 -22.89 -29.76
CA CYS D 234 23.33 -23.18 -31.12
C CYS D 234 24.40 -23.97 -31.88
N LYS D 235 23.94 -24.67 -32.91
CA LYS D 235 24.81 -25.44 -33.76
C LYS D 235 25.63 -24.50 -34.65
N PRO D 236 26.73 -24.98 -35.24
CA PRO D 236 27.56 -24.11 -36.08
C PRO D 236 26.85 -23.56 -37.31
N CYS D 237 27.33 -22.41 -37.76
CA CYS D 237 26.98 -21.83 -39.05
C CYS D 237 28.21 -21.93 -39.94
N ARG D 238 28.04 -22.55 -41.10
CA ARG D 238 29.15 -22.73 -42.02
C ARG D 238 29.32 -21.47 -42.85
N LEU D 239 30.56 -21.03 -43.00
CA LEU D 239 30.92 -19.87 -43.81
C LEU D 239 31.46 -20.30 -45.18
N THR D 240 30.97 -21.43 -45.69
CA THR D 240 31.43 -22.01 -46.94
C THR D 240 30.22 -22.58 -47.67
N HIS D 241 30.29 -22.58 -48.99
CA HIS D 241 29.17 -22.92 -49.86
C HIS D 241 29.49 -24.18 -50.66
N THR D 242 28.50 -25.05 -50.76
CA THR D 242 28.62 -26.24 -51.58
C THR D 242 28.33 -25.90 -53.03
N TRP D 243 29.21 -26.31 -53.93
CA TRP D 243 28.98 -26.14 -55.36
C TRP D 243 28.25 -27.31 -55.99
N GLN D 244 28.38 -28.51 -55.41
CA GLN D 244 27.88 -29.71 -56.06
C GLN D 244 26.37 -29.74 -56.13
N THR D 245 25.85 -30.29 -57.22
CA THR D 245 24.47 -30.69 -57.37
C THR D 245 24.45 -32.18 -57.64
N ASN D 246 23.27 -32.71 -57.97
CA ASN D 246 23.17 -34.14 -58.23
C ASN D 246 23.93 -34.58 -59.46
N ARG D 247 24.32 -33.67 -60.35
CA ARG D 247 25.22 -33.99 -61.45
C ARG D 247 26.69 -34.12 -61.03
N ALA D 248 26.99 -34.08 -59.73
CA ALA D 248 28.34 -34.34 -59.25
C ALA D 248 28.33 -34.88 -57.82
N PHE D 309 1.26 -18.41 -52.77
CA PHE D 309 0.46 -17.76 -51.69
C PHE D 309 -0.56 -18.72 -51.11
N GLU D 310 -0.64 -18.74 -49.79
CA GLU D 310 -1.55 -19.60 -49.04
C GLU D 310 -2.22 -18.79 -47.96
N ALA D 311 -3.44 -19.21 -47.60
CA ALA D 311 -4.30 -18.49 -46.68
C ALA D 311 -4.59 -19.34 -45.46
N SER D 312 -4.72 -18.68 -44.32
CA SER D 312 -5.20 -19.30 -43.10
C SER D 312 -6.11 -18.27 -42.43
N THR D 313 -6.34 -18.44 -41.13
CA THR D 313 -7.26 -17.59 -40.38
C THR D 313 -6.97 -16.11 -40.54
N GLN D 314 -5.70 -15.73 -40.61
CA GLN D 314 -5.32 -14.32 -40.66
C GLN D 314 -5.26 -13.72 -42.06
N GLY D 315 -5.44 -14.52 -43.11
CA GLY D 315 -5.39 -14.05 -44.48
C GLY D 315 -4.19 -14.57 -45.22
N PRO D 316 -3.98 -14.13 -46.45
CA PRO D 316 -2.95 -14.74 -47.28
C PRO D 316 -1.53 -14.40 -46.87
N PHE D 317 -0.62 -15.34 -47.15
CA PHE D 317 0.80 -15.15 -46.94
C PHE D 317 1.56 -16.02 -47.92
N LYS D 318 2.81 -15.64 -48.18
CA LYS D 318 3.65 -16.37 -49.12
C LYS D 318 4.28 -17.57 -48.44
N THR D 319 4.32 -18.68 -49.15
CA THR D 319 4.97 -19.88 -48.64
C THR D 319 6.47 -19.71 -48.80
N PRO D 320 7.28 -19.66 -47.73
CA PRO D 320 8.69 -19.36 -47.92
C PRO D 320 9.43 -20.52 -48.56
N ILE D 321 10.58 -20.20 -49.13
CA ILE D 321 11.44 -21.14 -49.83
C ILE D 321 12.84 -21.04 -49.23
N ALA D 322 13.52 -22.17 -49.12
CA ALA D 322 14.77 -22.25 -48.40
C ALA D 322 15.99 -21.87 -49.23
N ALA D 323 15.93 -21.98 -50.54
CA ALA D 323 17.08 -21.68 -51.38
C ALA D 323 16.61 -21.25 -52.76
N GLY D 324 16.99 -20.04 -53.16
CA GLY D 324 16.63 -19.51 -54.46
C GLY D 324 17.56 -19.99 -55.53
N ARG D 325 17.39 -19.43 -56.72
CA ARG D 325 18.18 -19.80 -57.88
C ARG D 325 19.66 -19.47 -57.66
N ALA D 336 15.24 -13.45 -59.14
CA ALA D 336 14.50 -14.74 -58.95
C ALA D 336 13.74 -14.74 -57.63
N ASP D 337 13.00 -15.82 -57.39
CA ASP D 337 12.33 -16.05 -56.12
C ASP D 337 13.21 -16.86 -55.19
N GLY D 338 13.01 -16.66 -53.90
CA GLY D 338 13.80 -17.32 -52.87
C GLY D 338 15.07 -16.62 -52.47
N ASN D 339 15.47 -15.57 -53.18
CA ASN D 339 16.66 -14.79 -52.83
C ASN D 339 16.22 -13.56 -52.08
N PRO D 340 16.61 -13.33 -50.83
CA PRO D 340 15.97 -12.29 -50.05
C PRO D 340 16.34 -10.89 -50.52
N ARG D 341 15.33 -10.01 -50.53
CA ARG D 341 15.50 -8.61 -50.86
C ARG D 341 15.36 -7.80 -49.59
N TYR D 342 16.37 -6.99 -49.29
CA TYR D 342 16.46 -6.22 -48.06
C TYR D 342 16.29 -4.75 -48.37
N ALA D 343 15.35 -4.10 -47.71
CA ALA D 343 15.08 -2.68 -47.85
C ALA D 343 15.37 -2.00 -46.51
N PHE D 344 16.20 -0.96 -46.55
CA PHE D 344 16.78 -0.39 -45.34
C PHE D 344 16.96 1.12 -45.49
N GLY D 345 17.13 1.78 -44.35
CA GLY D 345 17.24 3.23 -44.29
C GLY D 345 18.64 3.71 -43.96
N ARG D 346 18.70 4.99 -43.57
CA ARG D 346 19.98 5.66 -43.39
C ARG D 346 20.67 5.34 -42.07
N GLN D 347 19.94 4.82 -41.09
CA GLN D 347 20.63 4.22 -39.95
C GLN D 347 21.33 2.94 -40.35
N HIS D 348 20.78 2.21 -41.31
CA HIS D 348 21.09 0.81 -41.54
C HIS D 348 21.69 0.56 -42.92
N GLY D 349 22.45 1.51 -43.45
CA GLY D 349 23.32 1.25 -44.58
C GLY D 349 23.15 2.15 -45.79
N GLN D 350 22.02 2.82 -45.91
CA GLN D 350 21.81 3.72 -47.03
C GLN D 350 22.78 4.88 -46.93
N LYS D 351 23.13 5.45 -48.07
CA LYS D 351 24.02 6.61 -48.11
C LYS D 351 23.41 7.73 -47.28
N THR D 352 24.06 8.06 -46.16
CA THR D 352 23.40 8.83 -45.10
C THR D 352 23.08 10.27 -45.51
N THR D 353 23.73 10.80 -46.55
CA THR D 353 23.44 12.13 -47.05
C THR D 353 22.47 12.14 -48.22
N THR D 354 21.79 11.03 -48.50
CA THR D 354 20.75 11.04 -49.50
C THR D 354 19.55 11.82 -49.00
N THR D 355 18.64 12.10 -49.93
CA THR D 355 17.40 12.82 -49.65
C THR D 355 16.24 11.97 -50.10
N GLY D 356 15.08 12.20 -49.48
CA GLY D 356 13.88 11.49 -49.82
C GLY D 356 13.70 10.21 -49.02
N GLU D 357 12.46 9.73 -49.01
CA GLU D 357 12.07 8.61 -48.18
C GLU D 357 12.39 7.25 -48.79
N THR D 358 12.85 7.21 -50.04
CA THR D 358 13.00 5.96 -50.78
C THR D 358 14.02 5.04 -50.10
N PRO D 359 13.65 3.82 -49.70
CA PRO D 359 14.66 2.92 -49.14
C PRO D 359 15.68 2.50 -50.19
N GLU D 360 16.89 2.26 -49.72
CA GLU D 360 17.90 1.59 -50.52
C GLU D 360 17.71 0.09 -50.42
N ARG D 361 17.97 -0.60 -51.52
CA ARG D 361 17.60 -2.00 -51.65
C ARG D 361 18.70 -2.80 -52.32
N PHE D 362 18.88 -4.03 -51.85
CA PHE D 362 19.64 -5.04 -52.55
C PHE D 362 18.88 -6.35 -52.53
N THR D 363 19.23 -7.21 -53.47
CA THR D 363 18.81 -8.61 -53.48
C THR D 363 20.06 -9.47 -53.29
N TYR D 364 19.98 -10.43 -52.38
CA TYR D 364 21.12 -11.24 -51.98
C TYR D 364 21.20 -12.46 -52.89
N ILE D 365 22.08 -12.38 -53.89
CA ILE D 365 22.38 -13.53 -54.74
C ILE D 365 23.44 -14.37 -54.04
N ALA D 366 23.00 -15.35 -53.26
CA ALA D 366 23.93 -16.19 -52.53
C ALA D 366 24.68 -17.09 -53.48
N HIS D 367 25.86 -17.52 -53.04
CA HIS D 367 26.71 -18.35 -53.89
C HIS D 367 26.25 -19.79 -53.98
N GLN D 368 25.53 -20.30 -52.99
CA GLN D 368 25.27 -21.73 -52.88
C GLN D 368 24.41 -22.20 -54.04
N ASP D 369 24.92 -23.17 -54.78
CA ASP D 369 24.36 -23.57 -56.06
C ASP D 369 23.39 -24.75 -55.94
N THR D 370 22.85 -25.00 -54.76
CA THR D 370 21.91 -26.11 -54.56
C THR D 370 20.49 -25.80 -55.04
N GLY D 371 20.20 -24.56 -55.44
CA GLY D 371 18.84 -24.21 -55.81
C GLY D 371 18.50 -24.65 -57.23
N ARG D 372 17.24 -25.08 -57.41
CA ARG D 372 16.78 -25.59 -58.68
C ARG D 372 16.44 -24.44 -59.63
N TYR D 373 16.18 -24.81 -60.88
CA TYR D 373 16.06 -23.87 -62.00
C TYR D 373 14.85 -24.29 -62.84
N PRO D 374 13.66 -23.74 -62.60
CA PRO D 374 12.46 -24.37 -63.15
C PRO D 374 12.33 -24.31 -64.66
N GLU D 375 13.04 -23.41 -65.33
CA GLU D 375 12.89 -23.28 -66.77
C GLU D 375 13.46 -24.47 -67.54
N GLY D 376 14.24 -25.34 -66.90
CA GLY D 376 14.84 -26.48 -67.54
C GLY D 376 14.37 -27.83 -67.06
N ASP D 377 13.28 -27.91 -66.31
CA ASP D 377 12.77 -29.14 -65.73
C ASP D 377 11.59 -29.65 -66.53
N TRP D 378 11.51 -30.97 -66.69
CA TRP D 378 10.41 -31.60 -67.40
C TRP D 378 10.06 -32.93 -66.77
N ILE D 379 8.80 -33.30 -66.94
CA ILE D 379 8.25 -34.59 -66.55
C ILE D 379 7.99 -35.35 -67.83
N GLN D 380 8.25 -36.65 -67.82
CA GLN D 380 7.89 -37.47 -68.97
C GLN D 380 7.41 -38.84 -68.54
N ASN D 381 6.75 -39.50 -69.48
CA ASN D 381 5.98 -40.70 -69.22
C ASN D 381 6.88 -41.86 -68.82
N ILE D 382 6.28 -42.83 -68.13
CA ILE D 382 7.02 -43.98 -67.62
C ILE D 382 7.61 -44.81 -68.74
N ASN D 383 7.02 -44.78 -69.93
CA ASN D 383 7.54 -45.61 -71.02
C ASN D 383 8.93 -45.17 -71.46
N PHE D 384 9.24 -43.88 -71.33
CA PHE D 384 10.60 -43.36 -71.51
C PHE D 384 11.14 -43.66 -72.91
N ASN D 385 10.28 -43.52 -73.91
CA ASN D 385 10.76 -43.50 -75.28
C ASN D 385 11.59 -42.23 -75.51
N LEU D 386 12.72 -42.37 -76.22
CA LEU D 386 13.77 -41.37 -76.11
C LEU D 386 13.37 -40.05 -76.78
N PRO D 387 13.11 -39.98 -78.08
CA PRO D 387 12.57 -38.72 -78.62
C PRO D 387 11.10 -38.61 -78.26
N VAL D 388 10.78 -37.71 -77.32
CA VAL D 388 9.45 -37.70 -76.73
C VAL D 388 8.44 -37.13 -77.70
N THR D 389 7.29 -37.80 -77.80
CA THR D 389 6.12 -37.23 -78.44
C THR D 389 5.41 -36.31 -77.46
N ASN D 390 4.43 -35.54 -77.97
CA ASN D 390 3.92 -34.40 -77.23
C ASN D 390 3.17 -34.80 -75.97
N ASP D 391 2.26 -35.76 -76.06
CA ASP D 391 1.48 -36.12 -74.88
C ASP D 391 2.28 -36.88 -73.84
N ASN D 392 3.53 -37.27 -74.12
CA ASN D 392 4.38 -38.00 -73.20
C ASN D 392 5.36 -37.13 -72.43
N VAL D 393 5.38 -35.81 -72.65
CA VAL D 393 6.27 -34.90 -71.94
C VAL D 393 5.48 -33.69 -71.48
N LEU D 394 5.78 -33.23 -70.27
CA LEU D 394 5.29 -31.98 -69.73
C LEU D 394 6.47 -31.05 -69.57
N LEU D 395 6.36 -29.86 -70.15
CA LEU D 395 7.41 -28.86 -70.20
C LEU D 395 7.00 -27.64 -69.40
N PRO D 396 7.92 -26.73 -69.09
CA PRO D 396 7.50 -25.43 -68.56
C PRO D 396 6.75 -24.58 -69.56
N THR D 397 6.86 -24.86 -70.86
CA THR D 397 6.14 -24.11 -71.88
C THR D 397 4.64 -24.38 -71.90
N ASP D 398 4.17 -25.40 -71.19
CA ASP D 398 2.83 -25.93 -71.37
C ASP D 398 1.86 -25.29 -70.38
N PRO D 399 0.67 -24.84 -70.77
CA PRO D 399 -0.29 -24.36 -69.78
C PRO D 399 -0.73 -25.45 -68.81
N ILE D 400 -0.96 -25.04 -67.57
CA ILE D 400 -1.72 -25.80 -66.59
C ILE D 400 -2.86 -24.92 -66.10
N GLY D 401 -4.05 -25.50 -66.01
CA GLY D 401 -5.23 -24.71 -65.75
C GLY D 401 -5.62 -23.79 -66.88
N GLY D 402 -5.15 -24.05 -68.10
CA GLY D 402 -5.43 -23.19 -69.23
C GLY D 402 -4.69 -21.88 -69.23
N LYS D 403 -3.86 -21.60 -68.24
CA LYS D 403 -3.18 -20.33 -68.13
C LYS D 403 -1.93 -20.33 -68.99
N THR D 404 -1.84 -19.37 -69.91
CA THR D 404 -0.65 -19.23 -70.74
C THR D 404 0.60 -18.96 -69.90
N GLY D 405 0.45 -18.27 -68.78
CA GLY D 405 1.56 -17.80 -67.99
C GLY D 405 1.97 -18.64 -66.80
N ILE D 406 1.24 -19.72 -66.50
CA ILE D 406 1.55 -20.59 -65.37
C ILE D 406 1.69 -22.01 -65.89
N ASN D 407 2.73 -22.69 -65.41
CA ASN D 407 3.09 -24.03 -65.86
C ASN D 407 3.30 -24.89 -64.63
N TYR D 408 3.63 -26.15 -64.87
CA TYR D 408 3.60 -27.15 -63.81
C TYR D 408 4.62 -26.88 -62.71
N THR D 409 5.69 -26.16 -63.02
CA THR D 409 6.73 -25.92 -62.02
C THR D 409 6.25 -25.06 -60.87
N ASN D 410 5.17 -24.31 -61.06
CA ASN D 410 4.66 -23.50 -59.97
C ASN D 410 3.97 -24.36 -58.92
N ILE D 411 3.29 -25.42 -59.34
CA ILE D 411 2.65 -26.35 -58.41
C ILE D 411 3.58 -27.45 -57.91
N PHE D 412 4.70 -27.67 -58.60
CA PHE D 412 5.53 -28.85 -58.37
C PHE D 412 6.30 -28.73 -57.06
N ASN D 413 6.26 -29.79 -56.26
CA ASN D 413 7.01 -29.89 -55.02
C ASN D 413 7.75 -31.22 -55.02
N THR D 414 9.06 -31.15 -54.79
CA THR D 414 9.97 -32.29 -54.84
C THR D 414 10.41 -32.77 -53.46
N TYR D 415 10.12 -32.00 -52.41
CA TYR D 415 10.66 -32.28 -51.08
C TYR D 415 10.22 -33.65 -50.58
N GLY D 416 11.20 -34.44 -50.15
CA GLY D 416 11.00 -35.81 -49.83
C GLY D 416 12.06 -36.28 -48.86
N PRO D 417 12.12 -37.57 -48.58
CA PRO D 417 13.12 -38.05 -47.63
C PRO D 417 14.55 -37.87 -48.09
N LEU D 418 14.80 -37.77 -49.39
CA LEU D 418 16.15 -37.67 -49.91
C LEU D 418 16.72 -36.26 -49.90
N THR D 419 15.88 -35.23 -49.70
CA THR D 419 16.31 -33.86 -49.92
C THR D 419 17.32 -33.41 -48.87
N ALA D 420 18.34 -32.69 -49.31
CA ALA D 420 19.36 -32.10 -48.45
C ALA D 420 19.47 -30.62 -48.75
N LEU D 421 19.63 -29.81 -47.70
CA LEU D 421 19.69 -28.36 -47.81
C LEU D 421 20.80 -27.81 -46.92
N ASN D 422 21.32 -26.66 -47.31
CA ASN D 422 22.22 -25.89 -46.47
C ASN D 422 21.44 -24.87 -45.64
N ASN D 423 21.97 -24.57 -44.46
CA ASN D 423 21.43 -23.50 -43.64
C ASN D 423 21.70 -22.15 -44.30
N VAL D 424 20.86 -21.18 -44.00
CA VAL D 424 20.87 -19.90 -44.75
C VAL D 424 22.16 -19.13 -44.43
N PRO D 425 22.73 -18.38 -45.39
CA PRO D 425 23.97 -17.67 -45.10
C PRO D 425 23.71 -16.43 -44.26
N PRO D 426 24.73 -15.93 -43.53
CA PRO D 426 24.59 -14.59 -42.97
C PRO D 426 24.48 -13.53 -44.06
N VAL D 427 23.74 -12.47 -43.78
CA VAL D 427 23.57 -11.34 -44.69
C VAL D 427 24.10 -10.10 -43.96
N TYR D 428 25.34 -9.72 -44.28
CA TYR D 428 25.89 -8.49 -43.75
C TYR D 428 25.30 -7.31 -44.50
N PRO D 429 24.97 -6.19 -43.85
CA PRO D 429 24.85 -5.88 -42.42
C PRO D 429 23.44 -6.10 -41.88
N ASN D 430 22.45 -6.30 -42.75
CA ASN D 430 21.05 -6.21 -42.35
C ASN D 430 20.50 -7.50 -41.76
N GLY D 431 21.13 -8.64 -41.98
CA GLY D 431 20.53 -9.89 -41.59
C GLY D 431 20.56 -10.11 -40.10
N GLN D 432 19.62 -10.95 -39.64
CA GLN D 432 19.60 -11.33 -38.24
C GLN D 432 20.77 -12.24 -37.91
N ILE D 433 21.06 -12.33 -36.62
CA ILE D 433 22.05 -13.26 -36.08
C ILE D 433 21.38 -14.49 -35.52
N TRP D 434 20.41 -14.29 -34.63
CA TRP D 434 19.70 -15.37 -33.96
C TRP D 434 18.19 -15.17 -34.12
N ASP D 435 17.45 -16.26 -34.00
CA ASP D 435 16.00 -16.20 -33.91
C ASP D 435 15.53 -17.24 -32.91
N LYS D 436 14.35 -17.01 -32.34
CA LYS D 436 13.81 -17.92 -31.35
C LYS D 436 13.19 -19.11 -32.06
N GLU D 437 13.44 -20.30 -31.55
CA GLU D 437 12.81 -21.48 -32.11
C GLU D 437 11.32 -21.45 -31.82
N PHE D 438 10.54 -21.96 -32.77
CA PHE D 438 9.10 -22.06 -32.59
C PHE D 438 8.79 -22.98 -31.41
N ASP D 439 7.72 -22.65 -30.71
CA ASP D 439 7.21 -23.45 -29.60
C ASP D 439 6.19 -24.48 -30.06
N THR D 440 6.23 -24.85 -31.34
CA THR D 440 5.38 -25.90 -31.85
C THR D 440 5.90 -27.24 -31.34
N ASP D 441 5.06 -28.26 -31.48
CA ASP D 441 5.47 -29.59 -31.08
C ASP D 441 6.54 -30.15 -32.01
N LEU D 442 6.45 -29.83 -33.30
CA LEU D 442 7.41 -30.24 -34.32
C LEU D 442 8.04 -29.00 -34.92
N LYS D 443 9.32 -28.96 -34.93
CA LYS D 443 10.07 -27.75 -35.24
C LYS D 443 10.38 -27.67 -36.73
N PRO D 444 10.52 -26.48 -37.31
CA PRO D 444 11.05 -26.40 -38.67
C PRO D 444 12.52 -26.77 -38.67
N ARG D 445 12.97 -27.35 -39.79
CA ARG D 445 14.36 -27.78 -39.87
C ARG D 445 15.32 -26.61 -40.03
N LEU D 446 14.89 -25.49 -40.57
CA LEU D 446 15.69 -24.28 -40.55
C LEU D 446 14.78 -23.08 -40.57
N HIS D 447 15.34 -21.94 -40.20
CA HIS D 447 14.67 -20.64 -40.28
C HIS D 447 15.33 -19.84 -41.38
N VAL D 448 14.52 -19.15 -42.17
CA VAL D 448 15.08 -18.39 -43.28
C VAL D 448 15.74 -17.10 -42.80
N ASN D 449 15.22 -16.48 -41.75
CA ASN D 449 15.59 -15.10 -41.45
C ASN D 449 16.89 -14.97 -40.67
N ALA D 450 17.35 -16.02 -39.99
CA ALA D 450 18.56 -15.97 -39.17
C ALA D 450 19.40 -17.22 -39.40
N PRO D 451 20.74 -17.14 -39.29
CA PRO D 451 21.52 -18.39 -39.39
C PRO D 451 21.51 -19.24 -38.13
N PHE D 452 21.40 -18.63 -36.95
CA PHE D 452 21.34 -19.35 -35.68
C PHE D 452 19.92 -19.32 -35.15
N VAL D 453 19.54 -20.39 -34.46
CA VAL D 453 18.21 -20.55 -33.90
C VAL D 453 18.35 -20.98 -32.45
N CYS D 454 17.93 -20.10 -31.54
CA CYS D 454 17.87 -20.40 -30.12
C CYS D 454 16.91 -21.55 -29.85
N GLN D 455 17.41 -22.68 -29.38
CA GLN D 455 16.53 -23.83 -29.12
C GLN D 455 15.77 -23.68 -27.80
N ASN D 456 16.48 -23.71 -26.67
CA ASN D 456 15.79 -23.75 -25.40
C ASN D 456 15.32 -22.37 -24.97
N ASN D 457 16.15 -21.35 -25.14
CA ASN D 457 15.75 -19.97 -24.84
C ASN D 457 16.72 -19.04 -25.55
N CYS D 458 16.29 -17.79 -25.69
CA CYS D 458 16.96 -16.76 -26.49
C CYS D 458 17.15 -15.53 -25.61
N PRO D 459 18.01 -14.59 -26.01
CA PRO D 459 18.26 -13.43 -25.15
C PRO D 459 17.01 -12.58 -24.98
N GLY D 460 16.78 -12.16 -23.74
CA GLY D 460 15.60 -11.39 -23.42
C GLY D 460 15.55 -10.05 -24.12
N GLN D 461 14.41 -9.74 -24.72
CA GLN D 461 14.20 -8.43 -25.29
C GLN D 461 14.19 -7.38 -24.19
N LEU D 462 14.78 -6.22 -24.49
CA LEU D 462 14.99 -5.15 -23.52
C LEU D 462 14.12 -3.96 -23.88
N PHE D 463 13.23 -3.57 -22.97
CA PHE D 463 12.24 -2.54 -23.19
C PHE D 463 12.54 -1.32 -22.34
N VAL D 464 12.30 -0.14 -22.90
CA VAL D 464 12.62 1.14 -22.28
C VAL D 464 11.44 2.09 -22.42
N LYS D 465 11.33 3.01 -21.47
CA LYS D 465 10.22 3.94 -21.41
C LYS D 465 10.55 4.96 -20.33
N VAL D 466 10.55 6.23 -20.69
CA VAL D 466 10.73 7.27 -19.68
C VAL D 466 9.45 7.39 -18.86
N ALA D 467 9.60 7.44 -17.54
CA ALA D 467 8.44 7.39 -16.68
C ALA D 467 7.63 8.67 -16.82
N PRO D 468 6.32 8.64 -16.50
CA PRO D 468 5.53 9.87 -16.66
C PRO D 468 5.93 10.97 -15.70
N ASN D 469 6.45 12.07 -16.24
CA ASN D 469 6.66 13.30 -15.48
C ASN D 469 5.36 14.10 -15.54
N LEU D 470 4.55 13.98 -14.49
CA LEU D 470 3.25 14.61 -14.46
C LEU D 470 3.35 16.09 -14.12
N THR D 471 2.35 16.84 -14.58
CA THR D 471 2.13 18.22 -14.18
C THR D 471 1.22 18.27 -12.97
N ASN D 472 1.05 19.46 -12.40
CA ASN D 472 0.20 19.60 -11.23
C ASN D 472 -1.28 19.43 -11.55
N GLU D 473 -1.69 19.48 -12.82
CA GLU D 473 -3.08 19.53 -13.19
C GLU D 473 -3.72 18.15 -13.33
N TYR D 474 -3.01 17.09 -13.00
CA TYR D 474 -3.51 15.74 -13.25
C TYR D 474 -4.73 15.41 -12.40
N ASP D 475 -5.68 14.72 -13.01
CA ASP D 475 -6.89 14.25 -12.37
C ASP D 475 -7.31 12.96 -13.09
N PRO D 476 -7.16 11.77 -12.50
CA PRO D 476 -7.35 10.55 -13.29
C PRO D 476 -8.80 10.29 -13.67
N ASP D 477 -9.77 10.95 -13.05
CA ASP D 477 -11.15 10.82 -13.50
C ASP D 477 -11.40 11.54 -14.82
N ALA D 478 -10.54 12.48 -15.20
CA ALA D 478 -10.69 13.11 -16.50
C ALA D 478 -10.40 12.11 -17.61
N SER D 479 -11.22 12.15 -18.66
CA SER D 479 -11.10 11.17 -19.73
C SER D 479 -9.97 11.49 -20.70
N ALA D 480 -9.63 12.76 -20.86
CA ALA D 480 -8.60 13.15 -21.81
C ALA D 480 -7.24 12.63 -21.38
N ASN D 481 -6.32 12.56 -22.33
CA ASN D 481 -4.98 12.06 -22.06
C ASN D 481 -4.28 12.93 -21.03
N MET D 482 -3.49 12.29 -20.18
CA MET D 482 -2.86 12.99 -19.08
C MET D 482 -1.86 14.02 -19.59
N SER D 483 -1.78 15.14 -18.88
CA SER D 483 -0.79 16.16 -19.18
C SER D 483 0.56 15.73 -18.64
N ARG D 484 1.61 15.89 -19.44
CA ARG D 484 2.94 15.43 -19.10
C ARG D 484 3.98 16.47 -19.47
N ILE D 485 4.99 16.62 -18.63
CA ILE D 485 6.11 17.48 -18.97
C ILE D 485 6.85 16.80 -20.10
N VAL D 486 7.07 17.54 -21.19
CA VAL D 486 7.73 16.98 -22.36
C VAL D 486 9.13 16.59 -21.96
N THR D 487 9.39 15.29 -21.95
CA THR D 487 10.60 14.71 -21.42
C THR D 487 11.21 13.82 -22.49
N TYR D 488 12.53 13.83 -22.57
CA TYR D 488 13.24 12.93 -23.45
C TYR D 488 14.55 12.56 -22.79
N SER D 489 15.06 11.40 -23.19
CA SER D 489 16.25 10.81 -22.60
C SER D 489 17.22 10.43 -23.68
N ASP D 490 18.50 10.57 -23.37
CA ASP D 490 19.58 9.97 -24.12
C ASP D 490 20.37 9.10 -23.16
N PHE D 491 20.46 7.82 -23.47
CA PHE D 491 21.20 6.85 -22.66
C PHE D 491 22.12 6.06 -23.55
N TRP D 492 23.26 5.69 -22.98
CA TRP D 492 24.24 4.90 -23.70
C TRP D 492 23.98 3.43 -23.48
N TRP D 493 23.88 2.70 -24.58
CA TRP D 493 23.77 1.25 -24.58
C TRP D 493 25.13 0.69 -24.95
N LYS D 494 25.52 -0.38 -24.26
CA LYS D 494 26.71 -1.14 -24.58
C LYS D 494 26.32 -2.60 -24.63
N GLY D 495 26.95 -3.34 -25.55
CA GLY D 495 26.78 -4.77 -25.60
C GLY D 495 28.09 -5.45 -25.98
N LYS D 496 28.21 -6.70 -25.56
CA LYS D 496 29.34 -7.56 -25.90
C LYS D 496 28.80 -8.87 -26.43
N LEU D 497 29.05 -9.15 -27.70
CA LEU D 497 28.66 -10.38 -28.37
C LEU D 497 29.92 -11.16 -28.68
N VAL D 498 29.98 -12.40 -28.20
CA VAL D 498 31.14 -13.26 -28.33
C VAL D 498 30.80 -14.37 -29.32
N PHE D 499 31.69 -14.58 -30.28
CA PHE D 499 31.62 -15.71 -31.21
C PHE D 499 32.83 -16.59 -30.99
N LYS D 500 32.70 -17.83 -31.42
CA LYS D 500 33.81 -18.77 -31.53
C LYS D 500 33.85 -19.28 -32.96
N ALA D 501 34.99 -19.10 -33.62
CA ALA D 501 35.15 -19.38 -35.03
C ALA D 501 36.39 -20.23 -35.26
N LYS D 502 36.33 -21.02 -36.34
CA LYS D 502 37.41 -21.91 -36.74
C LYS D 502 38.11 -21.35 -37.97
N LEU D 503 39.44 -21.33 -37.93
CA LEU D 503 40.22 -20.93 -39.10
C LEU D 503 40.05 -21.94 -40.23
N ARG D 504 40.29 -21.46 -41.45
CA ARG D 504 40.20 -22.32 -42.62
C ARG D 504 41.58 -22.90 -42.94
N ALA D 505 41.57 -23.87 -43.86
CA ALA D 505 42.79 -24.49 -44.37
C ALA D 505 42.64 -24.71 -45.85
N SER D 506 43.75 -24.55 -46.57
CA SER D 506 43.77 -24.71 -48.02
C SER D 506 43.92 -26.19 -48.35
N HIS D 507 42.87 -26.77 -48.93
CA HIS D 507 42.90 -28.15 -49.42
C HIS D 507 43.21 -28.22 -50.90
N THR D 508 42.85 -27.19 -51.66
CA THR D 508 43.00 -27.20 -53.10
C THR D 508 44.37 -26.71 -53.52
N TRP D 509 44.68 -26.92 -54.79
CA TRP D 509 45.82 -26.25 -55.43
C TRP D 509 45.49 -24.81 -55.73
N ASN D 510 44.31 -24.55 -56.27
CA ASN D 510 43.95 -23.20 -56.68
C ASN D 510 43.55 -22.34 -55.49
N PRO D 511 43.65 -21.02 -55.59
CA PRO D 511 43.11 -20.16 -54.54
C PRO D 511 41.59 -20.08 -54.60
N ILE D 512 41.02 -19.51 -53.54
CA ILE D 512 39.59 -19.31 -53.43
C ILE D 512 39.26 -17.86 -53.70
N GLN D 513 37.97 -17.57 -53.86
CA GLN D 513 37.52 -16.20 -54.02
C GLN D 513 37.45 -15.51 -52.67
N GLN D 514 37.97 -14.29 -52.61
CA GLN D 514 38.06 -13.50 -51.39
C GLN D 514 37.56 -12.10 -51.67
N MET D 515 36.91 -11.49 -50.69
CA MET D 515 36.42 -10.13 -50.87
C MET D 515 37.55 -9.16 -50.63
N SER D 516 37.60 -8.11 -51.45
CA SER D 516 38.68 -7.16 -51.39
C SER D 516 38.19 -5.81 -51.86
N ILE D 517 38.92 -4.79 -51.47
CA ILE D 517 38.70 -3.45 -51.99
C ILE D 517 39.33 -3.38 -53.36
N ASN D 518 38.59 -2.84 -54.33
CA ASN D 518 39.02 -2.74 -55.71
C ASN D 518 38.63 -1.36 -56.20
N VAL D 519 39.01 -1.07 -57.44
CA VAL D 519 38.81 0.26 -58.02
C VAL D 519 37.33 0.60 -58.10
N ASP D 520 36.47 -0.41 -58.23
CA ASP D 520 35.03 -0.16 -58.27
C ASP D 520 34.47 0.14 -56.89
N ASN D 521 34.61 -0.79 -55.95
CA ASN D 521 33.91 -0.69 -54.68
C ASN D 521 34.58 0.22 -53.66
N GLN D 522 35.66 0.92 -54.04
CA GLN D 522 36.54 1.62 -53.11
C GLN D 522 35.82 2.62 -52.22
N PHE D 523 35.08 3.52 -52.82
CA PHE D 523 34.49 4.65 -52.11
C PHE D 523 33.23 4.28 -51.34
N ASN D 524 32.81 3.01 -51.37
CA ASN D 524 31.72 2.58 -50.51
C ASN D 524 32.13 2.47 -49.05
N TYR D 525 33.42 2.32 -48.77
CA TYR D 525 33.92 2.00 -47.43
C TYR D 525 34.53 3.17 -46.68
N VAL D 526 34.50 4.38 -47.25
CA VAL D 526 35.06 5.57 -46.60
C VAL D 526 34.10 6.74 -46.78
N PRO D 527 34.13 7.71 -45.87
CA PRO D 527 33.16 8.80 -45.96
C PRO D 527 33.45 9.71 -47.15
N SER D 528 32.52 10.65 -47.36
CA SER D 528 32.54 11.59 -48.45
C SER D 528 32.92 12.96 -47.95
N ASN D 529 32.79 13.96 -48.83
CA ASN D 529 33.12 15.34 -48.47
C ASN D 529 32.22 15.84 -47.34
N ILE D 530 30.92 15.55 -47.44
CA ILE D 530 29.93 16.00 -46.47
C ILE D 530 29.71 14.96 -45.37
N GLY D 531 30.62 13.99 -45.26
CA GLY D 531 30.60 13.09 -44.13
C GLY D 531 29.62 11.95 -44.22
N GLY D 532 29.19 11.60 -45.42
CA GLY D 532 28.18 10.58 -45.61
C GLY D 532 28.75 9.19 -45.75
N MET D 533 28.33 8.27 -44.88
CA MET D 533 28.74 6.89 -44.95
C MET D 533 27.72 6.05 -45.70
N LYS D 534 28.17 4.90 -46.21
CA LYS D 534 27.29 3.80 -46.54
C LYS D 534 27.95 2.51 -46.09
N ILE D 535 27.15 1.46 -45.96
CA ILE D 535 27.63 0.11 -45.69
C ILE D 535 27.03 -0.78 -46.77
N VAL D 536 27.89 -1.32 -47.63
CA VAL D 536 27.44 -2.21 -48.70
C VAL D 536 27.40 -3.64 -48.18
N TYR D 537 26.46 -4.41 -48.70
CA TYR D 537 26.36 -5.80 -48.34
C TYR D 537 27.59 -6.55 -48.83
N GLU D 538 27.96 -7.59 -48.09
CA GLU D 538 29.11 -8.43 -48.42
C GLU D 538 28.69 -9.89 -48.32
N LYS D 539 29.10 -10.68 -49.30
CA LYS D 539 28.71 -12.09 -49.31
C LYS D 539 29.49 -12.87 -48.27
N SER D 540 28.78 -13.71 -47.53
CA SER D 540 29.36 -14.39 -46.37
C SER D 540 30.05 -15.69 -46.75
N GLN D 541 29.38 -16.55 -47.52
CA GLN D 541 29.89 -17.88 -47.83
C GLN D 541 30.68 -17.82 -49.14
N LEU D 542 31.95 -17.41 -49.01
CA LEU D 542 32.78 -17.16 -50.18
C LEU D 542 33.53 -18.40 -50.66
N ALA D 543 33.99 -19.24 -49.75
CA ALA D 543 34.92 -20.31 -50.09
C ALA D 543 34.20 -21.62 -50.37
N PRO D 544 34.57 -22.43 -51.35
CA PRO D 544 33.79 -23.64 -51.64
C PRO D 544 34.07 -24.78 -50.68
N ARG D 545 33.06 -25.65 -50.53
CA ARG D 545 33.12 -26.82 -49.67
C ARG D 545 32.63 -28.04 -50.43
N LYS D 546 33.18 -29.20 -50.09
CA LYS D 546 32.71 -30.46 -50.67
C LYS D 546 31.41 -30.90 -50.03
N LEU D 547 30.42 -31.23 -50.87
CA LEU D 547 29.19 -31.82 -50.36
C LEU D 547 29.36 -33.31 -50.13
N TYR D 548 30.15 -33.97 -50.97
CA TYR D 548 30.21 -35.42 -51.00
C TYR D 548 31.50 -35.89 -51.62
N GLY E 1 31.25 13.08 -5.72
CA GLY E 1 30.13 13.97 -6.17
C GLY E 1 30.59 15.07 -7.10
N VAL E 2 29.67 15.98 -7.40
CA VAL E 2 29.96 17.09 -8.30
C VAL E 2 30.94 18.06 -7.67
N GLY E 3 30.69 18.44 -6.43
CA GLY E 3 31.39 19.56 -5.83
C GLY E 3 32.71 19.24 -5.16
N ILE E 4 33.29 18.08 -5.44
CA ILE E 4 34.55 17.66 -4.85
C ILE E 4 35.66 17.81 -5.88
N SER E 5 36.74 18.47 -5.47
CA SER E 5 37.92 18.63 -6.30
C SER E 5 38.55 17.28 -6.57
N THR E 6 39.01 17.10 -7.81
CA THR E 6 39.48 15.81 -8.31
C THR E 6 40.96 15.85 -8.70
N GLY E 7 41.70 16.86 -8.27
CA GLY E 7 43.12 16.89 -8.56
C GLY E 7 43.71 18.25 -8.25
N THR E 8 45.03 18.29 -8.26
CA THR E 8 45.80 19.48 -7.93
C THR E 8 46.56 19.98 -9.15
N PHE E 9 46.43 21.27 -9.43
CA PHE E 9 47.26 21.93 -10.42
C PHE E 9 48.71 21.89 -9.95
N ASN E 10 49.62 21.69 -10.90
CA ASN E 10 51.03 21.75 -10.59
C ASN E 10 51.79 22.15 -11.85
N ASN E 11 52.70 23.11 -11.70
CA ASN E 11 53.58 23.52 -12.78
C ASN E 11 54.99 23.77 -12.27
N GLN E 12 55.39 23.08 -11.22
CA GLN E 12 56.75 23.18 -10.70
C GLN E 12 57.70 22.27 -11.46
N THR E 13 58.94 22.71 -11.54
CA THR E 13 60.06 21.88 -11.99
C THR E 13 60.92 21.54 -10.78
N GLU E 14 61.17 20.24 -10.59
CA GLU E 14 61.90 19.72 -9.45
C GLU E 14 63.23 19.19 -9.93
N PHE E 15 64.33 19.71 -9.37
CA PHE E 15 65.67 19.20 -9.60
C PHE E 15 66.08 18.40 -8.38
N LYS E 16 66.34 17.11 -8.58
CA LYS E 16 66.62 16.16 -7.51
C LYS E 16 67.93 15.48 -7.84
N PHE E 17 68.97 15.77 -7.07
CA PHE E 17 70.30 15.32 -7.40
C PHE E 17 70.54 13.91 -6.89
N LEU E 18 71.04 13.06 -7.78
CA LEU E 18 71.30 11.66 -7.53
C LEU E 18 72.79 11.42 -7.32
N GLU E 19 73.20 10.16 -7.27
CA GLU E 19 74.61 9.82 -7.12
C GLU E 19 75.37 10.12 -8.41
N ASN E 20 76.67 10.42 -8.23
CA ASN E 20 77.63 10.50 -9.33
C ASN E 20 77.24 11.54 -10.37
N GLY E 21 76.78 12.69 -9.89
CA GLY E 21 76.57 13.82 -10.77
C GLY E 21 75.35 13.75 -11.66
N TRP E 22 74.53 12.70 -11.55
CA TRP E 22 73.27 12.64 -12.27
C TRP E 22 72.20 13.39 -11.50
N VAL E 23 71.28 14.00 -12.24
CA VAL E 23 70.17 14.75 -11.67
C VAL E 23 68.89 14.35 -12.38
N GLU E 24 67.84 14.12 -11.60
CA GLU E 24 66.50 13.87 -12.13
C GLU E 24 65.76 15.20 -12.23
N ILE E 25 65.20 15.48 -13.39
CA ILE E 25 64.46 16.72 -13.66
C ILE E 25 63.03 16.30 -13.92
N THR E 26 62.13 16.66 -13.01
CA THR E 26 60.70 16.37 -13.11
C THR E 26 60.00 17.66 -13.46
N ALA E 27 59.53 17.77 -14.69
CA ALA E 27 58.81 18.94 -15.16
C ALA E 27 57.32 18.65 -15.09
N ASN E 28 56.66 19.26 -14.12
CA ASN E 28 55.22 19.23 -14.05
C ASN E 28 54.69 20.38 -14.90
N SER E 29 53.63 20.12 -15.64
CA SER E 29 52.93 21.15 -16.40
C SER E 29 51.44 20.94 -16.23
N SER E 30 50.71 22.04 -16.06
CA SER E 30 49.27 21.99 -15.88
C SER E 30 48.61 23.14 -16.60
N ARG E 31 47.59 22.84 -17.40
CA ARG E 31 46.91 23.80 -18.25
C ARG E 31 45.40 23.66 -18.11
N LEU E 32 44.71 24.79 -18.18
CA LEU E 32 43.26 24.79 -18.36
C LEU E 32 42.96 24.68 -19.85
N VAL E 33 42.23 23.64 -20.24
CA VAL E 33 42.01 23.28 -21.63
C VAL E 33 40.55 23.54 -21.99
N HIS E 34 40.32 24.32 -23.04
CA HIS E 34 39.00 24.72 -23.50
C HIS E 34 38.66 23.97 -24.77
N LEU E 35 37.42 23.47 -24.85
CA LEU E 35 37.01 22.54 -25.91
C LEU E 35 35.56 22.82 -26.28
N ASN E 36 35.33 23.15 -27.55
CA ASN E 36 33.99 23.30 -28.11
C ASN E 36 33.49 21.96 -28.65
N MET E 37 32.25 21.97 -29.13
CA MET E 37 31.70 20.80 -29.81
C MET E 37 32.50 20.53 -31.08
N PRO E 38 32.37 19.33 -31.65
CA PRO E 38 32.85 19.14 -33.02
C PRO E 38 32.11 20.06 -33.96
N GLU E 39 32.79 20.48 -35.02
CA GLU E 39 32.12 21.25 -36.06
C GLU E 39 31.02 20.43 -36.71
N SER E 40 31.31 19.16 -37.01
CA SER E 40 30.32 18.19 -37.45
C SER E 40 30.67 16.86 -36.82
N GLU E 41 29.64 16.14 -36.37
CA GLU E 41 29.89 14.89 -35.66
C GLU E 41 30.39 13.77 -36.58
N ASN E 42 30.19 13.89 -37.89
CA ASN E 42 30.61 12.84 -38.82
C ASN E 42 32.10 12.96 -39.14
N TYR E 43 32.69 11.83 -39.50
CA TYR E 43 33.99 11.85 -40.17
C TYR E 43 33.80 12.26 -41.62
N ARG E 44 34.63 13.20 -42.06
CA ARG E 44 34.65 13.68 -43.44
C ARG E 44 35.96 13.27 -44.08
N ARG E 45 35.91 13.02 -45.39
CA ARG E 45 37.10 12.89 -46.23
C ARG E 45 37.14 14.09 -47.15
N VAL E 46 38.18 14.90 -47.01
CA VAL E 46 38.28 16.20 -47.67
C VAL E 46 39.56 16.21 -48.48
N VAL E 47 39.44 16.61 -49.74
CA VAL E 47 40.57 16.77 -50.64
C VAL E 47 40.87 18.25 -50.75
N VAL E 48 42.13 18.61 -50.59
CA VAL E 48 42.63 19.95 -50.87
C VAL E 48 43.31 19.90 -52.22
N ASN E 49 42.98 20.84 -53.08
CA ASN E 49 43.59 21.01 -54.39
C ASN E 49 43.77 22.50 -54.59
N ASN E 50 44.97 22.90 -54.99
CA ASN E 50 45.30 24.30 -55.20
C ASN E 50 45.90 24.52 -56.57
N MET E 51 45.30 23.88 -57.58
CA MET E 51 45.70 24.10 -58.98
C MET E 51 45.60 25.56 -59.40
N ASP E 52 44.74 26.35 -58.75
CA ASP E 52 44.65 27.78 -59.04
C ASP E 52 45.98 28.50 -58.87
N LYS E 53 46.82 28.05 -57.93
CA LYS E 53 48.13 28.65 -57.68
C LYS E 53 49.26 27.89 -58.34
N THR E 54 49.31 26.57 -58.17
CA THR E 54 50.42 25.79 -58.68
C THR E 54 50.35 25.51 -60.18
N ALA E 55 49.24 25.82 -60.85
CA ALA E 55 49.23 25.78 -62.30
C ALA E 55 49.94 26.96 -62.94
N VAL E 56 50.19 28.02 -62.19
CA VAL E 56 51.09 29.06 -62.65
C VAL E 56 52.50 28.48 -62.68
N ASN E 57 53.18 28.66 -63.80
CA ASN E 57 54.50 28.07 -63.98
C ASN E 57 55.49 28.65 -62.99
N GLY E 58 56.40 27.80 -62.52
CA GLY E 58 57.37 28.17 -61.52
C GLY E 58 56.95 27.95 -60.09
N ASN E 59 55.68 27.60 -59.85
CA ASN E 59 55.13 27.37 -58.51
C ASN E 59 55.10 25.90 -58.14
N MET E 60 56.13 25.12 -58.53
CA MET E 60 56.19 23.71 -58.15
C MET E 60 56.17 23.56 -56.64
N ALA E 61 56.81 24.47 -55.92
CA ALA E 61 57.02 24.28 -54.49
C ALA E 61 55.82 24.64 -53.64
N LEU E 62 54.83 25.32 -54.20
CA LEU E 62 53.66 25.78 -53.45
C LEU E 62 52.50 24.81 -53.52
N ASP E 63 52.81 23.53 -53.65
CA ASP E 63 51.80 22.47 -53.83
C ASP E 63 51.20 22.13 -52.47
N ASP E 64 49.95 22.50 -52.27
CA ASP E 64 49.20 22.23 -51.05
C ASP E 64 48.32 21.00 -51.16
N ILE E 65 48.40 20.23 -52.25
CA ILE E 65 47.40 19.19 -52.50
C ILE E 65 47.58 18.06 -51.51
N HIS E 66 46.47 17.65 -50.90
CA HIS E 66 46.43 16.44 -50.10
C HIS E 66 44.98 16.03 -49.92
N ALA E 67 44.80 14.90 -49.28
CA ALA E 67 43.51 14.44 -48.81
C ALA E 67 43.67 14.05 -47.36
N GLN E 68 42.65 14.29 -46.55
CA GLN E 68 42.73 14.02 -45.13
C GLN E 68 41.35 13.66 -44.62
N ILE E 69 41.32 12.94 -43.50
CA ILE E 69 40.08 12.56 -42.84
C ILE E 69 39.87 13.53 -41.68
N VAL E 70 39.05 14.55 -41.90
CA VAL E 70 38.70 15.49 -40.85
C VAL E 70 37.79 14.78 -39.85
N THR E 71 38.13 14.88 -38.58
CA THR E 71 37.63 14.01 -37.52
C THR E 71 37.04 14.85 -36.40
N PRO E 72 35.94 14.43 -35.76
CA PRO E 72 35.41 15.23 -34.64
C PRO E 72 36.35 15.34 -33.46
N TRP E 73 37.17 14.34 -33.23
CA TRP E 73 38.02 14.31 -32.04
C TRP E 73 39.09 15.38 -32.10
N SER E 74 39.53 15.82 -30.94
CA SER E 74 40.55 16.84 -30.76
C SER E 74 41.67 16.26 -29.91
N LEU E 75 42.89 16.67 -30.23
CA LEU E 75 44.11 16.06 -29.70
C LEU E 75 44.74 16.97 -28.66
N VAL E 76 45.04 16.41 -27.50
CA VAL E 76 45.81 17.10 -26.46
C VAL E 76 47.25 16.62 -26.61
N ASP E 77 48.11 17.48 -27.16
CA ASP E 77 49.51 17.18 -27.42
C ASP E 77 50.38 18.07 -26.56
N ALA E 78 51.28 17.45 -25.78
CA ALA E 78 52.26 18.14 -24.96
C ALA E 78 53.68 18.01 -25.48
N ASN E 79 53.86 17.52 -26.71
CA ASN E 79 55.18 17.19 -27.23
C ASN E 79 55.91 18.42 -27.78
N ALA E 80 56.22 19.34 -26.88
CA ALA E 80 57.11 20.45 -27.22
C ALA E 80 57.77 20.94 -25.95
N TRP E 81 58.97 21.48 -26.09
CA TRP E 81 59.76 21.87 -24.92
C TRP E 81 59.10 22.99 -24.14
N GLY E 82 58.46 23.92 -24.83
CA GLY E 82 57.88 25.07 -24.17
C GLY E 82 56.74 24.76 -23.23
N VAL E 83 56.11 23.61 -23.39
CA VAL E 83 55.03 23.23 -22.50
C VAL E 83 55.54 22.96 -21.09
N TRP E 84 56.82 22.63 -20.93
CA TRP E 84 57.35 22.06 -19.70
C TRP E 84 58.31 22.98 -18.94
N PHE E 85 59.20 23.67 -19.64
CA PHE E 85 60.22 24.51 -19.03
C PHE E 85 59.98 25.97 -19.38
N ASN E 86 60.04 26.83 -18.37
CA ASN E 86 60.16 28.26 -18.58
C ASN E 86 61.61 28.59 -18.86
N PRO E 87 61.92 29.81 -19.32
CA PRO E 87 63.31 30.09 -19.74
C PRO E 87 64.35 29.97 -18.63
N GLY E 88 63.99 30.16 -17.37
CA GLY E 88 64.97 29.97 -16.30
C GLY E 88 65.36 28.52 -16.15
N ASP E 89 64.38 27.61 -16.23
CA ASP E 89 64.69 26.19 -16.15
C ASP E 89 65.53 25.75 -17.33
N TRP E 90 65.22 26.26 -18.52
CA TRP E 90 66.04 25.94 -19.68
C TRP E 90 67.43 26.53 -19.54
N GLN E 91 67.55 27.69 -18.89
CA GLN E 91 68.87 28.26 -18.64
C GLN E 91 69.69 27.33 -17.78
N LEU E 92 69.08 26.82 -16.70
CA LEU E 92 69.77 25.87 -15.84
C LEU E 92 70.18 24.63 -16.63
N ILE E 93 69.28 24.11 -17.46
CA ILE E 93 69.53 22.88 -18.21
C ILE E 93 70.70 23.07 -19.17
N VAL E 94 70.66 24.13 -19.97
CA VAL E 94 71.72 24.30 -20.96
C VAL E 94 73.02 24.75 -20.32
N ASN E 95 72.98 25.51 -19.23
CA ASN E 95 74.21 26.00 -18.64
C ASN E 95 74.97 24.92 -17.88
N THR E 96 74.26 23.99 -17.23
CA THR E 96 74.90 23.05 -16.30
C THR E 96 74.97 21.61 -16.78
N MET E 97 74.07 21.19 -17.67
CA MET E 97 73.95 19.79 -18.03
C MET E 97 74.75 19.49 -19.30
N SER E 98 75.35 18.29 -19.33
CA SER E 98 76.13 17.82 -20.48
C SER E 98 75.31 16.93 -21.41
N GLU E 99 74.42 16.10 -20.86
CA GLU E 99 73.59 15.22 -21.66
C GLU E 99 72.29 14.97 -20.90
N LEU E 100 71.26 14.54 -21.64
CA LEU E 100 69.90 14.48 -21.14
C LEU E 100 69.23 13.22 -21.63
N HIS E 101 68.56 12.51 -20.72
CA HIS E 101 67.78 11.31 -21.01
C HIS E 101 66.31 11.60 -20.78
N LEU E 102 65.47 11.08 -21.66
CA LEU E 102 64.03 11.09 -21.46
C LEU E 102 63.64 9.84 -20.68
N VAL E 103 62.99 10.01 -19.52
CA VAL E 103 62.76 8.93 -18.57
C VAL E 103 61.31 8.46 -18.57
N SER E 104 60.37 9.35 -18.28
CA SER E 104 58.98 8.92 -18.19
C SER E 104 58.02 10.09 -18.35
N PHE E 105 56.77 9.74 -18.66
CA PHE E 105 55.74 10.70 -19.01
C PHE E 105 54.38 10.18 -18.56
N GLU E 106 53.54 11.08 -18.06
CA GLU E 106 52.17 10.73 -17.71
C GLU E 106 51.28 11.95 -17.85
N GLN E 107 50.00 11.70 -18.03
CA GLN E 107 48.98 12.74 -18.17
C GLN E 107 47.80 12.41 -17.26
N GLU E 108 47.08 13.45 -16.87
CA GLU E 108 45.79 13.30 -16.23
C GLU E 108 44.87 14.40 -16.73
N ILE E 109 43.61 14.05 -16.92
CA ILE E 109 42.53 15.02 -17.08
C ILE E 109 41.71 14.99 -15.80
N PHE E 110 41.44 16.18 -15.26
CA PHE E 110 40.74 16.30 -13.99
C PHE E 110 39.99 17.62 -13.99
N ASN E 111 39.02 17.72 -13.07
CA ASN E 111 38.13 18.88 -12.94
C ASN E 111 37.47 19.20 -14.28
N VAL E 112 36.79 18.20 -14.83
CA VAL E 112 36.02 18.39 -16.03
C VAL E 112 34.79 19.22 -15.70
N VAL E 113 34.51 20.20 -16.54
CA VAL E 113 33.31 21.03 -16.45
C VAL E 113 32.64 21.00 -17.81
N LEU E 114 31.33 20.79 -17.82
CA LEU E 114 30.51 20.86 -19.01
C LEU E 114 29.49 21.98 -18.84
N LYS E 115 29.36 22.82 -19.85
CA LYS E 115 28.44 23.94 -19.82
C LYS E 115 27.73 24.04 -21.16
N THR E 116 26.57 24.71 -21.14
CA THR E 116 25.71 24.87 -22.30
C THR E 116 25.33 26.33 -22.41
N VAL E 117 24.96 26.73 -23.63
CA VAL E 117 24.70 28.11 -23.98
C VAL E 117 23.25 28.21 -24.45
N SER E 118 22.51 29.15 -23.86
CA SER E 118 21.19 29.56 -24.33
C SER E 118 21.24 31.03 -24.72
N GLU E 119 20.80 31.33 -25.93
CA GLU E 119 20.80 32.70 -26.41
C GLU E 119 19.69 33.50 -25.76
N THR E 126 21.58 38.27 -26.20
CA THR E 126 22.27 37.90 -24.92
C THR E 126 22.47 36.39 -24.82
N LYS E 127 23.37 35.96 -23.94
CA LYS E 127 23.74 34.56 -23.77
C LYS E 127 23.86 34.25 -22.28
N VAL E 128 23.38 33.07 -21.89
CA VAL E 128 23.44 32.61 -20.50
C VAL E 128 24.00 31.20 -20.46
N TYR E 129 25.00 31.01 -19.59
CA TYR E 129 25.87 29.84 -19.60
C TYR E 129 25.54 28.81 -18.54
N ASN E 130 24.42 28.10 -18.67
CA ASN E 130 24.03 27.12 -17.68
C ASN E 130 24.93 25.88 -17.73
N ASN E 131 25.18 25.32 -16.57
CA ASN E 131 25.89 24.05 -16.45
C ASN E 131 25.03 22.90 -16.96
N ASP E 132 25.69 21.78 -17.22
CA ASP E 132 25.02 20.51 -17.51
C ASP E 132 25.79 19.42 -16.75
N LEU E 133 25.31 19.07 -15.57
CA LEU E 133 25.99 18.05 -14.78
C LEU E 133 25.83 16.66 -15.37
N THR E 134 24.84 16.44 -16.23
CA THR E 134 24.58 15.14 -16.81
C THR E 134 25.40 14.86 -18.06
N ALA E 135 25.79 15.90 -18.81
CA ALA E 135 26.57 15.68 -20.02
C ALA E 135 27.96 15.19 -19.66
N SER E 136 28.65 14.65 -20.68
CA SER E 136 29.91 13.96 -20.48
C SER E 136 30.91 14.34 -21.56
N LEU E 137 32.18 14.26 -21.19
CA LEU E 137 33.32 14.47 -22.07
C LEU E 137 33.89 13.11 -22.41
N MET E 138 33.93 12.78 -23.68
CA MET E 138 34.61 11.57 -24.13
C MET E 138 36.10 11.84 -24.13
N VAL E 139 36.86 10.94 -23.53
CA VAL E 139 38.31 10.93 -23.61
C VAL E 139 38.75 9.55 -24.04
N ALA E 140 39.80 9.49 -24.85
CA ALA E 140 40.30 8.23 -25.39
C ALA E 140 41.81 8.31 -25.48
N LEU E 141 42.46 7.18 -25.24
CA LEU E 141 43.91 7.08 -25.20
C LEU E 141 44.33 5.94 -26.11
N ASP E 142 45.27 6.22 -27.00
CA ASP E 142 45.81 5.25 -27.95
C ASP E 142 47.12 4.65 -27.45
N SER E 143 47.02 3.85 -26.39
CA SER E 143 48.22 3.30 -25.76
C SER E 143 48.95 2.34 -26.67
N ASN E 144 48.24 1.61 -27.52
CA ASN E 144 48.85 0.67 -28.44
C ASN E 144 49.36 1.30 -29.72
N ASN E 145 49.19 2.60 -29.91
CA ASN E 145 49.57 3.31 -31.13
C ASN E 145 48.88 2.71 -32.35
N THR E 146 47.58 2.50 -32.23
CA THR E 146 46.79 2.08 -33.39
C THR E 146 46.63 3.24 -34.37
N MET E 147 46.34 4.43 -33.87
CA MET E 147 46.02 5.55 -34.72
C MET E 147 47.30 6.14 -35.31
N PRO E 148 47.24 6.83 -36.46
CA PRO E 148 48.45 7.43 -37.01
C PRO E 148 49.03 8.50 -36.10
N PHE E 149 50.37 8.54 -36.06
CA PHE E 149 51.08 9.49 -35.21
C PHE E 149 51.00 10.88 -35.81
N THR E 150 50.70 11.86 -34.95
CA THR E 150 50.43 13.24 -35.34
C THR E 150 51.21 14.17 -34.42
N PRO E 151 52.46 14.52 -34.74
CA PRO E 151 53.16 15.50 -33.90
C PRO E 151 52.64 16.90 -34.13
N ALA E 152 51.91 17.45 -33.16
CA ALA E 152 51.29 18.76 -33.35
C ALA E 152 52.32 19.89 -33.39
N ALA E 153 53.54 19.66 -32.91
CA ALA E 153 54.52 20.74 -32.85
C ALA E 153 54.97 21.19 -34.23
N MET E 154 54.84 20.35 -35.26
CA MET E 154 55.21 20.77 -36.60
C MET E 154 54.25 21.81 -37.15
N ARG E 155 52.97 21.72 -36.80
CA ARG E 155 51.97 22.68 -37.21
C ARG E 155 51.72 23.77 -36.17
N SER E 156 52.54 23.83 -35.12
CA SER E 156 52.41 24.83 -34.06
C SER E 156 51.06 24.72 -33.37
N GLU E 157 50.73 23.50 -32.95
CA GLU E 157 49.40 23.16 -32.46
C GLU E 157 49.42 22.41 -31.13
N THR E 158 50.50 22.52 -30.36
CA THR E 158 50.56 21.89 -29.05
C THR E 158 49.77 22.71 -28.04
N LEU E 159 49.78 22.26 -26.78
CA LEU E 159 49.29 23.08 -25.70
C LEU E 159 50.11 24.35 -25.60
N GLY E 160 49.50 25.39 -25.05
CA GLY E 160 50.17 26.66 -24.91
C GLY E 160 51.29 26.61 -23.89
N PHE E 161 52.22 27.54 -24.03
CA PHE E 161 53.47 27.53 -23.28
C PHE E 161 53.44 28.33 -21.99
N TYR E 162 52.41 29.13 -21.74
CA TYR E 162 52.29 29.93 -20.53
C TYR E 162 51.40 29.20 -19.52
N PRO E 163 51.80 29.00 -18.26
CA PRO E 163 50.90 28.27 -17.34
C PRO E 163 49.57 28.94 -17.07
N TRP E 164 49.46 30.26 -17.21
CA TRP E 164 48.27 30.99 -16.76
C TRP E 164 47.25 31.17 -17.88
N LYS E 165 47.68 31.25 -19.12
CA LYS E 165 46.72 31.39 -20.21
C LYS E 165 46.02 30.06 -20.48
N PRO E 166 44.68 30.03 -20.58
CA PRO E 166 44.04 28.81 -21.05
C PRO E 166 44.42 28.49 -22.49
N THR E 167 44.34 27.21 -22.82
CA THR E 167 44.72 26.68 -24.12
C THR E 167 43.58 25.84 -24.68
N ILE E 168 43.72 25.47 -25.94
CA ILE E 168 42.73 24.66 -26.66
C ILE E 168 43.43 23.44 -27.25
N PRO E 169 42.78 22.29 -27.38
CA PRO E 169 43.40 21.22 -28.17
C PRO E 169 43.22 21.49 -29.65
N THR E 170 44.05 20.81 -30.43
CA THR E 170 44.01 20.92 -31.89
C THR E 170 42.95 20.00 -32.47
N PRO E 171 42.11 20.40 -33.44
CA PRO E 171 41.20 19.42 -34.03
C PRO E 171 41.98 18.39 -34.85
N TRP E 172 41.74 17.12 -34.57
CA TRP E 172 42.58 16.07 -35.11
C TRP E 172 42.22 15.74 -36.56
N ARG E 173 43.24 15.34 -37.32
CA ARG E 173 43.08 14.96 -38.71
C ARG E 173 44.24 14.08 -39.08
N TYR E 174 44.06 13.27 -40.12
CA TYR E 174 45.09 12.36 -40.58
C TYR E 174 44.98 12.18 -42.08
N TYR E 175 46.10 11.81 -42.69
CA TYR E 175 46.16 11.75 -44.15
C TYR E 175 45.44 10.53 -44.67
N PHE E 176 44.75 10.72 -45.79
CA PHE E 176 44.13 9.66 -46.58
C PHE E 176 44.87 9.64 -47.90
N GLN E 177 45.15 8.45 -48.41
CA GLN E 177 46.06 8.33 -49.54
C GLN E 177 45.49 9.00 -50.78
N TRP E 178 46.36 9.66 -51.52
CA TRP E 178 46.06 10.19 -52.83
C TRP E 178 47.24 9.93 -53.75
N ASP E 179 47.03 10.17 -55.02
CA ASP E 179 48.07 10.07 -56.03
C ASP E 179 48.05 11.33 -56.88
N ARG E 180 49.23 11.82 -57.22
CA ARG E 180 49.37 13.09 -57.89
C ARG E 180 50.63 13.07 -58.73
N THR E 181 50.61 13.82 -59.83
CA THR E 181 51.80 14.16 -60.58
C THR E 181 51.78 15.65 -60.84
N LEU E 182 52.93 16.29 -60.66
CA LEU E 182 53.11 17.73 -60.92
C LEU E 182 54.47 17.82 -61.61
N ILE E 183 54.44 17.90 -62.93
CA ILE E 183 55.68 18.01 -63.69
C ILE E 183 56.19 19.43 -63.49
N PRO E 184 57.39 19.67 -62.98
CA PRO E 184 57.82 21.05 -62.74
C PRO E 184 58.01 21.82 -64.04
N SER E 185 57.81 23.13 -63.95
CA SER E 185 57.99 24.02 -65.08
C SER E 185 58.45 25.38 -64.58
N HIS E 186 59.24 26.05 -65.40
CA HIS E 186 59.70 27.40 -65.13
C HIS E 186 58.84 28.42 -65.87
N THR E 187 58.92 29.66 -65.41
CA THR E 187 58.30 30.76 -66.14
C THR E 187 58.95 30.88 -67.52
N GLY E 188 58.12 31.17 -68.52
CA GLY E 188 58.56 31.16 -69.90
C GLY E 188 58.51 29.82 -70.60
N THR E 189 57.97 28.78 -69.97
CA THR E 189 57.72 27.54 -70.68
C THR E 189 56.65 27.73 -71.73
N SER E 190 56.66 26.88 -72.76
CA SER E 190 55.78 27.09 -73.91
C SER E 190 54.32 26.81 -73.58
N GLY E 191 54.05 25.89 -72.66
CA GLY E 191 52.68 25.49 -72.37
C GLY E 191 52.56 24.88 -70.99
N THR E 192 51.32 24.57 -70.63
CA THR E 192 51.04 24.08 -69.29
C THR E 192 51.65 22.68 -69.09
N PRO E 193 52.31 22.41 -67.97
CA PRO E 193 52.77 21.04 -67.71
C PRO E 193 51.67 20.17 -67.12
N THR E 194 51.96 18.88 -67.08
CA THR E 194 51.01 17.91 -66.53
C THR E 194 50.86 18.11 -65.03
N ASN E 195 49.64 18.43 -64.59
CA ASN E 195 49.34 18.75 -63.18
C ASN E 195 47.94 18.23 -62.90
N ILE E 196 47.85 17.02 -62.34
CA ILE E 196 46.59 16.31 -62.21
C ILE E 196 46.56 15.51 -60.92
N TYR E 197 45.35 15.26 -60.44
CA TYR E 197 45.06 14.53 -59.21
C TYR E 197 44.38 13.22 -59.59
N HIS E 198 44.97 12.10 -59.19
CA HIS E 198 44.59 10.79 -59.67
C HIS E 198 43.60 10.07 -58.77
N GLY E 199 43.05 10.75 -57.78
CA GLY E 199 42.21 10.03 -56.83
C GLY E 199 43.07 9.20 -55.90
N THR E 200 42.54 8.03 -55.51
CA THR E 200 43.11 7.22 -54.44
C THR E 200 43.23 5.77 -54.90
N ASP E 201 44.34 5.14 -54.50
CA ASP E 201 44.62 3.74 -54.81
C ASP E 201 43.84 2.86 -53.84
N PRO E 202 43.07 1.85 -54.30
CA PRO E 202 42.37 1.00 -53.34
C PRO E 202 43.26 0.19 -52.41
N ASP E 203 44.52 -0.03 -52.77
CA ASP E 203 45.41 -0.80 -51.92
C ASP E 203 45.84 -0.04 -50.68
N ASP E 204 45.80 1.29 -50.71
CA ASP E 204 46.33 2.14 -49.65
C ASP E 204 45.26 2.71 -48.74
N VAL E 205 44.00 2.30 -48.89
CA VAL E 205 42.94 2.91 -48.11
C VAL E 205 43.03 2.46 -46.66
N GLN E 206 42.99 3.42 -45.75
CA GLN E 206 42.93 3.16 -44.31
C GLN E 206 42.10 4.27 -43.67
N PHE E 207 40.87 3.93 -43.27
CA PHE E 207 39.96 4.86 -42.60
C PHE E 207 39.84 4.43 -41.14
N TYR E 208 40.62 5.07 -40.28
CA TYR E 208 40.58 4.78 -38.86
C TYR E 208 39.47 5.59 -38.19
N THR E 209 38.98 5.06 -37.08
CA THR E 209 38.07 5.77 -36.20
C THR E 209 38.49 5.54 -34.77
N ILE E 210 38.39 6.58 -33.96
CA ILE E 210 38.68 6.46 -32.54
C ILE E 210 37.71 5.48 -31.88
N GLU E 211 36.46 5.46 -32.33
CA GLU E 211 35.44 4.64 -31.68
C GLU E 211 35.74 3.15 -31.81
N ASN E 212 36.20 2.71 -32.98
CA ASN E 212 36.48 1.30 -33.20
C ASN E 212 37.84 0.87 -32.71
N SER E 213 38.80 1.78 -32.64
CA SER E 213 40.19 1.40 -32.47
C SER E 213 40.67 1.41 -31.02
N VAL E 214 40.10 2.27 -30.18
CA VAL E 214 40.56 2.45 -28.79
C VAL E 214 39.36 2.56 -27.86
N PRO E 215 39.53 2.23 -26.58
CA PRO E 215 38.45 2.49 -25.63
C PRO E 215 38.21 3.97 -25.45
N VAL E 216 37.04 4.31 -24.93
CA VAL E 216 36.61 5.68 -24.71
C VAL E 216 35.97 5.77 -23.32
N HIS E 217 36.38 6.77 -22.54
CA HIS E 217 35.86 7.00 -21.20
C HIS E 217 34.97 8.24 -21.20
N LEU E 218 33.76 8.09 -20.70
CA LEU E 218 32.74 9.13 -20.78
C LEU E 218 32.66 9.95 -19.48
N LEU E 219 33.75 10.63 -19.13
CA LEU E 219 33.83 11.42 -17.91
C LEU E 219 32.76 12.50 -17.84
N ARG E 220 31.99 12.54 -16.74
CA ARG E 220 30.93 13.53 -16.62
C ARG E 220 31.40 14.87 -16.08
N THR E 221 31.59 14.99 -14.76
CA THR E 221 32.19 16.18 -14.17
C THR E 221 33.01 15.91 -12.92
N GLY E 222 32.64 14.88 -12.18
CA GLY E 222 33.23 14.54 -10.91
C GLY E 222 34.27 13.46 -11.00
N ASP E 223 34.72 13.13 -12.20
CA ASP E 223 35.54 11.95 -12.44
C ASP E 223 36.81 12.34 -13.16
N GLU E 224 37.80 11.46 -13.05
CA GLU E 224 39.17 11.70 -13.47
C GLU E 224 39.56 10.66 -14.49
N PHE E 225 40.64 10.96 -15.21
CA PHE E 225 41.28 10.02 -16.11
C PHE E 225 42.77 10.20 -15.96
N ALA E 226 43.49 9.08 -15.91
CA ALA E 226 44.93 9.08 -15.78
C ALA E 226 45.51 8.06 -16.73
N THR E 227 46.50 8.48 -17.52
CA THR E 227 47.34 7.52 -18.19
C THR E 227 48.21 6.83 -17.16
N GLY E 228 48.52 5.57 -17.39
CA GLY E 228 49.63 4.98 -16.70
C GLY E 228 50.91 5.70 -17.05
N THR E 229 51.88 5.63 -16.15
CA THR E 229 53.17 6.21 -16.45
C THR E 229 53.83 5.41 -17.56
N PHE E 230 54.31 6.12 -18.57
CA PHE E 230 54.97 5.55 -19.74
C PHE E 230 56.46 5.75 -19.54
N PHE E 231 57.24 4.70 -19.82
CA PHE E 231 58.69 4.73 -19.68
C PHE E 231 59.32 4.63 -21.05
N PHE E 232 60.22 5.57 -21.35
CA PHE E 232 60.89 5.63 -22.64
C PHE E 232 62.09 4.70 -22.65
N ASP E 233 62.55 4.40 -23.85
CA ASP E 233 63.75 3.61 -24.10
C ASP E 233 64.86 4.41 -24.76
N CYS E 234 64.73 5.73 -24.81
CA CYS E 234 65.46 6.53 -25.77
C CYS E 234 66.94 6.70 -25.39
N LYS E 235 67.75 6.88 -26.42
CA LYS E 235 69.17 7.16 -26.25
C LYS E 235 69.38 8.59 -25.76
N PRO E 236 70.53 8.89 -25.16
CA PRO E 236 70.76 10.26 -24.66
C PRO E 236 70.83 11.30 -25.77
N CYS E 237 70.46 12.52 -25.41
CA CYS E 237 70.67 13.71 -26.24
C CYS E 237 71.79 14.53 -25.61
N ARG E 238 72.75 14.94 -26.43
CA ARG E 238 73.94 15.63 -25.98
C ARG E 238 73.78 17.13 -26.18
N LEU E 239 74.06 17.90 -25.13
CA LEU E 239 73.91 19.35 -25.12
C LEU E 239 75.21 20.08 -25.45
N THR E 240 76.06 19.47 -26.27
CA THR E 240 77.37 20.01 -26.63
C THR E 240 77.52 19.94 -28.13
N HIS E 241 78.52 20.65 -28.65
CA HIS E 241 78.82 20.66 -30.08
C HIS E 241 80.32 20.67 -30.31
N PRO E 305 72.41 18.09 -51.55
CA PRO E 305 71.88 18.80 -52.72
C PRO E 305 70.79 19.79 -52.32
N TYR E 306 71.14 21.07 -52.32
CA TYR E 306 70.24 22.08 -51.75
C TYR E 306 69.03 22.30 -52.65
N TYR E 307 67.85 22.35 -52.01
CA TYR E 307 66.58 22.59 -52.68
C TYR E 307 66.27 21.53 -53.73
N SER E 308 66.60 20.27 -53.42
CA SER E 308 66.22 19.14 -54.25
C SER E 308 64.87 18.63 -53.78
N PHE E 309 63.90 18.59 -54.70
CA PHE E 309 62.56 18.09 -54.44
C PHE E 309 62.38 16.76 -55.16
N GLU E 310 61.86 15.77 -54.43
CA GLU E 310 61.64 14.43 -54.94
C GLU E 310 60.14 14.21 -55.12
N ALA E 311 59.78 13.51 -56.18
CA ALA E 311 58.40 13.17 -56.46
C ALA E 311 58.10 11.77 -55.94
N SER E 312 57.25 11.67 -54.94
CA SER E 312 56.61 10.42 -54.60
C SER E 312 55.42 10.20 -55.53
N THR E 313 54.61 9.19 -55.22
CA THR E 313 53.28 9.13 -55.83
C THR E 313 52.37 10.19 -55.22
N GLN E 314 52.62 10.58 -53.98
CA GLN E 314 51.82 11.60 -53.32
C GLN E 314 52.11 13.00 -53.82
N GLY E 315 53.14 13.20 -54.66
CA GLY E 315 53.51 14.51 -55.17
C GLY E 315 54.86 14.96 -54.67
N PRO E 316 55.28 16.17 -55.04
CA PRO E 316 56.65 16.60 -54.75
C PRO E 316 56.85 16.97 -53.29
N PHE E 317 58.06 16.70 -52.80
CA PHE E 317 58.44 17.06 -51.44
C PHE E 317 59.93 17.35 -51.38
N LYS E 318 60.30 18.29 -50.52
CA LYS E 318 61.70 18.62 -50.31
C LYS E 318 62.42 17.46 -49.62
N THR E 319 63.61 17.14 -50.09
CA THR E 319 64.44 16.15 -49.43
C THR E 319 65.05 16.79 -48.18
N PRO E 320 64.85 16.24 -46.98
CA PRO E 320 65.48 16.88 -45.80
C PRO E 320 66.99 16.71 -45.83
N ILE E 321 67.68 17.68 -45.23
CA ILE E 321 69.13 17.71 -45.13
C ILE E 321 69.50 17.58 -43.66
N ALA E 322 70.46 16.70 -43.36
CA ALA E 322 70.70 16.29 -41.98
C ALA E 322 71.41 17.34 -41.14
N ALA E 323 72.10 18.31 -41.77
CA ALA E 323 72.95 19.25 -41.05
C ALA E 323 72.77 20.64 -41.63
N GLY E 324 72.96 21.64 -40.77
CA GLY E 324 72.78 23.03 -41.16
C GLY E 324 74.02 23.63 -41.78
N ARG E 325 73.93 24.94 -42.02
CA ARG E 325 75.04 25.71 -42.54
C ARG E 325 76.09 25.92 -41.45
N ASP E 337 64.15 25.98 -46.03
CA ASP E 337 64.51 26.46 -44.67
C ASP E 337 66.02 26.47 -44.45
N GLY E 338 66.69 25.35 -44.75
CA GLY E 338 68.11 25.20 -44.45
C GLY E 338 68.29 24.74 -43.02
N ASN E 339 68.71 25.64 -42.14
CA ASN E 339 68.46 25.46 -40.72
C ASN E 339 66.96 25.63 -40.48
N PRO E 340 66.40 24.96 -39.48
CA PRO E 340 64.94 24.95 -39.35
C PRO E 340 64.38 26.32 -39.01
N ARG E 341 63.29 26.67 -39.69
CA ARG E 341 62.58 27.93 -39.49
C ARG E 341 61.21 27.63 -38.89
N TYR E 342 60.95 28.15 -37.70
CA TYR E 342 59.71 27.92 -36.97
C TYR E 342 58.81 29.14 -37.11
N ALA E 343 57.53 28.91 -37.38
CA ALA E 343 56.52 29.95 -37.45
C ALA E 343 55.39 29.58 -36.49
N PHE E 344 54.98 30.53 -35.66
CA PHE E 344 54.16 30.21 -34.50
C PHE E 344 53.38 31.43 -34.05
N GLY E 345 52.31 31.16 -33.28
CA GLY E 345 51.38 32.17 -32.86
C GLY E 345 51.53 32.55 -31.40
N ARG E 346 50.44 33.10 -30.84
CA ARG E 346 50.50 33.77 -29.55
C ARG E 346 50.58 32.80 -28.41
N GLN E 347 49.90 31.65 -28.51
CA GLN E 347 50.05 30.61 -27.51
C GLN E 347 51.49 30.16 -27.38
N HIS E 348 52.23 30.17 -28.48
CA HIS E 348 53.50 29.47 -28.60
C HIS E 348 54.70 30.39 -28.73
N GLY E 349 54.58 31.65 -28.30
CA GLY E 349 55.74 32.49 -28.03
C GLY E 349 55.70 33.89 -28.61
N GLN E 350 54.85 34.12 -29.60
CA GLN E 350 54.67 35.46 -30.12
C GLN E 350 54.10 36.34 -29.02
N LYS E 351 54.44 37.63 -29.07
CA LYS E 351 53.96 38.58 -28.07
C LYS E 351 52.44 38.58 -28.03
N THR E 352 51.87 38.27 -26.87
CA THR E 352 50.45 37.97 -26.78
C THR E 352 49.60 39.18 -27.12
N THR E 353 50.10 40.39 -26.89
CA THR E 353 49.34 41.61 -27.11
C THR E 353 49.53 42.21 -28.50
N THR E 354 50.27 41.56 -29.39
CA THR E 354 50.46 42.06 -30.74
C THR E 354 49.33 41.57 -31.62
N THR E 355 48.92 42.40 -32.57
CA THR E 355 47.76 42.12 -33.40
C THR E 355 48.18 41.47 -34.71
N GLY E 356 47.19 41.00 -35.46
CA GLY E 356 47.39 40.55 -36.81
C GLY E 356 47.59 39.05 -36.93
N GLU E 357 47.40 38.56 -38.15
CA GLU E 357 47.57 37.15 -38.44
C GLU E 357 49.03 36.73 -38.60
N THR E 358 49.94 37.68 -38.74
CA THR E 358 51.32 37.36 -39.10
C THR E 358 52.00 36.58 -37.97
N PRO E 359 52.58 35.40 -38.23
CA PRO E 359 53.24 34.68 -37.13
C PRO E 359 54.63 35.21 -36.86
N GLU E 360 55.06 35.08 -35.61
CA GLU E 360 56.44 35.30 -35.26
C GLU E 360 57.29 34.19 -35.84
N ARG E 361 58.55 34.51 -36.15
CA ARG E 361 59.43 33.58 -36.83
C ARG E 361 60.87 33.76 -36.41
N PHE E 362 61.60 32.64 -36.39
CA PHE E 362 63.05 32.64 -36.21
C PHE E 362 63.63 31.49 -37.01
N THR E 363 64.92 31.60 -37.29
CA THR E 363 65.73 30.52 -37.84
C THR E 363 66.77 30.13 -36.81
N TYR E 364 66.87 28.84 -36.53
CA TYR E 364 67.70 28.30 -35.46
C TYR E 364 69.08 27.98 -36.01
N ILE E 365 69.99 28.94 -35.92
CA ILE E 365 71.35 28.78 -36.39
C ILE E 365 72.16 28.10 -35.29
N ALA E 366 72.25 26.77 -35.35
CA ALA E 366 73.00 26.03 -34.36
C ALA E 366 74.50 26.21 -34.57
N HIS E 367 75.26 25.99 -33.49
CA HIS E 367 76.71 26.16 -33.55
C HIS E 367 77.41 25.01 -34.25
N GLN E 368 76.85 23.80 -34.22
CA GLN E 368 77.51 22.61 -34.73
C GLN E 368 77.79 22.68 -36.21
N ASN E 422 76.24 15.66 -34.00
CA ASN E 422 75.74 15.16 -35.32
C ASN E 422 74.22 15.12 -35.28
N ASN E 423 73.67 14.62 -34.18
CA ASN E 423 72.23 14.61 -33.99
C ASN E 423 71.71 16.03 -33.77
N VAL E 424 70.43 16.22 -34.11
CA VAL E 424 69.86 17.57 -34.19
C VAL E 424 69.74 18.18 -32.79
N PRO E 425 69.89 19.49 -32.62
CA PRO E 425 69.80 20.06 -31.29
C PRO E 425 68.36 20.17 -30.84
N PRO E 426 68.10 20.26 -29.54
CA PRO E 426 66.79 20.74 -29.10
C PRO E 426 66.60 22.21 -29.47
N VAL E 427 65.38 22.55 -29.85
CA VAL E 427 64.98 23.93 -30.14
C VAL E 427 63.93 24.32 -29.13
N TYR E 428 64.26 25.31 -28.30
CA TYR E 428 63.34 25.85 -27.30
C TYR E 428 62.65 27.08 -27.85
N PRO E 429 61.34 27.31 -27.66
CA PRO E 429 60.30 26.50 -27.03
C PRO E 429 59.52 25.62 -27.99
N ASN E 430 59.75 25.74 -29.29
CA ASN E 430 58.86 25.17 -30.30
C ASN E 430 59.24 23.76 -30.73
N GLY E 431 60.43 23.28 -30.41
CA GLY E 431 60.87 22.00 -30.94
C GLY E 431 60.20 20.82 -30.27
N GLN E 432 60.13 19.71 -30.99
CA GLN E 432 59.59 18.47 -30.44
C GLN E 432 60.54 17.90 -29.40
N ILE E 433 59.97 17.12 -28.48
CA ILE E 433 60.75 16.36 -27.52
C ILE E 433 61.06 14.98 -28.03
N TRP E 434 60.02 14.24 -28.43
CA TRP E 434 60.12 12.87 -28.87
C TRP E 434 59.45 12.69 -30.20
N ASP E 435 59.82 11.61 -30.88
CA ASP E 435 59.14 11.17 -32.10
C ASP E 435 59.17 9.65 -32.09
N LYS E 436 58.30 9.03 -32.88
CA LYS E 436 58.27 7.58 -32.97
C LYS E 436 59.08 7.13 -34.17
N GLU E 437 59.77 6.01 -34.02
CA GLU E 437 60.58 5.48 -35.09
C GLU E 437 59.68 4.91 -36.19
N PHE E 438 60.21 4.90 -37.41
CA PHE E 438 59.45 4.43 -38.56
C PHE E 438 59.17 2.95 -38.48
N ASP E 439 58.03 2.55 -39.04
CA ASP E 439 57.63 1.15 -39.11
C ASP E 439 58.36 0.37 -40.20
N THR E 440 59.13 1.04 -41.05
CA THR E 440 59.83 0.36 -42.13
C THR E 440 60.91 -0.56 -41.56
N ASP E 441 61.29 -1.56 -42.35
CA ASP E 441 62.31 -2.51 -41.92
C ASP E 441 63.65 -1.80 -41.72
N LEU E 442 64.12 -1.08 -42.73
CA LEU E 442 65.24 -0.17 -42.55
C LEU E 442 64.71 1.16 -42.04
N LYS E 443 65.43 1.75 -41.10
CA LYS E 443 64.95 2.85 -40.29
C LYS E 443 65.94 4.01 -40.38
N PRO E 444 65.47 5.26 -40.32
CA PRO E 444 66.40 6.38 -40.48
C PRO E 444 67.38 6.46 -39.32
N ARG E 445 68.59 6.90 -39.64
CA ARG E 445 69.61 7.02 -38.61
C ARG E 445 69.36 8.21 -37.70
N LEU E 446 68.70 9.25 -38.19
CA LEU E 446 68.30 10.36 -37.34
C LEU E 446 67.01 10.94 -37.89
N HIS E 447 66.26 11.56 -36.99
CA HIS E 447 65.08 12.33 -37.32
C HIS E 447 65.42 13.81 -37.21
N VAL E 448 65.13 14.57 -38.27
CA VAL E 448 65.51 15.96 -38.27
C VAL E 448 64.71 16.81 -37.29
N ASN E 449 63.55 16.31 -36.82
CA ASN E 449 62.58 17.15 -36.13
C ASN E 449 62.52 16.95 -34.63
N ALA E 450 63.14 15.90 -34.08
CA ALA E 450 63.13 15.64 -32.64
C ALA E 450 64.48 15.10 -32.22
N PRO E 451 64.97 15.39 -31.01
CA PRO E 451 66.22 14.75 -30.59
C PRO E 451 66.04 13.30 -30.17
N PHE E 452 64.99 13.00 -29.42
CA PHE E 452 64.71 11.66 -28.93
C PHE E 452 63.76 10.96 -29.88
N VAL E 453 64.00 9.67 -30.11
CA VAL E 453 63.19 8.85 -30.99
C VAL E 453 62.82 7.58 -30.25
N CYS E 454 61.53 7.40 -29.98
CA CYS E 454 61.03 6.14 -29.43
C CYS E 454 61.28 5.02 -30.42
N GLN E 455 61.91 3.95 -29.96
CA GLN E 455 62.20 2.80 -30.81
C GLN E 455 61.09 1.77 -30.76
N ASN E 456 60.74 1.28 -29.56
CA ASN E 456 59.72 0.24 -29.48
C ASN E 456 58.32 0.82 -29.66
N ASN E 457 57.96 1.85 -28.89
CA ASN E 457 56.70 2.54 -29.05
C ASN E 457 56.80 3.83 -28.25
N CYS E 458 55.87 4.74 -28.50
CA CYS E 458 55.89 6.10 -28.01
C CYS E 458 54.60 6.38 -27.25
N PRO E 459 54.53 7.47 -26.49
CA PRO E 459 53.36 7.71 -25.63
C PRO E 459 52.04 7.77 -26.39
N GLY E 460 51.01 7.19 -25.79
CA GLY E 460 49.70 7.20 -26.38
C GLY E 460 49.15 8.60 -26.56
N GLN E 461 48.67 8.89 -27.76
CA GLN E 461 48.00 10.15 -28.01
C GLN E 461 46.67 10.20 -27.28
N LEU E 462 46.36 11.35 -26.71
CA LEU E 462 45.14 11.57 -25.93
C LEU E 462 44.17 12.37 -26.77
N PHE E 463 42.96 11.84 -26.93
CA PHE E 463 41.91 12.45 -27.75
C PHE E 463 40.73 12.82 -26.86
N VAL E 464 40.02 13.87 -27.25
CA VAL E 464 38.88 14.38 -26.50
C VAL E 464 37.79 14.81 -27.46
N LYS E 465 36.57 14.83 -26.94
CA LYS E 465 35.37 15.10 -27.73
C LYS E 465 34.24 15.32 -26.75
N VAL E 466 33.54 16.44 -26.87
CA VAL E 466 32.33 16.63 -26.09
C VAL E 466 31.25 15.73 -26.64
N ALA E 467 30.58 14.98 -25.77
CA ALA E 467 29.60 14.01 -26.22
C ALA E 467 28.39 14.73 -26.82
N PRO E 468 27.62 14.06 -27.69
CA PRO E 468 26.44 14.73 -28.26
C PRO E 468 25.35 15.01 -27.24
N ASN E 469 25.11 16.29 -26.98
CA ASN E 469 24.04 16.75 -26.09
C ASN E 469 22.80 17.02 -26.95
N LEU E 470 22.09 15.94 -27.28
CA LEU E 470 21.06 16.00 -28.30
C LEU E 470 19.81 16.73 -27.86
N THR E 471 19.13 17.33 -28.84
CA THR E 471 17.82 17.93 -28.64
C THR E 471 16.73 16.88 -28.77
N ASN E 472 15.50 17.30 -28.44
CA ASN E 472 14.37 16.38 -28.41
C ASN E 472 13.85 16.01 -29.79
N GLU E 473 14.29 16.69 -30.84
CA GLU E 473 13.73 16.55 -32.17
C GLU E 473 14.51 15.60 -33.06
N TYR E 474 15.45 14.83 -32.52
CA TYR E 474 16.36 14.05 -33.35
C TYR E 474 15.64 12.92 -34.04
N ASP E 475 15.78 12.86 -35.35
CA ASP E 475 15.31 11.76 -36.20
C ASP E 475 16.53 11.20 -36.93
N PRO E 476 17.02 9.99 -36.65
CA PRO E 476 18.28 9.58 -37.27
C PRO E 476 18.16 9.27 -38.75
N ASP E 477 16.96 8.98 -39.25
CA ASP E 477 16.78 8.75 -40.67
C ASP E 477 16.65 10.03 -41.47
N ALA E 478 16.57 11.19 -40.81
CA ALA E 478 16.55 12.44 -41.55
C ALA E 478 17.93 12.72 -42.13
N SER E 479 17.95 13.44 -43.25
CA SER E 479 19.20 13.65 -43.97
C SER E 479 20.11 14.63 -43.25
N ALA E 480 19.55 15.64 -42.61
CA ALA E 480 20.34 16.76 -42.12
C ALA E 480 21.18 16.34 -40.92
N ASN E 481 22.15 17.19 -40.58
CA ASN E 481 23.00 16.95 -39.44
C ASN E 481 22.19 17.04 -38.15
N MET E 482 22.63 16.30 -37.14
CA MET E 482 21.91 16.23 -35.88
C MET E 482 21.95 17.58 -35.18
N SER E 483 20.83 17.97 -34.58
CA SER E 483 20.70 19.23 -33.87
C SER E 483 21.18 19.03 -32.44
N ARG E 484 22.25 19.74 -32.07
CA ARG E 484 22.92 19.58 -30.79
C ARG E 484 22.73 20.82 -29.93
N ILE E 485 22.54 20.62 -28.63
CA ILE E 485 22.61 21.73 -27.70
C ILE E 485 24.06 22.20 -27.73
N VAL E 486 24.24 23.50 -27.95
CA VAL E 486 25.57 24.07 -27.99
C VAL E 486 26.18 23.93 -26.61
N THR E 487 27.20 23.08 -26.50
CA THR E 487 27.86 22.78 -25.25
C THR E 487 29.37 22.95 -25.44
N TYR E 488 30.05 23.25 -24.35
CA TYR E 488 31.48 23.39 -24.36
C TYR E 488 31.99 22.94 -23.02
N SER E 489 33.28 22.63 -22.96
CA SER E 489 33.90 22.10 -21.76
C SER E 489 35.20 22.82 -21.47
N ASP E 490 35.45 23.05 -20.19
CA ASP E 490 36.76 23.41 -19.68
C ASP E 490 37.20 22.31 -18.75
N PHE E 491 38.37 21.75 -19.01
CA PHE E 491 38.96 20.72 -18.17
C PHE E 491 40.42 21.02 -17.98
N TRP E 492 40.94 20.59 -16.84
CA TRP E 492 42.34 20.79 -16.48
C TRP E 492 43.14 19.57 -16.90
N TRP E 493 44.24 19.80 -17.59
CA TRP E 493 45.21 18.79 -17.95
C TRP E 493 46.42 18.97 -17.05
N LYS E 494 46.97 17.87 -16.54
CA LYS E 494 48.18 17.89 -15.73
C LYS E 494 49.10 16.79 -16.24
N GLY E 495 50.27 17.19 -16.72
CA GLY E 495 51.29 16.27 -17.17
C GLY E 495 52.46 16.25 -16.22
N LYS E 496 53.18 15.14 -16.21
CA LYS E 496 54.48 15.02 -15.56
C LYS E 496 55.43 14.41 -16.54
N LEU E 497 56.62 14.99 -16.66
CA LEU E 497 57.67 14.51 -17.54
C LEU E 497 58.96 14.47 -16.75
N VAL E 498 59.64 13.33 -16.79
CA VAL E 498 60.83 13.07 -15.99
C VAL E 498 62.00 12.92 -16.94
N PHE E 499 63.12 13.54 -16.58
CA PHE E 499 64.37 13.42 -17.31
C PHE E 499 65.46 13.00 -16.34
N LYS E 500 66.55 12.50 -16.90
CA LYS E 500 67.80 12.30 -16.18
C LYS E 500 68.88 13.02 -16.95
N ALA E 501 69.66 13.85 -16.25
CA ALA E 501 70.73 14.63 -16.87
C ALA E 501 72.01 14.47 -16.06
N LYS E 502 73.14 14.73 -16.72
CA LYS E 502 74.46 14.65 -16.12
C LYS E 502 75.10 16.03 -16.10
N LEU E 503 75.51 16.48 -14.92
CA LEU E 503 76.18 17.77 -14.82
C LEU E 503 77.53 17.72 -15.51
N ARG E 504 77.88 18.79 -16.19
CA ARG E 504 79.16 18.86 -16.88
C ARG E 504 80.28 18.95 -15.86
N GLN E 514 77.71 30.57 -22.10
CA GLN E 514 76.53 30.35 -21.23
C GLN E 514 75.38 31.27 -21.63
N MET E 515 74.16 30.76 -21.49
CA MET E 515 72.96 31.59 -21.65
C MET E 515 72.89 32.57 -20.49
N SER E 516 72.55 33.82 -20.79
CA SER E 516 72.46 34.83 -19.75
C SER E 516 71.50 35.94 -20.18
N ILE E 517 70.92 36.59 -19.18
CA ILE E 517 70.12 37.79 -19.40
C ILE E 517 71.05 38.99 -19.50
N ASN E 518 70.81 39.82 -20.52
CA ASN E 518 71.56 41.05 -20.73
C ASN E 518 70.57 42.15 -21.12
N VAL E 519 71.11 43.36 -21.31
CA VAL E 519 70.29 44.55 -21.49
C VAL E 519 69.47 44.46 -22.78
N ASP E 520 70.01 43.82 -23.81
CA ASP E 520 69.26 43.69 -25.06
C ASP E 520 68.09 42.73 -24.92
N ASN E 521 68.33 41.53 -24.39
CA ASN E 521 67.29 40.52 -24.26
C ASN E 521 66.49 40.62 -22.96
N GLN E 522 66.73 41.65 -22.14
CA GLN E 522 66.19 41.74 -20.80
C GLN E 522 64.67 41.65 -20.77
N PHE E 523 64.02 42.47 -21.58
CA PHE E 523 62.58 42.59 -21.53
C PHE E 523 61.84 41.47 -22.25
N ASN E 524 62.55 40.50 -22.83
CA ASN E 524 61.87 39.36 -23.42
C ASN E 524 61.28 38.43 -22.38
N TYR E 525 61.90 38.35 -21.20
CA TYR E 525 61.57 37.35 -20.19
C TYR E 525 60.71 37.89 -19.05
N VAL E 526 60.07 39.05 -19.21
CA VAL E 526 59.22 39.66 -18.18
C VAL E 526 57.95 40.16 -18.82
N PRO E 527 56.88 40.34 -18.05
CA PRO E 527 55.65 40.86 -18.63
C PRO E 527 55.77 42.32 -19.00
N SER E 528 54.87 42.75 -19.88
CA SER E 528 54.77 44.11 -20.32
C SER E 528 53.75 44.87 -19.48
N ASN E 529 53.50 46.12 -19.82
CA ASN E 529 52.59 46.96 -19.04
C ASN E 529 51.17 46.43 -19.09
N ILE E 530 50.74 45.95 -20.24
CA ILE E 530 49.36 45.53 -20.49
C ILE E 530 49.25 44.02 -20.42
N GLY E 531 50.14 43.37 -19.66
CA GLY E 531 50.07 41.94 -19.48
C GLY E 531 50.68 41.11 -20.60
N GLY E 532 51.39 41.73 -21.54
CA GLY E 532 51.97 40.99 -22.64
C GLY E 532 53.03 40.03 -22.16
N MET E 533 53.29 39.02 -22.99
CA MET E 533 54.23 37.98 -22.64
C MET E 533 54.78 37.39 -23.93
N LYS E 534 56.05 36.99 -23.89
CA LYS E 534 56.64 36.27 -25.00
C LYS E 534 57.68 35.30 -24.46
N ILE E 535 57.98 34.29 -25.28
CA ILE E 535 59.06 33.34 -25.02
C ILE E 535 59.92 33.35 -26.27
N VAL E 536 61.11 33.92 -26.16
CA VAL E 536 62.03 33.99 -27.29
C VAL E 536 62.80 32.68 -27.38
N TYR E 537 63.32 32.40 -28.57
CA TYR E 537 64.04 31.15 -28.78
C TYR E 537 65.38 31.19 -28.08
N GLU E 538 65.82 30.01 -27.62
CA GLU E 538 67.06 29.87 -26.86
C GLU E 538 67.84 28.66 -27.36
N LYS E 539 69.15 28.80 -27.45
CA LYS E 539 69.99 27.74 -27.97
C LYS E 539 70.12 26.62 -26.94
N SER E 540 70.63 25.46 -27.38
CA SER E 540 70.71 24.26 -26.54
C SER E 540 72.11 23.67 -26.48
N GLN E 541 72.82 23.63 -27.61
CA GLN E 541 74.16 23.02 -27.69
C GLN E 541 75.23 24.10 -27.55
N LEU E 542 75.28 24.68 -26.34
CA LEU E 542 76.10 25.85 -26.11
C LEU E 542 77.57 25.52 -25.97
N ALA E 543 77.89 24.49 -25.18
CA ALA E 543 79.27 24.14 -24.92
C ALA E 543 79.87 23.41 -26.11
N GLY F 1 29.87 16.11 -0.40
CA GLY F 1 29.34 16.83 -1.59
C GLY F 1 29.04 18.29 -1.34
N VAL F 2 28.11 18.83 -2.11
CA VAL F 2 27.79 20.25 -2.04
C VAL F 2 27.11 20.57 -0.72
N GLY F 3 26.13 19.78 -0.33
CA GLY F 3 25.21 20.16 0.72
C GLY F 3 25.68 19.97 2.14
N ILE F 4 26.91 19.51 2.36
CA ILE F 4 27.42 19.22 3.70
C ILE F 4 28.41 20.30 4.10
N SER F 5 28.17 20.90 5.25
CA SER F 5 29.08 21.87 5.83
C SER F 5 30.41 21.21 6.15
N THR F 6 31.50 21.90 5.87
CA THR F 6 32.84 21.32 5.95
C THR F 6 33.58 21.67 7.23
N GLY F 7 33.30 22.83 7.84
CA GLY F 7 33.99 23.19 9.07
C GLY F 7 33.23 24.24 9.85
N THR F 8 33.70 24.48 11.08
CA THR F 8 32.97 25.24 12.08
C THR F 8 33.66 26.55 12.40
N PHE F 9 32.88 27.61 12.47
CA PHE F 9 33.33 28.95 12.83
C PHE F 9 33.72 28.97 14.29
N ASN F 10 34.81 29.66 14.60
CA ASN F 10 35.28 29.82 15.97
C ASN F 10 36.05 31.10 16.08
N ASN F 11 35.62 31.98 16.99
CA ASN F 11 36.31 33.23 17.29
C ASN F 11 36.53 33.38 18.79
N GLN F 12 36.61 32.28 19.52
CA GLN F 12 36.85 32.33 20.96
C GLN F 12 38.34 32.48 21.25
N THR F 13 38.68 33.43 22.10
CA THR F 13 40.00 33.47 22.71
C THR F 13 39.98 32.60 23.95
N GLU F 14 40.82 31.57 23.98
CA GLU F 14 40.90 30.62 25.07
C GLU F 14 42.17 30.89 25.85
N PHE F 15 42.04 31.00 27.18
CA PHE F 15 43.16 31.16 28.09
C PHE F 15 43.27 29.90 28.93
N LYS F 16 44.35 29.15 28.72
CA LYS F 16 44.62 27.91 29.42
C LYS F 16 45.78 28.16 30.36
N PHE F 17 45.57 27.91 31.64
CA PHE F 17 46.51 28.29 32.69
C PHE F 17 47.30 27.06 33.11
N LEU F 18 48.62 27.17 33.06
CA LEU F 18 49.54 26.16 33.55
C LEU F 18 50.23 26.74 34.78
N GLU F 19 50.34 25.95 35.83
CA GLU F 19 51.11 26.40 36.98
C GLU F 19 52.58 26.51 36.56
N ASN F 20 53.36 27.16 37.44
CA ASN F 20 54.58 27.88 37.12
C ASN F 20 54.30 29.15 36.31
N GLY F 21 53.07 29.67 36.39
CA GLY F 21 52.79 31.02 35.96
C GLY F 21 52.72 31.25 34.47
N TRP F 22 52.48 30.22 33.67
CA TRP F 22 52.44 30.30 32.23
C TRP F 22 51.03 30.10 31.73
N VAL F 23 50.59 30.97 30.82
CA VAL F 23 49.26 30.93 30.23
C VAL F 23 49.44 30.66 28.75
N GLU F 24 48.72 29.65 28.23
CA GLU F 24 48.62 29.41 26.81
C GLU F 24 47.38 30.11 26.29
N ILE F 25 47.56 31.10 25.43
CA ILE F 25 46.48 31.94 24.92
C ILE F 25 46.25 31.53 23.47
N THR F 26 45.06 31.01 23.18
CA THR F 26 44.71 30.49 21.86
C THR F 26 43.65 31.39 21.24
N ALA F 27 44.09 32.25 20.33
CA ALA F 27 43.18 33.18 19.67
C ALA F 27 42.64 32.53 18.42
N ASN F 28 41.45 31.94 18.52
CA ASN F 28 40.74 31.53 17.33
C ASN F 28 40.16 32.78 16.66
N SER F 29 40.20 32.80 15.34
CA SER F 29 39.61 33.86 14.56
C SER F 29 39.00 33.26 13.31
N SER F 30 37.80 33.72 12.96
CA SER F 30 37.08 33.22 11.80
C SER F 30 36.47 34.41 11.07
N ARG F 31 36.48 34.35 9.74
CA ARG F 31 35.97 35.43 8.90
C ARG F 31 35.30 34.86 7.67
N LEU F 32 34.29 35.57 7.19
CA LEU F 32 33.74 35.36 5.86
C LEU F 32 34.48 36.27 4.90
N VAL F 33 35.09 35.69 3.88
CA VAL F 33 36.01 36.39 2.98
C VAL F 33 35.38 36.41 1.59
N HIS F 34 35.39 37.58 0.95
CA HIS F 34 34.73 37.83 -0.32
C HIS F 34 35.77 38.17 -1.38
N LEU F 35 35.69 37.50 -2.53
CA LEU F 35 36.73 37.56 -3.56
C LEU F 35 36.10 37.68 -4.93
N ASN F 36 36.33 38.80 -5.60
CA ASN F 36 35.94 38.96 -6.99
C ASN F 36 36.96 38.31 -7.91
N MET F 37 36.54 38.09 -9.15
CA MET F 37 37.47 37.60 -10.15
C MET F 37 38.54 38.65 -10.42
N PRO F 38 39.72 38.25 -10.90
CA PRO F 38 40.76 39.26 -11.17
C PRO F 38 40.35 40.18 -12.30
N GLU F 39 40.96 41.37 -12.30
CA GLU F 39 40.75 42.29 -13.41
C GLU F 39 41.23 41.68 -14.72
N SER F 40 42.36 40.98 -14.68
CA SER F 40 42.81 40.20 -15.83
C SER F 40 43.59 39.01 -15.29
N GLU F 41 43.69 37.98 -16.12
CA GLU F 41 44.40 36.76 -15.78
C GLU F 41 45.89 36.82 -16.08
N ASN F 42 46.43 38.01 -16.35
CA ASN F 42 47.79 38.19 -16.84
C ASN F 42 48.65 38.89 -15.81
N TYR F 43 49.91 38.49 -15.73
CA TYR F 43 50.90 39.21 -14.94
C TYR F 43 51.37 40.44 -15.70
N ARG F 44 51.40 41.58 -15.02
CA ARG F 44 51.58 42.89 -15.65
C ARG F 44 52.68 43.66 -14.94
N ARG F 45 53.65 44.17 -15.70
CA ARG F 45 54.78 44.94 -15.15
C ARG F 45 54.45 46.42 -15.29
N VAL F 46 54.04 47.03 -14.20
CA VAL F 46 53.56 48.40 -14.16
C VAL F 46 54.64 49.26 -13.52
N VAL F 47 54.97 50.37 -14.15
CA VAL F 47 55.85 51.38 -13.59
C VAL F 47 54.98 52.54 -13.13
N VAL F 48 55.15 52.93 -11.87
CA VAL F 48 54.52 54.13 -11.32
C VAL F 48 55.56 55.23 -11.36
N ASN F 49 55.12 56.44 -11.72
CA ASN F 49 56.02 57.56 -11.91
C ASN F 49 55.22 58.83 -11.69
N ASN F 50 55.68 59.67 -10.75
CA ASN F 50 55.06 60.95 -10.46
C ASN F 50 56.09 62.07 -10.61
N MET F 51 56.79 62.09 -11.75
CA MET F 51 57.73 63.16 -12.05
C MET F 51 57.07 64.53 -12.03
N ASP F 52 55.77 64.61 -12.31
CA ASP F 52 55.06 65.88 -12.19
C ASP F 52 55.08 66.40 -10.76
N LYS F 53 54.77 65.56 -9.79
CA LYS F 53 54.68 66.04 -8.42
C LYS F 53 56.06 66.31 -7.82
N THR F 54 57.07 65.54 -8.23
CA THR F 54 58.43 65.72 -7.72
C THR F 54 59.23 66.79 -8.47
N ALA F 55 58.80 67.19 -9.66
CA ALA F 55 59.49 68.25 -10.37
C ALA F 55 59.34 69.59 -9.67
N VAL F 56 58.24 69.79 -8.95
CA VAL F 56 58.14 70.95 -8.07
C VAL F 56 59.21 70.81 -7.01
N ASN F 57 60.11 71.79 -6.93
CA ASN F 57 61.28 71.67 -6.08
C ASN F 57 60.88 71.59 -4.61
N GLY F 58 61.57 70.72 -3.87
CA GLY F 58 61.28 70.47 -2.48
C GLY F 58 60.31 69.34 -2.20
N ASN F 59 59.78 68.67 -3.23
CA ASN F 59 58.85 67.58 -3.09
C ASN F 59 59.53 66.20 -3.17
N MET F 60 60.76 66.09 -2.68
CA MET F 60 61.44 64.79 -2.72
C MET F 60 60.74 63.76 -1.86
N ALA F 61 60.21 64.16 -0.70
CA ALA F 61 59.55 63.21 0.17
C ALA F 61 58.26 62.66 -0.43
N LEU F 62 57.69 63.36 -1.41
CA LEU F 62 56.48 62.91 -2.10
C LEU F 62 56.79 61.95 -3.24
N ASP F 63 58.05 61.54 -3.43
CA ASP F 63 58.41 60.62 -4.49
C ASP F 63 57.70 59.29 -4.31
N ASP F 64 57.13 58.77 -5.40
CA ASP F 64 56.37 57.54 -5.39
C ASP F 64 56.76 56.60 -6.53
N ILE F 65 57.91 56.80 -7.15
CA ILE F 65 58.27 56.01 -8.33
C ILE F 65 58.62 54.60 -7.89
N HIS F 66 58.01 53.62 -8.54
CA HIS F 66 58.43 52.24 -8.36
C HIS F 66 57.88 51.41 -9.51
N ALA F 67 58.37 50.19 -9.60
CA ALA F 67 57.88 49.18 -10.51
C ALA F 67 57.30 48.04 -9.71
N GLN F 68 56.21 47.45 -10.19
CA GLN F 68 55.60 46.31 -9.53
C GLN F 68 55.00 45.37 -10.55
N ILE F 69 54.93 44.10 -10.17
CA ILE F 69 54.25 43.08 -10.96
C ILE F 69 52.86 42.90 -10.38
N VAL F 70 51.87 43.50 -11.03
CA VAL F 70 50.48 43.30 -10.64
C VAL F 70 50.10 41.88 -11.04
N THR F 71 49.58 41.14 -10.08
CA THR F 71 49.40 39.71 -10.15
C THR F 71 47.92 39.36 -10.00
N PRO F 72 47.39 38.39 -10.76
CA PRO F 72 45.98 38.04 -10.57
C PRO F 72 45.63 37.50 -9.20
N TRP F 73 46.60 36.96 -8.47
CA TRP F 73 46.30 36.35 -7.19
C TRP F 73 46.09 37.39 -6.11
N SER F 74 45.33 37.00 -5.10
CA SER F 74 44.97 37.83 -3.97
C SER F 74 45.42 37.12 -2.70
N LEU F 75 45.79 37.90 -1.70
CA LEU F 75 46.48 37.41 -0.50
C LEU F 75 45.57 37.52 0.70
N VAL F 76 45.45 36.41 1.44
CA VAL F 76 44.78 36.39 2.73
C VAL F 76 45.86 36.53 3.79
N ASP F 77 45.87 37.68 4.47
CA ASP F 77 46.88 38.01 5.47
C ASP F 77 46.20 38.28 6.80
N ALA F 78 46.64 37.57 7.83
CA ALA F 78 46.16 37.74 9.19
C ALA F 78 47.22 38.29 10.13
N ASN F 79 48.30 38.86 9.60
CA ASN F 79 49.44 39.28 10.41
C ASN F 79 49.21 40.66 11.04
N ALA F 80 48.20 40.75 11.89
CA ALA F 80 47.95 41.97 12.65
C ALA F 80 47.13 41.61 13.89
N TRP F 81 47.32 42.40 14.94
CA TRP F 81 46.76 42.03 16.24
C TRP F 81 45.25 42.08 16.23
N GLY F 82 44.66 43.05 15.54
CA GLY F 82 43.22 43.23 15.57
C GLY F 82 42.45 42.09 14.95
N VAL F 83 43.11 41.26 14.13
CA VAL F 83 42.45 40.12 13.54
C VAL F 83 42.09 39.07 14.58
N TRP F 84 42.72 39.08 15.76
CA TRP F 84 42.68 37.99 16.72
C TRP F 84 42.02 38.36 18.03
N PHE F 85 42.41 39.50 18.62
CA PHE F 85 42.01 39.87 19.96
C PHE F 85 41.01 41.04 19.92
N ASN F 86 39.88 40.86 20.58
CA ASN F 86 38.98 41.96 20.86
C ASN F 86 39.58 42.80 21.97
N PRO F 87 39.08 44.01 22.20
CA PRO F 87 39.70 44.86 23.23
C PRO F 87 39.65 44.31 24.64
N GLY F 88 38.66 43.51 25.00
CA GLY F 88 38.65 42.94 26.34
C GLY F 88 39.77 41.94 26.55
N ASP F 89 39.98 41.06 25.58
CA ASP F 89 41.09 40.13 25.66
C ASP F 89 42.42 40.86 25.63
N TRP F 90 42.49 41.95 24.88
CA TRP F 90 43.71 42.74 24.86
C TRP F 90 43.96 43.39 26.21
N GLN F 91 42.88 43.84 26.87
CA GLN F 91 43.01 44.39 28.22
C GLN F 91 43.57 43.35 29.16
N LEU F 92 43.03 42.14 29.10
CA LEU F 92 43.51 41.07 29.95
C LEU F 92 44.99 40.78 29.70
N ILE F 93 45.38 40.74 28.42
CA ILE F 93 46.77 40.44 28.08
C ILE F 93 47.70 41.53 28.59
N VAL F 94 47.41 42.79 28.29
CA VAL F 94 48.34 43.84 28.67
C VAL F 94 48.34 44.07 30.18
N ASN F 95 47.21 43.84 30.86
CA ASN F 95 47.16 44.08 32.29
C ASN F 95 47.84 42.99 33.09
N THR F 96 47.57 41.72 32.76
CA THR F 96 47.96 40.61 33.61
C THR F 96 49.26 39.95 33.19
N MET F 97 49.69 40.09 31.94
CA MET F 97 50.85 39.39 31.41
C MET F 97 52.07 40.29 31.43
N SER F 98 53.25 39.67 31.38
CA SER F 98 54.55 40.32 31.43
C SER F 98 55.36 40.14 30.16
N GLU F 99 55.34 38.94 29.57
CA GLU F 99 55.98 38.69 28.29
C GLU F 99 55.17 37.66 27.51
N LEU F 100 55.36 37.66 26.20
CA LEU F 100 54.65 36.80 25.26
C LEU F 100 55.62 36.00 24.42
N HIS F 101 55.20 34.79 24.05
CA HIS F 101 55.90 33.95 23.08
C HIS F 101 54.90 33.48 22.03
N LEU F 102 55.24 33.64 20.75
CA LEU F 102 54.46 33.00 19.71
C LEU F 102 54.76 31.50 19.70
N VAL F 103 53.71 30.69 19.67
CA VAL F 103 53.84 29.24 19.63
C VAL F 103 53.50 28.69 18.25
N SER F 104 52.38 29.09 17.66
CA SER F 104 52.00 28.47 16.39
C SER F 104 50.93 29.25 15.64
N PHE F 105 50.79 28.91 14.36
CA PHE F 105 49.78 29.45 13.46
C PHE F 105 49.29 28.35 12.53
N GLU F 106 47.97 28.25 12.36
CA GLU F 106 47.37 27.40 11.34
C GLU F 106 46.20 28.13 10.71
N GLN F 107 45.76 27.62 9.57
CA GLN F 107 44.72 28.25 8.76
C GLN F 107 43.87 27.20 8.10
N GLU F 108 42.65 27.59 7.73
CA GLU F 108 41.76 26.78 6.93
C GLU F 108 40.95 27.70 6.03
N ILE F 109 40.71 27.25 4.81
CA ILE F 109 39.67 27.81 3.95
C ILE F 109 38.60 26.74 3.80
N PHE F 110 37.36 27.09 4.12
CA PHE F 110 36.31 26.12 4.32
C PHE F 110 34.96 26.73 3.95
N ASN F 111 34.03 25.84 3.60
CA ASN F 111 32.69 26.20 3.11
C ASN F 111 32.78 27.21 1.98
N VAL F 112 33.36 26.77 0.87
CA VAL F 112 33.49 27.64 -0.29
C VAL F 112 32.15 27.69 -1.03
N VAL F 113 31.79 28.87 -1.51
CA VAL F 113 30.64 29.08 -2.37
C VAL F 113 31.11 29.85 -3.59
N LEU F 114 30.74 29.36 -4.77
CA LEU F 114 31.04 29.99 -6.05
C LEU F 114 29.73 30.39 -6.71
N LYS F 115 29.71 31.57 -7.31
CA LYS F 115 28.52 32.11 -7.91
C LYS F 115 28.86 32.82 -9.21
N THR F 116 27.85 33.02 -10.04
CA THR F 116 27.98 33.71 -11.32
C THR F 116 26.87 34.74 -11.44
N VAL F 117 27.20 35.87 -12.08
CA VAL F 117 26.30 36.99 -12.24
C VAL F 117 25.86 37.06 -13.69
N SER F 118 24.55 37.23 -13.89
CA SER F 118 23.95 37.35 -15.20
C SER F 118 23.13 38.64 -15.23
N GLU F 119 23.19 39.35 -16.35
CA GLU F 119 22.46 40.60 -16.51
C GLU F 119 20.96 40.35 -16.54
N THR F 126 18.88 44.80 -14.40
CA THR F 126 18.70 43.76 -13.33
C THR F 126 19.86 42.77 -13.33
N LYS F 127 20.10 42.15 -12.17
CA LYS F 127 21.14 41.15 -11.98
C LYS F 127 20.59 39.95 -11.24
N VAL F 128 20.93 38.76 -11.72
CA VAL F 128 20.42 37.49 -11.20
C VAL F 128 21.62 36.62 -10.85
N TYR F 129 21.60 36.04 -9.65
CA TYR F 129 22.76 35.41 -9.03
C TYR F 129 22.54 33.91 -8.94
N ASN F 130 23.42 33.15 -9.59
CA ASN F 130 23.31 31.70 -9.72
C ASN F 130 24.55 31.03 -9.16
N ASN F 131 24.35 29.87 -8.56
CA ASN F 131 25.49 29.07 -8.13
C ASN F 131 26.15 28.40 -9.33
N ASP F 132 27.44 28.13 -9.19
CA ASP F 132 28.20 27.33 -10.14
C ASP F 132 28.89 26.25 -9.32
N LEU F 133 28.28 25.07 -9.26
CA LEU F 133 28.86 24.00 -8.47
C LEU F 133 30.13 23.44 -9.10
N THR F 134 30.37 23.70 -10.38
CA THR F 134 31.50 23.16 -11.10
C THR F 134 32.73 24.05 -11.06
N ALA F 135 32.56 25.36 -10.93
CA ALA F 135 33.71 26.24 -10.84
C ALA F 135 34.44 26.02 -9.52
N SER F 136 35.65 26.59 -9.44
CA SER F 136 36.58 26.25 -8.38
C SER F 136 37.39 27.46 -7.97
N LEU F 137 37.81 27.43 -6.71
CA LEU F 137 38.67 28.45 -6.12
C LEU F 137 40.09 27.90 -6.05
N MET F 138 41.02 28.62 -6.65
CA MET F 138 42.43 28.23 -6.60
C MET F 138 43.05 28.75 -5.33
N VAL F 139 43.66 27.86 -4.55
CA VAL F 139 44.31 28.20 -3.28
C VAL F 139 45.75 27.73 -3.35
N ALA F 140 46.67 28.62 -3.00
CA ALA F 140 48.10 28.35 -3.03
C ALA F 140 48.74 28.83 -1.73
N LEU F 141 49.54 27.97 -1.11
CA LEU F 141 50.28 28.30 0.10
C LEU F 141 51.77 28.13 -0.16
N ASP F 142 52.53 29.20 0.03
CA ASP F 142 53.97 29.20 -0.21
C ASP F 142 54.70 28.79 1.07
N SER F 143 54.70 27.47 1.32
CA SER F 143 55.31 26.96 2.53
C SER F 143 56.82 27.18 2.54
N ASN F 144 57.47 27.05 1.39
CA ASN F 144 58.91 27.20 1.30
C ASN F 144 59.38 28.65 1.22
N ASN F 145 58.46 29.62 1.21
CA ASN F 145 58.79 31.04 1.15
C ASN F 145 59.60 31.38 -0.10
N THR F 146 59.16 30.84 -1.24
CA THR F 146 59.77 31.20 -2.52
C THR F 146 59.38 32.61 -2.94
N MET F 147 58.13 32.98 -2.75
CA MET F 147 57.65 34.27 -3.22
C MET F 147 58.13 35.38 -2.30
N PRO F 148 58.21 36.62 -2.77
CA PRO F 148 58.61 37.72 -1.89
C PRO F 148 57.63 37.92 -0.75
N PHE F 149 58.17 38.23 0.43
CA PHE F 149 57.34 38.43 1.59
C PHE F 149 56.64 39.77 1.49
N THR F 150 55.31 39.75 1.72
CA THR F 150 54.42 40.89 1.48
C THR F 150 53.55 41.11 2.71
N PRO F 151 54.06 41.78 3.76
CA PRO F 151 53.23 42.02 4.95
C PRO F 151 52.18 43.09 4.68
N ALA F 152 50.92 42.75 4.91
CA ALA F 152 49.80 43.60 4.53
C ALA F 152 49.51 44.72 5.52
N ALA F 153 50.10 44.70 6.71
CA ALA F 153 49.69 45.63 7.75
C ALA F 153 50.09 47.06 7.43
N MET F 154 51.29 47.27 6.88
CA MET F 154 51.72 48.64 6.66
C MET F 154 50.96 49.33 5.53
N ARG F 155 50.24 48.59 4.70
CA ARG F 155 49.27 49.16 3.78
C ARG F 155 47.83 49.03 4.27
N SER F 156 47.63 48.58 5.51
CA SER F 156 46.30 48.51 6.12
C SER F 156 45.39 47.60 5.30
N GLU F 157 45.92 46.43 4.95
CA GLU F 157 45.27 45.51 4.04
C GLU F 157 45.09 44.11 4.62
N THR F 158 45.22 43.93 5.93
CA THR F 158 44.93 42.65 6.53
C THR F 158 43.42 42.40 6.56
N LEU F 159 43.03 41.21 6.98
CA LEU F 159 41.62 40.88 7.16
C LEU F 159 40.97 41.83 8.16
N GLY F 160 39.66 41.95 8.10
CA GLY F 160 38.97 42.86 8.99
C GLY F 160 39.02 42.41 10.44
N PHE F 161 38.82 43.38 11.32
CA PHE F 161 38.99 43.16 12.75
C PHE F 161 37.71 42.78 13.46
N TYR F 162 36.54 42.91 12.83
CA TYR F 162 35.26 42.57 13.43
C TYR F 162 34.84 41.18 12.95
N PRO F 163 34.47 40.23 13.81
CA PRO F 163 34.08 38.91 13.29
C PRO F 163 32.83 38.91 12.42
N TRP F 164 31.95 39.91 12.56
CA TRP F 164 30.67 39.87 11.86
C TRP F 164 30.75 40.44 10.46
N LYS F 165 31.45 41.54 10.28
CA LYS F 165 31.53 42.14 8.95
C LYS F 165 32.36 41.25 8.04
N PRO F 166 31.86 40.84 6.87
CA PRO F 166 32.73 40.14 5.93
C PRO F 166 33.83 41.04 5.42
N THR F 167 34.92 40.42 4.99
CA THR F 167 36.16 41.09 4.61
C THR F 167 36.54 40.67 3.20
N ILE F 168 37.46 41.41 2.60
CA ILE F 168 38.00 41.12 1.27
C ILE F 168 39.49 40.84 1.41
N PRO F 169 40.09 39.97 0.60
CA PRO F 169 41.55 39.86 0.61
C PRO F 169 42.19 40.95 -0.24
N THR F 170 43.45 41.21 0.02
CA THR F 170 44.17 42.22 -0.73
C THR F 170 44.62 41.67 -2.08
N PRO F 171 44.49 42.42 -3.18
CA PRO F 171 45.09 41.95 -4.43
C PRO F 171 46.61 42.00 -4.34
N TRP F 172 47.24 40.89 -4.72
CA TRP F 172 48.66 40.74 -4.47
C TRP F 172 49.50 41.44 -5.52
N ARG F 173 50.62 42.00 -5.08
CA ARG F 173 51.58 42.64 -5.95
C ARG F 173 52.90 42.67 -5.22
N TYR F 174 53.98 42.77 -5.99
CA TYR F 174 55.31 42.79 -5.40
C TYR F 174 56.24 43.66 -6.22
N TYR F 175 57.30 44.13 -5.57
CA TYR F 175 58.21 45.07 -6.19
C TYR F 175 59.08 44.39 -7.24
N PHE F 176 59.23 45.08 -8.37
CA PHE F 176 60.11 44.72 -9.46
C PHE F 176 61.23 45.75 -9.48
N GLN F 177 62.43 45.33 -9.86
CA GLN F 177 63.58 46.21 -9.71
C GLN F 177 63.47 47.40 -10.64
N TRP F 178 63.94 48.55 -10.15
CA TRP F 178 64.02 49.75 -10.94
C TRP F 178 65.20 50.56 -10.43
N ASP F 179 65.62 51.52 -11.24
CA ASP F 179 66.71 52.43 -10.90
C ASP F 179 66.23 53.84 -11.15
N ARG F 180 66.41 54.71 -10.16
CA ARG F 180 65.80 56.03 -10.19
C ARG F 180 66.66 56.99 -9.38
N THR F 181 67.09 58.07 -10.02
CA THR F 181 67.91 59.11 -9.40
C THR F 181 67.08 60.36 -9.22
N LEU F 182 67.16 60.96 -8.03
CA LEU F 182 66.45 62.19 -7.72
C LEU F 182 67.36 63.05 -6.84
N ILE F 183 67.98 64.05 -7.45
CA ILE F 183 68.84 64.98 -6.71
C ILE F 183 67.97 65.93 -5.91
N PRO F 184 68.20 66.17 -4.61
CA PRO F 184 67.28 67.03 -3.87
C PRO F 184 67.42 68.49 -4.23
N SER F 185 66.38 69.24 -3.89
CA SER F 185 66.31 70.67 -4.15
C SER F 185 65.40 71.31 -3.11
N HIS F 186 65.29 72.64 -3.19
CA HIS F 186 64.45 73.42 -2.30
C HIS F 186 63.74 74.48 -3.12
N THR F 187 62.75 75.12 -2.50
CA THR F 187 62.12 76.29 -3.10
C THR F 187 63.18 77.38 -3.30
N GLY F 188 63.21 77.94 -4.50
CA GLY F 188 64.21 78.92 -4.87
C GLY F 188 65.46 78.34 -5.51
N THR F 189 65.56 77.03 -5.66
CA THR F 189 66.63 76.46 -6.46
C THR F 189 66.44 76.85 -7.91
N SER F 190 67.50 77.36 -8.52
CA SER F 190 67.38 77.98 -9.85
C SER F 190 67.07 76.94 -10.93
N GLY F 191 67.85 75.87 -10.96
CA GLY F 191 67.78 74.89 -12.03
C GLY F 191 66.98 73.66 -11.64
N THR F 192 66.41 73.01 -12.64
CA THR F 192 65.67 71.78 -12.40
C THR F 192 66.64 70.66 -12.03
N PRO F 193 66.46 69.96 -10.90
CA PRO F 193 67.40 68.89 -10.56
C PRO F 193 67.21 67.65 -11.43
N THR F 194 68.22 66.79 -11.40
CA THR F 194 68.19 65.51 -12.10
C THR F 194 67.09 64.62 -11.52
N ASN F 195 66.04 64.36 -12.30
CA ASN F 195 64.86 63.60 -11.87
C ASN F 195 64.47 62.70 -13.04
N ILE F 196 64.98 61.47 -13.03
CA ILE F 196 64.85 60.57 -14.16
C ILE F 196 64.79 59.12 -13.70
N TYR F 197 64.28 58.28 -14.58
CA TYR F 197 64.03 56.86 -14.34
C TYR F 197 64.84 56.07 -15.35
N HIS F 198 65.64 55.12 -14.87
CA HIS F 198 66.65 54.45 -15.66
C HIS F 198 66.26 53.05 -16.09
N GLY F 199 64.98 52.73 -16.05
CA GLY F 199 64.57 51.36 -16.40
C GLY F 199 65.00 50.40 -15.32
N THR F 200 65.61 49.28 -15.74
CA THR F 200 66.02 48.24 -14.81
C THR F 200 67.28 47.58 -15.35
N ASP F 201 68.11 47.08 -14.43
CA ASP F 201 69.36 46.40 -14.74
C ASP F 201 69.11 44.90 -14.82
N PRO F 202 69.65 44.16 -15.79
CA PRO F 202 69.25 42.75 -15.93
C PRO F 202 69.71 41.85 -14.79
N ASP F 203 70.70 42.27 -14.01
CA ASP F 203 71.20 41.39 -12.96
C ASP F 203 70.18 41.14 -11.86
N ASP F 204 69.19 42.01 -11.70
CA ASP F 204 68.27 41.99 -10.58
C ASP F 204 66.87 41.55 -10.96
N VAL F 205 66.62 41.18 -12.21
CA VAL F 205 65.28 40.84 -12.65
C VAL F 205 64.84 39.54 -12.00
N GLN F 206 63.64 39.55 -11.42
CA GLN F 206 63.02 38.37 -10.82
C GLN F 206 61.52 38.43 -11.06
N PHE F 207 61.06 37.73 -12.10
CA PHE F 207 59.65 37.60 -12.42
C PHE F 207 59.14 36.29 -11.83
N TYR F 208 58.74 36.37 -10.56
CA TYR F 208 58.10 35.23 -9.91
C TYR F 208 56.70 35.06 -10.44
N THR F 209 56.22 33.82 -10.46
CA THR F 209 54.82 33.53 -10.71
C THR F 209 54.37 32.42 -9.76
N ILE F 210 53.12 32.51 -9.34
CA ILE F 210 52.56 31.54 -8.40
C ILE F 210 52.54 30.15 -9.03
N GLU F 211 52.18 30.08 -10.31
CA GLU F 211 51.99 28.78 -10.95
C GLU F 211 53.29 27.98 -11.01
N ASN F 212 54.41 28.65 -11.27
CA ASN F 212 55.70 27.96 -11.36
C ASN F 212 56.33 27.66 -10.00
N SER F 213 55.91 28.34 -8.94
CA SER F 213 56.62 28.30 -7.67
C SER F 213 55.94 27.47 -6.59
N VAL F 214 54.62 27.34 -6.63
CA VAL F 214 53.83 26.78 -5.54
C VAL F 214 52.90 25.70 -6.09
N PRO F 215 52.56 24.66 -5.34
CA PRO F 215 51.39 23.86 -5.70
C PRO F 215 50.11 24.65 -5.49
N VAL F 216 49.08 24.28 -6.25
CA VAL F 216 47.79 24.98 -6.22
C VAL F 216 46.69 23.94 -6.13
N HIS F 217 45.78 24.14 -5.20
CA HIS F 217 44.63 23.26 -4.98
C HIS F 217 43.38 23.92 -5.53
N LEU F 218 42.60 23.15 -6.29
CA LEU F 218 41.40 23.65 -6.95
C LEU F 218 40.15 23.22 -6.18
N LEU F 219 39.90 23.94 -5.09
CA LEU F 219 38.72 23.67 -4.26
C LEU F 219 37.44 24.02 -5.00
N ARG F 220 36.52 23.06 -5.12
CA ARG F 220 35.28 23.34 -5.82
C ARG F 220 34.19 23.95 -4.93
N THR F 221 33.52 23.12 -4.11
CA THR F 221 32.52 23.63 -3.18
C THR F 221 32.46 22.86 -1.87
N GLY F 222 32.76 21.57 -1.92
CA GLY F 222 32.77 20.72 -0.75
C GLY F 222 34.10 20.61 -0.09
N ASP F 223 35.13 21.25 -0.65
CA ASP F 223 36.49 21.00 -0.23
C ASP F 223 36.90 21.94 0.89
N GLU F 224 37.95 21.53 1.58
CA GLU F 224 38.67 22.37 2.52
C GLU F 224 40.13 22.36 2.16
N PHE F 225 40.79 23.48 2.43
CA PHE F 225 42.24 23.57 2.42
C PHE F 225 42.67 23.96 3.82
N ALA F 226 42.91 22.97 4.65
CA ALA F 226 43.56 23.17 5.92
C ALA F 226 45.06 23.09 5.71
N THR F 227 45.76 24.19 5.96
CA THR F 227 47.21 24.16 5.94
C THR F 227 47.72 23.54 7.24
N GLY F 228 49.03 23.36 7.31
CA GLY F 228 49.63 22.72 8.45
C GLY F 228 49.65 23.64 9.65
N THR F 229 50.39 23.19 10.65
CA THR F 229 50.63 23.95 11.87
C THR F 229 52.08 24.43 11.86
N PHE F 230 52.27 25.73 11.70
CA PHE F 230 53.59 26.33 11.75
C PHE F 230 53.97 26.53 13.21
N PHE F 231 55.25 26.35 13.53
CA PHE F 231 55.78 26.53 14.87
C PHE F 231 56.90 27.57 14.83
N PHE F 232 56.67 28.68 15.52
CA PHE F 232 57.65 29.76 15.59
C PHE F 232 58.77 29.38 16.55
N ASP F 233 59.81 30.22 16.56
CA ASP F 233 60.93 30.05 17.47
C ASP F 233 61.47 31.40 17.97
N CYS F 234 60.62 32.42 18.02
CA CYS F 234 61.09 33.78 18.27
C CYS F 234 61.42 33.98 19.75
N LYS F 235 62.22 35.01 20.02
CA LYS F 235 62.52 35.42 21.38
C LYS F 235 61.28 36.04 22.02
N PRO F 236 61.22 36.13 23.34
CA PRO F 236 60.05 36.75 23.98
C PRO F 236 59.88 38.22 23.62
N CYS F 237 58.61 38.65 23.58
CA CYS F 237 58.24 40.06 23.53
C CYS F 237 57.69 40.44 24.89
N ARG F 238 58.21 41.55 25.43
CA ARG F 238 57.94 41.95 26.81
C ARG F 238 57.01 43.13 26.86
N LEU F 239 55.93 43.00 27.63
CA LEU F 239 54.90 44.02 27.75
C LEU F 239 55.17 45.01 28.87
N THR F 240 56.44 45.23 29.22
CA THR F 240 56.82 46.13 30.30
C THR F 240 57.91 47.06 29.78
N HIS F 241 57.80 48.35 30.12
CA HIS F 241 58.67 49.38 29.58
C HIS F 241 59.68 49.84 30.62
N THR F 242 60.90 50.06 30.15
CA THR F 242 61.93 50.68 30.96
C THR F 242 61.73 52.19 30.98
N TRP F 243 61.97 52.79 32.15
CA TRP F 243 61.78 54.22 32.39
C TRP F 243 63.06 54.95 32.75
N GLN F 244 64.21 54.26 32.74
CA GLN F 244 65.44 54.77 33.33
C GLN F 244 66.41 55.22 32.24
N GLY F 301 69.61 54.20 25.91
CA GLY F 301 69.03 54.94 24.77
C GLY F 301 70.06 55.22 23.69
N TYR F 302 69.61 55.80 22.59
CA TYR F 302 70.51 56.13 21.49
C TYR F 302 69.88 57.27 20.70
N SER F 303 70.67 57.86 19.81
CA SER F 303 70.28 59.01 19.02
C SER F 303 70.64 58.75 17.56
N ALA F 304 70.05 59.53 16.67
CA ALA F 304 70.18 59.29 15.24
C ALA F 304 69.85 60.58 14.51
N PRO F 305 70.23 60.71 13.24
CA PRO F 305 69.91 61.95 12.50
C PRO F 305 68.41 62.06 12.19
N TYR F 306 67.80 63.13 12.69
CA TYR F 306 66.37 63.37 12.52
C TYR F 306 66.00 63.62 11.07
N TYR F 307 65.01 62.86 10.58
CA TYR F 307 64.44 62.98 9.23
C TYR F 307 65.50 62.99 8.14
N SER F 308 66.44 62.06 8.22
CA SER F 308 67.41 61.84 7.16
C SER F 308 66.82 60.94 6.08
N PHE F 309 67.21 61.20 4.83
CA PHE F 309 66.85 60.36 3.69
C PHE F 309 68.12 59.90 3.01
N GLU F 310 68.21 58.59 2.76
CA GLU F 310 69.32 57.97 2.06
C GLU F 310 68.89 57.63 0.65
N ALA F 311 69.83 57.71 -0.28
CA ALA F 311 69.58 57.50 -1.71
C ALA F 311 70.40 56.30 -2.17
N SER F 312 69.77 55.13 -2.18
CA SER F 312 70.27 53.98 -2.93
C SER F 312 69.91 54.19 -4.41
N THR F 313 70.07 53.15 -5.21
CA THR F 313 69.70 53.26 -6.62
C THR F 313 68.21 53.41 -6.83
N GLN F 314 67.38 53.07 -5.84
CA GLN F 314 65.92 53.06 -5.96
C GLN F 314 65.28 54.29 -5.30
N GLY F 315 65.95 55.44 -5.35
CA GLY F 315 65.37 56.68 -4.91
C GLY F 315 65.47 56.90 -3.42
N PRO F 316 65.05 58.07 -2.96
CA PRO F 316 65.17 58.38 -1.53
C PRO F 316 64.28 57.51 -0.67
N PHE F 317 64.77 57.22 0.53
CA PHE F 317 63.98 56.55 1.55
C PHE F 317 64.42 57.04 2.90
N LYS F 318 63.47 57.14 3.82
CA LYS F 318 63.79 57.64 5.15
C LYS F 318 64.56 56.59 5.95
N THR F 319 65.50 57.05 6.74
CA THR F 319 66.21 56.16 7.65
C THR F 319 65.28 55.81 8.80
N PRO F 320 64.91 54.54 9.02
CA PRO F 320 64.07 54.24 10.18
C PRO F 320 64.82 54.44 11.48
N ILE F 321 64.11 54.94 12.49
CA ILE F 321 64.66 55.23 13.80
C ILE F 321 64.07 54.21 14.78
N ALA F 322 64.94 53.60 15.59
CA ALA F 322 64.54 52.49 16.45
C ALA F 322 63.89 52.92 17.76
N ALA F 323 63.79 54.22 18.04
CA ALA F 323 63.24 54.71 19.29
C ALA F 323 62.47 56.01 19.04
N GLY F 324 61.55 56.31 19.95
CA GLY F 324 60.64 57.42 19.81
C GLY F 324 61.11 58.68 20.50
N ARG F 325 60.14 59.48 20.93
CA ARG F 325 60.39 60.72 21.65
C ARG F 325 60.97 60.41 23.03
N ALA F 336 57.41 65.50 16.07
CA ALA F 336 57.73 64.16 16.61
C ALA F 336 58.35 63.27 15.53
N ASP F 337 59.19 62.32 15.96
CA ASP F 337 59.85 61.41 15.06
C ASP F 337 60.07 60.09 15.78
N GLY F 338 60.07 59.01 15.01
CA GLY F 338 60.22 57.69 15.57
C GLY F 338 58.94 57.04 16.05
N ASN F 339 57.96 57.83 16.46
CA ASN F 339 56.67 57.28 16.86
C ASN F 339 55.87 56.91 15.61
N PRO F 340 55.51 55.65 15.38
CA PRO F 340 54.82 55.32 14.13
C PRO F 340 53.41 55.87 14.10
N ARG F 341 53.03 56.44 12.95
CA ARG F 341 51.71 57.02 12.74
C ARG F 341 50.94 56.13 11.78
N TYR F 342 49.94 55.45 12.33
CA TYR F 342 49.12 54.53 11.54
C TYR F 342 47.99 55.28 10.86
N ALA F 343 47.55 54.74 9.73
CA ALA F 343 46.41 55.24 8.99
C ALA F 343 45.66 54.05 8.45
N PHE F 344 44.35 54.01 8.68
CA PHE F 344 43.57 52.79 8.54
C PHE F 344 42.16 53.12 8.13
N GLY F 345 41.47 52.13 7.57
CA GLY F 345 40.14 52.29 7.05
C GLY F 345 39.07 51.71 7.96
N ARG F 346 37.92 51.43 7.35
CA ARG F 346 36.74 51.05 8.11
C ARG F 346 36.80 49.61 8.58
N GLN F 347 37.43 48.72 7.81
CA GLN F 347 37.68 47.39 8.31
C GLN F 347 38.58 47.41 9.52
N HIS F 348 39.50 48.37 9.59
CA HIS F 348 40.65 48.30 10.48
C HIS F 348 40.61 49.36 11.58
N GLY F 349 39.43 49.81 11.97
CA GLY F 349 39.23 50.57 13.19
C GLY F 349 38.54 51.90 13.05
N GLN F 350 38.45 52.48 11.86
CA GLN F 350 37.71 53.71 11.68
C GLN F 350 36.24 53.44 11.91
N LYS F 351 35.55 54.43 12.47
CA LYS F 351 34.10 54.39 12.69
C LYS F 351 33.41 54.01 11.40
N THR F 352 32.74 52.85 11.40
CA THR F 352 32.31 52.24 10.17
C THR F 352 31.23 53.03 9.46
N THR F 353 30.45 53.82 10.19
CA THR F 353 29.38 54.61 9.61
C THR F 353 29.82 56.00 9.17
N THR F 354 31.12 56.31 9.21
CA THR F 354 31.61 57.57 8.67
C THR F 354 31.69 57.50 7.15
N THR F 355 31.36 58.61 6.51
CA THR F 355 31.49 58.75 5.07
C THR F 355 32.89 59.27 4.75
N GLY F 356 33.19 59.36 3.46
CA GLY F 356 34.40 59.99 3.00
C GLY F 356 35.58 59.04 2.90
N GLU F 357 36.62 59.54 2.23
CA GLU F 357 37.82 58.78 1.95
C GLU F 357 38.93 58.97 2.97
N THR F 358 38.81 59.93 3.87
CA THR F 358 39.92 60.26 4.76
C THR F 358 40.15 59.12 5.76
N PRO F 359 41.38 58.65 5.97
CA PRO F 359 41.60 57.61 6.98
C PRO F 359 41.70 58.17 8.39
N GLU F 360 41.36 57.33 9.37
CA GLU F 360 41.60 57.65 10.77
C GLU F 360 43.04 57.33 11.13
N ARG F 361 43.60 58.11 12.05
CA ARG F 361 45.03 58.08 12.34
C ARG F 361 45.27 58.21 13.83
N PHE F 362 46.37 57.61 14.28
CA PHE F 362 46.91 57.86 15.61
C PHE F 362 48.41 57.79 15.53
N THR F 363 49.06 58.50 16.44
CA THR F 363 50.51 58.41 16.65
C THR F 363 50.75 57.67 17.95
N TYR F 364 51.47 56.57 17.87
CA TYR F 364 51.67 55.67 19.01
C TYR F 364 52.83 56.20 19.84
N ILE F 365 52.52 56.99 20.85
CA ILE F 365 53.53 57.53 21.76
C ILE F 365 53.82 56.43 22.76
N ALA F 366 54.84 55.62 22.47
CA ALA F 366 55.16 54.50 23.34
C ALA F 366 55.64 55.00 24.69
N HIS F 367 55.35 54.24 25.73
CA HIS F 367 55.71 54.66 27.07
C HIS F 367 57.21 54.65 27.32
N GLN F 368 57.96 53.78 26.64
CA GLN F 368 59.35 53.55 27.00
C GLN F 368 60.19 54.79 26.70
N ASP F 369 61.08 55.11 27.63
CA ASP F 369 61.88 56.34 27.62
C ASP F 369 63.27 56.14 27.03
N THR F 370 63.43 55.20 26.09
CA THR F 370 64.72 54.95 25.49
C THR F 370 65.13 56.05 24.51
N GLY F 371 64.18 56.82 23.98
CA GLY F 371 64.52 57.88 23.07
C GLY F 371 65.13 59.08 23.76
N ARG F 372 65.72 59.97 22.95
CA ARG F 372 66.44 61.13 23.44
C ARG F 372 66.01 62.36 22.65
N TYR F 373 66.06 63.51 23.32
CA TYR F 373 65.38 64.73 22.91
C TYR F 373 66.32 65.68 22.19
N PRO F 374 66.01 66.15 20.96
CA PRO F 374 66.87 67.23 20.45
C PRO F 374 66.71 68.53 21.24
N ALA F 420 71.34 44.89 24.74
CA ALA F 420 70.37 45.34 23.70
C ALA F 420 69.46 46.46 24.21
N LEU F 421 69.12 47.38 23.31
CA LEU F 421 68.12 48.40 23.58
C LEU F 421 66.72 47.84 23.29
N ASN F 422 65.72 48.54 23.83
CA ASN F 422 64.39 47.95 23.92
C ASN F 422 63.73 47.80 22.56
N ASN F 423 62.95 46.73 22.43
CA ASN F 423 62.32 46.34 21.19
C ASN F 423 61.10 47.20 20.93
N VAL F 424 60.57 47.10 19.72
CA VAL F 424 59.36 47.86 19.33
C VAL F 424 58.17 47.31 20.12
N PRO F 425 57.26 48.13 20.64
CA PRO F 425 56.11 47.58 21.36
C PRO F 425 55.03 47.12 20.41
N PRO F 426 54.13 46.23 20.82
CA PRO F 426 52.96 45.96 19.99
C PRO F 426 52.07 47.18 19.88
N VAL F 427 51.39 47.30 18.75
CA VAL F 427 50.44 48.38 18.49
C VAL F 427 49.10 47.76 18.15
N TYR F 428 48.27 47.56 19.14
CA TYR F 428 46.91 47.08 18.91
C TYR F 428 46.04 48.23 18.40
N PRO F 429 45.15 47.99 17.42
CA PRO F 429 44.84 46.79 16.65
C PRO F 429 45.60 46.68 15.34
N ASN F 430 46.32 47.71 14.92
CA ASN F 430 46.79 47.80 13.54
C ASN F 430 48.19 47.26 13.31
N GLY F 431 48.98 47.03 14.34
CA GLY F 431 50.37 46.69 14.14
C GLY F 431 50.58 45.24 13.74
N GLN F 432 51.75 44.97 13.17
CA GLN F 432 52.11 43.61 12.80
C GLN F 432 52.32 42.75 14.02
N ILE F 433 52.29 41.43 13.80
CA ILE F 433 52.65 40.44 14.81
C ILE F 433 54.05 39.91 14.59
N TRP F 434 54.37 39.51 13.35
CA TRP F 434 55.63 38.86 13.03
C TRP F 434 56.18 39.41 11.73
N ASP F 435 57.45 39.13 11.47
CA ASP F 435 58.07 39.57 10.23
C ASP F 435 59.25 38.65 9.89
N LYS F 436 59.52 38.54 8.60
CA LYS F 436 60.66 37.78 8.11
C LYS F 436 61.95 38.38 8.61
N GLU F 437 62.91 37.51 8.91
CA GLU F 437 64.28 37.97 9.08
C GLU F 437 64.89 38.27 7.72
N PHE F 438 65.77 39.26 7.69
CA PHE F 438 66.43 39.62 6.45
C PHE F 438 67.34 38.49 5.97
N ASP F 439 67.40 38.32 4.66
CA ASP F 439 68.21 37.27 4.05
C ASP F 439 69.68 37.66 3.96
N THR F 440 70.08 38.83 4.43
CA THR F 440 71.47 39.24 4.32
C THR F 440 72.34 38.45 5.28
N ASP F 441 73.65 38.46 5.01
CA ASP F 441 74.59 37.70 5.82
C ASP F 441 74.66 38.25 7.24
N LEU F 442 74.97 39.53 7.38
CA LEU F 442 74.75 40.23 8.64
C LEU F 442 73.32 40.75 8.67
N LYS F 443 72.72 40.71 9.86
CA LYS F 443 71.29 40.86 10.05
C LYS F 443 71.01 41.95 11.06
N PRO F 444 69.87 42.66 10.95
CA PRO F 444 69.64 43.78 11.87
C PRO F 444 69.35 43.30 13.28
N ARG F 445 69.64 44.17 14.24
CA ARG F 445 69.38 43.84 15.63
C ARG F 445 67.89 43.81 15.94
N LEU F 446 67.08 44.56 15.20
CA LEU F 446 65.64 44.57 15.43
C LEU F 446 64.96 45.01 14.15
N HIS F 447 63.64 44.84 14.13
CA HIS F 447 62.76 45.37 13.10
C HIS F 447 61.87 46.42 13.75
N VAL F 448 61.62 47.51 13.02
CA VAL F 448 60.86 48.62 13.55
C VAL F 448 59.35 48.43 13.43
N ASN F 449 58.88 47.30 12.90
CA ASN F 449 57.48 47.10 12.55
C ASN F 449 56.76 46.01 13.32
N ALA F 450 57.46 44.98 13.80
CA ALA F 450 56.85 43.83 14.47
C ALA F 450 57.65 43.46 15.71
N PRO F 451 57.02 42.96 16.78
CA PRO F 451 57.83 42.53 17.93
C PRO F 451 58.61 41.27 17.66
N PHE F 452 58.02 40.27 17.00
CA PHE F 452 58.65 38.99 16.74
C PHE F 452 59.22 38.96 15.34
N VAL F 453 60.37 38.31 15.20
CA VAL F 453 61.07 38.15 13.93
C VAL F 453 61.23 36.67 13.66
N CYS F 454 60.74 36.22 12.51
CA CYS F 454 60.91 34.84 12.06
C CYS F 454 62.38 34.57 11.76
N GLN F 455 63.03 33.74 12.56
CA GLN F 455 64.49 33.66 12.51
C GLN F 455 65.00 33.06 11.21
N ASN F 456 64.44 31.91 10.78
CA ASN F 456 64.86 31.29 9.52
C ASN F 456 63.73 30.80 8.64
N ASN F 457 62.49 30.69 9.14
CA ASN F 457 61.34 30.42 8.27
C ASN F 457 60.13 31.08 8.89
N CYS F 458 59.16 31.40 8.05
CA CYS F 458 57.97 32.17 8.41
C CYS F 458 56.76 31.51 7.77
N PRO F 459 55.55 31.78 8.28
CA PRO F 459 54.36 31.09 7.76
C PRO F 459 54.12 31.39 6.30
N GLY F 460 53.64 30.39 5.59
CA GLY F 460 53.35 30.54 4.18
C GLY F 460 52.29 31.58 3.91
N GLN F 461 52.56 32.46 2.97
CA GLN F 461 51.54 33.37 2.48
C GLN F 461 50.50 32.57 1.71
N LEU F 462 49.24 32.86 1.96
CA LEU F 462 48.12 32.10 1.41
C LEU F 462 47.48 32.93 0.30
N PHE F 463 47.59 32.43 -0.93
CA PHE F 463 47.16 33.14 -2.13
C PHE F 463 45.91 32.48 -2.69
N VAL F 464 44.92 33.29 -3.02
CA VAL F 464 43.60 32.81 -3.43
C VAL F 464 43.24 33.47 -4.75
N LYS F 465 42.61 32.69 -5.62
CA LYS F 465 42.15 33.14 -6.92
C LYS F 465 40.98 32.26 -7.30
N VAL F 466 40.08 32.78 -8.11
CA VAL F 466 38.97 32.02 -8.66
C VAL F 466 39.33 31.68 -10.10
N ALA F 467 39.25 30.40 -10.44
CA ALA F 467 39.77 29.94 -11.71
C ALA F 467 38.94 30.53 -12.86
N PRO F 468 39.52 30.67 -14.07
CA PRO F 468 38.73 31.22 -15.19
C PRO F 468 37.52 30.38 -15.56
N ASN F 469 36.34 31.01 -15.49
CA ASN F 469 35.09 30.40 -15.94
C ASN F 469 34.80 30.94 -17.33
N LEU F 470 35.37 30.26 -18.32
CA LEU F 470 35.38 30.76 -19.69
C LEU F 470 34.02 30.62 -20.37
N THR F 471 33.84 31.42 -21.41
CA THR F 471 32.69 31.36 -22.29
C THR F 471 33.02 30.54 -23.53
N ASN F 472 31.98 30.21 -24.29
CA ASN F 472 32.14 29.34 -25.45
C ASN F 472 32.90 29.99 -26.60
N GLU F 473 33.06 31.30 -26.60
CA GLU F 473 33.65 32.02 -27.71
C GLU F 473 35.16 32.14 -27.61
N TYR F 474 35.81 31.44 -26.68
CA TYR F 474 37.22 31.67 -26.41
C TYR F 474 38.09 31.25 -27.59
N ASP F 475 39.14 32.03 -27.82
CA ASP F 475 40.14 31.80 -28.86
C ASP F 475 41.48 32.24 -28.32
N PRO F 476 42.41 31.35 -27.97
CA PRO F 476 43.63 31.81 -27.28
C PRO F 476 44.60 32.55 -28.17
N ASP F 477 44.43 32.51 -29.49
CA ASP F 477 45.27 33.25 -30.41
C ASP F 477 44.68 34.61 -30.79
N ALA F 478 43.49 34.94 -30.29
CA ALA F 478 43.04 36.32 -30.35
C ALA F 478 43.84 37.15 -29.35
N SER F 479 44.22 38.36 -29.75
CA SER F 479 45.06 39.18 -28.88
C SER F 479 44.28 39.76 -27.71
N ALA F 480 42.99 40.02 -27.88
CA ALA F 480 42.22 40.71 -26.86
C ALA F 480 42.06 39.84 -25.62
N ASN F 481 41.66 40.49 -24.53
CA ASN F 481 41.47 39.81 -23.27
C ASN F 481 40.36 38.77 -23.38
N MET F 482 40.52 37.68 -22.64
CA MET F 482 39.56 36.58 -22.71
C MET F 482 38.22 37.00 -22.13
N SER F 483 37.17 36.34 -22.64
CA SER F 483 35.78 36.61 -22.24
C SER F 483 35.38 35.60 -21.17
N ARG F 484 35.36 36.05 -19.91
CA ARG F 484 34.98 35.22 -18.79
C ARG F 484 33.56 35.50 -18.32
N ILE F 485 32.95 34.50 -17.69
CA ILE F 485 31.70 34.72 -16.98
C ILE F 485 32.04 35.45 -15.70
N VAL F 486 31.28 36.49 -15.40
CA VAL F 486 31.48 37.23 -14.17
C VAL F 486 31.16 36.30 -13.02
N THR F 487 32.18 35.91 -12.28
CA THR F 487 32.07 35.00 -11.15
C THR F 487 32.81 35.58 -9.96
N TYR F 488 32.28 35.29 -8.78
CA TYR F 488 32.88 35.70 -7.53
C TYR F 488 32.63 34.59 -6.53
N SER F 489 33.47 34.56 -5.49
CA SER F 489 33.40 33.55 -4.46
C SER F 489 33.30 34.20 -3.11
N ASP F 490 32.69 33.48 -2.19
CA ASP F 490 32.81 33.76 -0.77
C ASP F 490 33.20 32.47 -0.09
N PHE F 491 34.23 32.54 0.74
CA PHE F 491 34.74 31.40 1.48
C PHE F 491 35.00 31.82 2.92
N TRP F 492 34.74 30.91 3.84
CA TRP F 492 35.07 31.15 5.23
C TRP F 492 36.54 30.83 5.48
N TRP F 493 37.19 31.69 6.25
CA TRP F 493 38.56 31.52 6.69
C TRP F 493 38.55 31.34 8.19
N LYS F 494 39.30 30.38 8.69
CA LYS F 494 39.53 30.20 10.12
C LYS F 494 41.01 30.06 10.36
N GLY F 495 41.51 30.74 11.38
CA GLY F 495 42.88 30.61 11.82
C GLY F 495 42.94 30.39 13.31
N LYS F 496 44.05 29.83 13.79
CA LYS F 496 44.31 29.66 15.21
C LYS F 496 45.74 30.08 15.49
N LEU F 497 45.90 31.09 16.32
CA LEU F 497 47.19 31.63 16.71
C LEU F 497 47.35 31.39 18.20
N VAL F 498 48.43 30.72 18.57
CA VAL F 498 48.66 30.26 19.94
C VAL F 498 49.85 31.04 20.50
N PHE F 499 49.64 31.64 21.67
CA PHE F 499 50.68 32.34 22.40
C PHE F 499 50.93 31.66 23.73
N LYS F 500 52.10 31.91 24.30
CA LYS F 500 52.47 31.46 25.63
C LYS F 500 52.98 32.67 26.40
N ALA F 501 52.38 32.95 27.55
CA ALA F 501 52.58 34.21 28.25
C ALA F 501 52.70 34.00 29.75
N LYS F 502 53.46 34.86 30.41
CA LYS F 502 53.74 34.78 31.83
C LYS F 502 52.98 35.86 32.58
N LEU F 503 52.26 35.47 33.63
CA LEU F 503 51.55 36.43 34.46
C LEU F 503 52.54 37.30 35.22
N ARG F 504 52.16 38.56 35.43
CA ARG F 504 53.07 39.47 36.09
C ARG F 504 53.08 39.24 37.59
N ALA F 505 54.00 39.93 38.26
CA ALA F 505 54.13 39.94 39.72
C ALA F 505 54.19 41.36 40.21
N SER F 506 53.59 41.60 41.39
CA SER F 506 53.51 42.93 41.99
C SER F 506 54.74 43.19 42.89
N HIS F 507 55.86 43.45 42.24
CA HIS F 507 57.09 43.70 42.98
C HIS F 507 57.10 45.06 43.66
N THR F 508 56.46 46.06 43.07
CA THR F 508 56.42 47.38 43.67
C THR F 508 55.46 47.40 44.86
N TRP F 509 55.62 48.42 45.68
CA TRP F 509 54.60 48.75 46.67
C TRP F 509 53.35 49.32 46.00
N ASN F 510 53.54 50.27 45.09
CA ASN F 510 52.44 51.02 44.51
C ASN F 510 51.74 50.23 43.40
N PRO F 511 50.49 50.56 43.08
CA PRO F 511 49.87 49.99 41.88
C PRO F 511 50.44 50.58 40.61
N ILE F 512 50.50 49.74 39.57
CA ILE F 512 50.97 50.13 38.26
C ILE F 512 49.82 50.64 37.39
N GLN F 513 50.16 51.27 36.27
CA GLN F 513 49.16 51.73 35.32
C GLN F 513 48.49 50.55 34.63
N GLN F 514 47.18 50.68 34.38
CA GLN F 514 46.39 49.63 33.76
C GLN F 514 45.46 50.22 32.72
N MET F 515 45.15 49.44 31.70
CA MET F 515 44.10 49.79 30.75
C MET F 515 42.75 49.66 31.45
N SER F 516 41.87 50.62 31.22
CA SER F 516 40.55 50.59 31.84
C SER F 516 39.58 51.41 31.01
N ILE F 517 38.31 51.03 31.12
CA ILE F 517 37.22 51.82 30.59
C ILE F 517 36.90 52.94 31.57
N ASN F 518 36.65 54.13 31.03
CA ASN F 518 36.27 55.28 31.81
C ASN F 518 35.27 56.11 31.00
N VAL F 519 34.76 57.16 31.63
CA VAL F 519 33.69 57.96 31.03
C VAL F 519 34.10 58.59 29.70
N ASP F 520 35.38 58.86 29.49
CA ASP F 520 35.81 59.41 28.21
C ASP F 520 35.81 58.36 27.12
N ASN F 521 36.53 57.25 27.33
CA ASN F 521 36.68 56.26 26.27
C ASN F 521 35.52 55.28 26.17
N GLN F 522 34.47 55.44 26.99
CA GLN F 522 33.40 54.46 27.14
C GLN F 522 32.78 54.02 25.83
N PHE F 523 32.34 54.99 25.04
CA PHE F 523 31.61 54.71 23.82
C PHE F 523 32.52 54.36 22.65
N ASN F 524 33.82 54.16 22.88
CA ASN F 524 34.67 53.60 21.85
C ASN F 524 34.44 52.11 21.68
N TYR F 525 34.07 51.41 22.75
CA TYR F 525 34.09 49.96 22.80
C TYR F 525 32.74 49.28 22.62
N VAL F 526 31.66 50.03 22.37
CA VAL F 526 30.32 49.49 22.24
C VAL F 526 29.67 50.10 20.99
N PRO F 527 28.79 49.40 20.29
CA PRO F 527 28.32 49.91 19.00
C PRO F 527 27.37 51.08 19.14
N SER F 528 27.16 51.76 18.02
CA SER F 528 26.24 52.89 17.92
C SER F 528 24.86 52.43 17.50
N ASN F 529 23.92 53.38 17.50
CA ASN F 529 22.53 53.04 17.20
C ASN F 529 22.34 52.67 15.74
N ILE F 530 23.10 53.27 14.84
CA ILE F 530 23.04 52.95 13.41
C ILE F 530 23.93 51.75 13.07
N GLY F 531 24.48 51.07 14.07
CA GLY F 531 25.25 49.87 13.85
C GLY F 531 26.73 50.08 13.67
N GLY F 532 27.27 51.25 14.00
CA GLY F 532 28.68 51.50 13.79
C GLY F 532 29.54 50.82 14.84
N MET F 533 30.81 50.63 14.50
CA MET F 533 31.80 50.09 15.42
C MET F 533 33.12 50.79 15.16
N LYS F 534 33.98 50.80 16.18
CA LYS F 534 35.35 51.24 16.01
C LYS F 534 36.22 50.49 17.01
N ILE F 535 37.53 50.50 16.73
CA ILE F 535 38.53 49.90 17.62
C ILE F 535 39.59 50.97 17.80
N VAL F 536 39.54 51.67 18.93
CA VAL F 536 40.57 52.64 19.25
C VAL F 536 41.81 51.91 19.71
N TYR F 537 42.98 52.48 19.39
CA TYR F 537 44.24 51.89 19.79
C TYR F 537 44.38 51.86 21.31
N GLU F 538 45.20 50.93 21.78
CA GLU F 538 45.48 50.76 23.19
C GLU F 538 46.98 50.56 23.39
N LYS F 539 47.55 51.27 24.37
CA LYS F 539 48.97 51.15 24.62
C LYS F 539 49.29 49.78 25.20
N SER F 540 50.36 49.18 24.71
CA SER F 540 50.69 47.80 25.02
C SER F 540 51.57 47.66 26.24
N GLN F 541 52.70 48.38 26.27
CA GLN F 541 53.65 48.27 27.37
C GLN F 541 53.22 49.23 28.47
N LEU F 542 52.77 48.67 29.59
CA LEU F 542 52.15 49.44 30.67
C LEU F 542 52.94 49.37 31.97
N ALA F 543 53.29 48.18 32.44
CA ALA F 543 53.94 48.07 33.73
C ALA F 543 55.38 48.56 33.60
N PRO F 544 55.89 49.38 34.53
CA PRO F 544 57.31 49.71 34.47
C PRO F 544 58.17 48.49 34.74
N ARG F 545 59.34 48.46 34.13
CA ARG F 545 60.32 47.38 34.27
C ARG F 545 61.63 47.97 34.76
N LYS F 546 62.25 47.30 35.73
CA LYS F 546 63.56 47.71 36.21
C LYS F 546 64.59 47.46 35.12
N LEU F 547 65.42 48.46 34.85
CA LEU F 547 66.40 48.35 33.78
C LEU F 547 67.48 47.36 34.18
N GLY G 1 24.42 13.83 0.93
CA GLY G 1 24.17 14.94 -0.02
C GLY G 1 22.88 15.68 0.26
N VAL G 2 22.38 16.36 -0.77
CA VAL G 2 21.21 17.23 -0.61
C VAL G 2 19.97 16.41 -0.30
N GLY G 3 19.76 15.33 -1.03
CA GLY G 3 18.47 14.68 -1.09
C GLY G 3 18.14 13.72 0.02
N ILE G 4 18.97 13.60 1.06
CA ILE G 4 18.78 12.61 2.11
C ILE G 4 18.24 13.31 3.34
N SER G 5 17.14 12.77 3.87
CA SER G 5 16.53 13.32 5.07
C SER G 5 17.46 13.15 6.26
N THR G 6 17.58 14.20 7.06
CA THR G 6 18.52 14.25 8.18
C THR G 6 17.85 14.04 9.53
N GLY G 7 16.61 13.56 9.58
CA GLY G 7 15.96 13.32 10.84
C GLY G 7 14.49 13.04 10.64
N THR G 8 13.78 12.99 11.77
CA THR G 8 12.37 12.67 11.82
C THR G 8 11.63 13.63 12.72
N PHE G 9 10.31 13.64 12.56
CA PHE G 9 9.39 14.57 13.17
C PHE G 9 8.59 13.80 14.21
N ASN G 10 8.50 14.34 15.43
CA ASN G 10 7.81 13.64 16.50
C ASN G 10 7.21 14.65 17.46
N ASN G 11 5.89 14.53 17.69
CA ASN G 11 5.17 15.26 18.71
C ASN G 11 4.46 14.34 19.70
N GLN G 12 4.87 13.08 19.77
CA GLN G 12 4.24 12.15 20.69
C GLN G 12 4.65 12.43 22.12
N THR G 13 3.67 12.47 23.01
CA THR G 13 3.90 12.35 24.44
C THR G 13 3.77 10.87 24.80
N GLU G 14 4.83 10.32 25.36
CA GLU G 14 4.91 8.90 25.73
C GLU G 14 4.94 8.82 27.25
N PHE G 15 3.98 8.12 27.83
CA PHE G 15 3.92 7.84 29.26
C PHE G 15 4.46 6.44 29.47
N LYS G 16 5.64 6.34 30.08
CA LYS G 16 6.23 5.06 30.46
C LYS G 16 6.07 4.92 31.97
N PHE G 17 5.41 3.85 32.38
CA PHE G 17 5.14 3.59 33.79
C PHE G 17 6.27 2.77 34.38
N LEU G 18 6.50 2.96 35.69
CA LEU G 18 7.65 2.44 36.38
C LEU G 18 7.22 1.86 37.73
N GLU G 19 8.20 1.45 38.53
CA GLU G 19 7.96 1.00 39.88
C GLU G 19 7.47 2.15 40.76
N ASN G 20 6.71 1.78 41.78
CA ASN G 20 6.35 2.69 42.88
C ASN G 20 5.57 3.91 42.41
N GLY G 21 4.71 3.73 41.40
CA GLY G 21 3.78 4.78 41.03
C GLY G 21 4.38 5.94 40.28
N TRP G 22 5.59 5.82 39.76
CA TRP G 22 6.21 6.87 38.97
C TRP G 22 5.99 6.63 37.48
N VAL G 23 5.99 7.72 36.73
CA VAL G 23 5.87 7.69 35.28
C VAL G 23 6.91 8.62 34.68
N GLU G 24 7.50 8.19 33.58
CA GLU G 24 8.45 9.01 32.82
C GLU G 24 7.73 9.53 31.58
N ILE G 25 7.52 10.85 31.53
CA ILE G 25 6.72 11.49 30.50
C ILE G 25 7.71 12.07 29.50
N THR G 26 7.93 11.33 28.41
CA THR G 26 8.78 11.79 27.31
C THR G 26 7.94 12.64 26.38
N ALA G 27 8.07 13.95 26.51
CA ALA G 27 7.31 14.90 25.69
C ALA G 27 8.14 15.26 24.48
N ASN G 28 7.97 14.51 23.41
CA ASN G 28 8.58 14.90 22.15
C ASN G 28 7.81 16.06 21.55
N SER G 29 8.53 16.92 20.84
CA SER G 29 7.92 18.05 20.15
C SER G 29 8.72 18.35 18.91
N SER G 30 8.04 18.89 17.91
CA SER G 30 8.69 19.20 16.64
C SER G 30 7.95 20.33 15.97
N ARG G 31 8.70 21.19 15.27
CA ARG G 31 8.13 22.35 14.62
C ARG G 31 8.93 22.68 13.37
N LEU G 32 8.25 23.27 12.38
CA LEU G 32 8.90 23.85 11.20
C LEU G 32 9.11 25.33 11.47
N VAL G 33 10.37 25.75 11.53
CA VAL G 33 10.75 27.08 11.97
C VAL G 33 11.24 27.86 10.76
N HIS G 34 10.68 29.06 10.58
CA HIS G 34 10.91 29.92 9.43
C HIS G 34 11.68 31.14 9.89
N LEU G 35 12.71 31.52 9.12
CA LEU G 35 13.65 32.54 9.54
C LEU G 35 14.07 33.39 8.35
N ASN G 36 13.73 34.67 8.39
CA ASN G 36 14.26 35.63 7.44
C ASN G 36 15.63 36.13 7.91
N MET G 37 16.38 36.69 6.98
CA MET G 37 17.67 37.26 7.32
C MET G 37 17.50 38.51 8.16
N PRO G 38 18.54 38.92 8.89
CA PRO G 38 18.40 40.09 9.77
C PRO G 38 18.23 41.37 8.99
N GLU G 39 17.69 42.38 9.67
CA GLU G 39 17.59 43.71 9.09
C GLU G 39 18.96 44.27 8.76
N SER G 40 19.98 43.92 9.56
CA SER G 40 21.35 44.27 9.25
C SER G 40 22.25 43.25 9.93
N GLU G 41 23.44 43.08 9.37
CA GLU G 41 24.43 42.20 9.98
C GLU G 41 25.10 42.83 11.19
N ASN G 42 24.89 44.12 11.45
CA ASN G 42 25.58 44.79 12.54
C ASN G 42 24.84 44.64 13.85
N TYR G 43 25.56 44.90 14.94
CA TYR G 43 24.99 45.07 16.26
C TYR G 43 24.70 46.54 16.49
N ARG G 44 23.53 46.84 17.03
CA ARG G 44 23.09 48.20 17.30
C ARG G 44 22.96 48.40 18.80
N ARG G 45 23.17 49.63 19.27
CA ARG G 45 22.83 50.04 20.63
C ARG G 45 21.73 51.08 20.52
N VAL G 46 20.52 50.71 20.87
CA VAL G 46 19.33 51.53 20.69
C VAL G 46 18.77 51.86 22.07
N VAL G 47 18.44 53.12 22.27
CA VAL G 47 17.80 53.61 23.48
C VAL G 47 16.35 53.92 23.15
N VAL G 48 15.43 53.36 23.93
CA VAL G 48 14.02 53.70 23.88
C VAL G 48 13.76 54.66 25.02
N ASN G 49 13.02 55.73 24.74
CA ASN G 49 12.85 56.83 25.67
C ASN G 49 11.49 57.45 25.40
N ASN G 50 10.48 56.99 26.14
CA ASN G 50 9.12 57.52 26.01
C ASN G 50 8.87 58.67 26.98
N MET G 51 9.70 59.71 26.88
CA MET G 51 9.43 60.95 27.60
C MET G 51 8.13 61.59 27.15
N ASP G 52 7.66 61.30 25.95
CA ASP G 52 6.36 61.79 25.50
C ASP G 52 5.23 61.31 26.39
N LYS G 53 5.33 60.11 26.95
CA LYS G 53 4.28 59.53 27.79
C LYS G 53 4.50 59.79 29.26
N THR G 54 5.74 59.70 29.74
CA THR G 54 6.04 59.90 31.15
C THR G 54 6.11 61.36 31.56
N ALA G 55 6.23 62.29 30.61
CA ALA G 55 6.21 63.71 30.95
C ALA G 55 4.82 64.17 31.37
N VAL G 56 3.77 63.48 30.94
CA VAL G 56 2.44 63.72 31.48
C VAL G 56 2.43 63.20 32.90
N ASN G 57 2.08 64.07 33.85
CA ASN G 57 2.08 63.69 35.25
C ASN G 57 1.07 62.58 35.50
N GLY G 58 1.43 61.65 36.36
CA GLY G 58 0.59 60.52 36.69
C GLY G 58 0.84 59.27 35.88
N ASN G 59 1.41 59.39 34.68
CA ASN G 59 1.73 58.26 33.82
C ASN G 59 3.12 57.70 34.08
N MET G 60 3.63 57.83 35.31
CA MET G 60 4.98 57.36 35.60
C MET G 60 5.11 55.85 35.48
N ALA G 61 4.03 55.11 35.72
CA ALA G 61 4.08 53.66 35.63
C ALA G 61 4.18 53.16 34.19
N LEU G 62 3.90 54.00 33.21
CA LEU G 62 3.99 53.64 31.80
C LEU G 62 5.39 53.84 31.24
N ASP G 63 6.40 54.00 32.10
CA ASP G 63 7.78 54.13 31.66
C ASP G 63 8.21 52.87 30.92
N ASP G 64 8.71 53.06 29.70
CA ASP G 64 9.30 52.01 28.89
C ASP G 64 10.76 52.32 28.57
N ILE G 65 11.40 53.19 29.33
CA ILE G 65 12.75 53.62 28.96
C ILE G 65 13.71 52.48 29.23
N HIS G 66 14.41 52.06 28.18
CA HIS G 66 15.42 51.04 28.35
C HIS G 66 16.39 51.13 27.18
N ALA G 67 17.52 50.46 27.35
CA ALA G 67 18.57 50.37 26.36
C ALA G 67 18.82 48.90 26.08
N GLN G 68 19.06 48.57 24.82
CA GLN G 68 19.22 47.18 24.44
C GLN G 68 20.17 47.09 23.26
N ILE G 69 20.88 45.99 23.19
CA ILE G 69 21.76 45.69 22.06
C ILE G 69 20.97 44.78 21.11
N VAL G 70 20.66 45.28 19.93
CA VAL G 70 19.97 44.50 18.92
C VAL G 70 20.99 43.64 18.21
N THR G 71 20.75 42.37 18.17
CA THR G 71 21.65 41.35 17.69
C THR G 71 21.23 40.91 16.28
N PRO G 72 22.16 40.56 15.38
CA PRO G 72 21.77 39.91 14.13
C PRO G 72 21.60 38.40 14.28
N TRP G 73 20.88 37.96 15.30
CA TRP G 73 20.64 36.54 15.56
C TRP G 73 19.21 36.38 16.04
N SER G 74 18.71 35.17 15.94
CA SER G 74 17.39 34.80 16.40
C SER G 74 17.50 33.58 17.30
N LEU G 75 16.59 33.49 18.25
CA LEU G 75 16.63 32.52 19.35
C LEU G 75 15.47 31.57 19.21
N VAL G 76 15.76 30.28 19.22
CA VAL G 76 14.74 29.23 19.19
C VAL G 76 14.52 28.79 20.63
N ASP G 77 13.39 29.20 21.21
CA ASP G 77 13.07 29.00 22.62
C ASP G 77 11.85 28.10 22.73
N ALA G 78 11.99 27.01 23.48
CA ALA G 78 10.92 26.05 23.72
C ALA G 78 10.39 26.09 25.15
N ASN G 79 10.73 27.11 25.92
CA ASN G 79 10.45 27.14 27.35
C ASN G 79 9.04 27.66 27.63
N ALA G 80 8.05 26.87 27.24
CA ALA G 80 6.68 27.11 27.64
C ALA G 80 5.93 25.80 27.54
N TRP G 81 4.97 25.60 28.43
CA TRP G 81 4.27 24.32 28.50
C TRP G 81 3.53 24.01 27.21
N GLY G 82 3.01 25.02 26.54
CA GLY G 82 2.24 24.80 25.33
C GLY G 82 3.04 24.21 24.18
N VAL G 83 4.36 24.36 24.22
CA VAL G 83 5.21 23.78 23.20
C VAL G 83 5.20 22.25 23.26
N TRP G 84 4.80 21.65 24.39
CA TRP G 84 5.07 20.25 24.68
C TRP G 84 3.85 19.38 24.83
N PHE G 85 2.81 19.86 25.51
CA PHE G 85 1.61 19.08 25.81
C PHE G 85 0.39 19.67 25.12
N ASN G 86 -0.34 18.84 24.39
CA ASN G 86 -1.67 19.19 23.98
C ASN G 86 -2.58 19.14 25.20
N PRO G 87 -3.77 19.76 25.13
CA PRO G 87 -4.61 19.84 26.33
C PRO G 87 -5.02 18.50 26.93
N GLY G 88 -5.17 17.45 26.13
CA GLY G 88 -5.48 16.16 26.71
C GLY G 88 -4.32 15.59 27.51
N ASP G 89 -3.10 15.80 27.04
CA ASP G 89 -1.93 15.38 27.81
C ASP G 89 -1.85 16.15 29.11
N TRP G 90 -2.15 17.44 29.05
CA TRP G 90 -2.18 18.25 30.26
C TRP G 90 -3.26 17.78 31.22
N GLN G 91 -4.41 17.37 30.68
CA GLN G 91 -5.48 16.84 31.51
C GLN G 91 -5.00 15.60 32.24
N LEU G 92 -4.32 14.71 31.52
CA LEU G 92 -3.83 13.49 32.13
C LEU G 92 -2.83 13.80 33.22
N ILE G 93 -1.95 14.78 32.99
CA ILE G 93 -0.96 15.13 34.01
C ILE G 93 -1.64 15.72 35.24
N VAL G 94 -2.45 16.76 35.05
CA VAL G 94 -2.97 17.47 36.21
C VAL G 94 -4.00 16.64 36.96
N ASN G 95 -4.76 15.80 36.27
CA ASN G 95 -5.74 14.96 36.94
C ASN G 95 -5.13 13.77 37.63
N THR G 96 -4.05 13.19 37.09
CA THR G 96 -3.53 11.92 37.57
C THR G 96 -2.29 12.05 38.43
N MET G 97 -1.37 12.94 38.10
CA MET G 97 -0.11 13.04 38.80
C MET G 97 -0.23 13.98 39.99
N SER G 98 0.71 13.85 40.93
CA SER G 98 0.72 14.59 42.18
C SER G 98 1.89 15.54 42.30
N GLU G 99 3.12 15.04 42.12
CA GLU G 99 4.33 15.86 42.10
C GLU G 99 5.09 15.53 40.83
N LEU G 100 5.83 16.51 40.33
CA LEU G 100 6.37 16.49 38.99
C LEU G 100 7.81 16.97 39.01
N HIS G 101 8.71 16.14 38.47
CA HIS G 101 10.12 16.44 38.36
C HIS G 101 10.48 16.67 36.91
N LEU G 102 11.54 17.42 36.69
CA LEU G 102 12.07 17.67 35.36
C LEU G 102 13.39 16.92 35.22
N VAL G 103 13.50 16.08 34.20
CA VAL G 103 14.58 15.11 34.10
C VAL G 103 15.62 15.56 33.08
N SER G 104 15.22 15.78 31.84
CA SER G 104 16.18 16.03 30.77
C SER G 104 15.56 16.84 29.64
N PHE G 105 16.43 17.44 28.84
CA PHE G 105 16.05 18.28 27.71
C PHE G 105 17.10 18.19 26.62
N GLU G 106 16.65 18.01 25.37
CA GLU G 106 17.56 18.01 24.24
C GLU G 106 16.83 18.55 23.02
N GLN G 107 17.62 19.07 22.08
CA GLN G 107 17.12 19.73 20.88
C GLN G 107 17.89 19.23 19.68
N GLU G 108 17.26 19.33 18.51
CA GLU G 108 17.91 19.06 17.24
C GLU G 108 17.36 20.01 16.19
N ILE G 109 18.25 20.60 15.41
CA ILE G 109 17.89 21.31 14.18
C ILE G 109 18.28 20.40 13.02
N PHE G 110 17.34 20.18 12.12
CA PHE G 110 17.53 19.22 11.04
C PHE G 110 16.68 19.61 9.84
N ASN G 111 17.00 19.01 8.70
CA ASN G 111 16.33 19.26 7.42
C ASN G 111 16.33 20.75 7.10
N VAL G 112 17.52 21.34 7.15
CA VAL G 112 17.65 22.75 6.85
C VAL G 112 17.42 22.95 5.35
N VAL G 113 16.70 24.01 5.03
CA VAL G 113 16.46 24.44 3.65
C VAL G 113 16.80 25.91 3.58
N LEU G 114 17.48 26.30 2.51
CA LEU G 114 17.78 27.70 2.22
C LEU G 114 17.27 28.02 0.83
N LYS G 115 16.56 29.13 0.71
CA LYS G 115 15.95 29.56 -0.54
C LYS G 115 16.16 31.05 -0.73
N THR G 116 16.45 31.44 -1.98
CA THR G 116 16.63 32.84 -2.36
C THR G 116 15.42 33.37 -3.11
N VAL G 117 15.12 34.64 -2.89
CA VAL G 117 14.05 35.35 -3.57
C VAL G 117 14.68 36.18 -4.67
N SER G 118 14.10 36.13 -5.86
CA SER G 118 14.64 36.78 -7.05
C SER G 118 13.52 37.42 -7.84
N GLU G 119 13.90 38.43 -8.63
CA GLU G 119 12.98 39.20 -9.46
C GLU G 119 11.87 39.81 -8.62
N THR G 126 6.78 40.23 -10.00
CA THR G 126 6.69 38.76 -9.71
C THR G 126 7.91 38.30 -8.93
N LYS G 127 7.80 37.11 -8.32
CA LYS G 127 8.87 36.54 -7.51
C LYS G 127 9.13 35.09 -7.94
N VAL G 128 10.40 34.71 -7.99
CA VAL G 128 10.83 33.35 -8.27
C VAL G 128 11.71 32.88 -7.13
N TYR G 129 11.38 31.73 -6.55
CA TYR G 129 12.09 31.15 -5.42
C TYR G 129 12.98 30.02 -5.90
N ASN G 130 14.27 30.07 -5.54
CA ASN G 130 15.28 29.13 -5.99
C ASN G 130 16.06 28.62 -4.79
N ASN G 131 16.53 27.39 -4.89
CA ASN G 131 17.25 26.78 -3.78
C ASN G 131 18.70 27.25 -3.73
N ASP G 132 19.13 27.62 -2.52
CA ASP G 132 20.52 27.98 -2.23
C ASP G 132 21.24 26.78 -1.62
N LEU G 133 21.51 25.80 -2.48
CA LEU G 133 22.14 24.57 -2.02
C LEU G 133 23.51 24.80 -1.39
N THR G 134 24.21 25.88 -1.78
CA THR G 134 25.52 26.19 -1.24
C THR G 134 25.49 27.02 0.04
N ALA G 135 24.40 27.72 0.33
CA ALA G 135 24.35 28.63 1.47
C ALA G 135 24.10 27.85 2.76
N SER G 136 24.23 28.57 3.88
CA SER G 136 24.36 27.95 5.20
C SER G 136 23.54 28.68 6.25
N LEU G 137 23.16 27.92 7.28
CA LEU G 137 22.44 28.43 8.44
C LEU G 137 23.40 28.38 9.63
N MET G 138 23.70 29.54 10.19
CA MET G 138 24.58 29.63 11.34
C MET G 138 23.80 29.27 12.60
N VAL G 139 24.33 28.33 13.39
CA VAL G 139 23.68 27.83 14.59
C VAL G 139 24.69 27.82 15.72
N ALA G 140 24.31 28.40 16.86
CA ALA G 140 25.14 28.48 18.06
C ALA G 140 24.35 28.00 19.26
N LEU G 141 24.99 27.20 20.12
CA LEU G 141 24.40 26.76 21.38
C LEU G 141 25.27 27.28 22.52
N ASP G 142 24.70 28.17 23.32
CA ASP G 142 25.39 28.71 24.49
C ASP G 142 25.41 27.69 25.62
N SER G 143 26.20 26.63 25.42
CA SER G 143 26.25 25.56 26.40
C SER G 143 26.80 25.99 27.74
N ASN G 144 27.66 27.01 27.78
CA ASN G 144 28.28 27.47 29.01
C ASN G 144 27.53 28.60 29.69
N ASN G 145 26.36 28.99 29.16
CA ASN G 145 25.57 30.09 29.71
C ASN G 145 26.38 31.39 29.79
N THR G 146 27.15 31.64 28.73
CA THR G 146 27.91 32.88 28.66
C THR G 146 27.01 34.07 28.38
N MET G 147 26.08 33.94 27.45
CA MET G 147 25.27 35.06 27.05
C MET G 147 24.23 35.36 28.13
N PRO G 148 23.69 36.58 28.17
CA PRO G 148 22.61 36.86 29.13
C PRO G 148 21.38 36.00 28.85
N PHE G 149 20.79 35.50 29.92
CA PHE G 149 19.63 34.63 29.80
C PHE G 149 18.37 35.45 29.55
N THR G 150 17.51 34.93 28.67
CA THR G 150 16.34 35.66 28.20
C THR G 150 15.23 34.66 27.91
N PRO G 151 14.33 34.41 28.86
CA PRO G 151 13.22 33.48 28.56
C PRO G 151 12.17 34.17 27.69
N ALA G 152 11.89 33.56 26.54
CA ALA G 152 10.99 34.19 25.58
C ALA G 152 9.54 34.15 26.01
N ALA G 153 9.20 33.38 27.03
CA ALA G 153 7.80 33.28 27.44
C ALA G 153 7.27 34.59 27.99
N MET G 154 8.11 35.36 28.67
CA MET G 154 7.65 36.60 29.29
C MET G 154 7.31 37.68 28.27
N ARG G 155 7.67 37.51 27.01
CA ARG G 155 7.22 38.36 25.92
C ARG G 155 6.36 37.61 24.91
N SER G 156 5.88 36.41 25.24
CA SER G 156 5.01 35.62 24.36
C SER G 156 5.68 35.36 23.03
N GLU G 157 6.98 35.01 23.10
CA GLU G 157 7.82 34.85 21.92
C GLU G 157 8.39 33.44 21.77
N THR G 158 7.87 32.46 22.49
CA THR G 158 8.32 31.09 22.33
C THR G 158 7.81 30.51 21.02
N LEU G 159 8.27 29.31 20.70
CA LEU G 159 7.76 28.55 19.55
C LEU G 159 6.26 28.35 19.64
N GLY G 160 5.62 28.11 18.51
CA GLY G 160 4.19 27.95 18.49
C GLY G 160 3.73 26.67 19.14
N PHE G 161 2.45 26.66 19.50
CA PHE G 161 1.87 25.58 20.28
C PHE G 161 1.09 24.57 19.46
N TYR G 162 0.98 24.77 18.14
CA TYR G 162 0.32 23.86 17.23
C TYR G 162 1.36 23.15 16.37
N PRO G 163 1.42 21.82 16.32
CA PRO G 163 2.45 21.20 15.47
C PRO G 163 2.26 21.45 13.98
N TRP G 164 1.05 21.71 13.53
CA TRP G 164 0.75 21.83 12.10
C TRP G 164 0.94 23.25 11.55
N LYS G 165 1.13 24.26 12.41
CA LYS G 165 1.45 25.61 11.98
C LYS G 165 2.96 25.83 12.02
N PRO G 166 3.60 26.37 10.99
CA PRO G 166 4.99 26.80 11.16
C PRO G 166 5.07 27.98 12.11
N THR G 167 6.26 28.17 12.67
CA THR G 167 6.53 29.20 13.67
C THR G 167 7.82 29.90 13.27
N ILE G 168 8.15 30.96 13.99
CA ILE G 168 9.32 31.79 13.70
C ILE G 168 10.14 31.97 14.98
N PRO G 169 11.46 32.15 14.92
CA PRO G 169 12.20 32.46 16.13
C PRO G 169 12.17 33.94 16.44
N THR G 170 12.36 34.25 17.70
CA THR G 170 12.36 35.64 18.15
C THR G 170 13.65 36.33 17.74
N PRO G 171 13.61 37.55 17.18
CA PRO G 171 14.87 38.27 16.96
C PRO G 171 15.47 38.67 18.30
N TRP G 172 16.71 38.27 18.53
CA TRP G 172 17.29 38.34 19.86
C TRP G 172 17.81 39.72 20.19
N ARG G 173 17.65 40.10 21.45
CA ARG G 173 18.08 41.37 21.97
C ARG G 173 18.26 41.19 23.46
N TYR G 174 19.15 41.99 24.05
CA TYR G 174 19.44 41.90 25.49
C TYR G 174 19.66 43.30 26.02
N TYR G 175 19.57 43.42 27.34
CA TYR G 175 19.58 44.72 28.00
C TYR G 175 21.00 45.23 28.15
N PHE G 176 21.26 46.39 27.57
CA PHE G 176 22.44 47.17 27.89
C PHE G 176 22.16 47.94 29.16
N GLN G 177 23.20 48.53 29.75
CA GLN G 177 23.06 49.21 31.01
C GLN G 177 22.73 50.67 30.78
N TRP G 178 21.83 51.20 31.60
CA TRP G 178 21.49 52.60 31.56
C TRP G 178 21.12 53.07 32.96
N ASP G 179 21.22 54.38 33.16
CA ASP G 179 20.80 55.04 34.38
C ASP G 179 19.67 56.00 34.04
N ARG G 180 18.64 56.01 34.87
CA ARG G 180 17.42 56.75 34.59
C ARG G 180 16.77 57.11 35.92
N THR G 181 16.29 58.34 36.03
CA THR G 181 15.55 58.81 37.20
C THR G 181 14.21 59.36 36.77
N LEU G 182 13.16 59.00 37.51
CA LEU G 182 11.79 59.41 37.21
C LEU G 182 11.10 59.64 38.55
N ILE G 183 11.07 60.90 38.98
CA ILE G 183 10.42 61.24 40.24
C ILE G 183 8.92 61.06 40.09
N PRO G 184 8.21 60.45 41.04
CA PRO G 184 6.75 60.37 40.91
C PRO G 184 6.09 61.73 40.93
N SER G 185 4.95 61.83 40.25
CA SER G 185 4.10 63.00 40.32
C SER G 185 2.68 62.59 39.98
N HIS G 186 1.71 63.21 40.65
CA HIS G 186 0.30 63.02 40.39
C HIS G 186 -0.24 64.14 39.52
N THR G 187 -1.48 63.98 39.07
CA THR G 187 -2.15 65.02 38.31
C THR G 187 -2.27 66.28 39.17
N GLY G 188 -1.99 67.42 38.56
CA GLY G 188 -2.11 68.68 39.24
C GLY G 188 -0.94 69.06 40.11
N THR G 189 0.20 68.35 40.03
CA THR G 189 1.38 68.80 40.72
C THR G 189 1.87 70.16 40.20
N SER G 190 1.72 70.41 38.90
CA SER G 190 1.93 71.71 38.28
C SER G 190 3.39 72.12 38.15
N GLY G 191 4.33 71.31 38.66
CA GLY G 191 5.74 71.45 38.34
C GLY G 191 6.13 70.53 37.19
N THR G 192 7.43 70.50 36.92
CA THR G 192 8.04 69.56 35.99
C THR G 192 8.82 68.53 36.80
N PRO G 193 8.42 67.26 36.91
CA PRO G 193 9.23 66.31 37.66
C PRO G 193 10.51 65.99 36.91
N THR G 194 11.53 65.59 37.67
CA THR G 194 12.81 65.23 37.08
C THR G 194 12.66 63.91 36.34
N ASN G 195 12.72 63.97 35.02
CA ASN G 195 12.49 62.83 34.13
C ASN G 195 13.60 62.89 33.09
N ILE G 196 14.73 62.25 33.39
CA ILE G 196 15.93 62.37 32.57
C ILE G 196 16.64 61.03 32.45
N TYR G 197 17.47 60.93 31.42
CA TYR G 197 18.23 59.74 31.07
C TYR G 197 19.70 60.09 31.10
N HIS G 198 20.46 59.37 31.91
CA HIS G 198 21.82 59.74 32.24
C HIS G 198 22.88 59.05 31.39
N GLY G 199 22.50 58.17 30.50
CA GLY G 199 23.47 57.38 29.75
C GLY G 199 23.85 56.13 30.49
N THR G 200 25.11 55.71 30.39
CA THR G 200 25.56 54.42 30.88
C THR G 200 26.69 54.62 31.89
N ASP G 201 26.65 53.84 32.96
CA ASP G 201 27.76 53.76 33.89
C ASP G 201 28.90 53.01 33.19
N PRO G 202 30.11 53.60 33.03
CA PRO G 202 31.18 52.85 32.34
C PRO G 202 31.59 51.59 33.06
N ASP G 203 31.45 51.54 34.38
CA ASP G 203 31.85 50.35 35.12
C ASP G 203 30.99 49.14 34.76
N ASP G 204 29.73 49.36 34.43
CA ASP G 204 28.76 48.29 34.23
C ASP G 204 28.52 47.96 32.76
N VAL G 205 29.39 48.42 31.86
CA VAL G 205 29.21 48.13 30.44
C VAL G 205 29.49 46.66 30.18
N GLN G 206 28.63 46.03 29.40
CA GLN G 206 28.89 44.72 28.83
C GLN G 206 28.32 44.66 27.43
N PHE G 207 29.13 44.21 26.47
CA PHE G 207 28.75 44.10 25.07
C PHE G 207 29.10 42.69 24.65
N TYR G 208 28.16 41.78 24.86
CA TYR G 208 28.32 40.41 24.42
C TYR G 208 28.14 40.32 22.93
N THR G 209 28.81 39.36 22.31
CA THR G 209 28.61 39.03 20.92
C THR G 209 28.65 37.52 20.75
N ILE G 210 27.77 37.00 19.90
CA ILE G 210 27.71 35.55 19.69
C ILE G 210 29.00 35.05 19.07
N GLU G 211 29.59 35.83 18.17
CA GLU G 211 30.77 35.37 17.44
C GLU G 211 31.94 35.12 18.38
N ASN G 212 32.13 36.01 19.36
CA ASN G 212 33.24 35.83 20.30
C ASN G 212 32.95 34.82 21.39
N SER G 213 31.68 34.56 21.70
CA SER G 213 31.34 33.86 22.93
C SER G 213 31.26 32.35 22.80
N VAL G 214 30.87 31.84 21.63
CA VAL G 214 30.43 30.45 21.49
C VAL G 214 30.79 29.96 20.09
N PRO G 215 31.10 28.68 19.87
CA PRO G 215 31.27 28.22 18.49
C PRO G 215 29.97 28.23 17.72
N VAL G 216 30.09 28.42 16.41
CA VAL G 216 28.98 28.52 15.49
C VAL G 216 29.15 27.42 14.42
N HIS G 217 28.11 26.61 14.22
CA HIS G 217 28.13 25.58 13.18
C HIS G 217 27.40 26.05 11.94
N LEU G 218 28.05 25.90 10.79
CA LEU G 218 27.56 26.47 9.54
C LEU G 218 26.78 25.45 8.72
N LEU G 219 25.66 24.96 9.25
CA LEU G 219 24.85 23.93 8.62
C LEU G 219 24.37 24.34 7.24
N ARG G 220 24.68 23.53 6.21
CA ARG G 220 24.27 23.92 4.86
C ARG G 220 22.87 23.47 4.47
N THR G 221 22.68 22.20 4.09
CA THR G 221 21.33 21.66 3.89
C THR G 221 21.22 20.19 4.21
N GLY G 222 22.29 19.43 4.02
CA GLY G 222 22.29 18.01 4.19
C GLY G 222 22.86 17.59 5.52
N ASP G 223 22.78 18.47 6.51
CA ASP G 223 23.45 18.28 7.79
C ASP G 223 22.53 18.68 8.92
N GLU G 224 22.85 18.19 10.10
CA GLU G 224 22.00 18.26 11.28
C GLU G 224 22.85 18.70 12.47
N PHE G 225 22.22 19.46 13.35
CA PHE G 225 22.81 19.85 14.63
C PHE G 225 21.99 19.22 15.73
N ALA G 226 22.69 18.67 16.74
CA ALA G 226 22.06 18.07 17.90
C ALA G 226 22.75 18.60 19.15
N THR G 227 21.95 19.05 20.11
CA THR G 227 22.49 19.41 21.40
C THR G 227 22.83 18.16 22.19
N GLY G 228 23.55 18.36 23.28
CA GLY G 228 23.67 17.30 24.26
C GLY G 228 22.37 17.07 24.97
N THR G 229 22.33 15.99 25.75
CA THR G 229 21.19 15.70 26.62
C THR G 229 21.41 16.40 27.95
N PHE G 230 20.84 17.59 28.10
CA PHE G 230 20.91 18.30 29.36
C PHE G 230 20.18 17.52 30.44
N PHE G 231 20.64 17.68 31.69
CA PHE G 231 20.02 17.05 32.85
C PHE G 231 19.84 18.08 33.95
N PHE G 232 18.64 18.11 34.53
CA PHE G 232 18.30 19.06 35.58
C PHE G 232 18.57 18.45 36.94
N ASP G 233 18.51 19.30 37.98
CA ASP G 233 18.62 18.87 39.36
C ASP G 233 17.60 19.57 40.25
N CYS G 234 16.44 19.90 39.71
CA CYS G 234 15.50 20.78 40.40
C CYS G 234 14.72 20.04 41.47
N LYS G 235 14.28 20.79 42.47
CA LYS G 235 13.36 20.29 43.47
C LYS G 235 11.98 20.09 42.82
N PRO G 236 11.12 19.28 43.42
CA PRO G 236 9.83 18.97 42.77
C PRO G 236 8.91 20.17 42.62
N CYS G 237 8.18 20.19 41.52
CA CYS G 237 6.92 20.92 41.45
C CYS G 237 5.82 20.03 41.98
N ARG G 238 4.77 20.66 42.50
CA ARG G 238 3.60 19.96 43.02
C ARG G 238 2.36 20.41 42.28
N LEU G 239 1.57 19.45 41.82
CA LEU G 239 0.32 19.68 41.14
C LEU G 239 -0.87 19.62 42.08
N THR G 240 -0.66 19.91 43.36
CA THR G 240 -1.71 19.93 44.36
C THR G 240 -1.57 21.21 45.16
N HIS G 241 -2.71 21.78 45.54
CA HIS G 241 -2.77 23.05 46.26
C HIS G 241 -3.17 22.82 47.70
N THR G 242 -3.00 23.87 48.49
CA THR G 242 -3.29 23.85 49.91
C THR G 242 -4.40 24.84 50.20
N TRP G 243 -5.40 24.41 50.97
CA TRP G 243 -6.52 25.27 51.35
C TRP G 243 -6.37 25.88 52.72
N GLN G 244 -5.45 25.39 53.54
CA GLN G 244 -5.45 25.71 54.97
C GLN G 244 -4.73 27.02 55.23
N THR G 245 -5.50 28.04 55.56
CA THR G 245 -4.96 29.26 56.13
C THR G 245 -4.69 29.04 57.61
N ASN G 246 -4.36 30.12 58.33
CA ASN G 246 -3.98 29.98 59.73
C ASN G 246 -5.13 29.47 60.59
N ARG G 247 -6.36 29.85 60.26
CA ARG G 247 -7.49 29.35 61.03
C ARG G 247 -7.68 27.85 60.92
N ALA G 248 -7.23 27.24 59.84
CA ALA G 248 -7.42 25.82 59.62
C ALA G 248 -6.38 24.94 60.29
N LEU G 249 -5.21 25.50 60.62
CA LEU G 249 -4.17 24.71 61.25
C LEU G 249 -4.59 24.30 62.65
N GLY G 250 -4.43 23.03 62.97
CA GLY G 250 -4.53 22.57 64.33
C GLY G 250 -5.92 22.14 64.74
N LEU G 251 -6.03 21.80 66.01
CA LEU G 251 -7.23 21.15 66.51
C LEU G 251 -8.35 22.18 66.68
N PRO G 252 -9.54 21.98 66.11
CA PRO G 252 -10.63 22.89 66.40
C PRO G 252 -11.08 22.76 67.84
N PRO G 253 -11.81 23.73 68.37
CA PRO G 253 -12.30 23.61 69.74
C PRO G 253 -13.37 22.54 69.86
N PHE G 254 -13.60 22.09 71.09
CA PHE G 254 -14.60 21.06 71.35
C PHE G 254 -15.99 21.66 71.35
N LEU G 255 -16.84 21.22 70.43
CA LEU G 255 -18.20 21.72 70.33
C LEU G 255 -19.11 21.07 71.37
N ASN G 256 -19.27 21.70 72.52
CA ASN G 256 -20.03 21.11 73.62
C ASN G 256 -21.51 20.95 73.30
N SER G 257 -22.05 21.71 72.34
CA SER G 257 -23.48 21.76 72.06
C SER G 257 -23.67 21.61 70.55
N LEU G 258 -23.84 20.38 70.11
CA LEU G 258 -24.01 20.06 68.71
C LEU G 258 -25.46 20.26 68.29
N PRO G 259 -25.73 20.47 67.00
CA PRO G 259 -27.12 20.62 66.57
C PRO G 259 -27.89 19.31 66.68
N GLN G 260 -29.20 19.44 66.85
CA GLN G 260 -30.11 18.31 66.98
C GLN G 260 -31.03 18.13 65.77
N SER G 261 -31.00 19.05 64.80
CA SER G 261 -31.80 18.91 63.60
C SER G 261 -31.06 19.54 62.43
N GLU G 262 -31.42 19.10 61.24
CA GLU G 262 -30.67 19.42 60.03
C GLU G 262 -30.89 20.86 59.60
N GLY G 263 -30.08 21.30 58.65
CA GLY G 263 -30.23 22.56 57.95
C GLY G 263 -29.13 23.54 58.28
N ALA G 264 -29.01 24.55 57.42
CA ALA G 264 -27.94 25.54 57.57
C ALA G 264 -28.13 26.39 58.82
N THR G 265 -29.38 26.69 59.18
CA THR G 265 -29.62 27.57 60.33
C THR G 265 -29.26 26.91 61.66
N ASN G 266 -29.15 25.58 61.71
CA ASN G 266 -28.81 24.88 62.95
C ASN G 266 -27.29 24.79 63.12
N PHE G 267 -26.71 25.91 63.56
CA PHE G 267 -25.29 25.97 63.84
C PHE G 267 -24.96 25.26 65.14
N GLY G 268 -23.72 24.82 65.26
CA GLY G 268 -23.19 24.30 66.50
C GLY G 268 -22.47 25.38 67.30
N ASP G 269 -22.44 25.20 68.61
CA ASP G 269 -21.98 26.20 69.57
C ASP G 269 -20.87 25.65 70.45
N ILE G 270 -19.86 26.47 70.70
CA ILE G 270 -18.89 26.20 71.76
C ILE G 270 -19.53 26.61 73.07
N GLY G 271 -19.47 25.74 74.07
CA GLY G 271 -20.30 25.87 75.25
C GLY G 271 -19.71 26.61 76.42
N VAL G 272 -18.60 27.32 76.23
CA VAL G 272 -17.85 27.92 77.33
C VAL G 272 -17.48 29.34 76.95
N GLN G 273 -17.53 30.25 77.93
CA GLN G 273 -17.27 31.66 77.70
C GLN G 273 -15.86 31.87 77.19
N GLN G 274 -15.69 32.90 76.35
CA GLN G 274 -14.43 33.10 75.64
C GLN G 274 -13.29 33.43 76.59
N ASP G 275 -13.60 34.08 77.71
CA ASP G 275 -12.58 34.46 78.69
C ASP G 275 -12.40 33.44 79.81
N LYS G 276 -13.06 32.28 79.73
CA LYS G 276 -12.77 31.14 80.59
C LYS G 276 -12.48 29.88 79.78
N ARG G 277 -12.02 30.03 78.54
CA ARG G 277 -11.57 28.90 77.73
C ARG G 277 -10.13 28.54 78.08
N ARG G 278 -9.74 27.34 77.66
CA ARG G 278 -8.43 26.78 77.93
C ARG G 278 -7.64 26.70 76.63
N GLY G 279 -6.42 27.20 76.65
CA GLY G 279 -5.59 27.19 75.47
C GLY G 279 -4.34 28.02 75.68
N VAL G 280 -3.68 28.34 74.57
CA VAL G 280 -2.46 29.13 74.56
C VAL G 280 -2.61 30.24 73.51
N THR G 281 -2.21 31.45 73.90
CA THR G 281 -2.28 32.62 73.03
C THR G 281 -1.00 33.41 73.20
N GLN G 282 -0.71 34.23 72.19
CA GLN G 282 0.47 35.09 72.21
C GLN G 282 0.20 36.49 72.69
N MET G 283 -1.03 36.99 72.60
CA MET G 283 -1.36 38.29 73.18
C MET G 283 -1.50 38.05 74.67
N GLY G 284 -0.36 38.10 75.34
CA GLY G 284 -0.23 37.60 76.70
C GLY G 284 -1.04 38.34 77.74
N ASN G 285 -1.33 39.62 77.51
CA ASN G 285 -2.14 40.39 78.45
C ASN G 285 -3.64 40.13 78.34
N THR G 286 -4.07 39.26 77.42
CA THR G 286 -5.47 39.09 77.06
C THR G 286 -5.95 37.71 77.47
N ASN G 287 -7.06 37.66 78.19
CA ASN G 287 -7.65 36.38 78.60
C ASN G 287 -8.43 35.70 77.49
N TYR G 288 -8.92 36.43 76.49
CA TYR G 288 -9.78 35.85 75.46
C TYR G 288 -8.99 34.88 74.58
N ILE G 289 -9.44 33.63 74.53
CA ILE G 289 -8.97 32.65 73.56
C ILE G 289 -10.05 32.49 72.50
N THR G 290 -9.97 33.26 71.43
CA THR G 290 -10.92 33.22 70.34
C THR G 290 -10.45 32.26 69.25
N GLU G 291 -11.25 32.14 68.21
CA GLU G 291 -10.82 31.40 67.02
C GLU G 291 -9.62 32.10 66.37
N ALA G 292 -9.56 33.43 66.47
CA ALA G 292 -8.56 34.23 65.78
C ALA G 292 -7.29 34.47 66.57
N THR G 293 -7.32 34.29 67.90
CA THR G 293 -6.20 34.64 68.76
C THR G 293 -5.42 33.43 69.27
N ILE G 294 -5.90 32.21 69.05
CA ILE G 294 -5.18 31.03 69.54
C ILE G 294 -3.89 30.84 68.76
N MET G 295 -2.89 30.31 69.43
CA MET G 295 -1.54 30.26 68.88
C MET G 295 -1.46 29.16 67.83
N ARG G 296 -1.31 29.57 66.58
CA ARG G 296 -1.02 28.65 65.50
C ARG G 296 0.48 28.46 65.39
N PRO G 297 0.95 27.41 64.71
CA PRO G 297 2.40 27.21 64.63
C PRO G 297 3.11 28.27 63.83
N ALA G 298 2.51 28.71 62.73
CA ALA G 298 3.18 29.55 61.75
C ALA G 298 2.13 30.38 61.04
N GLU G 299 2.61 31.25 60.16
CA GLU G 299 1.79 32.09 59.30
C GLU G 299 1.85 31.54 57.88
N VAL G 300 0.70 31.18 57.33
CA VAL G 300 0.60 30.80 55.94
C VAL G 300 0.51 32.07 55.11
N GLY G 301 1.45 32.26 54.20
CA GLY G 301 1.47 33.45 53.38
C GLY G 301 1.97 34.65 54.15
N TYR G 302 1.99 35.79 53.46
CA TYR G 302 2.42 37.02 54.07
C TYR G 302 1.77 38.20 53.34
N SER G 303 1.44 39.23 54.11
CA SER G 303 0.95 40.48 53.54
C SER G 303 2.13 41.25 52.97
N ALA G 304 1.86 41.98 51.90
CA ALA G 304 2.89 42.65 51.12
C ALA G 304 2.40 44.04 50.76
N PRO G 305 3.33 44.97 50.48
CA PRO G 305 2.87 46.31 50.10
C PRO G 305 2.47 46.37 48.63
N TYR G 306 1.18 46.18 48.36
CA TYR G 306 0.74 45.94 46.99
C TYR G 306 0.68 47.23 46.19
N TYR G 307 1.14 47.12 44.94
CA TYR G 307 1.28 48.23 44.01
C TYR G 307 2.17 49.32 44.59
N SER G 308 3.44 48.94 44.75
CA SER G 308 4.52 49.82 45.18
C SER G 308 5.69 49.61 44.23
N PHE G 309 6.32 50.71 43.86
CA PHE G 309 7.43 50.73 42.91
C PHE G 309 8.71 51.17 43.62
N GLU G 310 9.75 50.34 43.54
CA GLU G 310 11.11 50.77 43.86
C GLU G 310 11.76 51.27 42.60
N ALA G 311 12.63 52.26 42.76
CA ALA G 311 13.45 52.80 41.68
C ALA G 311 14.91 52.61 42.06
N SER G 312 15.54 51.60 41.49
CA SER G 312 16.99 51.51 41.44
C SER G 312 17.48 52.46 40.36
N THR G 313 18.75 52.32 39.98
CA THR G 313 19.32 53.23 38.99
C THR G 313 18.65 53.13 37.64
N GLN G 314 18.13 51.96 37.29
CA GLN G 314 17.54 51.70 35.98
C GLN G 314 16.05 52.03 35.91
N GLY G 315 15.52 52.84 36.83
CA GLY G 315 14.17 53.31 36.76
C GLY G 315 13.20 52.48 37.56
N PRO G 316 11.95 52.95 37.67
CA PRO G 316 10.99 52.30 38.57
C PRO G 316 10.52 50.95 38.07
N PHE G 317 10.14 50.08 39.00
CA PHE G 317 9.62 48.76 38.68
C PHE G 317 8.72 48.26 39.79
N LYS G 318 7.72 47.48 39.41
CA LYS G 318 6.75 46.92 40.36
C LYS G 318 7.39 45.82 41.18
N THR G 319 7.22 45.88 42.48
CA THR G 319 7.80 44.85 43.35
C THR G 319 6.99 43.57 43.25
N PRO G 320 7.60 42.39 43.12
CA PRO G 320 6.80 41.18 42.94
C PRO G 320 6.07 40.77 44.22
N ILE G 321 4.99 40.01 44.01
CA ILE G 321 4.15 39.47 45.08
C ILE G 321 4.11 37.96 44.89
N ALA G 322 4.12 37.23 46.00
CA ALA G 322 4.26 35.78 45.91
C ALA G 322 2.96 35.09 45.54
N ALA G 323 1.84 35.50 46.13
CA ALA G 323 0.55 34.88 45.87
C ALA G 323 -0.55 35.92 45.97
N GLY G 324 -1.58 35.77 45.14
CA GLY G 324 -2.71 36.66 45.14
C GLY G 324 -3.85 36.16 46.00
N ARG G 325 -4.91 36.97 46.03
CA ARG G 325 -6.12 36.71 46.81
C ARG G 325 -6.70 35.32 46.55
N ALA G 336 -6.98 41.33 40.82
CA ALA G 336 -6.27 41.52 42.11
C ALA G 336 -4.76 41.49 41.90
N ASP G 337 -4.01 41.84 42.94
CA ASP G 337 -2.56 41.71 42.90
C ASP G 337 -2.16 40.25 42.90
N GLY G 338 -0.93 39.99 42.48
CA GLY G 338 -0.35 38.67 42.57
C GLY G 338 -0.65 37.73 41.41
N ASN G 339 -1.90 37.66 40.99
CA ASN G 339 -2.27 36.70 39.97
C ASN G 339 -1.82 37.20 38.60
N PRO G 340 -0.98 36.49 37.85
CA PRO G 340 -0.43 37.06 36.63
C PRO G 340 -1.44 37.16 35.51
N ARG G 341 -1.26 38.18 34.66
CA ARG G 341 -2.11 38.42 33.50
C ARG G 341 -1.31 38.12 32.26
N TYR G 342 -1.42 36.90 31.77
CA TYR G 342 -0.78 36.52 30.52
C TYR G 342 -1.55 37.11 29.36
N ALA G 343 -0.83 37.63 28.37
CA ALA G 343 -1.40 38.13 27.13
C ALA G 343 -0.55 37.59 25.99
N PHE G 344 -1.21 37.26 24.88
CA PHE G 344 -0.58 36.42 23.87
C PHE G 344 -1.32 36.56 22.56
N GLY G 345 -0.63 36.18 21.48
CA GLY G 345 -1.12 36.31 20.13
C GLY G 345 -1.60 35.00 19.56
N ARG G 346 -1.58 34.91 18.23
CA ARG G 346 -2.24 33.81 17.55
C ARG G 346 -1.38 32.56 17.43
N GLN G 347 -0.07 32.67 17.61
CA GLN G 347 0.73 31.46 17.75
C GLN G 347 0.46 30.73 19.05
N HIS G 348 -0.04 31.43 20.06
CA HIS G 348 0.12 31.00 21.44
C HIS G 348 -1.21 30.92 22.20
N GLY G 349 -2.34 30.80 21.50
CA GLY G 349 -3.60 30.46 22.12
C GLY G 349 -4.80 31.18 21.57
N GLN G 350 -4.61 32.39 21.04
CA GLN G 350 -5.72 33.16 20.49
C GLN G 350 -6.28 32.43 19.28
N LYS G 351 -7.57 32.63 19.03
CA LYS G 351 -8.22 32.13 17.83
C LYS G 351 -7.43 32.57 16.59
N THR G 352 -6.92 31.59 15.85
CA THR G 352 -6.01 31.88 14.75
C THR G 352 -6.69 32.66 13.64
N THR G 353 -8.01 32.58 13.54
CA THR G 353 -8.77 33.32 12.55
C THR G 353 -9.23 34.68 13.06
N THR G 354 -8.82 35.11 14.24
CA THR G 354 -9.10 36.46 14.68
C THR G 354 -8.36 37.46 13.81
N THR G 355 -9.00 38.59 13.56
CA THR G 355 -8.40 39.72 12.87
C THR G 355 -8.22 40.84 13.88
N GLY G 356 -6.99 41.33 14.01
CA GLY G 356 -6.69 42.48 14.82
C GLY G 356 -5.40 42.29 15.60
N GLU G 357 -4.81 43.41 16.00
CA GLU G 357 -3.62 43.41 16.84
C GLU G 357 -3.92 43.21 18.31
N THR G 358 -5.18 43.26 18.72
CA THR G 358 -5.53 43.10 20.13
C THR G 358 -5.22 41.69 20.59
N PRO G 359 -4.48 41.48 21.70
CA PRO G 359 -4.23 40.13 22.17
C PRO G 359 -5.33 39.58 23.06
N GLU G 360 -5.35 38.26 23.15
CA GLU G 360 -6.18 37.56 24.13
C GLU G 360 -5.43 37.48 25.45
N ARG G 361 -6.19 37.61 26.54
CA ARG G 361 -5.63 37.74 27.88
C ARG G 361 -6.43 36.89 28.86
N PHE G 362 -5.74 36.43 29.89
CA PHE G 362 -6.41 35.84 31.04
C PHE G 362 -5.61 36.15 32.29
N THR G 363 -6.31 36.25 33.40
CA THR G 363 -5.70 36.31 34.72
C THR G 363 -5.82 34.94 35.36
N TYR G 364 -4.69 34.38 35.78
CA TYR G 364 -4.65 33.05 36.37
C TYR G 364 -4.94 33.17 37.86
N ILE G 365 -6.20 32.98 38.23
CA ILE G 365 -6.60 32.96 39.63
C ILE G 365 -6.24 31.59 40.17
N ALA G 366 -5.11 31.50 40.87
CA ALA G 366 -4.63 30.22 41.36
C ALA G 366 -5.58 29.67 42.41
N HIS G 367 -5.58 28.35 42.55
CA HIS G 367 -6.44 27.70 43.53
C HIS G 367 -5.96 27.89 44.95
N GLN G 368 -4.67 28.16 45.16
CA GLN G 368 -4.11 28.15 46.49
C GLN G 368 -4.64 29.33 47.30
N ASP G 369 -5.06 29.03 48.53
CA ASP G 369 -5.58 30.02 49.45
C ASP G 369 -4.49 30.64 50.32
N THR G 370 -3.26 30.66 49.85
CA THR G 370 -2.13 31.19 50.62
C THR G 370 -2.16 32.71 50.73
N GLY G 371 -2.99 33.41 49.97
CA GLY G 371 -2.92 34.84 49.86
C GLY G 371 -3.62 35.56 51.01
N ARG G 372 -4.02 36.80 50.71
CA ARG G 372 -4.58 37.71 51.70
C ARG G 372 -5.74 38.49 51.10
N TYR G 373 -6.55 39.03 52.01
CA TYR G 373 -7.73 39.82 51.70
C TYR G 373 -7.56 41.10 52.51
N PRO G 374 -6.93 42.15 51.94
CA PRO G 374 -6.56 43.31 52.77
C PRO G 374 -7.71 44.02 53.46
N GLU G 375 -8.92 43.95 52.91
CA GLU G 375 -10.03 44.66 53.52
C GLU G 375 -10.46 44.06 54.86
N GLY G 376 -9.99 42.86 55.22
CA GLY G 376 -10.27 42.25 56.50
C GLY G 376 -9.22 42.47 57.56
N ASP G 377 -8.07 43.04 57.19
CA ASP G 377 -6.99 43.23 58.14
C ASP G 377 -7.27 44.40 59.05
N TRP G 378 -6.60 44.44 60.19
CA TRP G 378 -6.57 45.64 61.01
C TRP G 378 -5.43 45.53 62.01
N ILE G 379 -5.10 46.67 62.60
CA ILE G 379 -4.11 46.82 63.66
C ILE G 379 -4.81 47.48 64.82
N GLN G 380 -4.47 47.06 66.04
CA GLN G 380 -5.07 47.70 67.20
C GLN G 380 -4.10 47.70 68.37
N ASN G 381 -4.42 48.56 69.33
CA ASN G 381 -3.50 48.91 70.41
C ASN G 381 -3.22 47.71 71.29
N ILE G 382 -2.04 47.70 71.91
CA ILE G 382 -1.60 46.61 72.75
C ILE G 382 -2.53 46.36 73.92
N ASN G 383 -3.20 47.41 74.42
CA ASN G 383 -4.05 47.23 75.60
C ASN G 383 -5.23 46.31 75.35
N PHE G 384 -5.75 46.28 74.12
CA PHE G 384 -6.68 45.25 73.66
C PHE G 384 -7.97 45.21 74.49
N ASN G 385 -8.58 46.37 74.65
CA ASN G 385 -9.96 46.45 75.14
C ASN G 385 -10.88 46.14 73.98
N LEU G 386 -11.51 44.96 74.02
CA LEU G 386 -12.00 44.34 72.79
C LEU G 386 -13.14 45.10 72.10
N PRO G 387 -14.08 45.75 72.80
CA PRO G 387 -14.97 46.67 72.08
C PRO G 387 -14.21 47.93 71.69
N VAL G 388 -13.41 47.81 70.63
CA VAL G 388 -12.39 48.82 70.31
C VAL G 388 -13.03 50.17 70.00
N THR G 389 -12.41 51.22 70.50
CA THR G 389 -12.75 52.59 70.14
C THR G 389 -12.00 52.97 68.88
N ASN G 390 -12.40 54.09 68.27
CA ASN G 390 -11.82 54.48 66.99
C ASN G 390 -10.34 54.82 67.12
N ASP G 391 -9.95 55.42 68.24
CA ASP G 391 -8.55 55.82 68.38
C ASP G 391 -7.63 54.62 68.57
N ASN G 392 -8.15 53.52 69.09
CA ASN G 392 -7.34 52.34 69.40
C ASN G 392 -7.20 51.37 68.25
N VAL G 393 -7.85 51.60 67.11
CA VAL G 393 -7.86 50.68 65.98
C VAL G 393 -7.51 51.44 64.71
N LEU G 394 -6.68 50.84 63.88
CA LEU G 394 -6.35 51.35 62.56
C LEU G 394 -6.92 50.36 61.55
N LEU G 395 -7.81 50.84 60.70
CA LEU G 395 -8.61 50.03 59.80
C LEU G 395 -8.24 50.32 58.35
N PRO G 396 -8.55 49.42 57.42
CA PRO G 396 -8.28 49.71 56.00
C PRO G 396 -9.03 50.91 55.47
N THR G 397 -10.13 51.32 56.10
CA THR G 397 -10.84 52.52 55.69
C THR G 397 -10.13 53.81 56.08
N ASP G 398 -9.12 53.76 56.95
CA ASP G 398 -8.48 54.96 57.46
C ASP G 398 -7.40 55.45 56.48
N PRO G 399 -7.22 56.76 56.30
CA PRO G 399 -6.18 57.22 55.38
C PRO G 399 -4.79 57.16 55.98
N ILE G 400 -3.80 57.07 55.11
CA ILE G 400 -2.39 57.23 55.44
C ILE G 400 -1.89 58.46 54.70
N GLY G 401 -1.30 59.38 55.45
CA GLY G 401 -0.74 60.57 54.82
C GLY G 401 -1.76 61.49 54.22
N GLY G 402 -3.02 61.40 54.66
CA GLY G 402 -4.08 62.23 54.13
C GLY G 402 -4.73 61.72 52.87
N LYS G 403 -4.09 60.84 52.12
CA LYS G 403 -4.69 60.31 50.90
C LYS G 403 -5.83 59.36 51.27
N THR G 404 -7.02 59.65 50.74
CA THR G 404 -8.19 58.82 51.04
C THR G 404 -8.06 57.44 50.42
N GLY G 405 -7.44 57.35 49.25
CA GLY G 405 -7.38 56.09 48.52
C GLY G 405 -6.29 55.14 48.95
N ILE G 406 -5.32 55.59 49.74
CA ILE G 406 -4.20 54.78 50.21
C ILE G 406 -4.40 54.53 51.70
N ASN G 407 -4.34 53.27 52.09
CA ASN G 407 -4.49 52.84 53.48
C ASN G 407 -3.29 51.98 53.86
N TYR G 408 -3.27 51.54 55.12
CA TYR G 408 -2.05 50.97 55.67
C TYR G 408 -1.68 49.66 55.01
N THR G 409 -2.66 48.92 54.49
CA THR G 409 -2.35 47.64 53.87
C THR G 409 -1.53 47.79 52.60
N ASN G 410 -1.58 48.95 51.95
CA ASN G 410 -0.76 49.20 50.78
C ASN G 410 0.72 49.27 51.11
N ILE G 411 1.08 49.61 52.35
CA ILE G 411 2.47 49.71 52.79
C ILE G 411 2.87 48.61 53.76
N PHE G 412 1.92 47.81 54.22
CA PHE G 412 2.16 46.82 55.26
C PHE G 412 3.02 45.68 54.72
N ASN G 413 3.79 45.05 55.61
CA ASN G 413 4.58 43.89 55.24
C ASN G 413 4.76 43.00 56.45
N THR G 414 4.21 41.78 56.37
CA THR G 414 4.27 40.79 57.45
C THR G 414 5.20 39.63 57.14
N TYR G 415 6.13 39.78 56.20
CA TYR G 415 7.11 38.74 55.99
C TYR G 415 7.98 38.60 57.23
N GLY G 416 8.24 37.38 57.62
CA GLY G 416 8.94 37.11 58.84
C GLY G 416 9.43 35.70 58.87
N PRO G 417 10.07 35.29 59.96
CA PRO G 417 10.54 33.91 60.04
C PRO G 417 9.43 32.90 60.01
N LEU G 418 8.24 33.26 60.46
CA LEU G 418 7.14 32.34 60.57
C LEU G 418 6.35 32.18 59.27
N THR G 419 6.72 32.86 58.20
CA THR G 419 5.95 32.82 56.98
C THR G 419 6.23 31.53 56.19
N ALA G 420 5.17 30.95 55.64
CA ALA G 420 5.23 29.73 54.86
C ALA G 420 4.45 29.94 53.58
N LEU G 421 5.05 29.53 52.46
CA LEU G 421 4.57 29.82 51.13
C LEU G 421 4.62 28.56 50.30
N ASN G 422 3.99 28.62 49.13
CA ASN G 422 4.06 27.57 48.12
C ASN G 422 4.66 28.15 46.85
N ASN G 423 5.39 27.32 46.13
CA ASN G 423 5.94 27.73 44.84
C ASN G 423 4.82 28.01 43.85
N VAL G 424 5.12 28.87 42.88
CA VAL G 424 4.06 29.37 41.97
C VAL G 424 3.55 28.23 41.09
N PRO G 425 2.26 28.18 40.75
CA PRO G 425 1.76 27.04 39.99
C PRO G 425 2.23 27.08 38.55
N PRO G 426 2.25 25.95 37.85
CA PRO G 426 2.38 26.02 36.39
C PRO G 426 1.16 26.70 35.77
N VAL G 427 1.39 27.37 34.64
CA VAL G 427 0.34 28.08 33.91
C VAL G 427 0.40 27.61 32.46
N TYR G 428 -0.35 26.59 32.13
CA TYR G 428 -0.51 26.11 30.76
C TYR G 428 -1.45 27.05 30.00
N PRO G 429 -1.24 27.26 28.69
CA PRO G 429 -0.14 26.91 27.80
C PRO G 429 0.97 27.94 27.71
N ASN G 430 0.82 29.11 28.34
CA ASN G 430 1.73 30.23 28.08
C ASN G 430 2.90 30.30 29.04
N GLY G 431 2.78 29.77 30.23
CA GLY G 431 3.78 30.02 31.25
C GLY G 431 5.07 29.24 31.04
N GLN G 432 6.09 29.65 31.76
CA GLN G 432 7.41 29.02 31.65
C GLN G 432 7.43 27.64 32.30
N ILE G 433 8.39 26.84 31.88
CA ILE G 433 8.69 25.57 32.54
C ILE G 433 9.84 25.74 33.51
N TRP G 434 10.93 26.38 33.09
CA TRP G 434 12.12 26.56 33.91
C TRP G 434 12.63 27.98 33.81
N ASP G 435 13.54 28.29 34.71
CA ASP G 435 14.25 29.56 34.74
C ASP G 435 15.56 29.29 35.44
N LYS G 436 16.54 30.17 35.23
CA LYS G 436 17.85 29.99 35.84
C LYS G 436 17.95 30.78 37.13
N GLU G 437 18.66 30.19 38.09
CA GLU G 437 18.87 30.84 39.38
C GLU G 437 19.71 32.09 39.20
N PHE G 438 19.51 33.06 40.09
CA PHE G 438 20.33 34.25 40.09
C PHE G 438 21.78 33.91 40.41
N ASP G 439 22.68 34.73 39.88
CA ASP G 439 24.10 34.63 40.16
C ASP G 439 24.51 35.36 41.43
N THR G 440 23.56 35.80 42.26
CA THR G 440 23.90 36.56 43.44
C THR G 440 24.41 35.62 44.53
N ASP G 441 25.03 36.22 45.55
CA ASP G 441 25.52 35.45 46.69
C ASP G 441 24.36 34.91 47.52
N LEU G 442 23.37 35.75 47.80
CA LEU G 442 22.15 35.37 48.48
C LEU G 442 21.02 35.33 47.45
N LYS G 443 20.29 34.23 47.42
CA LYS G 443 19.47 33.86 46.28
C LYS G 443 17.99 33.83 46.63
N PRO G 444 17.09 34.16 45.70
CA PRO G 444 15.67 34.20 46.05
C PRO G 444 15.13 32.83 46.37
N ARG G 445 14.16 32.81 47.29
CA ARG G 445 13.57 31.55 47.71
C ARG G 445 12.64 30.98 46.66
N LEU G 446 11.99 31.82 45.85
CA LEU G 446 11.12 31.34 44.80
C LEU G 446 11.13 32.34 43.66
N HIS G 447 11.06 31.80 42.45
CA HIS G 447 10.90 32.59 41.24
C HIS G 447 9.43 32.66 40.88
N VAL G 448 8.93 33.87 40.68
CA VAL G 448 7.51 34.06 40.42
C VAL G 448 7.10 33.72 39.00
N ASN G 449 8.04 33.41 38.10
CA ASN G 449 7.75 33.24 36.69
C ASN G 449 7.74 31.79 36.22
N ALA G 450 8.39 30.88 36.96
CA ALA G 450 8.54 29.50 36.53
C ALA G 450 8.47 28.59 37.75
N PRO G 451 8.00 27.34 37.63
CA PRO G 451 7.99 26.47 38.81
C PRO G 451 9.32 25.87 39.14
N PHE G 452 10.11 25.45 38.15
CA PHE G 452 11.42 24.86 38.34
C PHE G 452 12.48 25.93 38.15
N VAL G 453 13.47 25.94 39.04
CA VAL G 453 14.62 26.84 38.95
C VAL G 453 15.86 25.97 38.80
N CYS G 454 16.60 26.18 37.72
CA CYS G 454 17.89 25.53 37.54
C CYS G 454 18.83 25.98 38.65
N GLN G 455 19.45 25.04 39.34
CA GLN G 455 20.17 25.40 40.55
C GLN G 455 21.56 25.97 40.27
N ASN G 456 22.32 25.38 39.31
CA ASN G 456 23.66 25.87 39.01
C ASN G 456 23.94 26.08 37.52
N ASN G 457 23.31 25.34 36.61
CA ASN G 457 23.31 25.71 35.21
C ASN G 457 22.01 25.24 34.57
N CYS G 458 21.66 25.89 33.47
CA CYS G 458 20.38 25.76 32.79
C CYS G 458 20.67 25.50 31.32
N PRO G 459 19.68 25.03 30.55
CA PRO G 459 19.93 24.70 29.15
C PRO G 459 20.43 25.88 28.33
N GLY G 460 21.43 25.62 27.51
CA GLY G 460 21.98 26.64 26.66
C GLY G 460 20.99 27.16 25.63
N GLN G 461 20.87 28.48 25.55
CA GLN G 461 20.04 29.08 24.53
C GLN G 461 20.60 28.80 23.15
N LEU G 462 19.71 28.50 22.21
CA LEU G 462 20.06 28.08 20.86
C LEU G 462 19.79 29.22 19.90
N PHE G 463 20.85 29.78 19.32
CA PHE G 463 20.78 30.95 18.46
C PHE G 463 20.99 30.53 17.02
N VAL G 464 20.19 31.10 16.12
CA VAL G 464 20.11 30.68 14.73
C VAL G 464 20.14 31.92 13.86
N LYS G 465 20.76 31.81 12.69
CA LYS G 465 20.96 32.91 11.77
C LYS G 465 21.24 32.32 10.40
N VAL G 466 20.93 33.09 9.36
CA VAL G 466 21.26 32.73 7.98
C VAL G 466 22.49 33.52 7.58
N ALA G 467 23.49 32.82 7.05
CA ALA G 467 24.78 33.45 6.81
C ALA G 467 24.63 34.49 5.70
N PRO G 468 25.55 35.47 5.64
CA PRO G 468 25.47 36.45 4.55
C PRO G 468 25.70 35.86 3.17
N ASN G 469 24.73 36.05 2.27
CA ASN G 469 24.87 35.78 0.84
C ASN G 469 25.24 37.10 0.17
N LEU G 470 26.52 37.34 -0.02
CA LEU G 470 26.99 38.62 -0.51
C LEU G 470 26.77 38.76 -2.02
N THR G 471 26.56 39.99 -2.42
CA THR G 471 26.50 40.41 -3.81
C THR G 471 27.92 40.64 -4.32
N ASN G 472 28.09 40.49 -5.64
CA ASN G 472 29.41 40.64 -6.24
C ASN G 472 29.98 42.05 -6.09
N GLU G 473 29.12 43.05 -5.88
CA GLU G 473 29.55 44.44 -5.81
C GLU G 473 30.07 44.85 -4.44
N TYR G 474 30.21 43.93 -3.50
CA TYR G 474 30.51 44.29 -2.12
C TYR G 474 31.91 44.89 -1.99
N ASP G 475 32.02 45.88 -1.11
CA ASP G 475 33.28 46.58 -0.86
C ASP G 475 33.28 46.95 0.62
N PRO G 476 34.06 46.25 1.47
CA PRO G 476 34.01 46.56 2.91
C PRO G 476 34.43 47.97 3.27
N ASP G 477 35.24 48.63 2.45
CA ASP G 477 35.67 49.98 2.78
C ASP G 477 34.57 51.02 2.55
N ALA G 478 33.45 50.66 1.95
CA ALA G 478 32.31 51.56 1.84
C ALA G 478 31.46 51.51 3.12
N SER G 479 30.79 52.62 3.40
CA SER G 479 30.07 52.78 4.66
C SER G 479 28.67 52.20 4.64
N ALA G 480 28.06 52.05 3.46
CA ALA G 480 26.67 51.63 3.41
C ALA G 480 26.53 50.17 3.83
N ASN G 481 25.29 49.78 4.12
CA ASN G 481 25.02 48.39 4.44
C ASN G 481 25.33 47.50 3.25
N MET G 482 25.90 46.33 3.53
CA MET G 482 26.27 45.39 2.48
C MET G 482 25.05 44.87 1.76
N SER G 483 25.15 44.81 0.44
CA SER G 483 24.07 44.26 -0.38
C SER G 483 24.07 42.75 -0.24
N ARG G 484 22.95 42.20 0.22
CA ARG G 484 22.79 40.76 0.45
C ARG G 484 21.75 40.19 -0.49
N ILE G 485 22.08 39.07 -1.13
CA ILE G 485 21.10 38.32 -1.91
C ILE G 485 20.07 37.81 -0.93
N VAL G 486 18.81 38.20 -1.13
CA VAL G 486 17.76 37.95 -0.16
C VAL G 486 17.54 36.45 -0.06
N THR G 487 17.74 35.90 1.14
CA THR G 487 17.63 34.47 1.39
C THR G 487 16.94 34.25 2.73
N TYR G 488 16.13 33.20 2.80
CA TYR G 488 15.42 32.84 4.00
C TYR G 488 15.44 31.34 4.16
N SER G 489 15.37 30.89 5.41
CA SER G 489 15.46 29.49 5.76
C SER G 489 14.15 28.98 6.34
N ASP G 490 13.86 27.72 6.06
CA ASP G 490 12.90 26.95 6.82
C ASP G 490 13.60 25.68 7.28
N PHE G 491 13.53 25.41 8.57
CA PHE G 491 14.23 24.28 9.17
C PHE G 491 13.35 23.65 10.25
N TRP G 492 13.56 22.37 10.47
CA TRP G 492 12.76 21.59 11.39
C TRP G 492 13.50 21.46 12.70
N TRP G 493 12.82 21.82 13.79
CA TRP G 493 13.34 21.73 15.13
C TRP G 493 12.65 20.55 15.79
N LYS G 494 13.43 19.72 16.47
CA LYS G 494 12.92 18.61 17.26
C LYS G 494 13.41 18.77 18.69
N GLY G 495 12.55 18.46 19.64
CA GLY G 495 12.88 18.59 21.05
C GLY G 495 12.27 17.47 21.85
N LYS G 496 12.94 17.14 22.95
CA LYS G 496 12.56 15.99 23.78
C LYS G 496 12.78 16.36 25.24
N LEU G 497 11.70 16.67 25.93
CA LEU G 497 11.71 17.07 27.33
C LEU G 497 11.11 15.95 28.15
N VAL G 498 11.86 15.48 29.14
CA VAL G 498 11.50 14.32 29.94
C VAL G 498 11.15 14.79 31.34
N PHE G 499 9.99 14.36 31.84
CA PHE G 499 9.53 14.62 33.18
C PHE G 499 9.40 13.29 33.91
N LYS G 500 9.52 13.35 35.23
CA LYS G 500 9.26 12.21 36.10
C LYS G 500 8.21 12.63 37.10
N ALA G 501 7.10 11.90 37.14
CA ALA G 501 5.91 12.30 37.87
C ALA G 501 5.35 11.15 38.68
N LYS G 502 4.69 11.47 39.78
CA LYS G 502 4.13 10.50 40.71
C LYS G 502 2.61 10.48 40.56
N LEU G 503 2.05 9.30 40.33
CA LEU G 503 0.61 9.16 40.28
C LEU G 503 0.00 9.39 41.65
N ARG G 504 -1.17 10.01 41.68
CA ARG G 504 -1.76 10.43 42.95
C ARG G 504 -2.41 9.25 43.65
N ALA G 505 -2.88 9.50 44.87
CA ALA G 505 -3.60 8.54 45.68
C ALA G 505 -4.81 9.20 46.30
N SER G 506 -5.91 8.46 46.39
CA SER G 506 -7.19 8.94 46.89
C SER G 506 -7.27 8.77 48.40
N HIS G 507 -6.69 9.73 49.12
CA HIS G 507 -6.66 9.63 50.58
C HIS G 507 -8.03 9.87 51.20
N THR G 508 -8.77 10.84 50.68
CA THR G 508 -10.02 11.27 51.28
C THR G 508 -11.21 10.50 50.70
N TRP G 509 -12.31 10.53 51.44
CA TRP G 509 -13.54 9.88 51.02
C TRP G 509 -14.11 10.53 49.76
N ASN G 510 -14.06 11.83 49.67
CA ASN G 510 -14.79 12.57 48.67
C ASN G 510 -14.05 12.62 47.33
N PRO G 511 -14.76 12.89 46.23
CA PRO G 511 -14.05 13.15 44.98
C PRO G 511 -13.42 14.52 44.96
N ILE G 512 -12.25 14.62 44.32
CA ILE G 512 -11.53 15.88 44.17
C ILE G 512 -11.96 16.63 42.91
N GLN G 513 -11.59 17.91 42.84
CA GLN G 513 -11.74 18.69 41.61
C GLN G 513 -10.93 18.04 40.50
N GLN G 514 -11.49 18.06 39.28
CA GLN G 514 -10.81 17.53 38.11
C GLN G 514 -11.13 18.37 36.88
N MET G 515 -10.18 18.40 35.96
CA MET G 515 -10.36 19.09 34.69
C MET G 515 -11.22 18.22 33.78
N SER G 516 -12.14 18.85 33.07
CA SER G 516 -13.11 18.09 32.29
C SER G 516 -13.65 18.95 31.17
N ILE G 517 -14.01 18.28 30.09
CA ILE G 517 -14.76 18.90 29.00
C ILE G 517 -16.23 18.90 29.37
N ASN G 518 -16.90 20.01 29.06
CA ASN G 518 -18.30 20.19 29.38
C ASN G 518 -18.94 20.98 28.25
N VAL G 519 -20.24 21.25 28.39
CA VAL G 519 -21.00 21.94 27.37
C VAL G 519 -20.44 23.33 27.13
N ASP G 520 -19.93 23.99 28.17
CA ASP G 520 -19.44 25.35 28.02
C ASP G 520 -18.13 25.40 27.26
N ASN G 521 -17.15 24.60 27.67
CA ASN G 521 -15.79 24.70 27.15
C ASN G 521 -15.51 23.80 25.96
N GLN G 522 -16.53 23.13 25.40
CA GLN G 522 -16.38 22.12 24.38
C GLN G 522 -15.59 22.58 23.16
N PHE G 523 -16.05 23.65 22.53
CA PHE G 523 -15.49 24.10 21.27
C PHE G 523 -14.20 24.90 21.42
N ASN G 524 -13.62 24.97 22.62
CA ASN G 524 -12.27 25.48 22.77
C ASN G 524 -11.21 24.49 22.31
N TYR G 525 -11.54 23.20 22.24
CA TYR G 525 -10.58 22.13 22.00
C TYR G 525 -10.74 21.44 20.65
N VAL G 526 -11.54 21.99 19.74
CA VAL G 526 -11.65 21.48 18.37
C VAL G 526 -11.76 22.64 17.41
N PRO G 527 -11.28 22.47 16.18
CA PRO G 527 -11.18 23.63 15.30
C PRO G 527 -12.52 24.04 14.75
N SER G 528 -12.53 25.20 14.11
CA SER G 528 -13.73 25.80 13.57
C SER G 528 -13.93 25.37 12.12
N ASN G 529 -14.84 26.06 11.43
CA ASN G 529 -15.13 25.83 10.03
C ASN G 529 -13.88 25.99 9.17
N ILE G 530 -13.12 27.04 9.43
CA ILE G 530 -12.01 27.48 8.58
C ILE G 530 -10.67 27.19 9.25
N GLY G 531 -10.61 26.20 10.12
CA GLY G 531 -9.38 25.89 10.82
C GLY G 531 -9.03 26.84 11.94
N GLY G 532 -9.98 27.63 12.41
CA GLY G 532 -9.75 28.46 13.58
C GLY G 532 -9.51 27.60 14.79
N MET G 533 -8.35 27.77 15.43
CA MET G 533 -7.89 26.94 16.52
C MET G 533 -7.50 27.83 17.69
N LYS G 534 -7.72 27.33 18.91
CA LYS G 534 -7.35 28.07 20.11
C LYS G 534 -6.91 27.10 21.18
N ILE G 535 -6.14 27.61 22.14
CA ILE G 535 -5.78 26.91 23.36
C ILE G 535 -6.11 27.83 24.52
N VAL G 536 -6.74 27.27 25.55
CA VAL G 536 -7.26 28.01 26.68
C VAL G 536 -6.51 27.58 27.93
N TYR G 537 -6.48 28.48 28.91
CA TYR G 537 -5.77 28.19 30.13
C TYR G 537 -6.47 27.10 30.92
N GLU G 538 -5.66 26.20 31.48
CA GLU G 538 -6.14 25.08 32.25
C GLU G 538 -5.36 25.05 33.56
N LYS G 539 -6.07 24.87 34.66
CA LYS G 539 -5.47 25.08 35.96
C LYS G 539 -4.61 23.88 36.36
N SER G 540 -3.40 24.18 36.82
CA SER G 540 -2.40 23.15 37.02
C SER G 540 -2.55 22.40 38.34
N GLN G 541 -3.00 23.08 39.39
CA GLN G 541 -3.08 22.53 40.74
C GLN G 541 -4.53 22.40 41.13
N LEU G 542 -5.01 21.16 41.28
CA LEU G 542 -6.43 20.89 41.47
C LEU G 542 -6.73 20.15 42.75
N ALA G 543 -5.95 19.14 43.08
CA ALA G 543 -6.25 18.32 44.24
C ALA G 543 -5.82 19.06 45.52
N PRO G 544 -6.63 19.05 46.59
CA PRO G 544 -6.16 19.66 47.84
C PRO G 544 -5.15 18.78 48.54
N ARG G 545 -4.30 19.42 49.33
CA ARG G 545 -3.22 18.76 50.08
C ARG G 545 -3.28 19.21 51.53
N LYS G 546 -3.07 18.27 52.45
CA LYS G 546 -3.06 18.58 53.89
C LYS G 546 -1.76 19.29 54.22
N LEU G 547 -1.85 20.59 54.50
CA LEU G 547 -0.67 21.36 54.88
C LEU G 547 -0.20 21.03 56.29
N TYR G 548 -1.10 20.64 57.17
CA TYR G 548 -0.75 20.39 58.56
C TYR G 548 -1.82 19.51 59.20
N GLY H 1 -9.29 -19.46 74.48
CA GLY H 1 -9.31 -18.15 75.19
C GLY H 1 -10.45 -17.27 74.74
N VAL H 2 -11.04 -16.56 75.69
CA VAL H 2 -12.21 -15.73 75.41
C VAL H 2 -11.79 -14.36 74.91
N GLY H 3 -10.84 -13.72 75.59
CA GLY H 3 -10.55 -12.33 75.37
C GLY H 3 -9.59 -11.99 74.24
N ILE H 4 -8.89 -12.97 73.68
CA ILE H 4 -7.91 -12.67 72.65
C ILE H 4 -8.61 -12.31 71.36
N SER H 5 -8.30 -11.13 70.83
CA SER H 5 -8.89 -10.69 69.57
C SER H 5 -8.42 -11.57 68.42
N THR H 6 -9.28 -11.70 67.41
CA THR H 6 -9.11 -12.70 66.37
C THR H 6 -9.06 -12.10 64.97
N GLY H 7 -8.71 -10.82 64.85
CA GLY H 7 -8.57 -10.20 63.55
C GLY H 7 -8.45 -8.69 63.70
N THR H 8 -8.33 -8.02 62.55
CA THR H 8 -8.17 -6.57 62.51
C THR H 8 -8.99 -5.96 61.39
N PHE H 9 -9.70 -4.89 61.73
CA PHE H 9 -10.49 -4.11 60.79
C PHE H 9 -9.59 -3.48 59.74
N ASN H 10 -10.04 -3.49 58.51
CA ASN H 10 -9.29 -2.89 57.40
C ASN H 10 -10.28 -2.49 56.33
N ASN H 11 -10.32 -1.20 56.01
CA ASN H 11 -11.16 -0.67 54.94
C ASN H 11 -10.37 0.19 53.98
N GLN H 12 -9.07 -0.09 53.85
CA GLN H 12 -8.21 0.67 52.96
C GLN H 12 -8.31 0.15 51.53
N THR H 13 -8.03 1.04 50.59
CA THR H 13 -7.80 0.69 49.19
C THR H 13 -6.34 0.96 48.89
N GLU H 14 -5.61 -0.07 48.49
CA GLU H 14 -4.22 0.04 48.06
C GLU H 14 -4.20 0.03 46.54
N PHE H 15 -3.64 1.09 45.96
CA PHE H 15 -3.34 1.14 44.54
C PHE H 15 -1.87 0.79 44.37
N LYS H 16 -1.61 -0.41 43.85
CA LYS H 16 -0.28 -0.96 43.70
C LYS H 16 0.06 -1.04 42.22
N PHE H 17 1.19 -0.47 41.83
CA PHE H 17 1.53 -0.22 40.44
C PHE H 17 2.49 -1.29 39.94
N LEU H 18 2.10 -1.97 38.87
CA LEU H 18 2.85 -3.06 38.27
C LEU H 18 3.62 -2.56 37.05
N GLU H 19 4.37 -3.45 36.41
CA GLU H 19 5.01 -3.13 35.14
C GLU H 19 3.97 -2.90 34.06
N ASN H 20 4.37 -2.14 33.05
CA ASN H 20 3.64 -2.01 31.79
C ASN H 20 2.26 -1.38 31.98
N GLY H 21 2.14 -0.42 32.88
CA GLY H 21 0.92 0.35 32.99
C GLY H 21 -0.25 -0.32 33.66
N TRP H 22 -0.03 -1.41 34.40
CA TRP H 22 -1.08 -2.07 35.16
C TRP H 22 -1.06 -1.62 36.60
N VAL H 23 -2.24 -1.61 37.22
CA VAL H 23 -2.42 -1.23 38.61
C VAL H 23 -3.21 -2.35 39.28
N GLU H 24 -2.66 -2.92 40.33
CA GLU H 24 -3.37 -3.88 41.17
C GLU H 24 -4.09 -3.09 42.25
N ILE H 25 -5.42 -3.13 42.22
CA ILE H 25 -6.26 -2.38 43.15
C ILE H 25 -6.79 -3.38 44.15
N THR H 26 -6.41 -3.22 45.41
CA THR H 26 -6.79 -4.13 46.49
C THR H 26 -7.80 -3.42 47.37
N ALA H 27 -9.07 -3.66 47.10
CA ALA H 27 -10.13 -3.09 47.92
C ALA H 27 -10.34 -3.98 49.12
N ASN H 28 -10.10 -3.43 50.31
CA ASN H 28 -10.41 -4.07 51.56
C ASN H 28 -11.69 -3.46 52.11
N SER H 29 -12.56 -4.28 52.66
CA SER H 29 -13.81 -3.84 53.24
C SER H 29 -14.04 -4.62 54.52
N SER H 30 -14.48 -3.91 55.55
CA SER H 30 -14.72 -4.49 56.86
C SER H 30 -16.02 -3.92 57.40
N ARG H 31 -16.84 -4.76 58.03
CA ARG H 31 -18.13 -4.35 58.56
C ARG H 31 -18.41 -5.08 59.85
N LEU H 32 -19.20 -4.45 60.71
CA LEU H 32 -19.86 -5.14 61.81
C LEU H 32 -21.23 -5.57 61.36
N VAL H 33 -21.56 -6.84 61.57
CA VAL H 33 -22.79 -7.46 61.10
C VAL H 33 -23.57 -7.95 62.30
N HIS H 34 -24.86 -7.59 62.35
CA HIS H 34 -25.74 -7.89 63.46
C HIS H 34 -26.79 -8.89 63.01
N LEU H 35 -26.89 -10.01 63.74
CA LEU H 35 -27.74 -11.14 63.36
C LEU H 35 -28.57 -11.60 64.55
N ASN H 36 -29.86 -11.26 64.52
CA ASN H 36 -30.80 -11.82 65.48
C ASN H 36 -31.10 -13.27 65.12
N MET H 37 -31.72 -13.97 66.07
CA MET H 37 -32.07 -15.36 65.82
C MET H 37 -33.22 -15.46 64.83
N PRO H 38 -33.36 -16.60 64.13
CA PRO H 38 -34.45 -16.72 63.18
C PRO H 38 -35.81 -16.69 63.84
N GLU H 39 -36.82 -16.31 63.05
CA GLU H 39 -38.19 -16.26 63.55
C GLU H 39 -38.67 -17.64 63.96
N SER H 40 -38.35 -18.65 63.17
CA SER H 40 -38.55 -20.03 63.56
C SER H 40 -37.52 -20.89 62.86
N GLU H 41 -37.19 -22.01 63.49
CA GLU H 41 -36.12 -22.87 62.99
C GLU H 41 -36.50 -23.67 61.76
N ASN H 42 -37.79 -23.87 61.51
CA ASN H 42 -38.21 -24.75 60.44
C ASN H 42 -38.12 -24.08 59.08
N TYR H 43 -37.85 -24.90 58.07
CA TYR H 43 -37.99 -24.45 56.69
C TYR H 43 -39.46 -24.34 56.33
N ARG H 44 -39.83 -23.24 55.67
CA ARG H 44 -41.22 -22.92 55.35
C ARG H 44 -41.35 -22.73 53.85
N ARG H 45 -42.26 -23.48 53.23
CA ARG H 45 -42.69 -23.23 51.86
C ARG H 45 -43.89 -22.29 51.92
N VAL H 46 -43.77 -21.16 51.24
CA VAL H 46 -44.78 -20.10 51.24
C VAL H 46 -45.06 -19.73 49.79
N VAL H 47 -46.33 -19.54 49.48
CA VAL H 47 -46.79 -19.09 48.18
C VAL H 47 -47.38 -17.71 48.36
N VAL H 48 -46.95 -16.77 47.51
CA VAL H 48 -47.52 -15.43 47.45
C VAL H 48 -48.52 -15.43 46.31
N ASN H 49 -49.72 -14.90 46.57
CA ASN H 49 -50.81 -14.91 45.59
C ASN H 49 -51.55 -13.58 45.73
N ASN H 50 -51.14 -12.58 44.96
CA ASN H 50 -51.77 -11.25 44.98
C ASN H 50 -52.90 -11.12 43.97
N MET H 51 -53.87 -12.04 43.98
CA MET H 51 -54.99 -11.96 43.06
C MET H 51 -55.83 -10.70 43.28
N ASP H 52 -55.82 -10.15 44.50
CA ASP H 52 -56.60 -8.95 44.77
C ASP H 52 -56.18 -7.78 43.88
N LYS H 53 -54.90 -7.68 43.55
CA LYS H 53 -54.40 -6.59 42.74
C LYS H 53 -54.49 -6.88 41.25
N THR H 54 -54.11 -8.08 40.83
CA THR H 54 -54.06 -8.41 39.41
C THR H 54 -55.38 -8.93 38.85
N ALA H 55 -56.36 -9.25 39.69
CA ALA H 55 -57.67 -9.61 39.14
C ALA H 55 -58.36 -8.41 38.51
N VAL H 56 -58.04 -7.19 38.95
CA VAL H 56 -58.49 -6.00 38.26
C VAL H 56 -57.84 -5.97 36.89
N ASN H 57 -58.66 -5.84 35.84
CA ASN H 57 -58.16 -5.95 34.48
C ASN H 57 -57.18 -4.84 34.17
N GLY H 58 -56.12 -5.19 33.43
CA GLY H 58 -55.05 -4.28 33.12
C GLY H 58 -53.90 -4.30 34.10
N ASN H 59 -54.11 -4.82 35.31
CA ASN H 59 -53.05 -5.01 36.28
C ASN H 59 -52.33 -6.34 36.05
N MET H 60 -51.81 -6.52 34.85
CA MET H 60 -51.14 -7.76 34.48
C MET H 60 -49.69 -7.73 34.92
N ALA H 61 -49.00 -6.61 34.68
CA ALA H 61 -47.60 -6.46 35.04
C ALA H 61 -47.37 -6.34 36.53
N LEU H 62 -48.42 -6.21 37.33
CA LEU H 62 -48.32 -6.26 38.78
C LEU H 62 -48.34 -7.67 39.34
N ASP H 63 -48.05 -8.67 38.53
CA ASP H 63 -48.06 -10.05 38.99
C ASP H 63 -46.88 -10.28 39.92
N ASP H 64 -47.17 -10.63 41.17
CA ASP H 64 -46.18 -11.02 42.17
C ASP H 64 -46.34 -12.46 42.63
N ILE H 65 -47.12 -13.28 41.91
CA ILE H 65 -47.42 -14.62 42.39
C ILE H 65 -46.16 -15.46 42.23
N HIS H 66 -45.73 -16.09 43.31
CA HIS H 66 -44.59 -16.98 43.28
C HIS H 66 -44.60 -17.84 44.54
N ALA H 67 -43.75 -18.86 44.52
CA ALA H 67 -43.52 -19.73 45.66
C ALA H 67 -42.06 -19.65 46.05
N GLN H 68 -41.78 -19.74 47.34
CA GLN H 68 -40.40 -19.70 47.80
C GLN H 68 -40.27 -20.50 49.09
N ILE H 69 -39.05 -20.94 49.36
CA ILE H 69 -38.70 -21.59 50.62
C ILE H 69 -38.06 -20.53 51.52
N VAL H 70 -38.75 -20.18 52.60
CA VAL H 70 -38.22 -19.23 53.57
C VAL H 70 -37.33 -20.02 54.53
N THR H 71 -36.06 -19.72 54.50
CA THR H 71 -34.99 -20.48 55.12
C THR H 71 -34.50 -19.76 56.38
N PRO H 72 -34.25 -20.46 57.50
CA PRO H 72 -33.80 -19.73 58.70
C PRO H 72 -32.46 -19.06 58.58
N TRP H 73 -31.61 -19.46 57.63
CA TRP H 73 -30.28 -18.91 57.50
C TRP H 73 -30.34 -17.50 56.94
N SER H 74 -29.23 -16.77 57.09
CA SER H 74 -29.04 -15.45 56.51
C SER H 74 -27.77 -15.41 55.68
N LEU H 75 -27.80 -14.62 54.62
CA LEU H 75 -26.73 -14.56 53.62
C LEU H 75 -25.96 -13.26 53.77
N VAL H 76 -24.64 -13.36 53.76
CA VAL H 76 -23.74 -12.21 53.81
C VAL H 76 -23.19 -12.03 52.40
N ASP H 77 -23.66 -11.00 51.71
CA ASP H 77 -23.38 -10.76 50.29
C ASP H 77 -22.66 -9.44 50.13
N ALA H 78 -21.44 -9.50 49.59
CA ALA H 78 -20.62 -8.32 49.31
C ALA H 78 -20.63 -7.94 47.85
N ASN H 79 -21.52 -8.51 47.04
CA ASN H 79 -21.48 -8.34 45.60
C ASN H 79 -22.13 -7.02 45.18
N ALA H 80 -21.46 -5.93 45.52
CA ALA H 80 -21.84 -4.63 45.00
C ALA H 80 -20.66 -3.68 45.12
N TRP H 81 -20.62 -2.69 44.21
CA TRP H 81 -19.46 -1.82 44.13
C TRP H 81 -19.30 -0.98 45.37
N GLY H 82 -20.40 -0.52 45.94
CA GLY H 82 -20.32 0.38 47.08
C GLY H 82 -19.76 -0.26 48.33
N VAL H 83 -19.82 -1.59 48.42
CA VAL H 83 -19.28 -2.29 49.56
C VAL H 83 -17.77 -2.13 49.63
N TRP H 84 -17.11 -1.88 48.51
CA TRP H 84 -15.66 -1.93 48.39
C TRP H 84 -15.03 -0.56 48.18
N PHE H 85 -15.56 0.22 47.26
CA PHE H 85 -14.99 1.50 46.87
C PHE H 85 -15.85 2.65 47.38
N ASN H 86 -15.19 3.65 47.94
CA ASN H 86 -15.80 4.93 48.29
C ASN H 86 -15.75 5.84 47.06
N PRO H 87 -16.42 7.00 47.10
CA PRO H 87 -16.44 7.85 45.90
C PRO H 87 -15.09 8.35 45.44
N GLY H 88 -14.13 8.60 46.32
CA GLY H 88 -12.82 9.04 45.88
C GLY H 88 -12.09 7.96 45.10
N ASP H 89 -12.12 6.74 45.62
CA ASP H 89 -11.46 5.64 44.94
C ASP H 89 -12.13 5.36 43.60
N TRP H 90 -13.45 5.47 43.56
CA TRP H 90 -14.16 5.28 42.31
C TRP H 90 -13.84 6.39 41.32
N GLN H 91 -13.63 7.62 41.81
CA GLN H 91 -13.20 8.69 40.93
C GLN H 91 -11.86 8.37 40.30
N LEU H 92 -10.92 7.89 41.12
CA LEU H 92 -9.61 7.54 40.60
C LEU H 92 -9.72 6.43 39.56
N ILE H 93 -10.58 5.44 39.81
CA ILE H 93 -10.74 4.33 38.88
C ILE H 93 -11.32 4.81 37.56
N VAL H 94 -12.43 5.53 37.61
CA VAL H 94 -13.10 5.89 36.36
C VAL H 94 -12.31 6.93 35.60
N ASN H 95 -11.62 7.85 36.28
CA ASN H 95 -10.91 8.90 35.57
C ASN H 95 -9.56 8.46 35.03
N THR H 96 -8.92 7.46 35.64
CA THR H 96 -7.53 7.13 35.30
C THR H 96 -7.33 5.76 34.68
N MET H 97 -8.32 4.85 34.71
CA MET H 97 -8.20 3.52 34.15
C MET H 97 -8.97 3.39 32.84
N SER H 98 -8.64 2.36 32.07
CA SER H 98 -9.19 2.15 30.73
C SER H 98 -9.93 0.83 30.65
N GLU H 99 -9.35 -0.23 31.20
CA GLU H 99 -10.02 -1.50 31.37
C GLU H 99 -9.72 -2.02 32.76
N LEU H 100 -10.60 -2.88 33.27
CA LEU H 100 -10.57 -3.30 34.67
C LEU H 100 -10.86 -4.80 34.74
N HIS H 101 -9.82 -5.57 35.05
CA HIS H 101 -9.96 -7.00 35.30
C HIS H 101 -10.38 -7.25 36.73
N LEU H 102 -10.86 -8.46 36.98
CA LEU H 102 -11.27 -8.94 38.28
C LEU H 102 -10.46 -10.17 38.61
N VAL H 103 -9.81 -10.20 39.78
CA VAL H 103 -8.74 -11.15 40.08
C VAL H 103 -9.15 -12.16 41.16
N SER H 104 -9.42 -11.69 42.37
CA SER H 104 -9.64 -12.61 43.48
C SER H 104 -10.50 -12.01 44.56
N PHE H 105 -11.07 -12.90 45.40
CA PHE H 105 -11.99 -12.53 46.47
C PHE H 105 -11.82 -13.49 47.64
N GLU H 106 -11.80 -12.94 48.84
CA GLU H 106 -11.70 -13.74 50.06
C GLU H 106 -12.46 -13.04 51.17
N GLN H 107 -12.91 -13.82 52.15
CA GLN H 107 -13.78 -13.36 53.22
C GLN H 107 -13.31 -13.91 54.55
N GLU H 108 -13.74 -13.25 55.62
CA GLU H 108 -13.46 -13.68 56.98
C GLU H 108 -14.60 -13.27 57.89
N ILE H 109 -14.86 -14.09 58.91
CA ILE H 109 -15.68 -13.71 60.06
C ILE H 109 -14.79 -13.81 61.29
N PHE H 110 -14.81 -12.77 62.12
CA PHE H 110 -13.92 -12.70 63.27
C PHE H 110 -14.54 -11.84 64.35
N ASN H 111 -14.00 -11.98 65.57
CA ASN H 111 -14.50 -11.31 66.76
C ASN H 111 -15.99 -11.53 66.96
N VAL H 112 -16.40 -12.80 66.94
CA VAL H 112 -17.80 -13.13 67.15
C VAL H 112 -18.13 -12.91 68.62
N VAL H 113 -19.27 -12.27 68.89
CA VAL H 113 -19.82 -12.14 70.22
C VAL H 113 -21.29 -12.52 70.20
N LEU H 114 -21.69 -13.37 71.13
CA LEU H 114 -23.06 -13.81 71.31
C LEU H 114 -23.59 -13.24 72.61
N LYS H 115 -24.85 -12.82 72.59
CA LYS H 115 -25.50 -12.23 73.76
C LYS H 115 -26.94 -12.70 73.82
N THR H 116 -27.52 -12.62 75.01
CA THR H 116 -28.91 -12.97 75.26
C THR H 116 -29.60 -11.84 76.02
N VAL H 117 -30.91 -11.75 75.84
CA VAL H 117 -31.74 -10.71 76.43
C VAL H 117 -32.68 -11.34 77.44
N SER H 118 -32.69 -10.78 78.65
CA SER H 118 -33.63 -11.13 79.71
C SER H 118 -34.40 -9.90 80.11
N GLU H 119 -35.65 -10.09 80.53
CA GLU H 119 -36.49 -8.97 80.91
C GLU H 119 -36.04 -8.41 82.27
N THR H 126 -37.58 -3.56 81.98
CA THR H 126 -36.18 -3.27 81.52
C THR H 126 -35.57 -4.50 80.86
N LYS H 127 -34.55 -4.26 80.03
CA LYS H 127 -33.84 -5.32 79.32
C LYS H 127 -32.42 -5.41 79.84
N VAL H 128 -32.00 -6.63 80.15
CA VAL H 128 -30.65 -6.95 80.58
C VAL H 128 -29.98 -7.71 79.44
N TYR H 129 -28.73 -7.36 79.14
CA TYR H 129 -27.94 -8.00 78.09
C TYR H 129 -26.78 -8.74 78.74
N ASN H 130 -26.68 -10.04 78.42
CA ASN H 130 -25.74 -10.96 79.05
C ASN H 130 -24.95 -11.69 77.99
N ASN H 131 -23.67 -11.89 78.23
CA ASN H 131 -22.82 -12.58 77.28
C ASN H 131 -23.08 -14.07 77.31
N ASP H 132 -23.24 -14.67 76.14
CA ASP H 132 -23.37 -16.12 75.97
C ASP H 132 -22.01 -16.66 75.60
N LEU H 133 -21.26 -17.05 76.63
CA LEU H 133 -19.90 -17.52 76.43
C LEU H 133 -19.86 -18.86 75.71
N THR H 134 -20.93 -19.66 75.81
CA THR H 134 -20.95 -21.02 75.28
C THR H 134 -21.73 -21.17 73.97
N ALA H 135 -22.62 -20.23 73.65
CA ALA H 135 -23.36 -20.33 72.41
C ALA H 135 -22.45 -20.06 71.21
N SER H 136 -22.95 -20.42 70.02
CA SER H 136 -22.14 -20.45 68.81
C SER H 136 -22.92 -19.93 67.61
N LEU H 137 -22.18 -19.42 66.64
CA LEU H 137 -22.69 -18.91 65.38
C LEU H 137 -22.40 -19.93 64.29
N MET H 138 -23.44 -20.41 63.63
CA MET H 138 -23.26 -21.34 62.52
C MET H 138 -22.85 -20.57 61.27
N VAL H 139 -21.78 -21.02 60.64
CA VAL H 139 -21.22 -20.39 59.46
C VAL H 139 -21.02 -21.48 58.41
N ALA H 140 -21.46 -21.23 57.19
CA ALA H 140 -21.47 -22.23 56.13
C ALA H 140 -21.11 -21.57 54.80
N LEU H 141 -20.02 -22.01 54.19
CA LEU H 141 -19.60 -21.55 52.87
C LEU H 141 -19.97 -22.61 51.84
N ASP H 142 -20.75 -22.22 50.84
CA ASP H 142 -21.12 -23.09 49.72
C ASP H 142 -20.08 -23.00 48.62
N SER H 143 -18.95 -23.68 48.85
CA SER H 143 -17.83 -23.57 47.93
C SER H 143 -18.13 -24.17 46.57
N ASN H 144 -18.90 -25.27 46.52
CA ASN H 144 -19.22 -25.94 45.28
C ASN H 144 -20.40 -25.32 44.53
N ASN H 145 -21.05 -24.31 45.10
CA ASN H 145 -22.28 -23.72 44.55
C ASN H 145 -23.36 -24.79 44.36
N THR H 146 -23.61 -25.53 45.44
CA THR H 146 -24.76 -26.45 45.46
C THR H 146 -26.06 -25.68 45.54
N MET H 147 -26.10 -24.61 46.32
CA MET H 147 -27.30 -23.81 46.52
C MET H 147 -27.52 -22.89 45.33
N PRO H 148 -28.75 -22.42 45.12
CA PRO H 148 -28.98 -21.47 44.03
C PRO H 148 -28.30 -20.14 44.30
N PHE H 149 -27.66 -19.60 43.27
CA PHE H 149 -27.01 -18.30 43.41
C PHE H 149 -28.07 -17.22 43.55
N THR H 150 -27.78 -16.26 44.41
CA THR H 150 -28.79 -15.39 45.00
C THR H 150 -28.19 -14.01 45.19
N PRO H 151 -28.03 -13.25 44.10
CA PRO H 151 -27.37 -11.94 44.23
C PRO H 151 -28.28 -10.94 44.94
N ALA H 152 -27.85 -10.51 46.13
CA ALA H 152 -28.69 -9.64 46.92
C ALA H 152 -28.82 -8.25 46.33
N ALA H 153 -27.92 -7.84 45.44
CA ALA H 153 -27.97 -6.49 44.90
C ALA H 153 -29.19 -6.27 44.03
N MET H 154 -29.75 -7.34 43.46
CA MET H 154 -30.99 -7.21 42.71
C MET H 154 -32.12 -6.68 43.57
N ARG H 155 -32.16 -7.06 44.85
CA ARG H 155 -33.14 -6.57 45.80
C ARG H 155 -32.62 -5.45 46.68
N SER H 156 -31.36 -5.04 46.53
CA SER H 156 -30.76 -4.01 47.37
C SER H 156 -30.72 -4.46 48.82
N GLU H 157 -30.09 -5.61 49.04
CA GLU H 157 -29.92 -6.19 50.37
C GLU H 157 -28.49 -6.65 50.62
N THR H 158 -27.52 -6.05 49.93
CA THR H 158 -26.12 -6.34 50.21
C THR H 158 -25.72 -5.73 51.55
N LEU H 159 -24.49 -5.97 51.94
CA LEU H 159 -23.91 -5.26 53.07
C LEU H 159 -23.92 -3.76 52.78
N GLY H 160 -24.11 -2.98 53.82
CA GLY H 160 -24.16 -1.54 53.66
C GLY H 160 -22.83 -0.97 53.21
N PHE H 161 -22.91 0.20 52.60
CA PHE H 161 -21.76 0.81 51.94
C PHE H 161 -20.97 1.76 52.82
N TYR H 162 -21.40 1.99 54.08
CA TYR H 162 -20.68 2.85 55.00
C TYR H 162 -19.84 1.99 55.93
N PRO H 163 -18.52 2.13 56.02
CA PRO H 163 -17.77 1.29 56.96
C PRO H 163 -18.11 1.52 58.41
N TRP H 164 -18.47 2.73 58.79
CA TRP H 164 -18.65 3.12 60.19
C TRP H 164 -20.04 2.83 60.73
N LYS H 165 -20.95 2.28 59.92
CA LYS H 165 -22.30 1.96 60.32
C LYS H 165 -22.49 0.45 60.34
N PRO H 166 -23.06 -0.16 61.38
CA PRO H 166 -23.38 -1.58 61.31
C PRO H 166 -24.35 -1.93 60.19
N THR H 167 -24.44 -3.23 59.94
CA THR H 167 -25.24 -3.79 58.87
C THR H 167 -25.97 -5.02 59.41
N ILE H 168 -26.93 -5.50 58.65
CA ILE H 168 -27.68 -6.72 58.95
C ILE H 168 -27.63 -7.57 57.68
N PRO H 169 -27.51 -8.91 57.75
CA PRO H 169 -27.52 -9.71 56.53
C PRO H 169 -28.95 -10.05 56.11
N THR H 170 -29.11 -10.32 54.83
CA THR H 170 -30.43 -10.63 54.30
C THR H 170 -30.88 -12.01 54.78
N PRO H 171 -32.13 -12.19 55.22
CA PRO H 171 -32.63 -13.56 55.39
C PRO H 171 -32.71 -14.28 54.06
N TRP H 172 -32.14 -15.48 54.00
CA TRP H 172 -32.04 -16.18 52.74
C TRP H 172 -33.34 -16.85 52.36
N ARG H 173 -33.65 -16.84 51.08
CA ARG H 173 -34.80 -17.52 50.53
C ARG H 173 -34.52 -17.80 49.07
N TYR H 174 -35.18 -18.80 48.51
CA TYR H 174 -34.99 -19.18 47.12
C TYR H 174 -36.29 -19.64 46.49
N TYR H 175 -36.36 -19.54 45.18
CA TYR H 175 -37.58 -19.88 44.46
C TYR H 175 -37.83 -21.37 44.49
N PHE H 176 -39.05 -21.74 44.85
CA PHE H 176 -39.60 -23.06 44.59
C PHE H 176 -40.32 -23.00 43.25
N GLN H 177 -40.66 -24.16 42.70
CA GLN H 177 -41.34 -24.18 41.41
C GLN H 177 -42.83 -23.99 41.60
N TRP H 178 -43.43 -23.21 40.69
CA TRP H 178 -44.86 -23.06 40.61
C TRP H 178 -45.28 -22.92 39.15
N ASP H 179 -46.48 -23.37 38.86
CA ASP H 179 -47.09 -23.25 37.53
C ASP H 179 -48.24 -22.26 37.60
N ARG H 180 -48.31 -21.38 36.60
CA ARG H 180 -49.25 -20.28 36.63
C ARG H 180 -49.63 -19.89 35.21
N THR H 181 -50.88 -19.46 35.04
CA THR H 181 -51.35 -18.84 33.81
C THR H 181 -52.06 -17.55 34.16
N LEU H 182 -51.78 -16.49 33.40
CA LEU H 182 -52.41 -15.18 33.58
C LEU H 182 -52.66 -14.61 32.19
N ILE H 183 -53.88 -14.78 31.70
CA ILE H 183 -54.24 -14.30 30.38
C ILE H 183 -54.41 -12.78 30.47
N PRO H 184 -53.68 -11.97 29.69
CA PRO H 184 -53.78 -10.53 29.87
C PRO H 184 -55.10 -9.97 29.42
N SER H 185 -55.40 -8.76 29.90
CA SER H 185 -56.65 -8.08 29.61
C SER H 185 -56.45 -6.58 29.77
N HIS H 186 -57.17 -5.81 28.96
CA HIS H 186 -57.21 -4.36 29.10
C HIS H 186 -58.40 -3.94 29.94
N THR H 187 -58.41 -2.68 30.34
CA THR H 187 -59.53 -2.12 31.07
C THR H 187 -60.79 -2.22 30.22
N GLY H 188 -61.87 -2.68 30.84
CA GLY H 188 -63.09 -2.89 30.09
C GLY H 188 -63.13 -4.15 29.26
N THR H 189 -62.29 -5.13 29.59
CA THR H 189 -62.45 -6.46 29.01
C THR H 189 -63.77 -7.07 29.52
N SER H 190 -64.33 -7.98 28.73
CA SER H 190 -65.69 -8.45 28.95
C SER H 190 -65.87 -9.12 30.31
N GLY H 191 -64.87 -9.84 30.80
CA GLY H 191 -65.01 -10.54 32.06
C GLY H 191 -63.67 -10.93 32.64
N THR H 192 -63.74 -11.64 33.76
CA THR H 192 -62.55 -12.00 34.51
C THR H 192 -61.72 -13.01 33.70
N PRO H 193 -60.51 -12.68 33.26
CA PRO H 193 -59.74 -13.65 32.48
C PRO H 193 -59.10 -14.70 33.37
N THR H 194 -58.50 -15.70 32.74
CA THR H 194 -57.87 -16.79 33.46
C THR H 194 -56.68 -16.27 34.27
N ASN H 195 -56.78 -16.39 35.59
CA ASN H 195 -55.75 -15.96 36.53
C ASN H 195 -55.76 -16.99 37.65
N ILE H 196 -54.89 -18.00 37.53
CA ILE H 196 -54.95 -19.18 38.39
C ILE H 196 -53.55 -19.67 38.72
N TYR H 197 -53.44 -20.26 39.91
CA TYR H 197 -52.22 -20.87 40.42
C TYR H 197 -52.40 -22.38 40.36
N HIS H 198 -51.61 -23.04 39.53
CA HIS H 198 -51.82 -24.45 39.25
C HIS H 198 -51.21 -25.39 40.27
N GLY H 199 -50.28 -24.91 41.10
CA GLY H 199 -49.53 -25.76 42.00
C GLY H 199 -48.12 -25.94 41.49
N THR H 200 -47.50 -27.08 41.80
CA THR H 200 -46.12 -27.35 41.46
C THR H 200 -46.00 -28.64 40.66
N ASP H 201 -45.14 -28.60 39.65
CA ASP H 201 -44.84 -29.78 38.85
C ASP H 201 -43.93 -30.71 39.67
N PRO H 202 -44.30 -31.98 39.90
CA PRO H 202 -43.40 -32.85 40.66
C PRO H 202 -42.06 -33.09 40.00
N ASP H 203 -41.98 -32.97 38.68
CA ASP H 203 -40.72 -33.20 38.00
C ASP H 203 -39.68 -32.12 38.29
N ASP H 204 -40.11 -30.93 38.73
CA ASP H 204 -39.24 -29.79 38.93
C ASP H 204 -39.02 -29.44 40.40
N VAL H 205 -39.51 -30.25 41.34
CA VAL H 205 -39.35 -29.94 42.75
C VAL H 205 -37.90 -30.06 43.14
N GLN H 206 -37.40 -29.05 43.85
CA GLN H 206 -36.04 -29.03 44.38
C GLN H 206 -36.07 -28.35 45.74
N PHE H 207 -35.87 -29.12 46.80
CA PHE H 207 -35.78 -28.62 48.18
C PHE H 207 -34.34 -28.78 48.65
N TYR H 208 -33.71 -27.65 48.98
CA TYR H 208 -32.33 -27.59 49.41
C TYR H 208 -32.27 -27.18 50.86
N THR H 209 -31.46 -27.88 51.65
CA THR H 209 -31.15 -27.51 53.01
C THR H 209 -29.66 -27.22 53.12
N ILE H 210 -29.30 -26.14 53.81
CA ILE H 210 -27.90 -25.86 54.06
C ILE H 210 -27.29 -26.92 54.95
N GLU H 211 -28.10 -27.51 55.84
CA GLU H 211 -27.57 -28.49 56.79
C GLU H 211 -27.04 -29.73 56.10
N ASN H 212 -27.67 -30.16 55.00
CA ASN H 212 -27.25 -31.36 54.28
C ASN H 212 -26.27 -31.10 53.16
N SER H 213 -26.22 -29.88 52.62
CA SER H 213 -25.48 -29.60 51.40
C SER H 213 -24.08 -29.07 51.62
N VAL H 214 -23.80 -28.46 52.77
CA VAL H 214 -22.55 -27.78 53.06
C VAL H 214 -22.10 -28.24 54.44
N PRO H 215 -20.80 -28.39 54.74
CA PRO H 215 -20.40 -28.59 56.15
C PRO H 215 -20.47 -27.28 56.92
N VAL H 216 -21.11 -27.32 58.08
CA VAL H 216 -21.40 -26.14 58.88
C VAL H 216 -20.35 -26.03 59.97
N HIS H 217 -19.69 -24.90 60.05
CA HIS H 217 -18.79 -24.60 61.17
C HIS H 217 -19.56 -23.99 62.31
N LEU H 218 -19.08 -24.19 63.53
CA LEU H 218 -19.64 -23.60 64.75
C LEU H 218 -18.57 -22.73 65.40
N LEU H 219 -18.78 -21.42 65.40
CA LEU H 219 -17.85 -20.45 65.97
C LEU H 219 -18.44 -19.89 67.27
N ARG H 220 -17.71 -20.08 68.39
CA ARG H 220 -18.25 -19.61 69.66
C ARG H 220 -17.96 -18.15 69.98
N THR H 221 -16.73 -17.84 70.40
CA THR H 221 -16.29 -16.44 70.48
C THR H 221 -14.84 -16.28 70.05
N GLY H 222 -14.00 -17.25 70.37
CA GLY H 222 -12.57 -17.15 70.20
C GLY H 222 -12.05 -17.69 68.90
N ASP H 223 -12.91 -17.85 67.89
CA ASP H 223 -12.58 -18.58 66.69
C ASP H 223 -13.00 -17.78 65.48
N GLU H 224 -12.46 -18.18 64.32
CA GLU H 224 -12.60 -17.47 63.07
C GLU H 224 -13.01 -18.46 61.98
N PHE H 225 -13.57 -17.93 60.91
CA PHE H 225 -13.73 -18.64 59.66
C PHE H 225 -13.19 -17.76 58.56
N ALA H 226 -12.33 -18.32 57.73
CA ALA H 226 -11.64 -17.59 56.67
C ALA H 226 -11.87 -18.31 55.36
N THR H 227 -12.64 -17.69 54.47
CA THR H 227 -12.83 -18.19 53.13
C THR H 227 -11.53 -17.97 52.36
N GLY H 228 -10.91 -19.05 51.93
CA GLY H 228 -9.71 -18.93 51.14
C GLY H 228 -9.95 -18.21 49.84
N THR H 229 -8.85 -17.74 49.26
CA THR H 229 -8.88 -16.94 48.05
C THR H 229 -9.52 -17.66 46.87
N PHE H 230 -10.68 -17.17 46.42
CA PHE H 230 -11.25 -17.57 45.15
C PHE H 230 -10.61 -16.70 44.07
N PHE H 231 -10.36 -17.29 42.90
CA PHE H 231 -9.74 -16.60 41.78
C PHE H 231 -10.69 -16.61 40.60
N PHE H 232 -11.03 -15.44 40.10
CA PHE H 232 -11.89 -15.31 38.93
C PHE H 232 -11.06 -15.51 37.67
N ASP H 233 -11.76 -15.65 36.55
CA ASP H 233 -11.14 -15.68 35.23
C ASP H 233 -11.93 -14.83 34.23
N CYS H 234 -12.60 -13.79 34.70
CA CYS H 234 -13.54 -13.07 33.86
C CYS H 234 -12.81 -12.22 32.83
N LYS H 235 -13.45 -12.04 31.67
CA LYS H 235 -12.94 -11.16 30.65
C LYS H 235 -13.03 -9.71 31.13
N PRO H 236 -12.19 -8.80 30.62
CA PRO H 236 -12.13 -7.47 31.21
C PRO H 236 -13.37 -6.63 30.95
N CYS H 237 -13.75 -5.85 31.96
CA CYS H 237 -14.69 -4.77 31.78
C CYS H 237 -13.94 -3.54 31.28
N ARG H 238 -14.56 -2.82 30.36
CA ARG H 238 -13.99 -1.62 29.76
C ARG H 238 -14.69 -0.40 30.30
N LEU H 239 -13.91 0.53 30.84
CA LEU H 239 -14.40 1.78 31.41
C LEU H 239 -14.36 2.92 30.41
N THR H 240 -14.56 2.62 29.14
CA THR H 240 -14.67 3.61 28.08
C THR H 240 -15.88 3.26 27.23
N HIS H 241 -16.48 4.28 26.62
CA HIS H 241 -17.76 4.14 25.93
C HIS H 241 -17.58 4.49 24.46
N THR H 242 -18.40 3.83 23.64
CA THR H 242 -18.30 3.90 22.19
C THR H 242 -19.31 4.95 21.71
N TRP H 243 -18.80 6.03 21.12
CA TRP H 243 -19.66 7.07 20.61
C TRP H 243 -20.15 6.81 19.20
N GLN H 244 -19.40 6.05 18.42
CA GLN H 244 -19.78 5.81 17.04
C GLN H 244 -21.00 4.92 16.95
N THR H 245 -22.00 5.39 16.23
CA THR H 245 -23.09 4.57 15.73
C THR H 245 -22.83 4.34 14.24
N ASN H 246 -23.79 3.71 13.57
CA ASN H 246 -23.56 3.28 12.20
C ASN H 246 -23.28 4.44 11.26
N ARG H 247 -23.90 5.59 11.51
CA ARG H 247 -23.69 6.72 10.61
C ARG H 247 -22.27 7.26 10.65
N ALA H 248 -21.50 6.96 11.70
CA ALA H 248 -20.16 7.50 11.89
C ALA H 248 -19.06 6.46 11.69
N LEU H 249 -19.34 5.36 10.98
CA LEU H 249 -18.34 4.36 10.66
C LEU H 249 -17.87 4.55 9.22
N GLY H 250 -16.57 4.56 9.03
CA GLY H 250 -15.98 4.59 7.70
C GLY H 250 -15.53 5.97 7.30
N LEU H 251 -15.21 6.08 6.03
CA LEU H 251 -14.71 7.33 5.48
C LEU H 251 -15.88 8.27 5.20
N PRO H 252 -15.88 9.50 5.71
CA PRO H 252 -16.92 10.46 5.35
C PRO H 252 -16.89 10.78 3.87
N PRO H 253 -17.98 11.29 3.31
CA PRO H 253 -17.96 11.68 1.90
C PRO H 253 -17.06 12.88 1.69
N PHE H 254 -16.46 12.95 0.51
CA PHE H 254 -15.56 14.05 0.21
C PHE H 254 -16.34 15.33 0.03
N LEU H 255 -15.85 16.42 0.64
CA LEU H 255 -16.49 17.72 0.58
C LEU H 255 -15.75 18.60 -0.41
N ASN H 256 -16.43 19.00 -1.48
CA ASN H 256 -15.86 19.94 -2.43
C ASN H 256 -16.08 21.38 -1.98
N SER H 257 -17.26 21.68 -1.43
CA SER H 257 -17.61 23.02 -0.99
C SER H 257 -17.29 23.15 0.50
N LEU H 258 -16.05 23.47 0.81
CA LEU H 258 -15.67 23.72 2.19
C LEU H 258 -16.15 25.11 2.60
N PRO H 259 -16.58 25.31 3.85
CA PRO H 259 -17.01 26.66 4.24
C PRO H 259 -15.84 27.62 4.34
N GLN H 260 -16.10 28.89 4.01
CA GLN H 260 -15.09 29.94 3.96
C GLN H 260 -15.31 31.03 5.01
N SER H 261 -16.17 30.81 6.00
CA SER H 261 -16.38 31.79 7.06
C SER H 261 -16.81 31.07 8.32
N GLU H 262 -16.66 31.75 9.44
CA GLU H 262 -16.89 31.16 10.75
C GLU H 262 -18.37 31.03 11.03
N GLY H 263 -18.69 30.24 12.05
CA GLY H 263 -20.04 30.18 12.58
C GLY H 263 -20.77 28.92 12.19
N ALA H 264 -21.67 28.49 13.07
CA ALA H 264 -22.39 27.24 12.88
C ALA H 264 -23.29 27.28 11.65
N THR H 265 -23.79 28.46 11.28
CA THR H 265 -24.71 28.58 10.16
C THR H 265 -24.01 28.61 8.80
N ASN H 266 -22.70 28.38 8.72
CA ASN H 266 -21.96 28.23 7.46
C ASN H 266 -21.53 26.79 7.32
N PHE H 267 -22.39 25.98 6.72
CA PHE H 267 -22.12 24.56 6.51
C PHE H 267 -21.25 24.35 5.29
N GLY H 268 -20.64 23.17 5.23
CA GLY H 268 -20.07 22.67 4.00
C GLY H 268 -21.09 21.86 3.24
N ASP H 269 -20.76 21.56 1.98
CA ASP H 269 -21.65 20.82 1.11
C ASP H 269 -20.85 19.80 0.32
N ILE H 270 -21.44 18.62 0.11
CA ILE H 270 -20.89 17.65 -0.82
C ILE H 270 -21.18 18.14 -2.23
N GLY H 271 -20.21 17.98 -3.13
CA GLY H 271 -20.31 18.63 -4.44
C GLY H 271 -21.10 17.87 -5.48
N VAL H 272 -21.31 16.56 -5.30
CA VAL H 272 -21.82 15.69 -6.35
C VAL H 272 -23.25 15.31 -6.02
N GLN H 273 -24.11 15.33 -7.03
CA GLN H 273 -25.50 14.96 -6.85
C GLN H 273 -25.62 13.51 -6.42
N GLN H 274 -26.70 13.20 -5.69
CA GLN H 274 -26.82 11.93 -4.99
C GLN H 274 -26.90 10.75 -5.94
N ASP H 275 -27.41 10.93 -7.15
CA ASP H 275 -27.50 9.86 -8.12
C ASP H 275 -26.27 9.74 -9.01
N LYS H 276 -25.32 10.67 -8.92
CA LYS H 276 -24.04 10.60 -9.61
C LYS H 276 -22.88 10.44 -8.63
N ARG H 277 -23.13 9.82 -7.50
CA ARG H 277 -22.20 9.76 -6.39
C ARG H 277 -21.63 8.37 -6.26
N ARG H 278 -20.32 8.29 -6.08
CA ARG H 278 -19.62 7.03 -6.03
C ARG H 278 -19.70 6.43 -4.63
N GLY H 279 -19.76 5.11 -4.59
CA GLY H 279 -19.82 4.41 -3.31
C GLY H 279 -20.41 3.02 -3.49
N VAL H 280 -20.79 2.43 -2.36
CA VAL H 280 -21.36 1.09 -2.29
C VAL H 280 -22.61 1.15 -1.45
N THR H 281 -23.64 0.39 -1.85
CA THR H 281 -24.89 0.32 -1.12
C THR H 281 -25.42 -1.10 -1.17
N GLN H 282 -26.10 -1.51 -0.09
CA GLN H 282 -26.84 -2.77 -0.06
C GLN H 282 -28.24 -2.61 -0.60
N MET H 283 -28.40 -2.03 -1.78
CA MET H 283 -29.71 -1.73 -2.35
C MET H 283 -29.58 -1.95 -3.86
N GLY H 284 -29.97 -3.12 -4.32
CA GLY H 284 -29.71 -3.51 -5.70
C GLY H 284 -30.45 -2.69 -6.73
N ASN H 285 -31.55 -2.06 -6.35
CA ASN H 285 -32.41 -1.32 -7.28
C ASN H 285 -32.37 0.19 -7.06
N THR H 286 -31.46 0.69 -6.25
CA THR H 286 -31.39 2.10 -5.87
C THR H 286 -30.06 2.66 -6.31
N ASN H 287 -30.09 3.66 -7.18
CA ASN H 287 -28.89 4.38 -7.56
C ASN H 287 -28.50 5.46 -6.57
N TYR H 288 -29.38 5.85 -5.65
CA TYR H 288 -29.10 6.92 -4.71
C TYR H 288 -28.17 6.42 -3.62
N ILE H 289 -26.95 6.95 -3.58
CA ILE H 289 -25.99 6.71 -2.53
C ILE H 289 -26.03 7.92 -1.61
N THR H 290 -26.25 7.66 -0.33
CA THR H 290 -26.41 8.70 0.67
C THR H 290 -26.03 8.08 2.00
N GLU H 291 -25.80 8.93 3.00
CA GLU H 291 -25.25 8.46 4.27
C GLU H 291 -26.16 7.49 4.99
N ALA H 292 -27.46 7.50 4.70
CA ALA H 292 -28.33 6.48 5.25
C ALA H 292 -28.14 5.13 4.59
N THR H 293 -27.85 5.13 3.28
CA THR H 293 -27.87 3.92 2.48
C THR H 293 -26.50 3.29 2.26
N ILE H 294 -25.41 4.00 2.58
CA ILE H 294 -24.09 3.50 2.26
C ILE H 294 -23.78 2.27 3.10
N MET H 295 -23.03 1.34 2.53
CA MET H 295 -22.82 0.04 3.13
C MET H 295 -21.81 0.15 4.27
N ARG H 296 -22.30 0.15 5.49
CA ARG H 296 -21.45 0.18 6.65
C ARG H 296 -20.93 -1.23 6.93
N PRO H 297 -19.88 -1.38 7.74
CA PRO H 297 -19.34 -2.72 7.98
C PRO H 297 -20.31 -3.65 8.69
N ALA H 298 -20.96 -3.20 9.76
CA ALA H 298 -21.83 -4.03 10.55
C ALA H 298 -22.83 -3.10 11.23
N GLU H 299 -23.58 -3.62 12.21
CA GLU H 299 -24.66 -2.88 12.86
C GLU H 299 -24.31 -2.72 14.34
N VAL H 300 -24.02 -1.49 14.75
CA VAL H 300 -23.78 -1.17 16.15
C VAL H 300 -25.13 -1.01 16.83
N GLY H 301 -25.44 -1.90 17.76
CA GLY H 301 -26.68 -1.84 18.49
C GLY H 301 -27.80 -2.51 17.73
N TYR H 302 -28.95 -2.61 18.39
CA TYR H 302 -30.10 -3.26 17.79
C TYR H 302 -31.38 -2.79 18.44
N SER H 303 -32.44 -2.75 17.64
CA SER H 303 -33.77 -2.45 18.14
C SER H 303 -34.43 -3.72 18.64
N ALA H 304 -35.27 -3.56 19.65
CA ALA H 304 -35.89 -4.67 20.36
C ALA H 304 -37.32 -4.29 20.69
N PRO H 305 -38.20 -5.27 20.93
CA PRO H 305 -39.60 -4.92 21.23
C PRO H 305 -39.73 -4.30 22.61
N TYR H 306 -40.02 -3.01 22.71
CA TYR H 306 -39.86 -2.32 23.98
C TYR H 306 -41.12 -2.42 24.84
N TYR H 307 -40.90 -2.77 26.11
CA TYR H 307 -41.93 -3.13 27.09
C TYR H 307 -42.78 -4.29 26.57
N SER H 308 -42.10 -5.33 26.09
CA SER H 308 -42.70 -6.60 25.77
C SER H 308 -42.65 -7.51 26.98
N PHE H 309 -43.79 -8.05 27.38
CA PHE H 309 -43.90 -9.03 28.44
C PHE H 309 -44.22 -10.38 27.83
N GLU H 310 -43.51 -11.42 28.26
CA GLU H 310 -43.65 -12.76 27.74
C GLU H 310 -43.96 -13.72 28.87
N ALA H 311 -44.77 -14.72 28.56
CA ALA H 311 -45.30 -15.66 29.53
C ALA H 311 -44.58 -16.99 29.41
N SER H 312 -44.08 -17.48 30.53
CA SER H 312 -43.48 -18.79 30.67
C SER H 312 -44.48 -19.70 31.36
N THR H 313 -43.99 -20.86 31.83
CA THR H 313 -44.85 -21.70 32.65
C THR H 313 -45.21 -21.04 33.97
N GLN H 314 -44.41 -20.09 34.44
CA GLN H 314 -44.52 -19.55 35.78
C GLN H 314 -45.05 -18.12 35.82
N GLY H 315 -45.48 -17.57 34.68
CA GLY H 315 -46.16 -16.29 34.64
C GLY H 315 -45.41 -15.27 33.80
N PRO H 316 -46.00 -14.09 33.62
CA PRO H 316 -45.38 -13.10 32.74
C PRO H 316 -44.11 -12.52 33.32
N PHE H 317 -43.21 -12.13 32.44
CA PHE H 317 -42.00 -11.41 32.82
C PHE H 317 -41.61 -10.42 31.74
N LYS H 318 -40.92 -9.38 32.17
CA LYS H 318 -40.36 -8.38 31.26
C LYS H 318 -39.25 -9.02 30.46
N THR H 319 -39.37 -9.03 29.15
CA THR H 319 -38.27 -9.45 28.31
C THR H 319 -37.16 -8.40 28.40
N PRO H 320 -35.89 -8.78 28.61
CA PRO H 320 -34.86 -7.76 28.83
C PRO H 320 -34.25 -7.23 27.54
N ILE H 321 -33.58 -6.09 27.68
CA ILE H 321 -32.97 -5.36 26.58
C ILE H 321 -31.51 -5.11 26.92
N ALA H 322 -30.64 -5.21 25.92
CA ALA H 322 -29.21 -5.15 26.20
C ALA H 322 -28.77 -3.74 26.55
N ALA H 323 -29.24 -2.74 25.79
CA ALA H 323 -28.80 -1.36 25.98
C ALA H 323 -29.93 -0.44 25.58
N GLY H 324 -30.03 0.68 26.30
CA GLY H 324 -31.11 1.63 26.12
C GLY H 324 -30.64 2.91 25.43
N ARG H 325 -31.59 3.82 25.28
CA ARG H 325 -31.35 5.10 24.65
C ARG H 325 -30.32 5.92 25.45
N ALA H 336 -36.31 6.21 29.77
CA ALA H 336 -36.48 5.34 28.57
C ALA H 336 -36.47 3.86 28.96
N ASP H 337 -36.80 2.99 28.02
CA ASP H 337 -36.67 1.56 28.22
C ASP H 337 -35.21 1.15 28.15
N GLY H 338 -34.89 0.02 28.77
CA GLY H 338 -33.55 -0.53 28.76
C GLY H 338 -32.59 0.03 29.77
N ASN H 339 -32.71 1.30 30.13
CA ASN H 339 -31.82 1.88 31.12
C ASN H 339 -32.25 1.42 32.51
N PRO H 340 -31.37 0.85 33.33
CA PRO H 340 -31.85 0.32 34.60
C PRO H 340 -32.16 1.39 35.62
N ARG H 341 -33.24 1.17 36.37
CA ARG H 341 -33.68 2.06 37.43
C ARG H 341 -33.54 1.34 38.76
N TYR H 342 -32.81 1.95 39.67
CA TYR H 342 -32.51 1.37 40.97
C TYR H 342 -33.40 2.00 42.01
N ALA H 343 -33.79 1.21 43.00
CA ALA H 343 -34.44 1.69 44.21
C ALA H 343 -33.68 1.11 45.39
N PHE H 344 -33.27 1.98 46.30
CA PHE H 344 -32.29 1.63 47.31
C PHE H 344 -32.57 2.40 48.59
N GLY H 345 -32.11 1.84 49.70
CA GLY H 345 -32.44 2.32 51.02
C GLY H 345 -31.30 3.07 51.69
N ARG H 346 -31.42 3.20 53.01
CA ARG H 346 -30.48 4.01 53.79
C ARG H 346 -29.11 3.37 53.86
N GLN H 347 -29.05 2.06 54.03
CA GLN H 347 -27.76 1.38 54.00
C GLN H 347 -27.06 1.51 52.67
N HIS H 348 -27.81 1.69 51.58
CA HIS H 348 -27.28 1.55 50.23
C HIS H 348 -27.37 2.84 49.42
N GLY H 349 -27.41 3.99 50.09
CA GLY H 349 -27.12 5.27 49.45
C GLY H 349 -28.05 6.39 49.79
N GLN H 350 -29.25 6.09 50.28
CA GLN H 350 -30.20 7.13 50.61
C GLN H 350 -29.71 7.93 51.80
N LYS H 351 -30.20 9.16 51.91
CA LYS H 351 -29.86 10.07 53.00
C LYS H 351 -30.21 9.40 54.32
N THR H 352 -29.19 9.11 55.12
CA THR H 352 -29.35 8.21 56.25
C THR H 352 -30.22 8.80 57.36
N THR H 353 -30.37 10.12 57.41
CA THR H 353 -31.18 10.79 58.41
C THR H 353 -32.59 11.10 57.94
N THR H 354 -33.00 10.61 56.78
CA THR H 354 -34.35 10.87 56.29
C THR H 354 -35.37 10.04 57.05
N THR H 355 -36.53 10.63 57.30
CA THR H 355 -37.69 9.88 57.73
C THR H 355 -38.31 9.17 56.53
N GLY H 356 -39.32 8.36 56.80
CA GLY H 356 -40.16 7.84 55.74
C GLY H 356 -39.61 6.55 55.15
N GLU H 357 -40.52 5.81 54.52
CA GLU H 357 -40.23 4.49 53.98
C GLU H 357 -39.84 4.51 52.51
N THR H 358 -40.10 5.61 51.80
CA THR H 358 -39.94 5.61 50.35
C THR H 358 -38.47 5.44 49.97
N PRO H 359 -38.14 4.62 48.97
CA PRO H 359 -36.73 4.50 48.58
C PRO H 359 -36.27 5.67 47.72
N GLU H 360 -34.97 5.90 47.75
CA GLU H 360 -34.33 6.78 46.80
C GLU H 360 -34.09 6.03 45.50
N ARG H 361 -34.18 6.76 44.39
CA ARG H 361 -34.15 6.16 43.07
C ARG H 361 -33.31 6.99 42.12
N PHE H 362 -32.70 6.30 41.15
CA PHE H 362 -32.13 6.95 40.00
C PHE H 362 -32.31 6.03 38.82
N THR H 363 -32.25 6.62 37.62
CA THR H 363 -32.17 5.88 36.38
C THR H 363 -30.79 6.11 35.80
N TYR H 364 -30.07 5.04 35.54
CA TYR H 364 -28.70 5.13 35.07
C TYR H 364 -28.74 5.33 33.57
N ILE H 365 -28.61 6.58 33.14
CA ILE H 365 -28.51 6.90 31.73
C ILE H 365 -27.07 6.67 31.30
N ALA H 366 -26.80 5.49 30.75
CA ALA H 366 -25.45 5.17 30.32
C ALA H 366 -25.01 6.06 29.18
N HIS H 367 -23.71 6.32 29.11
CA HIS H 367 -23.19 7.24 28.10
C HIS H 367 -23.11 6.62 26.72
N GLN H 368 -23.13 5.30 26.59
CA GLN H 368 -22.91 4.68 25.29
C GLN H 368 -24.13 4.85 24.38
N ASP H 369 -23.86 5.18 23.12
CA ASP H 369 -24.88 5.45 22.11
C ASP H 369 -25.28 4.21 21.33
N THR H 370 -25.12 3.02 21.90
CA THR H 370 -25.52 1.80 21.20
C THR H 370 -27.03 1.63 21.12
N GLY H 371 -27.81 2.41 21.84
CA GLY H 371 -29.25 2.26 21.82
C GLY H 371 -29.87 2.86 20.59
N ARG H 372 -31.19 2.77 20.55
CA ARG H 372 -32.01 3.21 19.44
C ARG H 372 -32.96 4.32 19.87
N TYR H 373 -33.46 5.04 18.87
CA TYR H 373 -34.43 6.12 19.04
C TYR H 373 -35.63 5.69 18.20
N PRO H 374 -36.60 4.96 18.78
CA PRO H 374 -37.63 4.33 17.95
C PRO H 374 -38.50 5.29 17.16
N GLU H 375 -38.65 6.53 17.60
CA GLU H 375 -39.46 7.48 16.85
C GLU H 375 -38.86 7.83 15.49
N GLY H 376 -37.57 7.57 15.27
CA GLY H 376 -36.91 7.77 14.00
C GLY H 376 -36.88 6.58 13.06
N ASP H 377 -37.51 5.47 13.42
CA ASP H 377 -37.52 4.30 12.56
C ASP H 377 -38.55 4.47 11.44
N TRP H 378 -38.30 3.80 10.31
CA TRP H 378 -39.32 3.67 9.29
C TRP H 378 -38.94 2.51 8.38
N ILE H 379 -39.97 1.90 7.79
CA ILE H 379 -39.84 0.78 6.86
C ILE H 379 -40.59 1.20 5.61
N GLN H 380 -39.96 1.02 4.47
CA GLN H 380 -40.55 1.41 3.20
C GLN H 380 -40.42 0.29 2.19
N ASN H 381 -41.31 0.34 1.20
CA ASN H 381 -41.47 -0.74 0.25
C ASN H 381 -40.20 -0.93 -0.57
N ILE H 382 -40.05 -2.14 -1.08
CA ILE H 382 -38.83 -2.55 -1.78
C ILE H 382 -38.58 -1.74 -3.04
N ASN H 383 -39.61 -1.15 -3.64
CA ASN H 383 -39.40 -0.38 -4.86
C ASN H 383 -38.53 0.83 -4.62
N PHE H 384 -38.69 1.46 -3.46
CA PHE H 384 -37.88 2.60 -3.05
C PHE H 384 -38.00 3.76 -4.03
N ASN H 385 -39.21 4.26 -4.18
CA ASN H 385 -39.44 5.57 -4.76
C ASN H 385 -39.26 6.62 -3.67
N LEU H 386 -38.63 7.74 -4.03
CA LEU H 386 -38.08 8.62 -2.99
C LEU H 386 -39.16 9.38 -2.24
N PRO H 387 -39.96 10.27 -2.87
CA PRO H 387 -41.04 10.86 -2.05
C PRO H 387 -42.10 9.82 -1.75
N VAL H 388 -41.86 9.08 -0.67
CA VAL H 388 -42.67 7.90 -0.35
C VAL H 388 -44.12 8.28 -0.10
N THR H 389 -45.02 7.60 -0.81
CA THR H 389 -46.45 7.74 -0.62
C THR H 389 -46.87 6.98 0.63
N ASN H 390 -48.03 7.34 1.18
CA ASN H 390 -48.48 6.81 2.47
C ASN H 390 -48.57 5.30 2.45
N ASP H 391 -49.05 4.72 1.35
CA ASP H 391 -49.21 3.27 1.31
C ASP H 391 -47.87 2.55 1.33
N ASN H 392 -46.79 3.17 0.85
CA ASN H 392 -45.51 2.51 0.66
C ASN H 392 -44.54 2.68 1.82
N VAL H 393 -44.95 3.30 2.92
CA VAL H 393 -44.08 3.49 4.08
C VAL H 393 -44.88 3.25 5.34
N LEU H 394 -44.26 2.58 6.30
CA LEU H 394 -44.81 2.36 7.62
C LEU H 394 -43.98 3.14 8.63
N LEU H 395 -44.64 4.00 9.39
CA LEU H 395 -44.02 4.94 10.30
C LEU H 395 -44.27 4.54 11.74
N PRO H 396 -43.53 5.10 12.70
CA PRO H 396 -43.84 4.81 14.11
C PRO H 396 -45.15 5.40 14.59
N THR H 397 -45.78 6.28 13.82
CA THR H 397 -47.08 6.83 14.17
C THR H 397 -48.24 5.98 13.70
N ASP H 398 -48.02 5.02 12.81
CA ASP H 398 -49.12 4.27 12.24
C ASP H 398 -49.63 3.25 13.25
N PRO H 399 -50.94 3.01 13.36
CA PRO H 399 -51.41 1.97 14.27
C PRO H 399 -51.06 0.58 13.76
N ILE H 400 -50.95 -0.36 14.69
CA ILE H 400 -50.75 -1.77 14.39
C ILE H 400 -51.73 -2.57 15.24
N GLY H 401 -52.39 -3.54 14.62
CA GLY H 401 -53.46 -4.24 15.29
C GLY H 401 -54.66 -3.40 15.60
N GLY H 402 -54.83 -2.26 14.93
CA GLY H 402 -55.90 -1.33 15.22
C GLY H 402 -55.69 -0.47 16.44
N LYS H 403 -54.61 -0.67 17.19
CA LYS H 403 -54.34 0.12 18.38
C LYS H 403 -53.53 1.35 18.01
N THR H 404 -53.87 2.48 18.62
CA THR H 404 -53.23 3.74 18.27
C THR H 404 -51.95 4.00 19.04
N GLY H 405 -51.82 3.46 20.25
CA GLY H 405 -50.63 3.67 21.03
C GLY H 405 -49.50 2.77 20.59
N ILE H 406 -49.81 1.49 20.43
CA ILE H 406 -48.82 0.54 19.96
C ILE H 406 -48.59 0.76 18.48
N ASN H 407 -47.32 0.75 18.08
CA ASN H 407 -46.89 0.88 16.70
C ASN H 407 -45.91 -0.24 16.42
N TYR H 408 -45.41 -0.27 15.18
CA TYR H 408 -44.66 -1.43 14.72
C TYR H 408 -43.35 -1.58 15.47
N THR H 409 -42.76 -0.48 15.93
CA THR H 409 -41.49 -0.54 16.63
C THR H 409 -41.59 -1.26 17.97
N ASN H 410 -42.80 -1.36 18.53
CA ASN H 410 -43.00 -2.16 19.72
C ASN H 410 -42.87 -3.66 19.44
N ILE H 411 -43.21 -4.10 18.22
CA ILE H 411 -43.11 -5.50 17.82
C ILE H 411 -41.73 -5.82 17.23
N PHE H 412 -41.00 -4.81 16.78
CA PHE H 412 -39.90 -4.99 15.84
C PHE H 412 -38.68 -5.57 16.53
N ASN H 413 -37.89 -6.33 15.77
CA ASN H 413 -36.62 -6.86 16.26
C ASN H 413 -35.62 -6.87 15.11
N THR H 414 -34.54 -6.12 15.29
CA THR H 414 -33.49 -5.95 14.29
C THR H 414 -32.29 -6.85 14.56
N TYR H 415 -32.31 -7.68 15.60
CA TYR H 415 -31.15 -8.48 15.96
C TYR H 415 -30.80 -9.46 14.86
N GLY H 416 -29.52 -9.49 14.53
CA GLY H 416 -29.04 -10.28 13.43
C GLY H 416 -27.58 -10.60 13.62
N PRO H 417 -27.00 -11.31 12.66
CA PRO H 417 -25.58 -11.68 12.78
C PRO H 417 -24.64 -10.50 12.78
N LEU H 418 -25.05 -9.35 12.25
CA LEU H 418 -24.22 -8.18 12.13
C LEU H 418 -24.25 -7.29 13.37
N THR H 419 -24.96 -7.69 14.43
CA THR H 419 -25.09 -6.87 15.60
C THR H 419 -23.81 -6.87 16.42
N ALA H 420 -23.38 -5.69 16.85
CA ALA H 420 -22.27 -5.51 17.77
C ALA H 420 -22.78 -4.75 19.00
N LEU H 421 -22.28 -5.14 20.16
CA LEU H 421 -22.84 -4.66 21.42
C LEU H 421 -21.77 -4.52 22.47
N ASN H 422 -22.04 -3.65 23.43
CA ASN H 422 -21.18 -3.42 24.57
C ASN H 422 -21.74 -4.11 25.80
N ASN H 423 -20.85 -4.43 26.73
CA ASN H 423 -21.27 -5.07 27.96
C ASN H 423 -21.95 -4.04 28.85
N VAL H 424 -22.65 -4.52 29.87
CA VAL H 424 -23.35 -3.62 30.79
C VAL H 424 -22.33 -2.78 31.56
N PRO H 425 -22.50 -1.46 31.68
CA PRO H 425 -21.52 -0.67 32.42
C PRO H 425 -21.61 -0.95 33.90
N PRO H 426 -20.53 -0.76 34.65
CA PRO H 426 -20.66 -0.72 36.11
C PRO H 426 -21.58 0.41 36.53
N VAL H 427 -22.38 0.16 37.56
CA VAL H 427 -23.18 1.18 38.21
C VAL H 427 -22.72 1.29 39.65
N TYR H 428 -22.10 2.41 39.98
CA TYR H 428 -21.65 2.69 41.34
C TYR H 428 -22.76 3.42 42.07
N PRO H 429 -23.10 3.10 43.33
CA PRO H 429 -22.68 2.03 44.22
C PRO H 429 -23.55 0.77 44.22
N ASN H 430 -24.74 0.82 43.61
CA ASN H 430 -25.75 -0.21 43.82
C ASN H 430 -25.65 -1.40 42.88
N GLY H 431 -24.86 -1.33 41.82
CA GLY H 431 -24.79 -2.43 40.88
C GLY H 431 -23.94 -3.59 41.38
N GLN H 432 -24.16 -4.76 40.78
CA GLN H 432 -23.36 -5.94 41.06
C GLN H 432 -21.95 -5.79 40.52
N ILE H 433 -21.07 -6.70 40.95
CA ILE H 433 -19.73 -6.83 40.40
C ILE H 433 -19.73 -8.07 39.51
N TRP H 434 -20.04 -9.23 40.09
CA TRP H 434 -20.00 -10.52 39.39
C TRP H 434 -21.37 -11.17 39.43
N ASP H 435 -21.57 -12.12 38.52
CA ASP H 435 -22.74 -12.97 38.52
C ASP H 435 -22.36 -14.30 37.91
N LYS H 436 -23.09 -15.35 38.28
CA LYS H 436 -22.77 -16.69 37.83
C LYS H 436 -23.33 -16.91 36.44
N GLU H 437 -22.55 -17.55 35.58
CA GLU H 437 -23.05 -17.89 34.26
C GLU H 437 -24.10 -18.98 34.37
N PHE H 438 -25.09 -18.91 33.48
CA PHE H 438 -26.16 -19.88 33.48
C PHE H 438 -25.63 -21.25 33.09
N ASP H 439 -26.25 -22.28 33.66
CA ASP H 439 -25.89 -23.67 33.39
C ASP H 439 -26.49 -24.21 32.09
N THR H 440 -27.14 -23.37 31.30
CA THR H 440 -27.73 -23.84 30.05
C THR H 440 -26.65 -24.29 29.08
N ASP H 441 -27.07 -25.05 28.08
CA ASP H 441 -26.13 -25.61 27.12
C ASP H 441 -25.62 -24.54 26.15
N LEU H 442 -26.48 -23.60 25.76
CA LEU H 442 -26.09 -22.38 25.07
C LEU H 442 -26.33 -21.20 26.01
N LYS H 443 -25.31 -20.38 26.19
CA LYS H 443 -25.27 -19.39 27.23
C LYS H 443 -25.42 -17.99 26.65
N PRO H 444 -25.94 -17.02 27.37
CA PRO H 444 -26.16 -15.71 26.78
C PRO H 444 -24.85 -14.99 26.50
N ARG H 445 -24.92 -14.05 25.56
CA ARG H 445 -23.75 -13.25 25.22
C ARG H 445 -23.32 -12.40 26.40
N LEU H 446 -24.28 -11.79 27.09
CA LEU H 446 -24.01 -10.88 28.19
C LEU H 446 -25.13 -11.01 29.23
N HIS H 447 -24.86 -10.46 30.40
CA HIS H 447 -25.85 -10.31 31.46
C HIS H 447 -26.13 -8.83 31.66
N VAL H 448 -27.39 -8.50 31.95
CA VAL H 448 -27.80 -7.10 32.07
C VAL H 448 -27.56 -6.51 33.44
N ASN H 449 -27.03 -7.26 34.40
CA ASN H 449 -27.03 -6.87 35.80
C ASN H 449 -25.66 -6.81 36.44
N ALA H 450 -24.65 -7.48 35.88
CA ALA H 450 -23.28 -7.46 36.39
C ALA H 450 -22.34 -7.27 35.22
N PRO H 451 -21.24 -6.50 35.36
CA PRO H 451 -20.31 -6.42 34.24
C PRO H 451 -19.52 -7.68 34.01
N PHE H 452 -19.10 -8.37 35.07
CA PHE H 452 -18.34 -9.60 34.98
C PHE H 452 -19.28 -10.77 35.18
N VAL H 453 -19.05 -11.84 34.43
CA VAL H 453 -19.77 -13.09 34.57
C VAL H 453 -18.74 -14.19 34.81
N CYS H 454 -18.92 -14.93 35.89
CA CYS H 454 -18.06 -16.06 36.21
C CYS H 454 -18.19 -17.11 35.14
N GLN H 455 -17.08 -17.57 34.58
CA GLN H 455 -17.18 -18.45 33.43
C GLN H 455 -17.69 -19.83 33.80
N ASN H 456 -17.13 -20.47 34.83
CA ASN H 456 -17.49 -21.84 35.19
C ASN H 456 -17.89 -21.98 36.65
N ASN H 457 -17.20 -21.29 37.54
CA ASN H 457 -17.53 -21.28 38.96
C ASN H 457 -17.41 -19.86 39.50
N CYS H 458 -18.22 -19.57 40.50
CA CYS H 458 -18.39 -18.25 41.10
C CYS H 458 -18.19 -18.37 42.60
N PRO H 459 -17.79 -17.28 43.27
CA PRO H 459 -17.36 -17.40 44.66
C PRO H 459 -18.48 -17.83 45.57
N GLY H 460 -18.14 -18.65 46.56
CA GLY H 460 -19.16 -19.34 47.34
C GLY H 460 -19.99 -18.38 48.17
N GLN H 461 -21.28 -18.63 48.20
CA GLN H 461 -22.17 -17.89 49.08
C GLN H 461 -21.94 -18.31 50.52
N LEU H 462 -21.94 -17.33 51.41
CA LEU H 462 -21.66 -17.54 52.83
C LEU H 462 -22.95 -17.33 53.62
N PHE H 463 -23.42 -18.41 54.24
CA PHE H 463 -24.67 -18.43 54.99
C PHE H 463 -24.37 -18.51 56.47
N VAL H 464 -25.09 -17.71 57.26
CA VAL H 464 -24.82 -17.53 58.69
C VAL H 464 -26.13 -17.66 59.46
N LYS H 465 -26.04 -18.23 60.65
CA LYS H 465 -27.17 -18.48 61.54
C LYS H 465 -26.61 -18.59 62.95
N VAL H 466 -27.43 -18.26 63.94
CA VAL H 466 -27.07 -18.44 65.35
C VAL H 466 -27.74 -19.71 65.84
N ALA H 467 -26.96 -20.59 66.45
CA ALA H 467 -27.45 -21.91 66.78
C ALA H 467 -28.51 -21.82 67.88
N PRO H 468 -29.38 -22.83 68.01
CA PRO H 468 -30.43 -22.74 69.02
C PRO H 468 -29.87 -22.82 70.43
N ASN H 469 -30.18 -21.81 71.24
CA ASN H 469 -30.05 -21.89 72.70
C ASN H 469 -31.41 -22.33 73.23
N LEU H 470 -31.60 -23.65 73.32
CA LEU H 470 -32.87 -24.18 73.79
C LEU H 470 -33.08 -23.91 75.27
N THR H 471 -34.34 -23.85 75.66
CA THR H 471 -34.71 -23.82 77.06
C THR H 471 -34.79 -25.25 77.60
N ASN H 472 -34.95 -25.36 78.91
CA ASN H 472 -35.09 -26.67 79.53
C ASN H 472 -36.43 -27.33 79.25
N GLU H 473 -37.42 -26.60 78.74
CA GLU H 473 -38.76 -27.10 78.54
C GLU H 473 -38.96 -27.80 77.19
N TYR H 474 -37.92 -27.93 76.38
CA TYR H 474 -38.06 -28.43 75.02
C TYR H 474 -38.49 -29.88 74.99
N ASP H 475 -39.34 -30.21 74.03
CA ASP H 475 -39.84 -31.56 73.80
C ASP H 475 -40.14 -31.70 72.31
N PRO H 476 -39.43 -32.53 71.55
CA PRO H 476 -39.78 -32.65 70.12
C PRO H 476 -41.18 -33.17 69.84
N ASP H 477 -41.81 -33.87 70.79
CA ASP H 477 -43.17 -34.34 70.58
C ASP H 477 -44.21 -33.24 70.78
N ALA H 478 -43.83 -32.06 71.23
CA ALA H 478 -44.80 -31.01 71.50
C ALA H 478 -45.35 -30.42 70.20
N SER H 479 -46.65 -30.16 70.19
CA SER H 479 -47.28 -29.61 68.99
C SER H 479 -46.75 -28.22 68.66
N ALA H 480 -46.57 -27.38 69.68
CA ALA H 480 -46.19 -26.00 69.45
C ALA H 480 -44.73 -25.89 69.03
N ASN H 481 -44.37 -24.69 68.55
CA ASN H 481 -43.00 -24.41 68.18
C ASN H 481 -42.09 -24.45 69.41
N MET H 482 -40.81 -24.67 69.16
CA MET H 482 -39.87 -24.79 70.27
C MET H 482 -39.68 -23.46 70.97
N SER H 483 -39.14 -23.53 72.18
CA SER H 483 -38.82 -22.37 73.00
C SER H 483 -37.32 -22.17 73.00
N ARG H 484 -36.87 -20.92 72.86
CA ARG H 484 -35.48 -20.57 72.74
C ARG H 484 -35.14 -19.43 73.68
N ILE H 485 -33.90 -19.42 74.15
CA ILE H 485 -33.37 -18.29 74.89
C ILE H 485 -33.04 -17.22 73.86
N VAL H 486 -33.71 -16.08 73.95
CA VAL H 486 -33.60 -15.00 72.98
C VAL H 486 -32.16 -14.55 72.91
N THR H 487 -31.57 -14.67 71.73
CA THR H 487 -30.14 -14.48 71.54
C THR H 487 -29.88 -13.81 70.20
N TYR H 488 -28.77 -13.09 70.12
CA TYR H 488 -28.34 -12.45 68.89
C TYR H 488 -26.83 -12.38 68.88
N SER H 489 -26.27 -12.22 67.68
CA SER H 489 -24.84 -12.19 67.48
C SER H 489 -24.43 -10.92 66.74
N ASP H 490 -23.29 -10.39 67.13
CA ASP H 490 -22.56 -9.40 66.36
C ASP H 490 -21.24 -10.03 65.95
N PHE H 491 -20.92 -10.01 64.66
CA PHE H 491 -19.66 -10.54 64.17
C PHE H 491 -19.07 -9.58 63.15
N TRP H 492 -17.76 -9.41 63.21
CA TRP H 492 -17.04 -8.53 62.29
C TRP H 492 -16.68 -9.31 61.04
N TRP H 493 -17.11 -8.79 59.89
CA TRP H 493 -16.84 -9.37 58.59
C TRP H 493 -15.76 -8.55 57.92
N LYS H 494 -14.84 -9.23 57.25
CA LYS H 494 -13.81 -8.59 56.46
C LYS H 494 -13.72 -9.30 55.13
N GLY H 495 -13.47 -8.53 54.07
CA GLY H 495 -13.25 -9.10 52.76
C GLY H 495 -12.21 -8.31 52.01
N LYS H 496 -11.60 -8.99 51.03
CA LYS H 496 -10.57 -8.41 50.19
C LYS H 496 -10.88 -8.79 48.76
N LEU H 497 -10.96 -7.79 47.89
CA LEU H 497 -11.27 -7.98 46.49
C LEU H 497 -10.19 -7.26 45.69
N VAL H 498 -9.61 -7.96 44.73
CA VAL H 498 -8.44 -7.50 43.99
C VAL H 498 -8.84 -7.31 42.54
N PHE H 499 -8.55 -6.14 42.00
CA PHE H 499 -8.73 -5.82 40.59
C PHE H 499 -7.37 -5.55 39.97
N LYS H 500 -7.33 -5.61 38.65
CA LYS H 500 -6.14 -5.31 37.87
C LYS H 500 -6.57 -4.44 36.70
N ALA H 501 -6.13 -3.18 36.70
CA ALA H 501 -6.63 -2.17 35.78
C ALA H 501 -5.49 -1.56 34.99
N LYS H 502 -5.79 -1.12 33.77
CA LYS H 502 -4.82 -0.49 32.88
C LYS H 502 -5.04 1.02 32.88
N LEU H 503 -3.97 1.77 33.08
CA LEU H 503 -4.05 3.22 33.07
C LEU H 503 -4.26 3.75 31.66
N ARG H 504 -4.93 4.89 31.56
CA ARG H 504 -5.31 5.43 30.26
C ARG H 504 -4.13 6.15 29.61
N ALA H 505 -4.29 6.43 28.32
CA ALA H 505 -3.38 7.24 27.54
C ALA H 505 -4.17 8.28 26.77
N SER H 506 -3.58 9.45 26.57
CA SER H 506 -4.27 10.60 25.98
C SER H 506 -4.08 10.62 24.46
N HIS H 507 -4.90 9.81 23.79
CA HIS H 507 -4.81 9.71 22.34
C HIS H 507 -5.26 10.99 21.65
N THR H 508 -6.30 11.62 22.18
CA THR H 508 -6.88 12.79 21.53
C THR H 508 -6.09 14.06 21.84
N TRP H 509 -6.28 15.05 20.98
CA TRP H 509 -5.91 16.41 21.34
C TRP H 509 -6.74 16.88 22.52
N ASN H 510 -8.02 16.63 22.49
CA ASN H 510 -8.95 17.27 23.40
C ASN H 510 -9.01 16.53 24.73
N PRO H 511 -9.35 17.23 25.82
CA PRO H 511 -9.58 16.52 27.08
C PRO H 511 -10.85 15.70 27.02
N ILE H 512 -10.94 14.73 27.93
CA ILE H 512 -12.09 13.84 28.02
C ILE H 512 -13.00 14.29 29.16
N GLN H 513 -14.23 13.79 29.16
CA GLN H 513 -15.13 14.03 30.28
C GLN H 513 -14.64 13.28 31.50
N GLN H 514 -14.67 13.95 32.65
CA GLN H 514 -14.13 13.42 33.88
C GLN H 514 -15.08 13.68 35.04
N MET H 515 -15.13 12.74 35.97
CA MET H 515 -15.87 12.93 37.21
C MET H 515 -15.16 13.98 38.05
N SER H 516 -15.96 14.85 38.67
CA SER H 516 -15.43 15.97 39.42
C SER H 516 -16.42 16.37 40.50
N ILE H 517 -15.90 16.97 41.55
CA ILE H 517 -16.71 17.69 42.51
C ILE H 517 -16.92 19.11 42.01
N ASN H 518 -18.11 19.65 42.27
CA ASN H 518 -18.43 21.00 41.88
C ASN H 518 -19.54 21.48 42.80
N VAL H 519 -19.90 22.76 42.65
CA VAL H 519 -20.81 23.42 43.58
C VAL H 519 -22.17 22.74 43.61
N ASP H 520 -22.59 22.14 42.51
CA ASP H 520 -23.88 21.46 42.48
C ASP H 520 -23.88 20.20 43.33
N ASN H 521 -22.80 19.41 43.26
CA ASN H 521 -22.72 18.11 43.91
C ASN H 521 -21.84 18.12 45.15
N GLN H 522 -21.46 19.30 45.64
CA GLN H 522 -20.43 19.41 46.68
C GLN H 522 -20.85 18.71 47.97
N PHE H 523 -22.04 19.02 48.47
CA PHE H 523 -22.50 18.49 49.75
C PHE H 523 -23.16 17.13 49.64
N ASN H 524 -23.05 16.45 48.49
CA ASN H 524 -23.45 15.06 48.43
C ASN H 524 -22.44 14.16 49.13
N TYR H 525 -21.16 14.49 49.03
CA TYR H 525 -20.09 13.59 49.41
C TYR H 525 -19.55 13.77 50.81
N VAL H 526 -20.10 14.69 51.62
CA VAL H 526 -19.58 15.00 52.96
C VAL H 526 -20.71 14.94 53.98
N PRO H 527 -20.47 14.58 55.24
CA PRO H 527 -21.60 14.37 56.16
C PRO H 527 -22.28 15.66 56.55
N SER H 528 -23.53 15.52 56.99
CA SER H 528 -24.41 16.64 57.30
C SER H 528 -24.28 17.06 58.75
N ASN H 529 -25.15 17.98 59.17
CA ASN H 529 -25.03 18.61 60.48
C ASN H 529 -25.22 17.62 61.61
N ILE H 530 -26.20 16.71 61.47
CA ILE H 530 -26.47 15.67 62.47
C ILE H 530 -26.00 14.31 61.96
N GLY H 531 -24.98 14.30 61.11
CA GLY H 531 -24.27 13.08 60.80
C GLY H 531 -24.84 12.25 59.67
N GLY H 532 -25.75 12.78 58.88
CA GLY H 532 -26.29 12.03 57.78
C GLY H 532 -25.26 11.80 56.69
N MET H 533 -25.53 10.82 55.85
CA MET H 533 -24.64 10.47 54.75
C MET H 533 -25.48 10.03 53.56
N LYS H 534 -24.91 10.23 52.37
CA LYS H 534 -25.48 9.66 51.16
C LYS H 534 -24.35 9.29 50.21
N ILE H 535 -24.67 8.42 49.28
CA ILE H 535 -23.80 8.06 48.16
C ILE H 535 -24.62 8.26 46.90
N VAL H 536 -24.31 9.32 46.17
CA VAL H 536 -24.96 9.54 44.88
C VAL H 536 -24.28 8.66 43.84
N TYR H 537 -25.04 8.27 42.83
CA TYR H 537 -24.52 7.40 41.80
C TYR H 537 -23.50 8.13 40.95
N GLU H 538 -22.55 7.38 40.40
CA GLU H 538 -21.46 7.93 39.60
C GLU H 538 -21.29 7.08 38.35
N LYS H 539 -21.08 7.75 37.22
CA LYS H 539 -21.05 7.08 35.93
C LYS H 539 -19.69 6.48 35.68
N SER H 540 -19.67 5.26 35.15
CA SER H 540 -18.46 4.47 35.03
C SER H 540 -17.70 4.73 33.74
N GLN H 541 -18.37 4.61 32.60
CA GLN H 541 -17.72 4.64 31.29
C GLN H 541 -17.68 6.07 30.77
N LEU H 542 -16.64 6.80 31.18
CA LEU H 542 -16.53 8.22 30.87
C LEU H 542 -15.79 8.48 29.56
N ALA H 543 -14.59 7.97 29.43
CA ALA H 543 -13.74 8.42 28.33
C ALA H 543 -14.20 7.78 27.02
N PRO H 544 -14.17 8.49 25.90
CA PRO H 544 -14.58 7.85 24.64
C PRO H 544 -13.55 6.86 24.12
N ARG H 545 -14.07 5.85 23.42
CA ARG H 545 -13.30 4.82 22.73
C ARG H 545 -13.82 4.72 21.31
N LYS H 546 -12.93 4.40 20.36
CA LYS H 546 -13.29 4.29 18.96
C LYS H 546 -13.47 2.82 18.57
N LEU H 547 -14.59 2.54 17.91
CA LEU H 547 -14.82 1.19 17.41
C LEU H 547 -14.04 0.91 16.13
N TYR H 548 -13.90 1.92 15.29
CA TYR H 548 -13.60 1.69 13.88
C TYR H 548 -12.88 2.89 13.27
N GLY I 1 -12.25 -71.49 3.74
CA GLY I 1 -12.92 -70.74 2.62
C GLY I 1 -14.38 -70.44 2.89
N VAL I 2 -15.25 -71.23 2.26
CA VAL I 2 -16.69 -71.02 2.38
C VAL I 2 -17.17 -71.38 3.77
N GLY I 3 -16.61 -72.42 4.38
CA GLY I 3 -17.25 -73.08 5.49
C GLY I 3 -17.03 -72.48 6.86
N ILE I 4 -16.11 -71.52 7.01
CA ILE I 4 -15.71 -71.01 8.33
C ILE I 4 -16.37 -69.66 8.56
N SER I 5 -16.93 -69.48 9.76
CA SER I 5 -17.62 -68.24 10.10
C SER I 5 -16.61 -67.13 10.35
N THR I 6 -17.08 -65.89 10.22
CA THR I 6 -16.20 -64.72 10.14
C THR I 6 -16.56 -63.65 11.18
N GLY I 7 -17.22 -64.01 12.27
CA GLY I 7 -17.48 -63.07 13.34
C GLY I 7 -18.62 -63.46 14.26
N THR I 8 -18.50 -63.13 15.54
CA THR I 8 -19.47 -63.53 16.54
C THR I 8 -20.59 -62.50 16.70
N PHE I 9 -21.82 -62.99 16.81
CA PHE I 9 -22.94 -62.16 17.19
C PHE I 9 -22.68 -61.56 18.57
N ASN I 10 -23.11 -60.32 18.76
CA ASN I 10 -22.98 -59.68 20.05
C ASN I 10 -23.96 -58.52 20.12
N ASN I 11 -24.81 -58.51 21.14
CA ASN I 11 -25.73 -57.42 21.40
C ASN I 11 -25.76 -57.07 22.88
N GLN I 12 -24.66 -57.32 23.59
CA GLN I 12 -24.57 -57.02 25.00
C GLN I 12 -24.20 -55.57 25.20
N THR I 13 -24.76 -54.97 26.25
CA THR I 13 -24.38 -53.65 26.72
C THR I 13 -23.50 -53.84 27.94
N GLU I 14 -22.28 -53.29 27.89
CA GLU I 14 -21.29 -53.43 28.94
C GLU I 14 -21.19 -52.09 29.67
N PHE I 15 -21.26 -52.14 30.99
CA PHE I 15 -21.16 -50.97 31.87
C PHE I 15 -19.88 -51.09 32.68
N LYS I 16 -18.80 -50.50 32.17
CA LYS I 16 -17.49 -50.53 32.81
C LYS I 16 -17.40 -49.36 33.77
N PHE I 17 -17.71 -49.59 35.03
CA PHE I 17 -17.64 -48.52 36.02
C PHE I 17 -16.19 -48.16 36.30
N LEU I 18 -15.94 -46.86 36.46
CA LEU I 18 -14.65 -46.33 36.85
C LEU I 18 -14.86 -45.42 38.05
N GLU I 19 -13.86 -45.38 38.93
CA GLU I 19 -13.90 -44.41 40.00
C GLU I 19 -13.63 -43.02 39.44
N ASN I 20 -13.86 -42.02 40.28
CA ASN I 20 -14.14 -40.64 39.89
C ASN I 20 -15.50 -40.50 39.20
N GLY I 21 -16.38 -41.48 39.36
CA GLY I 21 -17.78 -41.32 39.03
C GLY I 21 -18.16 -41.50 37.58
N TRP I 22 -17.25 -41.97 36.73
CA TRP I 22 -17.53 -42.15 35.31
C TRP I 22 -17.81 -43.62 34.99
N VAL I 23 -18.56 -43.83 33.93
CA VAL I 23 -18.89 -45.16 33.41
C VAL I 23 -18.67 -45.13 31.91
N GLU I 24 -17.99 -46.16 31.39
CA GLU I 24 -17.80 -46.34 29.96
C GLU I 24 -18.85 -47.34 29.46
N ILE I 25 -19.84 -46.84 28.73
CA ILE I 25 -21.00 -47.63 28.32
C ILE I 25 -20.75 -48.06 26.89
N THR I 26 -20.57 -49.36 26.68
CA THR I 26 -20.23 -49.94 25.40
C THR I 26 -21.45 -50.67 24.88
N ALA I 27 -22.23 -50.02 24.04
CA ALA I 27 -23.38 -50.66 23.42
C ALA I 27 -22.93 -51.40 22.18
N ASN I 28 -23.02 -52.72 22.23
CA ASN I 28 -22.81 -53.57 21.07
C ASN I 28 -24.16 -53.90 20.48
N SER I 29 -24.24 -53.88 19.16
CA SER I 29 -25.44 -54.21 18.42
C SER I 29 -25.06 -55.12 17.29
N SER I 30 -25.93 -56.07 16.97
CA SER I 30 -25.79 -56.88 15.78
C SER I 30 -27.16 -57.15 15.20
N ARG I 31 -27.21 -57.23 13.88
CA ARG I 31 -28.44 -57.46 13.14
C ARG I 31 -28.11 -58.35 11.95
N LEU I 32 -29.12 -59.07 11.48
CA LEU I 32 -29.07 -59.73 10.18
C LEU I 32 -29.72 -58.80 9.17
N VAL I 33 -28.95 -58.34 8.21
CA VAL I 33 -29.40 -57.35 7.23
C VAL I 33 -29.66 -58.09 5.92
N HIS I 34 -30.85 -57.91 5.39
CA HIS I 34 -31.30 -58.56 4.16
C HIS I 34 -31.33 -57.52 3.04
N LEU I 35 -30.74 -57.87 1.88
CA LEU I 35 -30.51 -56.91 0.79
C LEU I 35 -30.87 -57.56 -0.53
N ASN I 36 -32.00 -57.17 -1.11
CA ASN I 36 -32.33 -57.55 -2.47
C ASN I 36 -31.54 -56.70 -3.44
N MET I 37 -31.41 -57.20 -4.68
CA MET I 37 -30.68 -56.45 -5.68
C MET I 37 -31.46 -55.21 -6.10
N PRO I 38 -30.81 -54.22 -6.71
CA PRO I 38 -31.52 -53.00 -7.10
C PRO I 38 -32.57 -53.24 -8.16
N GLU I 39 -33.54 -52.33 -8.21
CA GLU I 39 -34.53 -52.35 -9.27
C GLU I 39 -33.88 -52.13 -10.63
N SER I 40 -32.91 -51.23 -10.71
CA SER I 40 -32.16 -50.98 -11.93
C SER I 40 -30.76 -50.55 -11.54
N GLU I 41 -29.80 -50.96 -12.34
CA GLU I 41 -28.40 -50.65 -12.04
C GLU I 41 -28.02 -49.21 -12.34
N ASN I 42 -28.81 -48.49 -13.12
CA ASN I 42 -28.46 -47.13 -13.48
C ASN I 42 -28.76 -46.15 -12.35
N TYR I 43 -27.99 -45.07 -12.31
CA TYR I 43 -28.39 -43.88 -11.57
C TYR I 43 -29.49 -43.16 -12.32
N ARG I 44 -30.54 -42.75 -11.60
CA ARG I 44 -31.70 -42.04 -12.15
C ARG I 44 -31.83 -40.68 -11.50
N ARG I 45 -32.32 -39.71 -12.26
CA ARG I 45 -32.73 -38.39 -11.76
C ARG I 45 -34.24 -38.30 -11.90
N VAL I 46 -34.93 -38.20 -10.77
CA VAL I 46 -36.39 -38.21 -10.72
C VAL I 46 -36.84 -36.90 -10.09
N VAL I 47 -37.75 -36.21 -10.77
CA VAL I 47 -38.39 -35.01 -10.27
C VAL I 47 -39.75 -35.41 -9.75
N VAL I 48 -40.00 -35.15 -8.46
CA VAL I 48 -41.32 -35.31 -7.88
C VAL I 48 -42.05 -34.01 -8.03
N ASN I 49 -43.34 -34.08 -8.33
CA ASN I 49 -44.19 -32.92 -8.44
C ASN I 49 -45.60 -33.34 -8.09
N ASN I 50 -46.22 -32.61 -7.15
CA ASN I 50 -47.55 -32.91 -6.66
C ASN I 50 -48.45 -31.69 -6.79
N MET I 51 -48.39 -31.05 -7.96
CA MET I 51 -49.31 -29.96 -8.29
C MET I 51 -50.76 -30.42 -8.32
N ASP I 52 -51.02 -31.72 -8.46
CA ASP I 52 -52.38 -32.23 -8.39
C ASP I 52 -53.05 -31.95 -7.05
N LYS I 53 -52.27 -31.81 -5.97
CA LYS I 53 -52.78 -31.47 -4.64
C LYS I 53 -52.33 -30.10 -4.17
N THR I 54 -51.13 -29.66 -4.54
CA THR I 54 -50.64 -28.36 -4.12
C THR I 54 -51.31 -27.21 -4.86
N ALA I 55 -51.82 -27.45 -6.07
CA ALA I 55 -52.46 -26.38 -6.82
C ALA I 55 -53.84 -26.02 -6.31
N VAL I 56 -54.47 -26.91 -5.54
CA VAL I 56 -55.68 -26.54 -4.81
C VAL I 56 -55.31 -25.46 -3.80
N ASN I 57 -56.06 -24.36 -3.80
CA ASN I 57 -55.73 -23.22 -2.97
C ASN I 57 -55.78 -23.58 -1.50
N GLY I 58 -54.80 -23.10 -0.74
CA GLY I 58 -54.69 -23.36 0.68
C GLY I 58 -53.85 -24.57 1.06
N ASN I 59 -53.51 -25.43 0.10
CA ASN I 59 -52.73 -26.64 0.33
C ASN I 59 -51.23 -26.38 0.20
N MET I 60 -50.80 -25.16 0.51
CA MET I 60 -49.45 -24.72 0.20
C MET I 60 -48.43 -25.52 0.98
N ALA I 61 -48.75 -25.87 2.23
CA ALA I 61 -47.83 -26.61 3.08
C ALA I 61 -47.61 -28.05 2.62
N LEU I 62 -48.43 -28.58 1.72
CA LEU I 62 -48.28 -29.92 1.21
C LEU I 62 -47.34 -30.02 0.02
N ASP I 63 -46.48 -29.04 -0.17
CA ASP I 63 -45.58 -29.04 -1.31
C ASP I 63 -44.55 -30.15 -1.16
N ASP I 64 -44.36 -30.92 -2.23
CA ASP I 64 -43.35 -31.98 -2.29
C ASP I 64 -42.50 -31.92 -3.55
N ILE I 65 -42.44 -30.79 -4.24
CA ILE I 65 -41.59 -30.70 -5.41
C ILE I 65 -40.14 -30.85 -4.94
N HIS I 66 -39.44 -31.80 -5.53
CA HIS I 66 -38.01 -31.90 -5.36
C HIS I 66 -37.45 -32.80 -6.45
N ALA I 67 -36.13 -32.72 -6.61
CA ALA I 67 -35.38 -33.54 -7.53
C ALA I 67 -34.38 -34.34 -6.71
N GLN I 68 -34.26 -35.63 -7.03
CA GLN I 68 -33.37 -36.50 -6.29
C GLN I 68 -32.74 -37.51 -7.23
N ILE I 69 -31.50 -37.84 -6.93
CA ILE I 69 -30.76 -38.84 -7.68
C ILE I 69 -31.00 -40.18 -6.99
N VAL I 70 -31.88 -40.99 -7.55
CA VAL I 70 -32.13 -42.32 -7.04
C VAL I 70 -30.98 -43.20 -7.50
N THR I 71 -30.30 -43.82 -6.55
CA THR I 71 -29.06 -44.54 -6.77
C THR I 71 -29.30 -46.04 -6.72
N PRO I 72 -28.37 -46.86 -7.27
CA PRO I 72 -28.53 -48.31 -7.15
C PRO I 72 -27.98 -48.90 -5.87
N TRP I 73 -27.68 -48.06 -4.87
CA TRP I 73 -27.04 -48.47 -3.64
C TRP I 73 -28.01 -48.37 -2.48
N SER I 74 -27.68 -49.09 -1.40
CA SER I 74 -28.44 -49.05 -0.16
C SER I 74 -27.51 -48.68 0.98
N LEU I 75 -28.06 -47.99 1.97
CA LEU I 75 -27.33 -47.41 3.07
C LEU I 75 -27.68 -48.14 4.36
N VAL I 76 -26.67 -48.57 5.09
CA VAL I 76 -26.84 -49.17 6.41
C VAL I 76 -26.54 -48.09 7.43
N ASP I 77 -27.57 -47.68 8.18
CA ASP I 77 -27.51 -46.55 9.10
C ASP I 77 -27.88 -47.03 10.49
N ALA I 78 -27.01 -46.76 11.46
CA ALA I 78 -27.21 -47.10 12.86
C ALA I 78 -27.44 -45.87 13.73
N ASN I 79 -27.74 -44.72 13.14
CA ASN I 79 -27.78 -43.45 13.88
C ASN I 79 -29.15 -43.23 14.53
N ALA I 80 -29.46 -44.09 15.50
CA ALA I 80 -30.66 -43.96 16.29
C ALA I 80 -30.48 -44.70 17.59
N TRP I 81 -31.10 -44.19 18.65
CA TRP I 81 -30.85 -44.75 19.98
C TRP I 81 -31.36 -46.17 20.10
N GLY I 82 -32.50 -46.46 19.49
CA GLY I 82 -33.08 -47.79 19.60
C GLY I 82 -32.26 -48.89 18.97
N VAL I 83 -31.34 -48.54 18.07
CA VAL I 83 -30.45 -49.53 17.51
C VAL I 83 -29.53 -50.10 18.58
N TRP I 84 -29.23 -49.34 19.62
CA TRP I 84 -28.18 -49.64 20.57
C TRP I 84 -28.68 -50.07 21.94
N PHE I 85 -29.62 -49.33 22.51
CA PHE I 85 -30.07 -49.53 23.87
C PHE I 85 -31.47 -50.12 23.87
N ASN I 86 -31.65 -51.20 24.63
CA ASN I 86 -32.97 -51.73 24.94
C ASN I 86 -33.58 -50.87 26.04
N PRO I 87 -34.87 -51.06 26.36
CA PRO I 87 -35.48 -50.22 27.40
C PRO I 87 -34.83 -50.29 28.77
N GLY I 88 -34.32 -51.45 29.19
CA GLY I 88 -33.73 -51.53 30.52
C GLY I 88 -32.43 -50.76 30.63
N ASP I 89 -31.56 -50.88 29.62
CA ASP I 89 -30.32 -50.13 29.65
C ASP I 89 -30.59 -48.64 29.57
N TRP I 90 -31.57 -48.26 28.77
CA TRP I 90 -31.95 -46.86 28.69
C TRP I 90 -32.51 -46.36 30.02
N GLN I 91 -33.28 -47.20 30.71
CA GLN I 91 -33.77 -46.85 32.03
C GLN I 91 -32.61 -46.57 32.97
N LEU I 92 -31.61 -47.44 32.96
CA LEU I 92 -30.46 -47.26 33.83
C LEU I 92 -29.73 -45.97 33.52
N ILE I 93 -29.54 -45.69 32.22
CA ILE I 93 -28.85 -44.47 31.79
C ILE I 93 -29.61 -43.23 32.25
N VAL I 94 -30.91 -43.17 31.97
CA VAL I 94 -31.64 -41.95 32.30
C VAL I 94 -31.82 -41.80 33.80
N ASN I 95 -31.99 -42.90 34.54
CA ASN I 95 -32.22 -42.79 35.98
C ASN I 95 -30.97 -42.52 36.78
N THR I 96 -29.77 -42.87 36.29
CA THR I 96 -28.56 -42.79 37.10
C THR I 96 -27.51 -41.83 36.58
N MET I 97 -27.45 -41.61 35.27
CA MET I 97 -26.44 -40.74 34.68
C MET I 97 -26.93 -39.31 34.64
N SER I 98 -25.97 -38.38 34.62
CA SER I 98 -26.22 -36.94 34.60
C SER I 98 -25.82 -36.28 33.29
N GLU I 99 -24.71 -36.69 32.70
CA GLU I 99 -24.31 -36.24 31.38
C GLU I 99 -23.67 -37.39 30.64
N LEU I 100 -23.70 -37.31 29.31
CA LEU I 100 -23.41 -38.43 28.43
C LEU I 100 -22.54 -37.97 27.28
N HIS I 101 -21.33 -38.50 27.19
CA HIS I 101 -20.36 -38.18 26.15
C HIS I 101 -20.27 -39.36 25.19
N LEU I 102 -20.43 -39.11 23.91
CA LEU I 102 -20.23 -40.15 22.90
C LEU I 102 -18.76 -40.22 22.53
N VAL I 103 -18.18 -41.42 22.59
CA VAL I 103 -16.73 -41.59 22.51
C VAL I 103 -16.32 -42.13 21.15
N SER I 104 -16.90 -43.25 20.71
CA SER I 104 -16.41 -43.91 19.51
C SER I 104 -17.48 -44.79 18.89
N PHE I 105 -17.25 -45.12 17.61
CA PHE I 105 -18.19 -45.90 16.81
C PHE I 105 -17.40 -46.74 15.82
N GLU I 106 -17.80 -47.99 15.65
CA GLU I 106 -17.16 -48.89 14.70
C GLU I 106 -18.22 -49.85 14.16
N GLN I 107 -17.92 -50.40 12.99
CA GLN I 107 -18.85 -51.24 12.24
C GLN I 107 -18.12 -52.41 11.60
N GLU I 108 -18.85 -53.51 11.42
CA GLU I 108 -18.36 -54.68 10.72
C GLU I 108 -19.49 -55.34 9.96
N ILE I 109 -19.18 -55.90 8.80
CA ILE I 109 -20.07 -56.76 8.03
C ILE I 109 -19.39 -58.12 7.97
N PHE I 110 -20.11 -59.16 8.37
CA PHE I 110 -19.55 -60.48 8.54
C PHE I 110 -20.62 -61.52 8.22
N ASN I 111 -20.16 -62.73 7.87
CA ASN I 111 -21.04 -63.84 7.50
C ASN I 111 -21.94 -63.48 6.32
N VAL I 112 -21.32 -63.00 5.24
CA VAL I 112 -22.06 -62.67 4.03
C VAL I 112 -22.53 -63.96 3.37
N VAL I 113 -23.78 -63.97 2.93
CA VAL I 113 -24.36 -65.05 2.16
C VAL I 113 -25.01 -64.45 0.92
N LEU I 114 -24.82 -65.11 -0.22
CA LEU I 114 -25.40 -64.71 -1.50
C LEU I 114 -26.19 -65.88 -2.04
N LYS I 115 -27.43 -65.64 -2.45
CA LYS I 115 -28.34 -66.67 -2.93
C LYS I 115 -29.03 -66.24 -4.22
N THR I 116 -29.11 -67.17 -5.16
CA THR I 116 -29.90 -67.04 -6.37
C THR I 116 -31.27 -67.68 -6.16
N VAL I 117 -32.29 -67.08 -6.76
CA VAL I 117 -33.64 -67.65 -6.79
C VAL I 117 -33.85 -68.23 -8.18
N SER I 118 -34.35 -69.46 -8.23
CA SER I 118 -34.77 -70.11 -9.46
C SER I 118 -36.21 -70.55 -9.31
N GLU I 119 -36.91 -70.60 -10.43
CA GLU I 119 -38.33 -70.96 -10.45
C GLU I 119 -38.69 -71.71 -11.73
N THR I 126 -43.31 -73.03 -8.25
CA THR I 126 -42.39 -73.35 -7.12
C THR I 126 -41.06 -72.62 -7.27
N LYS I 127 -40.37 -72.45 -6.14
CA LYS I 127 -39.09 -71.77 -6.08
C LYS I 127 -38.06 -72.65 -5.40
N VAL I 128 -36.81 -72.52 -5.84
CA VAL I 128 -35.67 -73.20 -5.24
C VAL I 128 -34.52 -72.21 -5.15
N TYR I 129 -33.82 -72.24 -4.02
CA TYR I 129 -32.81 -71.26 -3.67
C TYR I 129 -31.44 -71.90 -3.73
N ASN I 130 -30.52 -71.25 -4.43
CA ASN I 130 -29.19 -71.77 -4.72
C ASN I 130 -28.15 -70.80 -4.20
N ASN I 131 -27.15 -71.32 -3.51
CA ASN I 131 -26.06 -70.48 -3.03
C ASN I 131 -25.13 -70.13 -4.18
N ASP I 132 -24.79 -68.84 -4.30
CA ASP I 132 -23.87 -68.33 -5.30
C ASP I 132 -22.52 -68.11 -4.63
N LEU I 133 -21.73 -69.18 -4.58
CA LEU I 133 -20.47 -69.13 -3.86
C LEU I 133 -19.47 -68.17 -4.51
N THR I 134 -19.62 -67.91 -5.81
CA THR I 134 -18.73 -67.02 -6.53
C THR I 134 -19.19 -65.57 -6.53
N ALA I 135 -20.47 -65.30 -6.28
CA ALA I 135 -20.96 -63.93 -6.32
C ALA I 135 -20.43 -63.15 -5.12
N SER I 136 -20.68 -61.84 -5.14
CA SER I 136 -20.05 -60.93 -4.18
C SER I 136 -20.95 -59.76 -3.85
N LEU I 137 -20.73 -59.20 -2.66
CA LEU I 137 -21.44 -58.04 -2.15
C LEU I 137 -20.50 -56.86 -2.13
N MET I 138 -20.89 -55.76 -2.77
CA MET I 138 -20.08 -54.55 -2.77
C MET I 138 -20.35 -53.75 -1.51
N VAL I 139 -19.29 -53.28 -0.85
CA VAL I 139 -19.38 -52.50 0.37
C VAL I 139 -18.42 -51.33 0.25
N ALA I 140 -18.90 -50.14 0.61
CA ALA I 140 -18.12 -48.92 0.49
C ALA I 140 -18.34 -48.07 1.73
N LEU I 141 -17.25 -47.54 2.27
CA LEU I 141 -17.27 -46.65 3.43
C LEU I 141 -16.80 -45.28 2.98
N ASP I 142 -17.63 -44.27 3.20
CA ASP I 142 -17.26 -42.88 2.94
C ASP I 142 -16.50 -42.33 4.13
N SER I 143 -15.24 -42.75 4.23
CA SER I 143 -14.40 -42.35 5.35
C SER I 143 -14.17 -40.84 5.38
N ASN I 144 -14.12 -40.21 4.20
CA ASN I 144 -13.86 -38.78 4.09
C ASN I 144 -15.13 -37.93 3.99
N ASN I 145 -16.32 -38.54 4.05
CA ASN I 145 -17.59 -37.82 4.00
C ASN I 145 -17.72 -37.00 2.71
N THR I 146 -17.28 -37.58 1.60
CA THR I 146 -17.45 -36.92 0.31
C THR I 146 -18.90 -36.89 -0.13
N MET I 147 -19.68 -37.93 0.17
CA MET I 147 -21.06 -38.00 -0.25
C MET I 147 -21.94 -37.11 0.62
N PRO I 148 -23.12 -36.73 0.15
CA PRO I 148 -24.03 -35.98 1.02
C PRO I 148 -24.42 -36.76 2.25
N PHE I 149 -24.40 -36.10 3.40
CA PHE I 149 -24.79 -36.76 4.63
C PHE I 149 -26.29 -36.91 4.63
N THR I 150 -26.74 -38.14 4.84
CA THR I 150 -28.10 -38.56 4.51
C THR I 150 -28.66 -39.42 5.64
N PRO I 151 -28.86 -38.84 6.83
CA PRO I 151 -29.22 -39.66 7.99
C PRO I 151 -30.62 -40.21 7.89
N ALA I 152 -30.77 -41.49 8.23
CA ALA I 152 -31.99 -42.23 7.95
C ALA I 152 -33.05 -42.11 9.04
N ALA I 153 -32.69 -41.67 10.23
CA ALA I 153 -33.67 -41.57 11.31
C ALA I 153 -34.72 -40.51 11.03
N MET I 154 -34.40 -39.51 10.20
CA MET I 154 -35.36 -38.46 9.89
C MET I 154 -36.59 -39.00 9.19
N ARG I 155 -36.43 -40.04 8.38
CA ARG I 155 -37.54 -40.72 7.71
C ARG I 155 -37.94 -42.02 8.39
N SER I 156 -37.34 -42.38 9.51
CA SER I 156 -37.56 -43.67 10.16
C SER I 156 -37.19 -44.80 9.22
N GLU I 157 -35.91 -44.84 8.87
CA GLU I 157 -35.34 -45.84 7.98
C GLU I 157 -33.99 -46.38 8.48
N THR I 158 -33.70 -46.26 9.76
CA THR I 158 -32.53 -46.89 10.35
C THR I 158 -32.75 -48.39 10.46
N LEU I 159 -31.70 -49.10 10.88
CA LEU I 159 -31.78 -50.53 11.20
C LEU I 159 -32.83 -50.75 12.27
N GLY I 160 -33.37 -51.96 12.34
CA GLY I 160 -34.41 -52.24 13.30
C GLY I 160 -33.90 -52.18 14.72
N PHE I 161 -34.84 -52.05 15.65
CA PHE I 161 -34.54 -51.86 17.06
C PHE I 161 -34.61 -53.16 17.87
N TYR I 162 -34.94 -54.30 17.25
CA TYR I 162 -35.02 -55.61 17.90
C TYR I 162 -33.85 -56.47 17.43
N PRO I 163 -33.02 -57.03 18.32
CA PRO I 163 -31.93 -57.89 17.83
C PRO I 163 -32.38 -59.13 17.09
N TRP I 164 -33.52 -59.71 17.44
CA TRP I 164 -33.89 -61.04 16.96
C TRP I 164 -34.71 -61.04 15.68
N LYS I 165 -34.95 -59.87 15.05
CA LYS I 165 -35.67 -59.76 13.80
C LYS I 165 -34.72 -59.33 12.69
N PRO I 166 -34.75 -59.91 11.50
CA PRO I 166 -33.96 -59.34 10.41
C PRO I 166 -34.43 -57.94 10.03
N THR I 167 -33.52 -57.20 9.42
CA THR I 167 -33.76 -55.84 8.98
C THR I 167 -33.28 -55.72 7.55
N ILE I 168 -33.62 -54.59 6.94
CA ILE I 168 -33.31 -54.30 5.54
C ILE I 168 -32.67 -52.91 5.48
N PRO I 169 -31.75 -52.62 4.56
CA PRO I 169 -31.22 -51.27 4.47
C PRO I 169 -32.06 -50.40 3.54
N THR I 170 -32.00 -49.11 3.79
CA THR I 170 -32.79 -48.15 3.00
C THR I 170 -32.17 -47.97 1.61
N PRO I 171 -32.95 -48.00 0.53
CA PRO I 171 -32.37 -47.59 -0.76
C PRO I 171 -31.99 -46.12 -0.75
N TRP I 172 -30.76 -45.85 -1.15
CA TRP I 172 -30.15 -44.56 -0.93
C TRP I 172 -30.49 -43.58 -2.05
N ARG I 173 -30.64 -42.32 -1.67
CA ARG I 173 -30.94 -41.24 -2.59
C ARG I 173 -30.53 -39.94 -1.94
N TYR I 174 -30.19 -38.95 -2.77
CA TYR I 174 -29.86 -37.62 -2.26
C TYR I 174 -30.46 -36.54 -3.15
N TYR I 175 -30.62 -35.35 -2.58
CA TYR I 175 -31.26 -34.25 -3.30
C TYR I 175 -30.38 -33.74 -4.43
N PHE I 176 -30.97 -33.66 -5.60
CA PHE I 176 -30.45 -32.87 -6.71
C PHE I 176 -31.04 -31.48 -6.61
N GLN I 177 -30.42 -30.52 -7.28
CA GLN I 177 -30.89 -29.14 -7.18
C GLN I 177 -32.08 -28.90 -8.08
N TRP I 178 -33.03 -28.15 -7.56
CA TRP I 178 -34.17 -27.68 -8.33
C TRP I 178 -34.46 -26.26 -7.92
N ASP I 179 -35.19 -25.57 -8.78
CA ASP I 179 -35.62 -24.21 -8.57
C ASP I 179 -37.14 -24.20 -8.69
N ARG I 180 -37.82 -23.63 -7.70
CA ARG I 180 -39.27 -23.73 -7.63
C ARG I 180 -39.82 -22.59 -6.81
N THR I 181 -40.99 -22.10 -7.20
CA THR I 181 -41.69 -21.03 -6.49
C THR I 181 -43.16 -21.40 -6.37
N LEU I 182 -43.75 -21.07 -5.22
CA LEU I 182 -45.12 -21.41 -4.89
C LEU I 182 -45.68 -20.25 -4.09
N ILE I 183 -46.35 -19.32 -4.78
CA ILE I 183 -46.88 -18.14 -4.13
C ILE I 183 -48.05 -18.58 -3.27
N PRO I 184 -48.09 -18.29 -1.97
CA PRO I 184 -49.16 -18.87 -1.15
C PRO I 184 -50.51 -18.23 -1.42
N SER I 185 -51.55 -18.96 -1.04
CA SER I 185 -52.93 -18.52 -1.23
C SER I 185 -53.82 -19.23 -0.22
N HIS I 186 -54.99 -18.64 0.02
CA HIS I 186 -55.98 -19.18 0.94
C HIS I 186 -57.20 -19.71 0.19
N THR I 187 -58.04 -20.44 0.92
CA THR I 187 -59.32 -20.86 0.39
C THR I 187 -60.14 -19.64 0.03
N GLY I 188 -60.68 -19.61 -1.18
CA GLY I 188 -61.38 -18.45 -1.67
C GLY I 188 -60.51 -17.40 -2.31
N THR I 189 -59.27 -17.72 -2.67
CA THR I 189 -58.45 -16.79 -3.43
C THR I 189 -59.02 -16.66 -4.84
N SER I 190 -58.81 -15.48 -5.43
CA SER I 190 -59.46 -15.12 -6.69
C SER I 190 -59.09 -16.04 -7.84
N GLY I 191 -57.87 -16.57 -7.85
CA GLY I 191 -57.44 -17.35 -9.00
C GLY I 191 -56.23 -18.19 -8.68
N THR I 192 -55.76 -18.89 -9.70
CA THR I 192 -54.66 -19.83 -9.57
C THR I 192 -53.37 -19.08 -9.20
N PRO I 193 -52.72 -19.38 -8.08
CA PRO I 193 -51.45 -18.71 -7.79
C PRO I 193 -50.34 -19.19 -8.69
N THR I 194 -49.25 -18.44 -8.68
CA THR I 194 -48.04 -18.81 -9.40
C THR I 194 -47.47 -20.07 -8.76
N ASN I 195 -47.39 -21.15 -9.54
CA ASN I 195 -46.98 -22.45 -9.03
C ASN I 195 -46.32 -23.21 -10.19
N ILE I 196 -44.99 -23.16 -10.23
CA ILE I 196 -44.24 -23.73 -11.34
C ILE I 196 -42.87 -24.23 -10.86
N TYR I 197 -42.32 -25.15 -11.65
CA TYR I 197 -41.00 -25.74 -11.42
C TYR I 197 -40.08 -25.24 -12.52
N HIS I 198 -38.98 -24.59 -12.14
CA HIS I 198 -38.15 -23.87 -13.08
C HIS I 198 -37.10 -24.74 -13.76
N GLY I 199 -36.85 -25.95 -13.29
CA GLY I 199 -35.72 -26.73 -13.74
C GLY I 199 -34.62 -26.71 -12.71
N THR I 200 -33.38 -26.47 -13.16
CA THR I 200 -32.24 -26.45 -12.26
C THR I 200 -31.17 -25.49 -12.76
N ASP I 201 -30.40 -24.98 -11.82
CA ASP I 201 -29.31 -24.04 -12.10
C ASP I 201 -28.07 -24.80 -12.53
N PRO I 202 -27.40 -24.44 -13.63
CA PRO I 202 -26.11 -25.07 -13.91
C PRO I 202 -25.07 -24.87 -12.83
N ASP I 203 -25.11 -23.77 -12.09
CA ASP I 203 -24.11 -23.51 -11.07
C ASP I 203 -24.16 -24.49 -9.91
N ASP I 204 -25.31 -25.13 -9.69
CA ASP I 204 -25.55 -25.97 -8.52
C ASP I 204 -25.63 -27.45 -8.83
N VAL I 205 -25.33 -27.88 -10.05
CA VAL I 205 -25.39 -29.28 -10.39
C VAL I 205 -24.30 -30.01 -9.61
N GLN I 206 -24.69 -31.07 -8.90
CA GLN I 206 -23.74 -31.94 -8.20
C GLN I 206 -24.23 -33.37 -8.32
N PHE I 207 -23.67 -34.09 -9.29
CA PHE I 207 -23.97 -35.50 -9.50
C PHE I 207 -22.86 -36.34 -8.90
N TYR I 208 -23.17 -37.01 -7.79
CA TYR I 208 -22.23 -37.85 -7.06
C TYR I 208 -22.50 -39.31 -7.38
N THR I 209 -21.43 -40.10 -7.37
CA THR I 209 -21.53 -41.54 -7.56
C THR I 209 -20.61 -42.24 -6.57
N ILE I 210 -21.08 -43.36 -6.04
CA ILE I 210 -20.30 -44.13 -5.08
C ILE I 210 -19.02 -44.61 -5.74
N GLU I 211 -19.10 -45.00 -7.01
CA GLU I 211 -17.97 -45.67 -7.64
C GLU I 211 -16.78 -44.73 -7.81
N ASN I 212 -17.03 -43.47 -8.16
CA ASN I 212 -15.94 -42.51 -8.35
C ASN I 212 -15.49 -41.85 -7.06
N SER I 213 -16.27 -41.94 -5.99
CA SER I 213 -15.99 -41.19 -4.78
C SER I 213 -15.17 -41.98 -3.77
N VAL I 214 -15.40 -43.28 -3.64
CA VAL I 214 -14.87 -44.09 -2.54
C VAL I 214 -14.38 -45.42 -3.09
N PRO I 215 -13.45 -46.08 -2.39
CA PRO I 215 -13.14 -47.47 -2.77
C PRO I 215 -14.30 -48.38 -2.44
N VAL I 216 -14.47 -49.41 -3.26
CA VAL I 216 -15.56 -50.38 -3.11
C VAL I 216 -14.93 -51.74 -2.91
N HIS I 217 -15.15 -52.34 -1.74
CA HIS I 217 -14.69 -53.68 -1.47
C HIS I 217 -15.74 -54.69 -1.90
N LEU I 218 -15.27 -55.78 -2.53
CA LEU I 218 -16.13 -56.88 -2.93
C LEU I 218 -15.93 -58.02 -1.94
N LEU I 219 -17.02 -58.48 -1.34
CA LEU I 219 -17.00 -59.51 -0.31
C LEU I 219 -17.76 -60.72 -0.82
N ARG I 220 -17.09 -61.87 -0.93
CA ARG I 220 -17.74 -63.05 -1.50
C ARG I 220 -18.53 -63.86 -0.48
N THR I 221 -17.85 -64.66 0.35
CA THR I 221 -18.51 -65.39 1.44
C THR I 221 -17.67 -65.40 2.70
N GLY I 222 -16.37 -65.60 2.55
CA GLY I 222 -15.45 -65.61 3.67
C GLY I 222 -14.97 -64.25 4.11
N ASP I 223 -15.28 -63.21 3.35
CA ASP I 223 -14.68 -61.91 3.60
C ASP I 223 -15.39 -61.18 4.71
N GLU I 224 -14.65 -60.29 5.36
CA GLU I 224 -15.17 -59.34 6.33
C GLU I 224 -14.79 -57.94 5.89
N PHE I 225 -15.63 -56.98 6.23
CA PHE I 225 -15.31 -55.57 6.16
C PHE I 225 -15.36 -55.06 7.59
N ALA I 226 -14.39 -54.23 7.95
CA ALA I 226 -14.27 -53.73 9.32
C ALA I 226 -13.88 -52.27 9.26
N THR I 227 -14.82 -51.40 9.62
CA THR I 227 -14.54 -49.99 9.77
C THR I 227 -13.74 -49.79 11.05
N GLY I 228 -12.58 -49.16 10.93
CA GLY I 228 -11.82 -48.83 12.12
C GLY I 228 -12.55 -47.85 13.00
N THR I 229 -12.13 -47.79 14.26
CA THR I 229 -12.79 -46.96 15.27
C THR I 229 -12.73 -45.48 14.94
N PHE I 230 -13.87 -44.91 14.59
CA PHE I 230 -14.05 -43.46 14.57
C PHE I 230 -14.10 -42.97 16.00
N PHE I 231 -13.45 -41.83 16.27
CA PHE I 231 -13.45 -41.21 17.58
C PHE I 231 -14.08 -39.82 17.49
N PHE I 232 -15.12 -39.60 18.28
CA PHE I 232 -15.81 -38.33 18.33
C PHE I 232 -15.05 -37.37 19.23
N ASP I 233 -15.40 -36.09 19.11
CA ASP I 233 -14.97 -35.05 20.05
C ASP I 233 -16.14 -34.24 20.58
N CYS I 234 -17.35 -34.79 20.52
CA CYS I 234 -18.55 -34.00 20.75
C CYS I 234 -18.69 -33.61 22.22
N LYS I 235 -19.26 -32.43 22.43
CA LYS I 235 -19.52 -31.94 23.77
C LYS I 235 -20.65 -32.74 24.42
N PRO I 236 -20.73 -32.78 25.75
CA PRO I 236 -21.71 -33.66 26.41
C PRO I 236 -23.14 -33.29 26.16
N CYS I 237 -23.98 -34.32 26.04
CA CYS I 237 -25.41 -34.19 26.25
C CYS I 237 -25.68 -34.31 27.73
N ARG I 238 -26.63 -33.52 28.23
CA ARG I 238 -26.95 -33.47 29.65
C ARG I 238 -28.34 -34.04 29.84
N LEU I 239 -28.45 -35.04 30.71
CA LEU I 239 -29.70 -35.77 30.92
C LEU I 239 -30.50 -35.22 32.07
N THR I 240 -30.39 -33.93 32.36
CA THR I 240 -31.13 -33.29 33.44
C THR I 240 -31.65 -31.95 32.95
N HIS I 241 -32.95 -31.74 33.10
CA HIS I 241 -33.60 -30.56 32.56
C HIS I 241 -33.58 -29.41 33.54
N THR I 242 -33.70 -28.20 32.99
CA THR I 242 -33.77 -26.97 33.76
C THR I 242 -35.22 -26.50 33.80
N TRP I 243 -35.66 -26.07 34.98
CA TRP I 243 -37.02 -25.60 35.20
C TRP I 243 -37.13 -24.11 35.44
N GLN I 244 -36.04 -23.45 35.81
CA GLN I 244 -36.10 -22.04 36.18
C GLN I 244 -36.37 -21.20 34.95
N THR I 245 -37.57 -20.67 34.85
CA THR I 245 -37.87 -19.62 33.89
C THR I 245 -37.41 -18.30 34.48
N ASN I 246 -37.64 -17.21 33.73
CA ASN I 246 -37.15 -15.91 34.16
C ASN I 246 -37.78 -15.46 35.47
N ARG I 247 -39.02 -15.85 35.73
CA ARG I 247 -39.65 -15.46 36.98
C ARG I 247 -39.01 -16.08 38.19
N ALA I 248 -38.26 -17.18 38.03
CA ALA I 248 -37.70 -17.95 39.12
C ALA I 248 -36.17 -17.90 39.15
N LEU I 249 -35.57 -16.84 38.64
CA LEU I 249 -34.13 -16.60 38.75
C LEU I 249 -33.87 -15.55 39.81
N GLY I 250 -32.93 -15.83 40.70
CA GLY I 250 -32.45 -14.84 41.63
C GLY I 250 -33.13 -14.91 42.98
N LEU I 251 -32.91 -13.87 43.76
CA LEU I 251 -33.40 -13.82 45.13
C LEU I 251 -34.89 -13.50 45.13
N PRO I 252 -35.77 -14.29 45.76
CA PRO I 252 -37.15 -13.88 45.87
C PRO I 252 -37.31 -12.68 46.76
N PRO I 253 -38.43 -11.96 46.67
CA PRO I 253 -38.64 -10.83 47.58
C PRO I 253 -38.85 -11.32 49.00
N PHE I 254 -38.49 -10.48 49.96
CA PHE I 254 -38.66 -10.85 51.35
C PHE I 254 -40.13 -10.78 51.72
N LEU I 255 -40.57 -11.78 52.50
CA LEU I 255 -41.96 -11.88 52.93
C LEU I 255 -42.07 -11.48 54.39
N ASN I 256 -42.81 -10.41 54.65
CA ASN I 256 -43.05 -9.99 56.01
C ASN I 256 -44.19 -10.78 56.65
N SER I 257 -45.28 -10.97 55.92
CA SER I 257 -46.42 -11.76 56.39
C SER I 257 -46.20 -13.20 55.97
N LEU I 258 -45.88 -14.05 56.94
CA LEU I 258 -45.75 -15.49 56.75
C LEU I 258 -47.00 -16.19 57.27
N PRO I 259 -47.54 -17.24 56.63
CA PRO I 259 -48.80 -17.79 57.11
C PRO I 259 -48.66 -18.57 58.40
N GLN I 260 -49.25 -18.05 59.48
CA GLN I 260 -49.08 -18.60 60.80
C GLN I 260 -50.05 -19.74 61.12
N SER I 261 -50.98 -20.05 60.23
CA SER I 261 -51.75 -21.29 60.27
C SER I 261 -51.48 -22.04 58.98
N GLU I 262 -50.85 -23.20 59.10
CA GLU I 262 -50.36 -23.93 57.94
C GLU I 262 -51.56 -24.54 57.21
N GLY I 263 -51.69 -24.24 55.92
CA GLY I 263 -52.83 -24.68 55.13
C GLY I 263 -52.75 -24.18 53.70
N ALA I 264 -53.60 -24.73 52.84
CA ALA I 264 -53.51 -24.43 51.41
C ALA I 264 -53.89 -22.99 51.10
N THR I 265 -55.00 -22.51 51.66
CA THR I 265 -55.48 -21.17 51.33
C THR I 265 -54.65 -20.04 51.93
N ASN I 266 -53.77 -20.33 52.89
CA ASN I 266 -53.08 -19.30 53.65
C ASN I 266 -51.79 -18.90 52.93
N PHE I 267 -51.93 -17.93 52.03
CA PHE I 267 -50.78 -17.41 51.31
C PHE I 267 -49.96 -16.47 52.20
N GLY I 268 -48.71 -16.28 51.82
CA GLY I 268 -47.91 -15.22 52.38
C GLY I 268 -48.06 -13.95 51.58
N ASP I 269 -47.70 -12.82 52.18
CA ASP I 269 -47.87 -11.50 51.57
C ASP I 269 -46.57 -10.72 51.69
N ILE I 270 -46.13 -10.12 50.59
CA ILE I 270 -45.05 -9.15 50.65
C ILE I 270 -45.60 -7.93 51.39
N GLY I 271 -44.79 -7.39 52.30
CA GLY I 271 -45.33 -6.39 53.20
C GLY I 271 -45.55 -5.02 52.58
N VAL I 272 -44.81 -4.68 51.54
CA VAL I 272 -44.61 -3.29 51.11
C VAL I 272 -45.34 -3.06 49.79
N GLN I 273 -45.92 -1.88 49.66
CA GLN I 273 -46.67 -1.51 48.45
C GLN I 273 -45.74 -1.49 47.24
N GLN I 274 -46.32 -1.77 46.08
CA GLN I 274 -45.54 -2.16 44.90
C GLN I 274 -44.65 -1.03 44.41
N ASP I 275 -45.04 0.21 44.63
CA ASP I 275 -44.24 1.37 44.22
C ASP I 275 -43.30 1.87 45.31
N LYS I 276 -43.26 1.22 46.47
CA LYS I 276 -42.36 1.59 47.57
C LYS I 276 -41.34 0.50 47.91
N ARG I 277 -41.15 -0.48 47.02
CA ARG I 277 -40.18 -1.54 47.24
C ARG I 277 -38.82 -1.16 46.70
N ARG I 278 -37.78 -1.73 47.30
CA ARG I 278 -36.43 -1.62 46.80
C ARG I 278 -36.18 -2.69 45.75
N GLY I 279 -35.18 -2.45 44.91
CA GLY I 279 -34.76 -3.37 43.88
C GLY I 279 -34.32 -2.64 42.65
N VAL I 280 -34.19 -3.38 41.56
CA VAL I 280 -33.75 -2.86 40.27
C VAL I 280 -34.73 -3.35 39.21
N THR I 281 -35.23 -2.42 38.41
CA THR I 281 -36.01 -2.72 37.22
C THR I 281 -35.30 -2.12 36.02
N GLN I 282 -35.57 -2.69 34.85
CA GLN I 282 -35.05 -2.18 33.58
C GLN I 282 -36.06 -1.31 32.87
N MET I 283 -36.88 -0.59 33.65
CA MET I 283 -37.98 0.24 33.16
C MET I 283 -37.73 1.63 33.72
N GLY I 284 -37.04 2.45 32.94
CA GLY I 284 -36.46 3.68 33.42
C GLY I 284 -37.44 4.72 33.91
N ASN I 285 -38.73 4.58 33.57
CA ASN I 285 -39.76 5.55 33.92
C ASN I 285 -40.83 4.98 34.84
N THR I 286 -40.63 3.78 35.39
CA THR I 286 -41.63 3.04 36.14
C THR I 286 -41.10 2.83 37.54
N ASN I 287 -41.86 3.26 38.54
CA ASN I 287 -41.47 3.06 39.93
C ASN I 287 -41.94 1.73 40.50
N TYR I 288 -42.81 1.00 39.82
CA TYR I 288 -43.35 -0.25 40.37
C TYR I 288 -42.33 -1.36 40.18
N ILE I 289 -41.93 -1.99 41.28
CA ILE I 289 -41.04 -3.15 41.27
C ILE I 289 -41.90 -4.36 41.60
N THR I 290 -42.06 -5.22 40.62
CA THR I 290 -42.89 -6.41 40.70
C THR I 290 -42.07 -7.57 40.14
N GLU I 291 -42.53 -8.79 40.36
CA GLU I 291 -41.80 -9.94 39.84
C GLU I 291 -41.78 -9.97 38.32
N ALA I 292 -42.75 -9.31 37.66
CA ALA I 292 -42.71 -9.19 36.22
C ALA I 292 -41.67 -8.18 35.77
N THR I 293 -41.50 -7.10 36.52
CA THR I 293 -40.67 -5.98 36.12
C THR I 293 -39.23 -6.08 36.60
N ILE I 294 -38.95 -6.85 37.66
CA ILE I 294 -37.63 -6.81 38.27
C ILE I 294 -36.61 -7.44 37.34
N MET I 295 -35.39 -6.92 37.39
CA MET I 295 -34.36 -7.20 36.39
C MET I 295 -33.69 -8.54 36.68
N ARG I 296 -33.97 -9.52 35.85
CA ARG I 296 -33.30 -10.81 35.90
C ARG I 296 -32.00 -10.75 35.10
N PRO I 297 -31.08 -11.69 35.30
CA PRO I 297 -29.78 -11.57 34.62
C PRO I 297 -29.84 -11.69 33.12
N ALA I 298 -30.66 -12.58 32.60
CA ALA I 298 -30.75 -12.77 31.17
C ALA I 298 -32.07 -13.49 30.89
N GLU I 299 -32.28 -13.87 29.64
CA GLU I 299 -33.56 -14.37 29.16
C GLU I 299 -33.42 -15.85 28.88
N VAL I 300 -34.30 -16.65 29.49
CA VAL I 300 -34.36 -18.08 29.25
C VAL I 300 -35.36 -18.32 28.14
N GLY I 301 -34.90 -18.92 27.06
CA GLY I 301 -35.76 -19.23 25.95
C GLY I 301 -35.97 -18.04 25.04
N TYR I 302 -36.79 -18.25 24.03
CA TYR I 302 -37.17 -17.17 23.15
C TYR I 302 -38.47 -17.51 22.46
N SER I 303 -39.26 -16.49 22.18
CA SER I 303 -40.46 -16.63 21.38
C SER I 303 -40.10 -16.50 19.91
N ALA I 304 -40.71 -17.35 19.09
CA ALA I 304 -40.41 -17.48 17.68
C ALA I 304 -41.71 -17.44 16.89
N PRO I 305 -41.68 -17.05 15.62
CA PRO I 305 -42.94 -17.00 14.87
C PRO I 305 -43.46 -18.38 14.57
N TYR I 306 -44.54 -18.80 15.24
CA TYR I 306 -44.92 -20.21 15.22
C TYR I 306 -45.75 -20.53 13.99
N TYR I 307 -45.40 -21.65 13.35
CA TYR I 307 -45.98 -22.09 12.08
C TYR I 307 -45.79 -21.00 11.03
N SER I 308 -44.54 -20.60 10.89
CA SER I 308 -44.09 -19.67 9.86
C SER I 308 -43.39 -20.47 8.79
N PHE I 309 -43.85 -20.33 7.55
CA PHE I 309 -43.24 -20.96 6.39
C PHE I 309 -42.52 -19.90 5.59
N GLU I 310 -41.24 -20.16 5.30
CA GLU I 310 -40.38 -19.26 4.57
C GLU I 310 -39.93 -19.92 3.28
N ALA I 311 -39.77 -19.11 2.24
CA ALA I 311 -39.45 -19.58 0.91
C ALA I 311 -38.08 -19.10 0.48
N SER I 312 -37.43 -19.92 -0.34
CA SER I 312 -36.30 -19.53 -1.14
C SER I 312 -36.36 -20.40 -2.39
N THR I 313 -35.23 -20.57 -3.08
CA THR I 313 -35.21 -21.14 -4.43
C THR I 313 -35.84 -22.52 -4.51
N GLN I 314 -35.85 -23.29 -3.41
CA GLN I 314 -36.31 -24.67 -3.41
C GLN I 314 -37.65 -24.85 -2.73
N GLY I 315 -38.44 -23.79 -2.58
CA GLY I 315 -39.79 -23.88 -2.12
C GLY I 315 -39.94 -23.53 -0.66
N PRO I 316 -41.16 -23.57 -0.15
CA PRO I 316 -41.41 -23.21 1.25
C PRO I 316 -41.04 -24.30 2.23
N PHE I 317 -40.69 -23.88 3.44
CA PHE I 317 -40.34 -24.79 4.53
C PHE I 317 -40.62 -24.12 5.87
N LYS I 318 -40.96 -24.94 6.87
CA LYS I 318 -41.17 -24.43 8.21
C LYS I 318 -39.86 -23.95 8.82
N THR I 319 -39.91 -22.82 9.49
CA THR I 319 -38.79 -22.39 10.32
C THR I 319 -38.74 -23.25 11.59
N PRO I 320 -37.66 -23.96 11.87
CA PRO I 320 -37.64 -24.77 13.09
C PRO I 320 -37.49 -23.92 14.33
N ILE I 321 -37.90 -24.48 15.47
CA ILE I 321 -37.91 -23.81 16.76
C ILE I 321 -37.10 -24.66 17.73
N ALA I 322 -36.41 -24.00 18.66
CA ALA I 322 -35.55 -24.73 19.58
C ALA I 322 -36.34 -25.47 20.66
N ALA I 323 -37.47 -24.92 21.08
CA ALA I 323 -38.21 -25.44 22.22
C ALA I 323 -39.69 -25.19 22.03
N GLY I 324 -40.49 -25.84 22.87
CA GLY I 324 -41.92 -25.69 22.82
C GLY I 324 -42.51 -25.72 24.22
N ARG I 325 -43.78 -25.38 24.30
CA ARG I 325 -44.50 -25.33 25.57
C ARG I 325 -44.53 -26.71 26.22
N ALA I 336 -48.85 -28.98 20.98
CA ALA I 336 -48.25 -27.63 20.90
C ALA I 336 -47.32 -27.50 19.69
N ASP I 337 -46.92 -26.27 19.39
CA ASP I 337 -45.86 -26.04 18.43
C ASP I 337 -44.51 -26.42 19.03
N GLY I 338 -43.55 -26.67 18.15
CA GLY I 338 -42.18 -26.89 18.58
C GLY I 338 -41.83 -28.28 19.05
N ASN I 339 -42.72 -28.96 19.76
CA ASN I 339 -42.42 -30.29 20.24
C ASN I 339 -42.37 -31.26 19.07
N PRO I 340 -41.32 -32.07 18.92
CA PRO I 340 -41.24 -32.94 17.74
C PRO I 340 -42.29 -34.04 17.76
N ARG I 341 -42.71 -34.44 16.56
CA ARG I 341 -43.65 -35.55 16.37
C ARG I 341 -42.99 -36.58 15.48
N TYR I 342 -42.85 -37.80 16.00
CA TYR I 342 -42.21 -38.91 15.32
C TYR I 342 -43.28 -39.87 14.84
N ALA I 343 -43.26 -40.18 13.55
CA ALA I 343 -44.12 -41.19 12.95
C ALA I 343 -43.22 -42.30 12.43
N PHE I 344 -43.56 -43.54 12.76
CA PHE I 344 -42.63 -44.65 12.64
C PHE I 344 -43.38 -45.95 12.43
N GLY I 345 -42.65 -46.95 11.93
CA GLY I 345 -43.21 -48.20 11.50
C GLY I 345 -42.90 -49.36 12.44
N ARG I 346 -43.02 -50.57 11.89
CA ARG I 346 -42.99 -51.77 12.72
C ARG I 346 -41.58 -52.21 13.06
N GLN I 347 -40.59 -51.89 12.22
CA GLN I 347 -39.21 -52.12 12.62
C GLN I 347 -38.77 -51.21 13.76
N HIS I 348 -39.46 -50.08 13.97
CA HIS I 348 -38.96 -48.99 14.80
C HIS I 348 -39.90 -48.62 15.93
N GLY I 349 -40.73 -49.55 16.40
CA GLY I 349 -41.47 -49.38 17.64
C GLY I 349 -42.93 -49.74 17.60
N GLN I 350 -43.57 -49.63 16.44
CA GLN I 350 -44.97 -49.98 16.33
C GLN I 350 -45.13 -51.47 16.57
N LYS I 351 -46.30 -51.84 17.09
CA LYS I 351 -46.54 -53.23 17.47
C LYS I 351 -46.50 -54.11 16.24
N THR I 352 -45.57 -55.07 16.27
CA THR I 352 -45.17 -55.76 15.05
C THR I 352 -46.28 -56.62 14.46
N THR I 353 -47.31 -56.94 15.23
CA THR I 353 -48.43 -57.76 14.76
C THR I 353 -49.65 -56.93 14.38
N THR I 354 -49.53 -55.60 14.30
CA THR I 354 -50.59 -54.79 13.71
C THR I 354 -50.61 -55.00 12.20
N THR I 355 -51.81 -54.96 11.62
CA THR I 355 -52.00 -55.21 10.20
C THR I 355 -52.01 -53.94 9.36
N GLY I 356 -52.32 -52.80 9.96
CA GLY I 356 -52.58 -51.61 9.18
C GLY I 356 -51.32 -50.99 8.61
N GLU I 357 -51.53 -50.17 7.58
CA GLU I 357 -50.46 -49.35 7.00
C GLU I 357 -50.24 -48.06 7.76
N THR I 358 -51.15 -47.66 8.65
CA THR I 358 -51.02 -46.38 9.33
C THR I 358 -49.84 -46.43 10.29
N PRO I 359 -48.96 -45.43 10.32
CA PRO I 359 -47.86 -45.46 11.29
C PRO I 359 -48.32 -45.12 12.69
N GLU I 360 -47.52 -45.55 13.66
CA GLU I 360 -47.68 -45.13 15.03
C GLU I 360 -47.02 -43.76 15.21
N ARG I 361 -47.61 -42.94 16.07
CA ARG I 361 -47.18 -41.57 16.26
C ARG I 361 -47.17 -41.22 17.74
N PHE I 362 -46.18 -40.42 18.12
CA PHE I 362 -46.21 -39.72 19.39
C PHE I 362 -45.60 -38.35 19.16
N THR I 363 -45.86 -37.44 20.09
CA THR I 363 -45.18 -36.16 20.16
C THR I 363 -44.47 -36.06 21.51
N TYR I 364 -43.20 -35.67 21.47
CA TYR I 364 -42.35 -35.68 22.64
C TYR I 364 -42.59 -34.40 23.42
N ILE I 365 -43.34 -34.51 24.51
CA ILE I 365 -43.56 -33.39 25.40
C ILE I 365 -42.36 -33.32 26.34
N ALA I 366 -41.34 -32.56 25.95
CA ALA I 366 -40.12 -32.48 26.73
C ALA I 366 -40.40 -31.83 28.08
N HIS I 367 -39.56 -32.18 29.05
CA HIS I 367 -39.74 -31.68 30.40
C HIS I 367 -39.31 -30.23 30.57
N GLN I 368 -38.36 -29.77 29.78
CA GLN I 368 -37.73 -28.48 30.06
C GLN I 368 -38.68 -27.33 29.78
N ASP I 369 -38.63 -26.32 30.65
CA ASP I 369 -39.52 -25.17 30.60
C ASP I 369 -38.93 -24.00 29.82
N THR I 370 -38.04 -24.26 28.87
CA THR I 370 -37.47 -23.19 28.07
C THR I 370 -38.45 -22.58 27.08
N GLY I 371 -39.61 -23.20 26.86
CA GLY I 371 -40.56 -22.71 25.89
C GLY I 371 -41.33 -21.52 26.40
N ARG I 372 -42.24 -21.05 25.55
CA ARG I 372 -43.10 -19.92 25.82
C ARG I 372 -44.55 -20.30 25.61
N TYR I 373 -45.42 -19.66 26.39
CA TYR I 373 -46.86 -19.83 26.34
C TYR I 373 -47.43 -18.59 25.67
N PRO I 374 -47.60 -18.57 24.34
CA PRO I 374 -47.88 -17.29 23.66
C PRO I 374 -49.21 -16.66 24.00
N GLU I 375 -50.14 -17.41 24.60
CA GLU I 375 -51.42 -16.81 24.97
C GLU I 375 -51.31 -15.80 26.11
N GLY I 376 -50.19 -15.77 26.84
CA GLY I 376 -49.97 -14.86 27.95
C GLY I 376 -49.12 -13.65 27.66
N ASP I 377 -48.58 -13.53 26.46
CA ASP I 377 -47.70 -12.42 26.12
C ASP I 377 -48.51 -11.16 25.83
N TRP I 378 -47.87 -10.02 26.01
CA TRP I 378 -48.43 -8.76 25.54
C TRP I 378 -47.30 -7.76 25.43
N ILE I 379 -47.56 -6.69 24.69
CA ILE I 379 -46.71 -5.52 24.63
C ILE I 379 -47.59 -4.35 25.03
N GLN I 380 -47.05 -3.45 25.87
CA GLN I 380 -47.78 -2.25 26.26
C GLN I 380 -46.89 -1.03 26.10
N ASN I 381 -47.57 0.11 26.00
CA ASN I 381 -46.93 1.35 25.59
C ASN I 381 -45.88 1.79 26.59
N ILE I 382 -44.90 2.53 26.09
CA ILE I 382 -43.76 2.96 26.89
C ILE I 382 -44.19 3.80 28.08
N ASN I 383 -45.30 4.52 27.98
CA ASN I 383 -45.71 5.39 29.07
C ASN I 383 -46.08 4.61 30.32
N PHE I 384 -46.55 3.38 30.17
CA PHE I 384 -46.84 2.49 31.29
C PHE I 384 -47.89 3.08 32.22
N ASN I 385 -48.95 3.63 31.63
CA ASN I 385 -50.14 3.92 32.42
C ASN I 385 -50.70 2.59 32.88
N LEU I 386 -50.83 2.41 34.20
CA LEU I 386 -50.69 1.06 34.75
C LEU I 386 -51.93 0.20 34.53
N PRO I 387 -53.17 0.62 34.89
CA PRO I 387 -54.34 -0.13 34.41
C PRO I 387 -54.61 0.20 32.94
N VAL I 388 -54.00 -0.58 32.05
CA VAL I 388 -53.84 -0.18 30.66
C VAL I 388 -55.19 -0.02 29.95
N THR I 389 -55.32 1.05 29.19
CA THR I 389 -56.44 1.22 28.29
C THR I 389 -56.24 0.37 27.05
N ASN I 390 -57.30 0.24 26.26
CA ASN I 390 -57.24 -0.64 25.10
C ASN I 390 -56.20 -0.17 24.09
N ASP I 391 -56.14 1.14 23.84
CA ASP I 391 -55.23 1.65 22.83
C ASP I 391 -53.76 1.49 23.19
N ASN I 392 -53.44 1.23 24.46
CA ASN I 392 -52.07 1.19 24.95
C ASN I 392 -51.50 -0.21 25.11
N VAL I 393 -52.21 -1.25 24.68
CA VAL I 393 -51.75 -2.64 24.83
C VAL I 393 -52.14 -3.43 23.60
N LEU I 394 -51.27 -4.37 23.23
CA LEU I 394 -51.50 -5.28 22.11
C LEU I 394 -51.44 -6.69 22.67
N LEU I 395 -52.57 -7.36 22.66
CA LEU I 395 -52.79 -8.64 23.29
C LEU I 395 -52.76 -9.75 22.27
N PRO I 396 -52.71 -11.02 22.69
CA PRO I 396 -52.82 -12.10 21.70
C PRO I 396 -54.21 -12.29 21.15
N THR I 397 -55.23 -11.68 21.76
CA THR I 397 -56.57 -11.66 21.19
C THR I 397 -56.69 -10.68 20.03
N ASP I 398 -55.80 -9.70 19.92
CA ASP I 398 -55.96 -8.64 18.94
C ASP I 398 -55.53 -9.12 17.54
N PRO I 399 -56.24 -8.75 16.46
CA PRO I 399 -55.74 -9.08 15.13
C PRO I 399 -54.43 -8.40 14.79
N ILE I 400 -53.76 -8.95 13.79
CA ILE I 400 -52.72 -8.26 13.06
C ILE I 400 -52.95 -8.53 11.59
N GLY I 401 -52.83 -7.50 10.77
CA GLY I 401 -53.13 -7.65 9.37
C GLY I 401 -54.59 -7.80 9.04
N GLY I 402 -55.49 -7.53 9.99
CA GLY I 402 -56.91 -7.72 9.79
C GLY I 402 -57.40 -9.13 9.91
N LYS I 403 -56.53 -10.10 10.15
CA LYS I 403 -56.91 -11.50 10.25
C LYS I 403 -57.28 -11.81 11.69
N THR I 404 -58.42 -12.46 11.88
CA THR I 404 -58.84 -12.78 13.24
C THR I 404 -58.05 -13.94 13.84
N GLY I 405 -57.59 -14.87 13.02
CA GLY I 405 -56.91 -16.03 13.55
C GLY I 405 -55.44 -15.80 13.86
N ILE I 406 -54.83 -14.81 13.23
CA ILE I 406 -53.41 -14.51 13.41
C ILE I 406 -53.31 -13.29 14.32
N ASN I 407 -52.50 -13.41 15.36
CA ASN I 407 -52.23 -12.35 16.32
C ASN I 407 -50.74 -12.04 16.30
N TYR I 408 -50.34 -11.08 17.12
CA TYR I 408 -48.99 -10.53 17.00
C TYR I 408 -47.93 -11.56 17.36
N THR I 409 -48.24 -12.50 18.25
CA THR I 409 -47.26 -13.48 18.67
C THR I 409 -46.84 -14.40 17.53
N ASN I 410 -47.68 -14.54 16.51
CA ASN I 410 -47.33 -15.36 15.36
C ASN I 410 -46.16 -14.78 14.57
N ILE I 411 -45.96 -13.46 14.60
CA ILE I 411 -44.88 -12.80 13.85
C ILE I 411 -43.76 -12.31 14.76
N PHE I 412 -43.75 -12.69 16.03
CA PHE I 412 -42.87 -12.10 17.03
C PHE I 412 -41.60 -12.93 17.14
N ASN I 413 -40.48 -12.24 17.36
CA ASN I 413 -39.20 -12.92 17.51
C ASN I 413 -38.37 -12.16 18.55
N THR I 414 -38.17 -12.78 19.70
CA THR I 414 -37.46 -12.18 20.83
C THR I 414 -36.10 -12.81 21.07
N TYR I 415 -35.57 -13.56 20.11
CA TYR I 415 -34.18 -13.96 20.20
C TYR I 415 -33.30 -12.73 20.25
N GLY I 416 -32.28 -12.79 21.07
CA GLY I 416 -31.46 -11.65 21.33
C GLY I 416 -30.15 -12.08 21.94
N PRO I 417 -29.31 -11.10 22.27
CA PRO I 417 -28.03 -11.44 22.89
C PRO I 417 -28.16 -12.02 24.28
N LEU I 418 -29.29 -11.85 24.95
CA LEU I 418 -29.50 -12.35 26.30
C LEU I 418 -30.17 -13.71 26.34
N THR I 419 -30.47 -14.32 25.20
CA THR I 419 -31.19 -15.58 25.18
C THR I 419 -30.30 -16.73 25.65
N ALA I 420 -30.84 -17.54 26.56
CA ALA I 420 -30.23 -18.78 27.01
C ALA I 420 -31.12 -19.95 26.61
N LEU I 421 -30.49 -21.05 26.17
CA LEU I 421 -31.22 -22.15 25.57
C LEU I 421 -30.50 -23.46 25.86
N ASN I 422 -31.25 -24.55 25.76
CA ASN I 422 -30.77 -25.89 26.00
C ASN I 422 -30.69 -26.68 24.71
N ASN I 423 -29.74 -27.60 24.66
CA ASN I 423 -29.66 -28.54 23.55
C ASN I 423 -30.83 -29.50 23.62
N VAL I 424 -31.19 -30.07 22.48
CA VAL I 424 -32.43 -30.85 22.41
C VAL I 424 -32.28 -32.13 23.19
N PRO I 425 -33.33 -32.65 23.85
CA PRO I 425 -33.17 -33.87 24.62
C PRO I 425 -33.00 -35.06 23.71
N PRO I 426 -32.37 -36.14 24.19
CA PRO I 426 -32.43 -37.40 23.44
C PRO I 426 -33.82 -38.01 23.51
N VAL I 427 -34.33 -38.43 22.35
CA VAL I 427 -35.64 -39.04 22.23
C VAL I 427 -35.44 -40.52 21.99
N TYR I 428 -35.63 -41.34 23.02
CA TYR I 428 -35.60 -42.78 22.82
C TYR I 428 -36.93 -43.25 22.23
N PRO I 429 -36.94 -44.23 21.31
CA PRO I 429 -35.88 -44.88 20.55
C PRO I 429 -35.56 -44.21 19.23
N ASN I 430 -36.46 -43.39 18.69
CA ASN I 430 -36.37 -42.99 17.30
C ASN I 430 -35.39 -41.86 17.04
N GLY I 431 -34.98 -41.11 18.06
CA GLY I 431 -34.17 -39.94 17.82
C GLY I 431 -32.76 -40.28 17.36
N GLN I 432 -32.18 -39.37 16.58
CA GLN I 432 -30.80 -39.47 16.17
C GLN I 432 -29.87 -39.40 17.36
N ILE I 433 -28.63 -39.86 17.15
CA ILE I 433 -27.55 -39.71 18.11
C ILE I 433 -26.63 -38.57 17.70
N TRP I 434 -26.16 -38.58 16.45
CA TRP I 434 -25.19 -37.60 15.96
C TRP I 434 -25.67 -37.00 14.65
N ASP I 435 -25.11 -35.84 14.33
CA ASP I 435 -25.42 -35.13 13.11
C ASP I 435 -24.18 -34.39 12.68
N LYS I 436 -24.01 -34.21 11.37
CA LYS I 436 -22.86 -33.53 10.83
C LYS I 436 -23.07 -32.02 10.91
N GLU I 437 -22.03 -31.31 11.32
CA GLU I 437 -22.10 -29.86 11.36
C GLU I 437 -22.12 -29.30 9.93
N PHE I 438 -22.77 -28.15 9.79
CA PHE I 438 -22.86 -27.51 8.49
C PHE I 438 -21.50 -26.99 8.05
N ASP I 439 -21.28 -26.99 6.74
CA ASP I 439 -20.07 -26.45 6.11
C ASP I 439 -20.06 -24.92 6.05
N THR I 440 -21.09 -24.25 6.55
CA THR I 440 -21.18 -22.80 6.47
C THR I 440 -20.05 -22.16 7.26
N ASP I 441 -19.74 -20.90 6.91
CA ASP I 441 -18.74 -20.17 7.67
C ASP I 441 -19.26 -19.88 9.07
N LEU I 442 -20.50 -19.42 9.18
CA LEU I 442 -21.17 -19.20 10.46
C LEU I 442 -22.10 -20.37 10.71
N LYS I 443 -21.86 -21.07 11.80
CA LYS I 443 -22.45 -22.38 12.05
C LYS I 443 -23.57 -22.27 13.07
N PRO I 444 -24.65 -23.04 12.95
CA PRO I 444 -25.76 -22.89 13.90
C PRO I 444 -25.33 -23.32 15.30
N ARG I 445 -25.92 -22.67 16.30
CA ARG I 445 -25.52 -22.93 17.67
C ARG I 445 -25.97 -24.30 18.15
N LEU I 446 -27.12 -24.78 17.69
CA LEU I 446 -27.55 -26.14 17.99
C LEU I 446 -28.25 -26.69 16.78
N HIS I 447 -28.42 -28.01 16.79
CA HIS I 447 -29.23 -28.72 15.82
C HIS I 447 -30.47 -29.25 16.51
N VAL I 448 -31.63 -29.09 15.88
CA VAL I 448 -32.88 -29.53 16.48
C VAL I 448 -33.13 -31.02 16.36
N ASN I 449 -32.32 -31.76 15.60
CA ASN I 449 -32.62 -33.14 15.24
C ASN I 449 -31.79 -34.17 15.99
N ALA I 450 -30.69 -33.77 16.64
CA ALA I 450 -29.76 -34.70 17.25
C ALA I 450 -29.14 -34.04 18.48
N PRO I 451 -28.78 -34.80 19.53
CA PRO I 451 -28.13 -34.15 20.67
C PRO I 451 -26.67 -33.81 20.44
N PHE I 452 -25.92 -34.64 19.72
CA PHE I 452 -24.49 -34.44 19.48
C PHE I 452 -24.30 -33.99 18.05
N VAL I 453 -23.36 -33.07 17.85
CA VAL I 453 -23.04 -32.53 16.53
C VAL I 453 -21.56 -32.75 16.29
N CYS I 454 -21.25 -33.56 15.28
CA CYS I 454 -19.88 -33.75 14.82
C CYS I 454 -19.35 -32.43 14.30
N GLN I 455 -18.36 -31.86 14.99
CA GLN I 455 -17.89 -30.54 14.61
C GLN I 455 -16.95 -30.57 13.43
N ASN I 456 -15.99 -31.51 13.38
CA ASN I 456 -14.96 -31.53 12.34
C ASN I 456 -15.20 -32.61 11.30
N ASN I 457 -15.46 -33.85 11.69
CA ASN I 457 -15.89 -34.90 10.78
C ASN I 457 -16.76 -35.86 11.56
N CYS I 458 -17.53 -36.66 10.84
CA CYS I 458 -18.55 -37.55 11.37
C CYS I 458 -18.32 -38.93 10.80
N PRO I 459 -18.91 -39.99 11.38
CA PRO I 459 -18.60 -41.34 10.93
C PRO I 459 -19.00 -41.57 9.49
N GLY I 460 -18.19 -42.35 8.79
CA GLY I 460 -18.48 -42.61 7.39
C GLY I 460 -19.77 -43.38 7.23
N GLN I 461 -20.57 -42.95 6.26
CA GLN I 461 -21.74 -43.70 5.87
C GLN I 461 -21.31 -44.97 5.18
N LEU I 462 -22.03 -46.05 5.43
CA LEU I 462 -21.72 -47.38 4.90
C LEU I 462 -22.73 -47.74 3.83
N PHE I 463 -22.27 -47.87 2.59
CA PHE I 463 -23.11 -48.20 1.45
C PHE I 463 -22.88 -49.64 1.03
N VAL I 464 -23.95 -50.31 0.61
CA VAL I 464 -23.93 -51.72 0.23
C VAL I 464 -24.72 -51.90 -1.06
N LYS I 465 -24.40 -52.98 -1.77
CA LYS I 465 -24.97 -53.27 -3.08
C LYS I 465 -24.49 -54.65 -3.50
N VAL I 466 -25.40 -55.48 -3.99
CA VAL I 466 -25.03 -56.79 -4.50
C VAL I 466 -24.67 -56.67 -5.98
N ALA I 467 -23.62 -57.37 -6.39
CA ALA I 467 -23.07 -57.16 -7.72
C ALA I 467 -23.98 -57.75 -8.79
N PRO I 468 -23.82 -57.32 -10.06
CA PRO I 468 -24.64 -57.91 -11.13
C PRO I 468 -24.23 -59.34 -11.48
N ASN I 469 -25.11 -60.31 -11.22
CA ASN I 469 -24.96 -61.67 -11.74
C ASN I 469 -25.59 -61.71 -13.12
N LEU I 470 -24.77 -61.40 -14.13
CA LEU I 470 -25.27 -61.32 -15.49
C LEU I 470 -25.60 -62.69 -16.06
N THR I 471 -26.60 -62.71 -16.95
CA THR I 471 -26.90 -63.87 -17.76
C THR I 471 -25.96 -63.93 -18.96
N ASN I 472 -26.12 -64.96 -19.78
CA ASN I 472 -25.27 -65.09 -20.97
C ASN I 472 -25.65 -64.13 -22.07
N GLU I 473 -26.83 -63.51 -22.00
CA GLU I 473 -27.40 -62.80 -23.12
C GLU I 473 -26.98 -61.34 -23.23
N TYR I 474 -26.09 -60.87 -22.36
CA TYR I 474 -25.88 -59.44 -22.21
C TYR I 474 -25.15 -58.85 -23.41
N ASP I 475 -25.62 -57.70 -23.85
CA ASP I 475 -25.06 -56.92 -24.94
C ASP I 475 -25.11 -55.45 -24.54
N PRO I 476 -23.98 -54.79 -24.24
CA PRO I 476 -24.07 -53.40 -23.76
C PRO I 476 -24.65 -52.44 -24.76
N ASP I 477 -24.56 -52.73 -26.06
CA ASP I 477 -25.06 -51.85 -27.09
C ASP I 477 -26.57 -51.97 -27.31
N ALA I 478 -27.26 -52.86 -26.61
CA ALA I 478 -28.71 -52.95 -26.68
C ALA I 478 -29.36 -51.89 -25.80
N SER I 479 -30.49 -51.37 -26.26
CA SER I 479 -31.20 -50.35 -25.49
C SER I 479 -31.76 -50.89 -24.19
N ALA I 480 -32.15 -52.16 -24.16
CA ALA I 480 -32.89 -52.70 -23.02
C ALA I 480 -32.01 -52.79 -21.78
N ASN I 481 -32.68 -52.89 -20.64
CA ASN I 481 -31.98 -53.09 -19.37
C ASN I 481 -31.29 -54.44 -19.35
N MET I 482 -30.17 -54.52 -18.66
CA MET I 482 -29.40 -55.74 -18.59
C MET I 482 -30.18 -56.81 -17.83
N SER I 483 -30.21 -58.02 -18.37
CA SER I 483 -30.81 -59.15 -17.68
C SER I 483 -29.87 -59.63 -16.58
N ARG I 484 -30.43 -59.87 -15.39
CA ARG I 484 -29.67 -60.27 -14.22
C ARG I 484 -30.31 -61.49 -13.58
N ILE I 485 -29.49 -62.37 -13.04
CA ILE I 485 -29.99 -63.51 -12.29
C ILE I 485 -30.54 -62.96 -10.98
N VAL I 486 -31.77 -63.31 -10.66
CA VAL I 486 -32.43 -62.76 -9.48
C VAL I 486 -31.69 -63.27 -8.24
N THR I 487 -31.06 -62.33 -7.53
CA THR I 487 -30.11 -62.61 -6.47
C THR I 487 -30.44 -61.75 -5.28
N TYR I 488 -30.21 -62.29 -4.08
CA TYR I 488 -30.31 -61.52 -2.86
C TYR I 488 -29.19 -61.92 -1.92
N SER I 489 -28.88 -61.01 -1.01
CA SER I 489 -27.86 -61.19 0.00
C SER I 489 -28.47 -61.06 1.38
N ASP I 490 -27.95 -61.83 2.31
CA ASP I 490 -28.13 -61.60 3.72
C ASP I 490 -26.76 -61.60 4.39
N PHE I 491 -26.48 -60.54 5.14
CA PHE I 491 -25.21 -60.37 5.83
C PHE I 491 -25.47 -59.84 7.22
N TRP I 492 -24.63 -60.24 8.15
CA TRP I 492 -24.74 -59.81 9.54
C TRP I 492 -23.89 -58.57 9.75
N TRP I 493 -24.52 -57.54 10.31
CA TRP I 493 -23.87 -56.29 10.65
C TRP I 493 -23.62 -56.29 12.14
N LYS I 494 -22.48 -55.74 12.56
CA LYS I 494 -22.17 -55.55 13.96
C LYS I 494 -21.58 -54.17 14.16
N GLY I 495 -21.87 -53.58 15.32
CA GLY I 495 -21.29 -52.29 15.66
C GLY I 495 -21.15 -52.14 17.16
N LYS I 496 -20.28 -51.22 17.54
CA LYS I 496 -19.95 -50.94 18.93
C LYS I 496 -19.89 -49.44 19.12
N LEU I 497 -20.73 -48.92 20.01
CA LEU I 497 -20.83 -47.51 20.31
C LEU I 497 -20.48 -47.32 21.76
N VAL I 498 -19.44 -46.56 22.02
CA VAL I 498 -18.88 -46.36 23.36
C VAL I 498 -19.29 -44.96 23.82
N PHE I 499 -19.91 -44.89 25.00
CA PHE I 499 -20.23 -43.64 25.66
C PHE I 499 -19.47 -43.56 26.96
N LYS I 500 -19.20 -42.34 27.38
CA LYS I 500 -18.64 -42.02 28.69
C LYS I 500 -19.65 -41.14 29.41
N ALA I 501 -20.09 -41.58 30.59
CA ALA I 501 -21.20 -40.96 31.29
C ALA I 501 -20.86 -40.78 32.76
N LYS I 502 -21.44 -39.74 33.37
CA LYS I 502 -21.20 -39.36 34.75
C LYS I 502 -22.40 -39.72 35.60
N LEU I 503 -22.15 -40.39 36.73
CA LEU I 503 -23.22 -40.77 37.64
C LEU I 503 -23.70 -39.57 38.44
N ARG I 504 -24.99 -39.56 38.75
CA ARG I 504 -25.59 -38.40 39.38
C ARG I 504 -25.36 -38.39 40.88
N ALA I 505 -25.68 -37.26 41.50
CA ALA I 505 -25.58 -37.04 42.93
C ALA I 505 -26.87 -36.45 43.46
N SER I 506 -27.18 -36.78 44.71
CA SER I 506 -28.42 -36.35 45.36
C SER I 506 -28.20 -35.01 46.07
N HIS I 507 -28.27 -33.94 45.28
CA HIS I 507 -28.08 -32.61 45.83
C HIS I 507 -29.23 -32.22 46.76
N THR I 508 -30.44 -32.56 46.39
CA THR I 508 -31.63 -32.14 47.12
C THR I 508 -31.98 -33.12 48.22
N TRP I 509 -32.82 -32.64 49.14
CA TRP I 509 -33.49 -33.54 50.09
C TRP I 509 -34.50 -34.43 49.39
N ASN I 510 -35.31 -33.86 48.50
CA ASN I 510 -36.43 -34.59 47.95
C ASN I 510 -35.97 -35.58 46.87
N PRO I 511 -36.71 -36.66 46.65
CA PRO I 511 -36.40 -37.53 45.51
C PRO I 511 -36.80 -36.90 44.18
N ILE I 512 -36.25 -37.45 43.11
CA ILE I 512 -36.46 -36.95 41.76
C ILE I 512 -37.38 -37.88 40.98
N GLN I 513 -37.80 -37.43 39.80
CA GLN I 513 -38.60 -38.24 38.89
C GLN I 513 -37.73 -39.30 38.24
N GLN I 514 -38.20 -40.55 38.24
CA GLN I 514 -37.48 -41.69 37.70
C GLN I 514 -38.39 -42.50 36.80
N MET I 515 -37.81 -43.03 35.72
CA MET I 515 -38.54 -43.98 34.89
C MET I 515 -38.77 -45.25 35.68
N SER I 516 -39.97 -45.80 35.59
CA SER I 516 -40.28 -47.02 36.30
C SER I 516 -41.42 -47.75 35.61
N ILE I 517 -41.39 -49.08 35.70
CA ILE I 517 -42.51 -49.89 35.28
C ILE I 517 -43.65 -49.70 36.26
N ASN I 518 -44.88 -49.81 35.75
CA ASN I 518 -46.07 -49.71 36.55
C ASN I 518 -47.15 -50.53 35.87
N VAL I 519 -48.32 -50.59 36.51
CA VAL I 519 -49.41 -51.44 36.02
C VAL I 519 -49.87 -50.98 34.64
N ASP I 520 -49.79 -49.69 34.36
CA ASP I 520 -50.25 -49.18 33.07
C ASP I 520 -49.30 -49.55 31.95
N ASN I 521 -48.01 -49.23 32.11
CA ASN I 521 -47.02 -49.45 31.07
C ASN I 521 -46.40 -50.83 31.09
N GLN I 522 -46.91 -51.75 31.93
CA GLN I 522 -46.33 -53.07 32.13
C GLN I 522 -46.20 -53.86 30.83
N PHE I 523 -47.29 -53.95 30.09
CA PHE I 523 -47.33 -54.81 28.90
C PHE I 523 -46.77 -54.13 27.66
N ASN I 524 -46.22 -52.91 27.76
CA ASN I 524 -45.48 -52.35 26.65
C ASN I 524 -44.09 -52.97 26.51
N TYR I 525 -43.51 -53.43 27.62
CA TYR I 525 -42.13 -53.87 27.66
C TYR I 525 -41.93 -55.37 27.50
N VAL I 526 -42.99 -56.15 27.28
CA VAL I 526 -42.91 -57.61 27.24
C VAL I 526 -43.67 -58.12 26.01
N PRO I 527 -43.30 -59.27 25.43
CA PRO I 527 -43.99 -59.71 24.21
C PRO I 527 -45.37 -60.27 24.48
N SER I 528 -46.17 -60.28 23.43
CA SER I 528 -47.56 -60.73 23.47
C SER I 528 -47.65 -62.21 23.12
N ASN I 529 -48.88 -62.74 23.20
CA ASN I 529 -49.10 -64.17 23.01
C ASN I 529 -48.73 -64.62 21.61
N ILE I 530 -49.07 -63.83 20.60
CA ILE I 530 -48.78 -64.17 19.22
C ILE I 530 -47.39 -63.69 18.79
N GLY I 531 -46.57 -63.21 19.74
CA GLY I 531 -45.17 -62.92 19.50
C GLY I 531 -44.84 -61.46 19.26
N GLY I 532 -45.82 -60.58 19.19
CA GLY I 532 -45.55 -59.20 18.83
C GLY I 532 -44.90 -58.42 19.95
N MET I 533 -44.13 -57.39 19.54
CA MET I 533 -43.37 -56.54 20.45
C MET I 533 -43.49 -55.09 20.03
N LYS I 534 -43.28 -54.20 20.99
CA LYS I 534 -43.27 -52.77 20.76
C LYS I 534 -42.19 -52.14 21.63
N ILE I 535 -41.90 -50.88 21.34
CA ILE I 535 -40.99 -50.05 22.14
C ILE I 535 -41.67 -48.71 22.29
N VAL I 536 -42.14 -48.41 23.51
CA VAL I 536 -42.74 -47.10 23.77
C VAL I 536 -41.64 -46.09 24.02
N TYR I 537 -41.93 -44.82 23.74
CA TYR I 537 -40.97 -43.76 23.96
C TYR I 537 -40.81 -43.51 25.45
N GLU I 538 -39.59 -43.17 25.85
CA GLU I 538 -39.24 -42.92 27.25
C GLU I 538 -38.44 -41.64 27.32
N LYS I 539 -38.78 -40.79 28.27
CA LYS I 539 -38.16 -39.48 28.37
C LYS I 539 -36.75 -39.59 28.94
N SER I 540 -35.88 -38.67 28.50
CA SER I 540 -34.48 -38.67 28.84
C SER I 540 -34.15 -37.71 29.99
N GLN I 541 -34.47 -36.44 29.83
CA GLN I 541 -34.08 -35.40 30.78
C GLN I 541 -35.07 -35.40 31.94
N LEU I 542 -34.82 -36.28 32.89
CA LEU I 542 -35.72 -36.54 34.01
C LEU I 542 -35.40 -35.71 35.25
N ALA I 543 -34.16 -35.73 35.70
CA ALA I 543 -33.84 -35.07 36.96
C ALA I 543 -33.74 -33.56 36.75
N PRO I 544 -34.18 -32.74 37.72
CA PRO I 544 -34.00 -31.30 37.57
C PRO I 544 -32.57 -30.87 37.86
N ARG I 545 -32.19 -29.74 37.27
CA ARG I 545 -30.92 -29.10 37.59
C ARG I 545 -31.12 -27.59 37.72
N LYS I 546 -30.26 -26.97 38.53
CA LYS I 546 -30.30 -25.53 38.69
C LYS I 546 -29.87 -24.84 37.41
N LEU I 547 -30.68 -23.91 36.94
CA LEU I 547 -30.25 -23.05 35.84
C LEU I 547 -29.30 -21.97 36.34
N TYR I 548 -29.50 -21.50 37.56
CA TYR I 548 -28.83 -20.30 38.02
C TYR I 548 -28.86 -20.19 39.53
N GLY J 1 -9.03 -70.73 -2.37
CA GLY J 1 -10.45 -71.03 -2.03
C GLY J 1 -11.43 -70.19 -2.84
N VAL J 2 -12.64 -70.73 -3.00
CA VAL J 2 -13.65 -70.09 -3.83
C VAL J 2 -14.10 -68.78 -3.20
N GLY J 3 -14.43 -68.81 -1.93
CA GLY J 3 -15.22 -67.76 -1.32
C GLY J 3 -14.48 -66.55 -0.83
N ILE J 4 -13.21 -66.36 -1.18
CA ILE J 4 -12.39 -65.26 -0.67
C ILE J 4 -12.10 -64.32 -1.83
N SER J 5 -12.41 -63.04 -1.62
CA SER J 5 -12.30 -62.05 -2.68
C SER J 5 -10.85 -61.70 -2.94
N THR J 6 -10.53 -61.48 -4.21
CA THR J 6 -9.16 -61.37 -4.68
C THR J 6 -8.79 -59.98 -5.16
N GLY J 7 -9.59 -58.96 -4.84
CA GLY J 7 -9.23 -57.60 -5.21
C GLY J 7 -10.37 -56.66 -4.90
N THR J 8 -10.10 -55.38 -5.12
CA THR J 8 -11.00 -54.30 -4.77
C THR J 8 -11.27 -53.42 -5.98
N PHE J 9 -12.53 -53.05 -6.13
CA PHE J 9 -12.97 -52.15 -7.18
C PHE J 9 -12.55 -50.74 -6.77
N ASN J 10 -11.99 -49.99 -7.73
CA ASN J 10 -11.54 -48.63 -7.44
C ASN J 10 -11.59 -47.83 -8.73
N ASN J 11 -12.37 -46.75 -8.72
CA ASN J 11 -12.50 -45.85 -9.86
C ASN J 11 -12.23 -44.41 -9.48
N GLN J 12 -11.40 -44.19 -8.47
CA GLN J 12 -10.99 -42.84 -8.09
C GLN J 12 -9.87 -42.34 -8.99
N THR J 13 -9.93 -41.06 -9.33
CA THR J 13 -8.80 -40.34 -9.88
C THR J 13 -8.29 -39.39 -8.80
N GLU J 14 -6.98 -39.44 -8.56
CA GLU J 14 -6.35 -38.78 -7.42
C GLU J 14 -5.28 -37.83 -7.92
N PHE J 15 -5.34 -36.58 -7.44
CA PHE J 15 -4.39 -35.54 -7.82
C PHE J 15 -3.47 -35.30 -6.63
N LYS J 16 -2.19 -35.65 -6.80
CA LYS J 16 -1.16 -35.49 -5.77
C LYS J 16 -0.17 -34.44 -6.26
N PHE J 17 0.04 -33.42 -5.45
CA PHE J 17 0.76 -32.23 -5.88
C PHE J 17 2.23 -32.33 -5.45
N LEU J 18 3.11 -32.40 -6.44
CA LEU J 18 4.53 -32.59 -6.22
C LEU J 18 5.24 -31.24 -6.14
N GLU J 19 6.57 -31.25 -6.21
CA GLU J 19 7.36 -30.03 -6.22
C GLU J 19 7.15 -29.25 -7.52
N ASN J 20 7.31 -27.94 -7.43
CA ASN J 20 7.45 -27.06 -8.58
C ASN J 20 6.21 -27.07 -9.48
N GLY J 21 5.04 -27.21 -8.88
CA GLY J 21 3.80 -27.10 -9.64
C GLY J 21 3.43 -28.28 -10.50
N TRP J 22 4.07 -29.42 -10.33
CA TRP J 22 3.67 -30.64 -11.03
C TRP J 22 2.64 -31.39 -10.21
N VAL J 23 1.75 -32.09 -10.90
CA VAL J 23 0.69 -32.89 -10.28
C VAL J 23 0.76 -34.29 -10.85
N GLU J 24 0.88 -35.28 -9.97
CA GLU J 24 0.70 -36.67 -10.35
C GLU J 24 -0.80 -36.99 -10.32
N ILE J 25 -1.35 -37.34 -11.46
CA ILE J 25 -2.78 -37.66 -11.61
C ILE J 25 -2.87 -39.17 -11.74
N THR J 26 -3.14 -39.84 -10.63
CA THR J 26 -3.30 -41.30 -10.61
C THR J 26 -4.75 -41.62 -10.90
N ALA J 27 -5.02 -42.04 -12.13
CA ALA J 27 -6.36 -42.43 -12.55
C ALA J 27 -6.53 -43.92 -12.36
N ASN J 28 -7.34 -44.32 -11.38
CA ASN J 28 -7.76 -45.70 -11.21
C ASN J 28 -9.07 -45.92 -11.93
N SER J 29 -9.17 -47.05 -12.63
CA SER J 29 -10.37 -47.44 -13.35
C SER J 29 -10.68 -48.89 -13.07
N SER J 30 -11.96 -49.19 -12.86
CA SER J 30 -12.41 -50.54 -12.56
C SER J 30 -13.72 -50.80 -13.28
N ARG J 31 -13.84 -52.00 -13.87
CA ARG J 31 -15.00 -52.40 -14.64
C ARG J 31 -15.30 -53.85 -14.37
N LEU J 32 -16.54 -54.25 -14.65
CA LEU J 32 -16.93 -55.65 -14.73
C LEU J 32 -17.03 -56.02 -16.19
N VAL J 33 -16.30 -57.04 -16.58
CA VAL J 33 -16.17 -57.46 -17.97
C VAL J 33 -16.90 -58.78 -18.14
N HIS J 34 -17.77 -58.85 -19.14
CA HIS J 34 -18.57 -60.02 -19.46
C HIS J 34 -18.05 -60.62 -20.75
N LEU J 35 -17.88 -61.95 -20.76
CA LEU J 35 -17.21 -62.65 -21.86
C LEU J 35 -17.93 -63.95 -22.11
N ASN J 36 -18.58 -64.06 -23.27
CA ASN J 36 -19.12 -65.32 -23.71
C ASN J 36 -18.02 -66.17 -24.33
N MET J 37 -18.30 -67.47 -24.49
CA MET J 37 -17.33 -68.36 -25.07
C MET J 37 -17.18 -68.07 -26.56
N PRO J 38 -16.09 -68.49 -27.19
CA PRO J 38 -15.91 -68.22 -28.62
C PRO J 38 -16.93 -68.97 -29.46
N GLU J 39 -17.19 -68.43 -30.64
CA GLU J 39 -18.10 -69.07 -31.58
C GLU J 39 -17.53 -70.41 -32.04
N SER J 40 -16.23 -70.49 -32.27
CA SER J 40 -15.55 -71.75 -32.49
C SER J 40 -14.14 -71.61 -31.98
N GLU J 41 -13.55 -72.73 -31.56
CA GLU J 41 -12.15 -72.74 -31.20
C GLU J 41 -11.23 -72.52 -32.38
N ASN J 42 -11.70 -72.69 -33.62
CA ASN J 42 -10.81 -72.61 -34.75
C ASN J 42 -10.34 -71.19 -35.01
N TYR J 43 -9.06 -71.06 -35.36
CA TYR J 43 -8.62 -69.90 -36.10
C TYR J 43 -9.13 -69.99 -37.53
N ARG J 44 -9.56 -68.86 -38.08
CA ARG J 44 -10.23 -68.81 -39.37
C ARG J 44 -9.66 -67.66 -40.19
N ARG J 45 -9.46 -67.91 -41.48
CA ARG J 45 -9.10 -66.88 -42.45
C ARG J 45 -10.32 -66.58 -43.30
N VAL J 46 -10.64 -65.30 -43.44
CA VAL J 46 -11.81 -64.85 -44.17
C VAL J 46 -11.40 -63.70 -45.06
N VAL J 47 -11.95 -63.65 -46.27
CA VAL J 47 -11.79 -62.54 -47.20
C VAL J 47 -13.12 -61.81 -47.26
N VAL J 48 -13.13 -60.55 -46.87
CA VAL J 48 -14.28 -59.69 -47.11
C VAL J 48 -14.13 -59.16 -48.53
N ASN J 49 -15.14 -59.40 -49.35
CA ASN J 49 -15.20 -58.91 -50.72
C ASN J 49 -16.55 -58.24 -50.91
N ASN J 50 -16.53 -56.98 -51.30
CA ASN J 50 -17.74 -56.20 -51.54
C ASN J 50 -17.71 -55.60 -52.95
N MET J 51 -17.37 -56.45 -53.93
CA MET J 51 -17.45 -56.06 -55.33
C MET J 51 -18.86 -55.67 -55.75
N ASP J 52 -19.88 -56.15 -55.04
CA ASP J 52 -21.25 -55.74 -55.31
C ASP J 52 -21.40 -54.22 -55.18
N LYS J 53 -20.87 -53.65 -54.10
CA LYS J 53 -20.97 -52.22 -53.88
C LYS J 53 -19.93 -51.42 -54.66
N THR J 54 -18.81 -52.04 -55.04
CA THR J 54 -17.75 -51.34 -55.76
C THR J 54 -17.87 -51.46 -57.28
N ALA J 55 -18.61 -52.45 -57.79
CA ALA J 55 -18.80 -52.54 -59.23
C ALA J 55 -19.65 -51.40 -59.76
N VAL J 56 -20.51 -50.80 -58.94
CA VAL J 56 -21.16 -49.55 -59.30
C VAL J 56 -20.08 -48.49 -59.41
N ASN J 57 -19.96 -47.89 -60.59
CA ASN J 57 -18.86 -46.99 -60.88
C ASN J 57 -18.92 -45.76 -59.98
N GLY J 58 -17.75 -45.26 -59.60
CA GLY J 58 -17.64 -44.14 -58.71
C GLY J 58 -17.66 -44.47 -57.24
N ASN J 59 -17.76 -45.75 -56.87
CA ASN J 59 -17.79 -46.19 -55.48
C ASN J 59 -16.46 -46.74 -55.00
N MET J 60 -15.34 -46.15 -55.43
CA MET J 60 -14.04 -46.59 -54.95
C MET J 60 -13.90 -46.39 -53.45
N ALA J 61 -14.39 -45.27 -52.94
CA ALA J 61 -14.23 -44.94 -51.53
C ALA J 61 -14.94 -45.90 -50.61
N LEU J 62 -15.93 -46.65 -51.12
CA LEU J 62 -16.66 -47.63 -50.33
C LEU J 62 -16.01 -49.01 -50.37
N ASP J 63 -14.75 -49.09 -50.79
CA ASP J 63 -14.02 -50.35 -50.84
C ASP J 63 -13.73 -50.82 -49.42
N ASP J 64 -14.25 -51.99 -49.08
CA ASP J 64 -14.03 -52.65 -47.79
C ASP J 64 -13.30 -53.97 -47.94
N ILE J 65 -12.70 -54.24 -49.10
CA ILE J 65 -12.09 -55.54 -49.31
C ILE J 65 -10.87 -55.67 -48.42
N HIS J 66 -10.82 -56.77 -47.68
CA HIS J 66 -9.66 -57.11 -46.89
C HIS J 66 -9.75 -58.57 -46.53
N ALA J 67 -8.65 -59.09 -46.00
CA ALA J 67 -8.56 -60.42 -45.44
C ALA J 67 -8.11 -60.30 -44.00
N GLN J 68 -8.66 -61.14 -43.12
CA GLN J 68 -8.29 -61.10 -41.71
C GLN J 68 -8.36 -62.50 -41.11
N ILE J 69 -7.63 -62.67 -40.02
CA ILE J 69 -7.61 -63.91 -39.25
C ILE J 69 -8.54 -63.73 -38.07
N VAL J 70 -9.69 -64.41 -38.09
CA VAL J 70 -10.61 -64.36 -36.97
C VAL J 70 -10.08 -65.28 -35.88
N THR J 71 -9.74 -64.70 -34.75
CA THR J 71 -9.04 -65.34 -33.67
C THR J 71 -10.01 -65.71 -32.55
N PRO J 72 -9.90 -66.90 -31.92
CA PRO J 72 -10.79 -67.21 -30.79
C PRO J 72 -10.35 -66.59 -29.47
N TRP J 73 -10.10 -65.28 -29.45
CA TRP J 73 -9.72 -64.56 -28.24
C TRP J 73 -10.41 -63.22 -28.26
N SER J 74 -10.49 -62.62 -27.09
CA SER J 74 -11.00 -61.27 -26.93
C SER J 74 -9.94 -60.42 -26.24
N LEU J 75 -9.87 -59.17 -26.65
CA LEU J 75 -8.88 -58.22 -26.20
C LEU J 75 -9.50 -57.25 -25.21
N VAL J 76 -8.90 -57.12 -24.03
CA VAL J 76 -9.31 -56.13 -23.04
C VAL J 76 -8.44 -54.90 -23.27
N ASP J 77 -9.04 -53.87 -23.88
CA ASP J 77 -8.35 -52.65 -24.32
C ASP J 77 -8.90 -51.47 -23.54
N ALA J 78 -8.00 -50.72 -22.91
CA ALA J 78 -8.34 -49.53 -22.13
C ALA J 78 -7.75 -48.27 -22.71
N ASN J 79 -7.34 -48.28 -23.99
CA ASN J 79 -6.67 -47.16 -24.60
C ASN J 79 -7.67 -46.12 -25.09
N ALA J 80 -8.41 -45.51 -24.17
CA ALA J 80 -9.29 -44.41 -24.51
C ALA J 80 -9.48 -43.53 -23.29
N TRP J 81 -9.72 -42.25 -23.55
CA TRP J 81 -9.71 -41.26 -22.47
C TRP J 81 -10.89 -41.46 -21.53
N GLY J 82 -12.05 -41.82 -22.05
CA GLY J 82 -13.22 -41.95 -21.21
C GLY J 82 -13.14 -43.06 -20.19
N VAL J 83 -12.26 -44.04 -20.41
CA VAL J 83 -12.10 -45.13 -19.45
C VAL J 83 -11.56 -44.60 -18.14
N TRP J 84 -10.75 -43.54 -18.17
CA TRP J 84 -9.94 -43.13 -17.05
C TRP J 84 -10.42 -41.86 -16.37
N PHE J 85 -11.14 -40.99 -17.08
CA PHE J 85 -11.59 -39.72 -16.55
C PHE J 85 -13.07 -39.51 -16.79
N ASN J 86 -13.78 -39.16 -15.73
CA ASN J 86 -15.12 -38.61 -15.84
C ASN J 86 -15.02 -37.15 -16.27
N PRO J 87 -16.13 -36.52 -16.67
CA PRO J 87 -16.05 -35.14 -17.16
C PRO J 87 -15.52 -34.13 -16.15
N GLY J 88 -15.79 -34.29 -14.86
CA GLY J 88 -15.26 -33.33 -13.90
C GLY J 88 -13.75 -33.41 -13.78
N ASP J 89 -13.21 -34.62 -13.77
CA ASP J 89 -11.76 -34.78 -13.74
C ASP J 89 -11.15 -34.23 -15.02
N TRP J 90 -11.82 -34.43 -16.14
CA TRP J 90 -11.32 -33.90 -17.40
C TRP J 90 -11.32 -32.38 -17.38
N GLN J 91 -12.37 -31.78 -16.82
CA GLN J 91 -12.40 -30.33 -16.67
C GLN J 91 -11.24 -29.85 -15.82
N LEU J 92 -10.92 -30.58 -14.76
CA LEU J 92 -9.77 -30.20 -13.94
C LEU J 92 -8.49 -30.26 -14.76
N ILE J 93 -8.35 -31.27 -15.62
CA ILE J 93 -7.13 -31.37 -16.43
C ILE J 93 -7.06 -30.20 -17.43
N VAL J 94 -8.07 -30.06 -18.28
CA VAL J 94 -7.94 -29.14 -19.41
C VAL J 94 -7.88 -27.70 -18.98
N ASN J 95 -8.59 -27.32 -17.92
CA ASN J 95 -8.61 -25.93 -17.51
C ASN J 95 -7.35 -25.51 -16.78
N THR J 96 -6.79 -26.39 -15.94
CA THR J 96 -5.72 -26.00 -15.04
C THR J 96 -4.33 -26.41 -15.50
N MET J 97 -4.20 -27.47 -16.29
CA MET J 97 -2.91 -28.06 -16.62
C MET J 97 -2.43 -27.57 -17.97
N SER J 98 -1.15 -27.23 -18.05
CA SER J 98 -0.54 -26.71 -19.27
C SER J 98 0.04 -27.80 -20.14
N GLU J 99 0.61 -28.85 -19.56
CA GLU J 99 1.12 -29.98 -20.31
C GLU J 99 0.90 -31.24 -19.51
N LEU J 100 0.98 -32.37 -20.20
CA LEU J 100 0.57 -33.67 -19.68
C LEU J 100 1.59 -34.71 -20.13
N HIS J 101 2.01 -35.56 -19.20
CA HIS J 101 2.95 -36.65 -19.45
C HIS J 101 2.30 -37.96 -19.08
N LEU J 102 2.60 -39.00 -19.84
CA LEU J 102 2.21 -40.36 -19.51
C LEU J 102 3.33 -41.02 -18.71
N VAL J 103 2.99 -41.57 -17.54
CA VAL J 103 3.99 -42.03 -16.59
C VAL J 103 4.01 -43.56 -16.54
N SER J 104 2.90 -44.17 -16.16
CA SER J 104 2.89 -45.61 -15.95
C SER J 104 1.49 -46.18 -16.08
N PHE J 105 1.43 -47.49 -16.25
CA PHE J 105 0.19 -48.20 -16.54
C PHE J 105 0.27 -49.62 -15.99
N GLU J 106 -0.85 -50.11 -15.48
CA GLU J 106 -0.92 -51.46 -14.95
C GLU J 106 -2.36 -51.94 -15.01
N GLN J 107 -2.53 -53.26 -14.96
CA GLN J 107 -3.82 -53.91 -15.14
C GLN J 107 -3.93 -55.08 -14.19
N GLU J 108 -5.17 -55.45 -13.87
CA GLU J 108 -5.47 -56.59 -13.03
C GLU J 108 -6.78 -57.21 -13.48
N ILE J 109 -6.86 -58.53 -13.41
CA ILE J 109 -8.10 -59.28 -13.55
C ILE J 109 -8.30 -60.01 -12.23
N PHE J 110 -9.49 -59.86 -11.65
CA PHE J 110 -9.75 -60.36 -10.31
C PHE J 110 -11.22 -60.67 -10.15
N ASN J 111 -11.52 -61.48 -9.14
CA ASN J 111 -12.86 -62.03 -8.88
C ASN J 111 -13.44 -62.65 -10.15
N VAL J 112 -12.69 -63.61 -10.69
CA VAL J 112 -13.14 -64.33 -11.88
C VAL J 112 -14.32 -65.21 -11.50
N VAL J 113 -15.28 -65.31 -12.39
CA VAL J 113 -16.46 -66.17 -12.23
C VAL J 113 -16.72 -66.85 -13.56
N LEU J 114 -17.10 -68.12 -13.51
CA LEU J 114 -17.53 -68.90 -14.67
C LEU J 114 -18.87 -69.53 -14.37
N LYS J 115 -19.75 -69.57 -15.37
CA LYS J 115 -21.07 -70.16 -15.22
C LYS J 115 -21.51 -70.84 -16.51
N THR J 116 -22.18 -71.97 -16.37
CA THR J 116 -22.83 -72.70 -17.45
C THR J 116 -24.32 -72.39 -17.48
N VAL J 117 -24.95 -72.76 -18.59
CA VAL J 117 -26.38 -72.66 -18.79
C VAL J 117 -26.91 -73.98 -19.32
N SER J 118 -28.11 -74.35 -18.89
CA SER J 118 -28.78 -75.53 -19.41
C SER J 118 -30.28 -75.28 -19.37
N GLU J 119 -31.00 -76.02 -20.20
CA GLU J 119 -32.44 -75.84 -20.30
C GLU J 119 -33.14 -76.35 -19.05
N THR J 126 -36.88 -73.02 -19.56
CA THR J 126 -36.03 -71.80 -19.42
C THR J 126 -34.65 -72.15 -18.89
N LYS J 127 -33.73 -71.19 -18.99
CA LYS J 127 -32.35 -71.43 -18.58
C LYS J 127 -32.21 -71.50 -17.07
N VAL J 128 -31.35 -72.41 -16.62
CA VAL J 128 -30.86 -72.46 -15.24
C VAL J 128 -29.37 -72.21 -15.26
N TYR J 129 -28.88 -71.46 -14.29
CA TYR J 129 -27.51 -70.96 -14.25
C TYR J 129 -26.79 -71.62 -13.08
N ASN J 130 -25.64 -72.22 -13.38
CA ASN J 130 -24.86 -72.99 -12.42
C ASN J 130 -23.43 -72.50 -12.40
N ASN J 131 -22.83 -72.51 -11.23
CA ASN J 131 -21.46 -72.06 -11.08
C ASN J 131 -20.49 -73.13 -11.57
N ASP J 132 -19.52 -72.73 -12.39
CA ASP J 132 -18.45 -73.61 -12.84
C ASP J 132 -17.22 -73.42 -11.95
N LEU J 133 -17.28 -74.06 -10.78
CA LEU J 133 -16.19 -73.92 -9.83
C LEU J 133 -14.88 -74.50 -10.36
N THR J 134 -14.95 -75.50 -11.24
CA THR J 134 -13.77 -76.17 -11.78
C THR J 134 -13.30 -75.62 -13.12
N ALA J 135 -14.09 -74.80 -13.80
CA ALA J 135 -13.67 -74.26 -15.09
C ALA J 135 -12.66 -73.14 -14.89
N SER J 136 -12.14 -72.62 -16.01
CA SER J 136 -11.07 -71.64 -15.97
C SER J 136 -11.20 -70.66 -17.12
N LEU J 137 -10.65 -69.47 -16.88
CA LEU J 137 -10.56 -68.39 -17.86
C LEU J 137 -9.11 -68.29 -18.30
N MET J 138 -8.88 -68.39 -19.60
CA MET J 138 -7.54 -68.27 -20.14
C MET J 138 -7.19 -66.80 -20.27
N VAL J 139 -5.98 -66.43 -19.84
CA VAL J 139 -5.50 -65.06 -19.87
C VAL J 139 -4.09 -65.08 -20.43
N ALA J 140 -3.80 -64.16 -21.34
CA ALA J 140 -2.52 -64.10 -22.04
C ALA J 140 -2.13 -62.65 -22.24
N LEU J 141 -0.98 -62.26 -21.70
CA LEU J 141 -0.45 -60.90 -21.81
C LEU J 141 0.76 -60.92 -22.72
N ASP J 142 0.65 -60.23 -23.85
CA ASP J 142 1.74 -60.16 -24.82
C ASP J 142 2.70 -59.04 -24.42
N SER J 143 3.46 -59.30 -23.36
CA SER J 143 4.39 -58.30 -22.85
C SER J 143 5.49 -57.98 -23.85
N ASN J 144 5.88 -58.93 -24.70
CA ASN J 144 6.93 -58.72 -25.68
C ASN J 144 6.45 -58.06 -26.97
N ASN J 145 5.15 -57.87 -27.14
CA ASN J 145 4.58 -57.28 -28.36
C ASN J 145 4.95 -58.09 -29.59
N THR J 146 4.77 -59.40 -29.50
CA THR J 146 4.90 -60.26 -30.66
C THR J 146 3.68 -60.15 -31.56
N MET J 147 2.49 -60.04 -30.99
CA MET J 147 1.26 -60.02 -31.76
C MET J 147 1.05 -58.64 -32.37
N PRO J 148 0.32 -58.55 -33.49
CA PRO J 148 0.06 -57.23 -34.08
C PRO J 148 -0.74 -56.33 -33.15
N PHE J 149 -0.42 -55.04 -33.19
CA PHE J 149 -1.05 -54.06 -32.32
C PHE J 149 -2.35 -53.59 -32.96
N THR J 150 -3.45 -53.70 -32.22
CA THR J 150 -4.80 -53.42 -32.71
C THR J 150 -5.53 -52.53 -31.71
N PRO J 151 -5.30 -51.21 -31.72
CA PRO J 151 -5.98 -50.35 -30.75
C PRO J 151 -7.46 -50.23 -31.07
N ALA J 152 -8.29 -50.61 -30.10
CA ALA J 152 -9.72 -50.73 -30.34
C ALA J 152 -10.44 -49.38 -30.47
N ALA J 153 -9.84 -48.27 -30.03
CA ALA J 153 -10.54 -47.00 -30.10
C ALA J 153 -10.71 -46.50 -31.53
N MET J 154 -9.90 -47.00 -32.46
CA MET J 154 -10.13 -46.77 -33.88
C MET J 154 -11.45 -47.36 -34.37
N ARG J 155 -12.01 -48.35 -33.67
CA ARG J 155 -13.26 -49.00 -34.04
C ARG J 155 -14.35 -48.83 -32.98
N SER J 156 -14.17 -47.97 -31.98
CA SER J 156 -15.18 -47.75 -30.94
C SER J 156 -15.48 -49.02 -30.17
N GLU J 157 -14.43 -49.79 -29.87
CA GLU J 157 -14.55 -51.11 -29.27
C GLU J 157 -13.80 -51.25 -27.94
N THR J 158 -13.41 -50.14 -27.32
CA THR J 158 -12.74 -50.20 -26.02
C THR J 158 -13.75 -50.55 -24.94
N LEU J 159 -13.26 -50.64 -23.70
CA LEU J 159 -14.14 -50.82 -22.56
C LEU J 159 -15.06 -49.61 -22.40
N GLY J 160 -16.22 -49.86 -21.81
CA GLY J 160 -17.18 -48.81 -21.63
C GLY J 160 -16.72 -47.75 -20.64
N PHE J 161 -17.33 -46.58 -20.75
CA PHE J 161 -16.89 -45.40 -20.03
C PHE J 161 -17.66 -45.14 -18.74
N TYR J 162 -18.68 -45.94 -18.43
CA TYR J 162 -19.43 -45.81 -17.19
C TYR J 162 -18.95 -46.86 -16.21
N PRO J 163 -18.50 -46.53 -15.00
CA PRO J 163 -18.13 -47.61 -14.06
C PRO J 163 -19.27 -48.54 -13.68
N TRP J 164 -20.49 -48.05 -13.68
CA TRP J 164 -21.64 -48.78 -13.16
C TRP J 164 -22.36 -49.62 -14.20
N LYS J 165 -21.90 -49.65 -15.44
CA LYS J 165 -22.39 -50.53 -16.50
C LYS J 165 -21.38 -51.63 -16.75
N PRO J 166 -21.74 -52.91 -16.74
CA PRO J 166 -20.79 -53.90 -17.24
C PRO J 166 -20.53 -53.72 -18.72
N THR J 167 -19.38 -54.21 -19.16
CA THR J 167 -18.88 -54.04 -20.52
C THR J 167 -18.41 -55.39 -21.02
N ILE J 168 -18.04 -55.44 -22.29
CA ILE J 168 -17.60 -56.66 -22.95
C ILE J 168 -16.25 -56.41 -23.61
N PRO J 169 -15.40 -57.43 -23.82
CA PRO J 169 -14.17 -57.24 -24.59
C PRO J 169 -14.39 -57.51 -26.07
N THR J 170 -13.62 -56.82 -26.89
CA THR J 170 -13.78 -56.91 -28.34
C THR J 170 -13.29 -58.27 -28.85
N PRO J 171 -14.06 -58.99 -29.67
CA PRO J 171 -13.50 -60.21 -30.27
C PRO J 171 -12.34 -59.88 -31.21
N TRP J 172 -11.22 -60.52 -30.98
CA TRP J 172 -9.97 -60.12 -31.61
C TRP J 172 -9.82 -60.74 -33.00
N ARG J 173 -9.13 -60.01 -33.85
CA ARG J 173 -8.91 -60.35 -35.24
C ARG J 173 -7.78 -59.48 -35.74
N TYR J 174 -7.07 -59.94 -36.76
CA TYR J 174 -5.96 -59.17 -37.30
C TYR J 174 -5.87 -59.38 -38.80
N TYR J 175 -5.22 -58.43 -39.47
CA TYR J 175 -5.16 -58.43 -40.91
C TYR J 175 -4.18 -59.46 -41.44
N PHE J 176 -4.67 -60.32 -42.32
CA PHE J 176 -3.84 -61.18 -43.12
C PHE J 176 -3.39 -60.35 -44.32
N GLN J 177 -2.49 -60.88 -45.12
CA GLN J 177 -2.02 -60.18 -46.32
C GLN J 177 -2.92 -60.52 -47.49
N TRP J 178 -3.22 -59.51 -48.30
CA TRP J 178 -3.95 -59.68 -49.53
C TRP J 178 -3.44 -58.67 -50.53
N ASP J 179 -3.60 -58.99 -51.81
CA ASP J 179 -3.34 -58.06 -52.90
C ASP J 179 -4.63 -57.85 -53.67
N ARG J 180 -4.96 -56.59 -53.93
CA ARG J 180 -6.23 -56.24 -54.54
C ARG J 180 -6.04 -54.96 -55.34
N THR J 181 -6.62 -54.93 -56.53
CA THR J 181 -6.50 -53.81 -57.46
C THR J 181 -7.87 -53.26 -57.79
N LEU J 182 -7.92 -51.94 -57.98
CA LEU J 182 -9.19 -51.25 -58.23
C LEU J 182 -8.88 -49.98 -59.01
N ILE J 183 -9.17 -50.00 -60.30
CA ILE J 183 -8.93 -48.85 -61.16
C ILE J 183 -10.07 -47.87 -60.94
N PRO J 184 -9.84 -46.63 -60.52
CA PRO J 184 -10.98 -45.76 -60.22
C PRO J 184 -11.74 -45.35 -61.47
N SER J 185 -12.99 -44.95 -61.25
CA SER J 185 -13.90 -44.59 -62.31
C SER J 185 -14.88 -43.56 -61.78
N HIS J 186 -15.78 -43.11 -62.65
CA HIS J 186 -16.84 -42.18 -62.30
C HIS J 186 -18.14 -42.67 -62.90
N THR J 187 -19.24 -42.02 -62.53
CA THR J 187 -20.52 -42.29 -63.15
C THR J 187 -20.41 -42.07 -64.65
N GLY J 188 -20.95 -43.00 -65.42
CA GLY J 188 -20.89 -42.89 -66.86
C GLY J 188 -19.54 -43.19 -67.47
N THR J 189 -18.73 -43.99 -66.80
CA THR J 189 -17.54 -44.52 -67.44
C THR J 189 -17.95 -45.52 -68.51
N SER J 190 -17.08 -45.70 -69.51
CA SER J 190 -17.43 -46.48 -70.69
C SER J 190 -17.69 -47.94 -70.35
N GLY J 191 -16.99 -48.49 -69.38
CA GLY J 191 -17.12 -49.91 -69.10
C GLY J 191 -16.59 -50.25 -67.72
N THR J 192 -16.70 -51.54 -67.39
CA THR J 192 -16.37 -52.02 -66.06
C THR J 192 -14.86 -51.93 -65.82
N PRO J 193 -14.37 -51.19 -64.82
CA PRO J 193 -12.93 -51.12 -64.61
C PRO J 193 -12.39 -52.40 -63.99
N THR J 194 -11.07 -52.55 -64.08
CA THR J 194 -10.39 -53.67 -63.43
C THR J 194 -10.55 -53.57 -61.93
N ASN J 195 -11.28 -54.54 -61.34
CA ASN J 195 -11.65 -54.51 -59.92
C ASN J 195 -11.71 -55.97 -59.47
N ILE J 196 -10.59 -56.45 -58.91
CA ILE J 196 -10.40 -57.88 -58.66
C ILE J 196 -9.42 -58.10 -57.51
N TYR J 197 -9.51 -59.31 -56.95
CA TYR J 197 -8.79 -59.73 -55.77
C TYR J 197 -7.83 -60.85 -56.18
N HIS J 198 -6.55 -60.68 -55.85
CA HIS J 198 -5.52 -61.57 -56.37
C HIS J 198 -5.25 -62.77 -55.50
N GLY J 199 -5.52 -62.69 -54.20
CA GLY J 199 -5.04 -63.66 -53.23
C GLY J 199 -3.90 -63.06 -52.44
N THR J 200 -2.98 -63.89 -51.95
CA THR J 200 -1.95 -63.49 -51.01
C THR J 200 -0.56 -63.77 -51.55
N ASP J 201 0.38 -62.91 -51.17
CA ASP J 201 1.78 -63.04 -51.53
C ASP J 201 2.47 -63.93 -50.49
N PRO J 202 3.08 -65.07 -50.88
CA PRO J 202 3.67 -65.93 -49.84
C PRO J 202 4.83 -65.30 -49.09
N ASP J 203 5.52 -64.31 -49.66
CA ASP J 203 6.63 -63.69 -48.96
C ASP J 203 6.20 -62.91 -47.73
N ASP J 204 4.91 -62.59 -47.60
CA ASP J 204 4.38 -61.74 -46.56
C ASP J 204 3.35 -62.43 -45.67
N VAL J 205 3.21 -63.75 -45.77
CA VAL J 205 2.24 -64.46 -44.96
C VAL J 205 2.73 -64.54 -43.53
N GLN J 206 1.86 -64.19 -42.59
CA GLN J 206 2.11 -64.32 -41.17
C GLN J 206 0.84 -64.79 -40.49
N PHE J 207 0.98 -65.80 -39.64
CA PHE J 207 -0.12 -66.41 -38.90
C PHE J 207 0.32 -66.56 -37.45
N TYR J 208 0.13 -65.50 -36.69
CA TYR J 208 0.40 -65.56 -35.26
C TYR J 208 -0.74 -66.28 -34.57
N THR J 209 -0.43 -66.95 -33.47
CA THR J 209 -1.44 -67.50 -32.58
C THR J 209 -1.02 -67.23 -31.14
N ILE J 210 -1.99 -66.89 -30.31
CA ILE J 210 -1.72 -66.63 -28.90
C ILE J 210 -1.15 -67.87 -28.23
N GLU J 211 -1.64 -69.04 -28.60
CA GLU J 211 -1.18 -70.27 -27.97
C GLU J 211 0.29 -70.56 -28.25
N ASN J 212 0.86 -70.04 -29.34
CA ASN J 212 2.22 -70.34 -29.75
C ASN J 212 3.18 -69.16 -29.60
N SER J 213 2.76 -68.05 -29.03
CA SER J 213 3.56 -66.83 -28.98
C SER J 213 3.56 -66.12 -27.64
N VAL J 214 2.61 -66.40 -26.75
CA VAL J 214 2.44 -65.73 -25.47
C VAL J 214 2.22 -66.80 -24.41
N PRO J 215 2.80 -66.74 -23.22
CA PRO J 215 2.38 -67.67 -22.17
C PRO J 215 0.95 -67.39 -21.73
N VAL J 216 0.21 -68.46 -21.45
CA VAL J 216 -1.19 -68.41 -21.07
C VAL J 216 -1.32 -68.80 -19.61
N HIS J 217 -2.05 -68.00 -18.84
CA HIS J 217 -2.39 -68.31 -17.46
C HIS J 217 -3.83 -68.83 -17.41
N LEU J 218 -4.09 -69.78 -16.53
CA LEU J 218 -5.42 -70.35 -16.34
C LEU J 218 -5.91 -69.96 -14.95
N LEU J 219 -6.97 -69.15 -14.92
CA LEU J 219 -7.55 -68.61 -13.69
C LEU J 219 -8.89 -69.27 -13.45
N ARG J 220 -9.05 -69.95 -12.30
CA ARG J 220 -10.28 -70.68 -12.09
C ARG J 220 -11.41 -69.85 -11.50
N THR J 221 -11.36 -69.55 -10.19
CA THR J 221 -12.20 -68.53 -9.60
C THR J 221 -11.44 -67.68 -8.58
N GLY J 222 -10.60 -68.33 -7.79
CA GLY J 222 -9.94 -67.70 -6.67
C GLY J 222 -8.57 -67.18 -7.04
N ASP J 223 -8.34 -66.93 -8.32
CA ASP J 223 -7.05 -66.56 -8.85
C ASP J 223 -7.03 -65.08 -9.23
N GLU J 224 -5.84 -64.59 -9.54
CA GLU J 224 -5.61 -63.22 -9.94
C GLU J 224 -4.64 -63.23 -11.11
N PHE J 225 -4.73 -62.19 -11.93
CA PHE J 225 -3.68 -61.84 -12.87
C PHE J 225 -3.42 -60.36 -12.70
N ALA J 226 -2.16 -59.99 -12.84
CA ALA J 226 -1.72 -58.61 -12.61
C ALA J 226 -0.60 -58.29 -13.58
N THR J 227 -0.91 -57.47 -14.57
CA THR J 227 0.11 -56.85 -15.41
C THR J 227 0.94 -55.93 -14.54
N GLY J 228 2.22 -56.24 -14.38
CA GLY J 228 3.09 -55.37 -13.62
C GLY J 228 3.22 -54.00 -14.27
N THR J 229 3.76 -53.07 -13.49
CA THR J 229 3.77 -51.66 -13.90
C THR J 229 4.63 -51.45 -15.12
N PHE J 230 4.01 -51.03 -16.21
CA PHE J 230 4.71 -50.57 -17.40
C PHE J 230 5.01 -49.09 -17.26
N PHE J 231 6.10 -48.64 -17.89
CA PHE J 231 6.53 -47.25 -17.87
C PHE J 231 6.75 -46.75 -19.29
N PHE J 232 6.39 -45.49 -19.51
CA PHE J 232 6.55 -44.81 -20.78
C PHE J 232 7.77 -43.90 -20.75
N ASP J 233 8.02 -43.25 -21.89
CA ASP J 233 9.03 -42.20 -21.96
C ASP J 233 8.62 -41.09 -22.91
N CYS J 234 7.32 -40.95 -23.19
CA CYS J 234 6.86 -40.13 -24.29
C CYS J 234 7.12 -38.65 -24.03
N LYS J 235 7.24 -37.90 -25.11
CA LYS J 235 7.31 -36.46 -25.02
C LYS J 235 5.93 -35.91 -24.64
N PRO J 236 5.86 -34.75 -24.00
CA PRO J 236 4.57 -34.28 -23.49
C PRO J 236 3.56 -33.96 -24.56
N CYS J 237 2.30 -34.17 -24.22
CA CYS J 237 1.19 -33.55 -24.91
C CYS J 237 0.92 -32.20 -24.28
N ARG J 238 0.71 -31.20 -25.12
CA ARG J 238 0.47 -29.83 -24.68
C ARG J 238 -1.03 -29.56 -24.77
N LEU J 239 -1.60 -29.09 -23.67
CA LEU J 239 -3.02 -28.80 -23.57
C LEU J 239 -3.34 -27.35 -23.91
N THR J 240 -2.56 -26.77 -24.81
CA THR J 240 -2.69 -25.39 -25.25
C THR J 240 -2.59 -25.36 -26.77
N HIS J 241 -3.17 -24.33 -27.38
CA HIS J 241 -3.26 -24.22 -28.83
C HIS J 241 -2.61 -22.94 -29.30
N THR J 242 -2.01 -23.00 -30.49
CA THR J 242 -1.30 -21.88 -31.08
C THR J 242 -2.19 -21.20 -32.11
N TRP J 243 -2.48 -19.93 -31.90
CA TRP J 243 -3.29 -19.17 -32.83
C TRP J 243 -2.47 -18.54 -33.95
N GLN J 244 -1.19 -18.35 -33.76
CA GLN J 244 -0.39 -17.56 -34.69
C GLN J 244 -0.13 -18.36 -35.96
N THR J 245 -0.83 -18.01 -37.01
CA THR J 245 -0.43 -18.38 -38.35
C THR J 245 0.71 -17.46 -38.78
N ASN J 246 1.11 -17.59 -40.05
CA ASN J 246 2.30 -16.91 -40.54
C ASN J 246 2.15 -15.39 -40.49
N ARG J 247 0.96 -14.88 -40.75
CA ARG J 247 0.76 -13.44 -40.78
C ARG J 247 0.99 -12.75 -39.44
N ALA J 248 0.92 -13.49 -38.33
CA ALA J 248 0.97 -12.91 -36.99
C ALA J 248 2.33 -13.06 -36.32
N LEU J 249 3.37 -13.42 -37.06
CA LEU J 249 4.69 -13.63 -36.50
C LEU J 249 5.60 -12.46 -36.80
N GLY J 250 6.31 -12.00 -35.79
CA GLY J 250 7.29 -10.95 -35.93
C GLY J 250 6.73 -9.61 -35.51
N LEU J 251 7.50 -8.60 -35.81
CA LEU J 251 7.15 -7.25 -35.41
C LEU J 251 6.10 -6.68 -36.36
N PRO J 252 4.95 -6.21 -35.88
CA PRO J 252 4.00 -5.56 -36.78
C PRO J 252 4.57 -4.28 -37.35
N PRO J 253 4.02 -3.78 -38.44
CA PRO J 253 4.52 -2.53 -39.00
C PRO J 253 4.19 -1.35 -38.12
N PHE J 254 5.07 -0.35 -38.14
CA PHE J 254 4.82 0.85 -37.37
C PHE J 254 3.66 1.61 -37.99
N LEU J 255 2.72 2.01 -37.15
CA LEU J 255 1.53 2.74 -37.58
C LEU J 255 1.77 4.23 -37.35
N ASN J 256 2.04 4.95 -38.43
CA ASN J 256 2.27 6.38 -38.34
C ASN J 256 0.99 7.17 -38.09
N SER J 257 -0.18 6.57 -38.30
CA SER J 257 -1.48 7.24 -38.14
C SER J 257 -2.34 6.37 -37.23
N LEU J 258 -2.23 6.60 -35.93
CA LEU J 258 -3.03 5.88 -34.97
C LEU J 258 -4.46 6.43 -34.97
N PRO J 259 -5.46 5.61 -34.65
CA PRO J 259 -6.83 6.11 -34.66
C PRO J 259 -7.08 7.06 -33.51
N GLN J 260 -8.01 8.00 -33.73
CA GLN J 260 -8.27 9.10 -32.80
C GLN J 260 -9.68 9.10 -32.22
N SER J 261 -10.51 8.09 -32.52
CA SER J 261 -11.86 8.04 -31.99
C SER J 261 -12.29 6.60 -31.84
N GLU J 262 -13.21 6.38 -30.91
CA GLU J 262 -13.68 5.04 -30.60
C GLU J 262 -14.44 4.45 -31.78
N GLY J 263 -14.60 3.12 -31.75
CA GLY J 263 -15.40 2.41 -32.72
C GLY J 263 -14.57 1.67 -33.74
N ALA J 264 -15.08 0.53 -34.20
CA ALA J 264 -14.33 -0.33 -35.10
C ALA J 264 -14.06 0.32 -36.46
N THR J 265 -14.89 1.27 -36.89
CA THR J 265 -14.67 1.92 -38.17
C THR J 265 -13.43 2.81 -38.20
N ASN J 266 -12.89 3.21 -37.05
CA ASN J 266 -11.73 4.07 -36.98
C ASN J 266 -10.45 3.23 -37.08
N PHE J 267 -10.20 2.71 -38.27
CA PHE J 267 -9.01 1.89 -38.50
C PHE J 267 -7.75 2.73 -38.39
N GLY J 268 -6.67 2.08 -37.99
CA GLY J 268 -5.36 2.67 -38.11
C GLY J 268 -4.85 2.56 -39.52
N ASP J 269 -3.76 3.28 -39.80
CA ASP J 269 -3.19 3.38 -41.13
C ASP J 269 -1.68 3.40 -41.05
N ILE J 270 -1.02 2.58 -41.85
CA ILE J 270 0.42 2.66 -42.01
C ILE J 270 0.73 3.86 -42.91
N GLY J 271 1.72 4.65 -42.53
CA GLY J 271 1.93 5.92 -43.21
C GLY J 271 2.57 5.82 -44.58
N VAL J 272 3.38 4.80 -44.81
CA VAL J 272 4.36 4.78 -45.89
C VAL J 272 3.85 3.90 -47.02
N GLN J 273 4.05 4.37 -48.25
CA GLN J 273 3.56 3.65 -49.43
C GLN J 273 4.25 2.31 -49.56
N GLN J 274 3.56 1.37 -50.19
CA GLN J 274 3.96 -0.03 -50.16
C GLN J 274 5.27 -0.28 -50.89
N ASP J 275 5.58 0.53 -51.90
CA ASP J 275 6.83 0.41 -52.63
C ASP J 275 7.97 1.25 -52.05
N LYS J 276 7.76 1.92 -50.91
CA LYS J 276 8.77 2.72 -50.23
C LYS J 276 8.93 2.32 -48.77
N ARG J 277 8.66 1.07 -48.44
CA ARG J 277 8.75 0.57 -47.08
C ARG J 277 10.07 -0.11 -46.83
N ARG J 278 10.59 0.08 -45.63
CA ARG J 278 11.71 -0.70 -45.15
C ARG J 278 11.24 -2.08 -44.72
N GLY J 279 12.07 -3.07 -44.94
CA GLY J 279 11.74 -4.42 -44.57
C GLY J 279 12.58 -5.42 -45.33
N VAL J 280 12.14 -6.68 -45.27
CA VAL J 280 12.80 -7.81 -45.90
C VAL J 280 11.72 -8.64 -46.56
N THR J 281 11.99 -9.12 -47.77
CA THR J 281 11.06 -9.97 -48.50
C THR J 281 11.83 -11.07 -49.21
N GLN J 282 11.11 -12.11 -49.59
CA GLN J 282 11.68 -13.22 -50.32
C GLN J 282 11.60 -13.04 -51.82
N MET J 283 10.56 -12.38 -52.33
CA MET J 283 10.42 -12.19 -53.77
C MET J 283 11.47 -11.18 -54.18
N GLY J 284 12.60 -11.69 -54.67
CA GLY J 284 13.78 -10.91 -54.95
C GLY J 284 13.61 -9.80 -55.97
N ASN J 285 12.60 -9.90 -56.83
CA ASN J 285 12.39 -8.98 -57.92
C ASN J 285 11.25 -7.99 -57.68
N THR J 286 10.69 -7.94 -56.48
CA THR J 286 9.50 -7.16 -56.17
C THR J 286 9.81 -6.22 -55.03
N ASN J 287 9.56 -4.93 -55.22
CA ASN J 287 9.84 -3.94 -54.19
C ASN J 287 8.77 -3.86 -53.11
N TYR J 288 7.58 -4.40 -53.34
CA TYR J 288 6.47 -4.24 -52.40
C TYR J 288 6.74 -5.03 -51.12
N ILE J 289 6.89 -4.32 -50.01
CA ILE J 289 6.87 -4.93 -48.68
C ILE J 289 5.44 -4.81 -48.17
N THR J 290 4.79 -5.95 -48.00
CA THR J 290 3.42 -6.04 -47.52
C THR J 290 3.39 -7.15 -46.49
N GLU J 291 2.31 -7.19 -45.71
CA GLU J 291 2.20 -8.25 -44.72
C GLU J 291 2.12 -9.64 -45.35
N ALA J 292 1.69 -9.73 -46.61
CA ALA J 292 1.67 -11.01 -47.29
C ALA J 292 3.05 -11.42 -47.76
N THR J 293 3.83 -10.47 -48.28
CA THR J 293 5.12 -10.76 -48.87
C THR J 293 6.26 -10.76 -47.88
N ILE J 294 6.10 -10.09 -46.73
CA ILE J 294 7.21 -9.91 -45.81
C ILE J 294 7.66 -11.24 -45.26
N MET J 295 8.96 -11.37 -45.06
CA MET J 295 9.55 -12.64 -44.65
C MET J 295 9.20 -12.93 -43.20
N ARG J 296 8.62 -14.07 -42.97
CA ARG J 296 8.44 -14.64 -41.65
C ARG J 296 9.57 -15.65 -41.41
N PRO J 297 9.81 -16.06 -40.17
CA PRO J 297 10.93 -16.98 -39.93
C PRO J 297 10.77 -18.32 -40.62
N ALA J 298 9.57 -18.89 -40.57
CA ALA J 298 9.32 -20.20 -41.10
C ALA J 298 7.82 -20.29 -41.38
N GLU J 299 7.34 -21.50 -41.66
CA GLU J 299 6.00 -21.74 -42.14
C GLU J 299 5.25 -22.59 -41.14
N VAL J 300 4.06 -22.15 -40.75
CA VAL J 300 3.20 -22.88 -39.83
C VAL J 300 2.14 -23.58 -40.67
N GLY J 301 2.05 -24.90 -40.56
CA GLY J 301 1.05 -25.65 -41.28
C GLY J 301 1.40 -25.82 -42.73
N TYR J 302 0.65 -26.65 -43.45
CA TYR J 302 0.94 -26.92 -44.84
C TYR J 302 -0.33 -27.35 -45.56
N SER J 303 -0.31 -27.19 -46.88
CA SER J 303 -1.35 -27.72 -47.74
C SER J 303 -1.02 -29.16 -48.10
N ALA J 304 -2.04 -30.00 -48.14
CA ALA J 304 -1.96 -31.39 -48.53
C ALA J 304 -2.96 -31.66 -49.65
N PRO J 305 -2.75 -32.69 -50.46
CA PRO J 305 -3.71 -32.94 -51.54
C PRO J 305 -5.02 -33.49 -51.01
N TYR J 306 -5.93 -32.61 -50.61
CA TYR J 306 -7.05 -33.05 -49.79
C TYR J 306 -8.04 -33.87 -50.60
N TYR J 307 -8.48 -34.97 -49.97
CA TYR J 307 -9.27 -36.04 -50.57
C TYR J 307 -8.52 -36.76 -51.68
N SER J 308 -7.23 -36.96 -51.48
CA SER J 308 -6.45 -37.87 -52.32
C SER J 308 -6.51 -39.28 -51.78
N PHE J 309 -6.54 -40.26 -52.68
CA PHE J 309 -6.42 -41.67 -52.34
C PHE J 309 -5.23 -42.26 -53.10
N GLU J 310 -4.21 -42.69 -52.36
CA GLU J 310 -3.18 -43.54 -52.92
C GLU J 310 -3.65 -44.98 -52.87
N ALA J 311 -3.22 -45.77 -53.85
CA ALA J 311 -3.41 -47.21 -53.86
C ALA J 311 -2.06 -47.89 -53.69
N SER J 312 -1.94 -48.71 -52.66
CA SER J 312 -0.84 -49.66 -52.52
C SER J 312 -1.27 -50.97 -53.16
N THR J 313 -0.59 -52.06 -52.83
CA THR J 313 -1.02 -53.36 -53.32
C THR J 313 -2.35 -53.79 -52.74
N GLN J 314 -2.72 -53.27 -51.57
CA GLN J 314 -3.88 -53.72 -50.83
C GLN J 314 -5.15 -52.94 -51.10
N GLY J 315 -5.07 -51.81 -51.81
CA GLY J 315 -6.22 -51.06 -52.24
C GLY J 315 -6.13 -49.60 -51.88
N PRO J 316 -7.13 -48.81 -52.28
CA PRO J 316 -7.07 -47.38 -52.03
C PRO J 316 -7.17 -47.04 -50.55
N PHE J 317 -6.51 -45.95 -50.16
CA PHE J 317 -6.60 -45.43 -48.81
C PHE J 317 -6.42 -43.92 -48.82
N LYS J 318 -7.14 -43.24 -47.95
CA LYS J 318 -7.06 -41.79 -47.85
C LYS J 318 -5.74 -41.38 -47.23
N THR J 319 -4.95 -40.61 -47.95
CA THR J 319 -3.68 -40.13 -47.43
C THR J 319 -3.97 -39.13 -46.32
N PRO J 320 -3.56 -39.35 -45.07
CA PRO J 320 -4.05 -38.49 -43.98
C PRO J 320 -3.46 -37.10 -44.01
N ILE J 321 -4.02 -36.24 -43.15
CA ILE J 321 -3.66 -34.84 -43.01
C ILE J 321 -3.30 -34.60 -41.56
N ALA J 322 -2.38 -33.67 -41.30
CA ALA J 322 -2.00 -33.39 -39.93
C ALA J 322 -3.09 -32.62 -39.19
N ALA J 323 -3.63 -31.56 -39.81
CA ALA J 323 -4.64 -30.75 -39.17
C ALA J 323 -5.51 -30.10 -40.25
N GLY J 324 -6.79 -29.96 -39.94
CA GLY J 324 -7.75 -29.38 -40.86
C GLY J 324 -7.83 -27.88 -40.72
N ARG J 325 -8.91 -27.32 -41.25
CA ARG J 325 -9.18 -25.90 -41.12
C ARG J 325 -9.35 -25.54 -39.65
N ALA J 336 -16.52 -28.98 -42.99
CA ALA J 336 -15.15 -29.25 -42.48
C ALA J 336 -14.52 -30.43 -43.20
N ASP J 337 -13.20 -30.36 -43.39
CA ASP J 337 -12.45 -31.41 -44.05
C ASP J 337 -11.09 -31.52 -43.37
N GLY J 338 -10.58 -32.73 -43.28
CA GLY J 338 -9.34 -32.99 -42.57
C GLY J 338 -9.41 -33.06 -41.05
N ASN J 339 -10.50 -32.59 -40.44
CA ASN J 339 -10.68 -32.76 -39.01
C ASN J 339 -11.25 -34.16 -38.73
N PRO J 340 -10.90 -34.78 -37.60
CA PRO J 340 -11.35 -36.15 -37.36
C PRO J 340 -12.81 -36.21 -36.95
N ARG J 341 -13.50 -37.23 -37.45
CA ARG J 341 -14.90 -37.48 -37.16
C ARG J 341 -15.04 -38.81 -36.45
N TYR J 342 -15.56 -38.79 -35.23
CA TYR J 342 -15.70 -39.96 -34.39
C TYR J 342 -17.14 -40.43 -34.46
N ALA J 343 -17.35 -41.73 -34.65
CA ALA J 343 -18.64 -42.38 -34.57
C ALA J 343 -18.57 -43.44 -33.49
N PHE J 344 -19.59 -43.51 -32.65
CA PHE J 344 -19.48 -44.21 -31.38
C PHE J 344 -20.85 -44.62 -30.90
N GLY J 345 -20.87 -45.59 -29.98
CA GLY J 345 -22.08 -46.25 -29.55
C GLY J 345 -22.45 -45.93 -28.11
N ARG J 346 -23.34 -46.76 -27.57
CA ARG J 346 -23.93 -46.51 -26.25
C ARG J 346 -22.91 -46.63 -25.14
N GLN J 347 -22.01 -47.61 -25.23
CA GLN J 347 -20.98 -47.76 -24.21
C GLN J 347 -20.10 -46.52 -24.12
N HIS J 348 -19.87 -45.85 -25.24
CA HIS J 348 -18.81 -44.87 -25.36
C HIS J 348 -19.31 -43.44 -25.55
N GLY J 349 -20.58 -43.15 -25.25
CA GLY J 349 -21.04 -41.78 -25.13
C GLY J 349 -22.43 -41.50 -25.64
N GLN J 350 -22.96 -42.34 -26.53
CA GLN J 350 -24.32 -42.13 -27.03
C GLN J 350 -25.30 -42.30 -25.88
N LYS J 351 -26.44 -41.62 -25.98
CA LYS J 351 -27.53 -41.76 -25.02
C LYS J 351 -27.87 -43.22 -24.83
N THR J 352 -27.65 -43.71 -23.61
CA THR J 352 -27.64 -45.14 -23.36
C THR J 352 -29.01 -45.77 -23.52
N THR J 353 -30.08 -44.99 -23.35
CA THR J 353 -31.44 -45.51 -23.47
C THR J 353 -31.98 -45.48 -24.89
N THR J 354 -31.33 -44.80 -25.82
CA THR J 354 -31.91 -44.61 -27.15
C THR J 354 -31.96 -45.92 -27.93
N THR J 355 -33.01 -46.09 -28.70
CA THR J 355 -33.17 -47.26 -29.56
C THR J 355 -32.44 -47.06 -30.88
N GLY J 356 -32.39 -48.12 -31.67
CA GLY J 356 -31.93 -48.02 -33.04
C GLY J 356 -30.43 -48.22 -33.19
N GLU J 357 -30.04 -48.55 -34.42
CA GLU J 357 -28.66 -48.90 -34.74
C GLU J 357 -27.78 -47.69 -35.03
N THR J 358 -28.34 -46.51 -35.18
CA THR J 358 -27.59 -45.37 -35.69
C THR J 358 -26.56 -44.90 -34.67
N PRO J 359 -25.28 -44.77 -35.01
CA PRO J 359 -24.33 -44.26 -34.02
C PRO J 359 -24.35 -42.75 -33.92
N GLU J 360 -23.98 -42.27 -32.73
CA GLU J 360 -23.77 -40.85 -32.52
C GLU J 360 -22.40 -40.44 -33.05
N ARG J 361 -22.32 -39.19 -33.53
CA ARG J 361 -21.17 -38.73 -34.29
C ARG J 361 -20.80 -37.31 -33.86
N PHE J 362 -19.51 -36.99 -33.93
CA PHE J 362 -19.07 -35.61 -33.87
C PHE J 362 -17.80 -35.44 -34.69
N THR J 363 -17.58 -34.21 -35.14
CA THR J 363 -16.35 -33.78 -35.80
C THR J 363 -15.64 -32.83 -34.87
N TYR J 364 -14.36 -33.09 -34.63
CA TYR J 364 -13.58 -32.38 -33.61
C TYR J 364 -12.93 -31.18 -34.28
N ILE J 365 -13.54 -30.02 -34.12
CA ILE J 365 -13.00 -28.78 -34.64
C ILE J 365 -11.99 -28.25 -33.63
N ALA J 366 -10.72 -28.63 -33.80
CA ALA J 366 -9.71 -28.23 -32.84
C ALA J 366 -9.48 -26.73 -32.89
N HIS J 367 -9.20 -26.15 -31.73
CA HIS J 367 -8.99 -24.71 -31.67
C HIS J 367 -7.70 -24.27 -32.35
N GLN J 368 -6.76 -25.16 -32.59
CA GLN J 368 -5.48 -24.74 -33.14
C GLN J 368 -5.61 -24.42 -34.62
N ASP J 369 -4.93 -23.36 -35.05
CA ASP J 369 -5.05 -22.82 -36.40
C ASP J 369 -3.87 -23.22 -37.29
N THR J 370 -3.29 -24.40 -37.07
CA THR J 370 -2.21 -24.90 -37.91
C THR J 370 -2.76 -25.55 -39.16
N GLY J 371 -3.53 -24.79 -39.93
CA GLY J 371 -4.29 -25.34 -41.03
C GLY J 371 -4.41 -24.35 -42.17
N ARG J 372 -5.29 -24.64 -43.12
CA ARG J 372 -5.37 -23.88 -44.35
C ARG J 372 -6.81 -23.70 -44.76
N TYR J 373 -7.01 -22.68 -45.60
CA TYR J 373 -8.31 -22.29 -46.13
C TYR J 373 -8.12 -22.29 -47.65
N PRO J 374 -8.36 -23.42 -48.33
CA PRO J 374 -8.03 -23.51 -49.76
C PRO J 374 -8.70 -22.48 -50.66
N GLU J 375 -9.86 -21.96 -50.28
CA GLU J 375 -10.51 -20.96 -51.12
C GLU J 375 -9.74 -19.64 -51.22
N GLY J 376 -8.76 -19.40 -50.35
CA GLY J 376 -7.97 -18.18 -50.36
C GLY J 376 -6.60 -18.30 -51.01
N ASP J 377 -6.18 -19.52 -51.36
CA ASP J 377 -4.86 -19.72 -51.92
C ASP J 377 -4.80 -19.23 -53.36
N TRP J 378 -3.61 -18.88 -53.82
CA TRP J 378 -3.42 -18.63 -55.24
C TRP J 378 -1.95 -18.73 -55.59
N ILE J 379 -1.70 -18.92 -56.88
CA ILE J 379 -0.38 -18.92 -57.48
C ILE J 379 -0.39 -17.84 -58.54
N GLN J 380 0.73 -17.13 -58.68
CA GLN J 380 0.88 -16.18 -59.76
C GLN J 380 2.31 -16.24 -60.29
N ASN J 381 2.46 -15.81 -61.53
CA ASN J 381 3.71 -15.91 -62.24
C ASN J 381 4.76 -15.04 -61.57
N ILE J 382 6.02 -15.43 -61.77
CA ILE J 382 7.15 -14.83 -61.06
C ILE J 382 7.29 -13.35 -61.32
N ASN J 383 6.83 -12.87 -62.47
CA ASN J 383 7.07 -11.48 -62.84
C ASN J 383 6.39 -10.50 -61.90
N PHE J 384 5.26 -10.89 -61.30
CA PHE J 384 4.64 -10.18 -60.21
C PHE J 384 4.23 -8.76 -60.63
N ASN J 385 3.57 -8.66 -61.77
CA ASN J 385 2.93 -7.42 -62.13
C ASN J 385 1.80 -7.15 -61.14
N LEU J 386 1.53 -5.87 -60.92
CA LEU J 386 0.79 -5.46 -59.71
C LEU J 386 -0.65 -5.95 -59.72
N PRO J 387 -1.56 -5.48 -60.61
CA PRO J 387 -2.91 -6.05 -60.63
C PRO J 387 -3.00 -7.24 -61.57
N VAL J 388 -2.68 -8.45 -61.08
CA VAL J 388 -2.44 -9.62 -61.92
C VAL J 388 -3.59 -9.90 -62.87
N THR J 389 -3.25 -10.42 -64.05
CA THR J 389 -4.20 -10.66 -65.13
C THR J 389 -4.72 -12.09 -65.09
N ASN J 390 -5.75 -12.35 -65.88
CA ASN J 390 -6.38 -13.67 -65.90
C ASN J 390 -5.42 -14.74 -66.38
N ASP J 391 -4.63 -14.45 -67.42
CA ASP J 391 -3.72 -15.44 -68.00
C ASP J 391 -2.44 -15.62 -67.21
N ASN J 392 -2.26 -14.94 -66.07
CA ASN J 392 -1.02 -14.94 -65.31
C ASN J 392 -1.22 -15.30 -63.84
N VAL J 393 -2.41 -15.74 -63.44
CA VAL J 393 -2.70 -16.12 -62.06
C VAL J 393 -3.60 -17.35 -62.12
N LEU J 394 -3.36 -18.27 -61.19
CA LEU J 394 -4.11 -19.51 -61.08
C LEU J 394 -4.83 -19.51 -59.75
N LEU J 395 -6.14 -19.69 -59.80
CA LEU J 395 -7.04 -19.50 -58.68
C LEU J 395 -7.76 -20.79 -58.36
N PRO J 396 -8.33 -20.94 -57.16
CA PRO J 396 -9.12 -22.14 -56.87
C PRO J 396 -10.35 -22.31 -57.74
N THR J 397 -10.80 -21.27 -58.45
CA THR J 397 -11.93 -21.38 -59.35
C THR J 397 -11.62 -22.15 -60.63
N ASP J 398 -10.35 -22.48 -60.88
CA ASP J 398 -9.91 -22.86 -62.22
C ASP J 398 -9.85 -24.37 -62.37
N PRO J 399 -10.26 -24.97 -63.49
CA PRO J 399 -10.17 -26.43 -63.61
C PRO J 399 -8.74 -26.93 -63.69
N ILE J 400 -8.54 -28.15 -63.20
CA ILE J 400 -7.36 -28.96 -63.50
C ILE J 400 -7.85 -30.16 -64.30
N GLY J 401 -7.25 -30.36 -65.48
CA GLY J 401 -7.66 -31.46 -66.32
C GLY J 401 -9.04 -31.32 -66.92
N GLY J 402 -9.62 -30.13 -66.91
CA GLY J 402 -10.94 -29.90 -67.43
C GLY J 402 -12.07 -30.12 -66.45
N LYS J 403 -11.83 -30.84 -65.35
CA LYS J 403 -12.87 -31.05 -64.36
C LYS J 403 -13.09 -29.78 -63.55
N THR J 404 -14.35 -29.36 -63.46
CA THR J 404 -14.68 -28.13 -62.77
C THR J 404 -14.60 -28.26 -61.26
N GLY J 405 -14.95 -29.42 -60.72
CA GLY J 405 -14.95 -29.59 -59.28
C GLY J 405 -13.59 -29.74 -58.66
N ILE J 406 -12.56 -30.00 -59.46
CA ILE J 406 -11.19 -30.16 -59.00
C ILE J 406 -10.41 -28.92 -59.40
N ASN J 407 -9.68 -28.34 -58.45
CA ASN J 407 -8.79 -27.22 -58.69
C ASN J 407 -7.43 -27.57 -58.11
N TYR J 408 -6.49 -26.66 -58.30
CA TYR J 408 -5.09 -26.97 -58.02
C TYR J 408 -4.83 -27.25 -56.54
N THR J 409 -5.65 -26.70 -55.65
CA THR J 409 -5.44 -26.95 -54.22
C THR J 409 -5.68 -28.39 -53.83
N ASN J 410 -6.38 -29.17 -54.66
CA ASN J 410 -6.56 -30.59 -54.40
C ASN J 410 -5.32 -31.41 -54.65
N ILE J 411 -4.37 -30.90 -55.42
CA ILE J 411 -3.10 -31.58 -55.69
C ILE J 411 -1.89 -30.83 -55.17
N PHE J 412 -2.07 -29.65 -54.59
CA PHE J 412 -0.96 -28.78 -54.23
C PHE J 412 -0.40 -29.18 -52.87
N ASN J 413 0.88 -29.53 -52.82
CA ASN J 413 1.58 -29.89 -51.60
C ASN J 413 2.62 -28.82 -51.30
N THR J 414 2.67 -28.38 -50.03
CA THR J 414 3.62 -27.37 -49.57
C THR J 414 4.31 -27.77 -48.28
N TYR J 415 4.36 -29.05 -47.96
CA TYR J 415 5.26 -29.51 -46.93
C TYR J 415 6.69 -29.30 -47.40
N GLY J 416 7.50 -28.69 -46.54
CA GLY J 416 8.86 -28.35 -46.87
C GLY J 416 9.67 -28.29 -45.60
N PRO J 417 10.96 -27.96 -45.72
CA PRO J 417 11.80 -27.94 -44.53
C PRO J 417 11.41 -26.87 -43.53
N LEU J 418 10.69 -25.84 -43.96
CA LEU J 418 10.28 -24.74 -43.10
C LEU J 418 8.92 -24.97 -42.43
N THR J 419 8.32 -26.15 -42.60
CA THR J 419 6.99 -26.41 -42.07
C THR J 419 7.06 -26.77 -40.59
N ALA J 420 6.17 -26.17 -39.81
CA ALA J 420 6.02 -26.43 -38.39
C ALA J 420 4.60 -26.90 -38.11
N LEU J 421 4.47 -27.80 -37.14
CA LEU J 421 3.22 -28.52 -36.92
C LEU J 421 3.03 -28.79 -35.44
N ASN J 422 1.78 -29.04 -35.06
CA ASN J 422 1.42 -29.47 -33.72
C ASN J 422 0.91 -30.90 -33.73
N ASN J 423 1.22 -31.61 -32.67
CA ASN J 423 0.70 -32.95 -32.48
C ASN J 423 -0.80 -32.89 -32.25
N VAL J 424 -1.48 -34.00 -32.52
CA VAL J 424 -2.95 -34.01 -32.53
C VAL J 424 -3.48 -33.79 -31.12
N PRO J 425 -4.60 -33.07 -30.94
CA PRO J 425 -5.08 -32.83 -29.59
C PRO J 425 -5.72 -34.09 -29.02
N PRO J 426 -5.74 -34.25 -27.70
CA PRO J 426 -6.58 -35.31 -27.11
C PRO J 426 -8.05 -35.07 -27.44
N VAL J 427 -8.73 -36.12 -27.90
CA VAL J 427 -10.17 -36.08 -28.13
C VAL J 427 -10.83 -36.85 -26.98
N TYR J 428 -11.24 -36.13 -25.94
CA TYR J 428 -12.03 -36.73 -24.90
C TYR J 428 -13.46 -36.94 -25.39
N PRO J 429 -14.12 -38.06 -25.04
CA PRO J 429 -13.70 -39.28 -24.36
C PRO J 429 -13.25 -40.39 -25.29
N ASN J 430 -13.48 -40.28 -26.59
CA ASN J 430 -13.35 -41.41 -27.49
C ASN J 430 -11.97 -41.59 -28.09
N GLY J 431 -11.07 -40.63 -27.93
CA GLY J 431 -9.78 -40.73 -28.59
C GLY J 431 -8.81 -41.64 -27.85
N GLN J 432 -7.80 -42.08 -28.57
CA GLN J 432 -6.74 -42.89 -27.98
C GLN J 432 -5.89 -42.06 -27.04
N ILE J 433 -5.12 -42.76 -26.21
CA ILE J 433 -4.10 -42.15 -25.36
C ILE J 433 -2.70 -42.39 -25.91
N TRP J 434 -2.37 -43.65 -26.22
CA TRP J 434 -1.05 -44.04 -26.71
C TRP J 434 -1.20 -44.86 -27.98
N ASP J 435 -0.13 -44.89 -28.78
CA ASP J 435 -0.06 -45.77 -29.94
C ASP J 435 1.39 -46.14 -30.18
N LYS J 436 1.59 -47.28 -30.84
CA LYS J 436 2.92 -47.80 -31.05
C LYS J 436 3.58 -47.14 -32.24
N GLU J 437 4.88 -46.89 -32.13
CA GLU J 437 5.64 -46.37 -33.24
C GLU J 437 5.88 -47.46 -34.28
N PHE J 438 6.05 -47.05 -35.53
CA PHE J 438 6.31 -48.00 -36.60
C PHE J 438 7.71 -48.61 -36.46
N ASP J 439 7.86 -49.79 -37.06
CA ASP J 439 9.12 -50.50 -37.11
C ASP J 439 10.05 -50.02 -38.23
N THR J 440 9.60 -49.08 -39.06
CA THR J 440 10.39 -48.68 -40.22
C THR J 440 11.66 -47.95 -39.81
N ASP J 441 12.62 -47.91 -40.73
CA ASP J 441 13.90 -47.28 -40.42
C ASP J 441 13.73 -45.77 -40.25
N LEU J 442 12.95 -45.13 -41.11
CA LEU J 442 12.58 -43.73 -40.97
C LEU J 442 11.14 -43.65 -40.51
N LYS J 443 10.89 -42.89 -39.44
CA LYS J 443 9.66 -42.98 -38.67
C LYS J 443 8.87 -41.67 -38.76
N PRO J 444 7.55 -41.70 -38.68
CA PRO J 444 6.78 -40.47 -38.88
C PRO J 444 6.92 -39.52 -37.71
N ARG J 445 6.90 -38.23 -38.02
CA ARG J 445 7.06 -37.21 -37.00
C ARG J 445 5.87 -37.14 -36.05
N LEU J 446 4.68 -37.45 -36.54
CA LEU J 446 3.51 -37.50 -35.67
C LEU J 446 2.53 -38.55 -36.18
N HIS J 447 1.83 -39.17 -35.25
CA HIS J 447 0.75 -40.08 -35.53
C HIS J 447 -0.57 -39.33 -35.40
N VAL J 448 -1.49 -39.60 -36.33
CA VAL J 448 -2.73 -38.82 -36.39
C VAL J 448 -3.80 -39.28 -35.41
N ASN J 449 -3.61 -40.42 -34.74
CA ASN J 449 -4.67 -41.06 -33.98
C ASN J 449 -4.53 -40.97 -32.47
N ALA J 450 -3.32 -40.75 -31.95
CA ALA J 450 -3.04 -40.75 -30.51
C ALA J 450 -2.07 -39.64 -30.17
N PRO J 451 -2.25 -38.92 -29.06
CA PRO J 451 -1.28 -37.85 -28.77
C PRO J 451 0.08 -38.36 -28.37
N PHE J 452 0.15 -39.45 -27.61
CA PHE J 452 1.40 -40.02 -27.15
C PHE J 452 1.78 -41.19 -28.02
N VAL J 453 3.07 -41.33 -28.29
CA VAL J 453 3.62 -42.40 -29.12
C VAL J 453 4.65 -43.15 -28.30
N CYS J 454 4.43 -44.45 -28.11
CA CYS J 454 5.42 -45.32 -27.49
C CYS J 454 6.64 -45.35 -28.39
N GLN J 455 7.76 -44.85 -27.88
CA GLN J 455 8.92 -44.66 -28.74
C GLN J 455 9.60 -45.98 -29.07
N ASN J 456 9.74 -46.87 -28.08
CA ASN J 456 10.48 -48.12 -28.23
C ASN J 456 9.67 -49.35 -27.90
N ASN J 457 8.75 -49.27 -26.94
CA ASN J 457 7.89 -50.40 -26.61
C ASN J 457 6.66 -49.84 -25.92
N CYS J 458 5.57 -50.59 -26.02
CA CYS J 458 4.22 -50.12 -25.70
C CYS J 458 3.55 -51.16 -24.81
N PRO J 459 2.48 -50.80 -24.10
CA PRO J 459 1.85 -51.75 -23.18
C PRO J 459 1.34 -53.00 -23.87
N GLY J 460 1.60 -54.14 -23.24
CA GLY J 460 1.22 -55.40 -23.84
C GLY J 460 -0.29 -55.57 -23.87
N GLN J 461 -0.76 -56.21 -24.93
CA GLN J 461 -2.20 -56.46 -25.07
C GLN J 461 -2.60 -57.64 -24.19
N LEU J 462 -3.71 -57.48 -23.49
CA LEU J 462 -4.22 -58.47 -22.54
C LEU J 462 -5.39 -59.22 -23.16
N PHE J 463 -5.15 -60.46 -23.55
CA PHE J 463 -6.14 -61.30 -24.21
C PHE J 463 -6.82 -62.22 -23.21
N VAL J 464 -8.06 -62.57 -23.50
CA VAL J 464 -8.86 -63.43 -22.64
C VAL J 464 -9.66 -64.40 -23.49
N LYS J 465 -9.94 -65.57 -22.91
CA LYS J 465 -10.66 -66.63 -23.61
C LYS J 465 -11.19 -67.59 -22.56
N VAL J 466 -12.45 -67.99 -22.71
CA VAL J 466 -13.05 -68.98 -21.83
C VAL J 466 -12.57 -70.35 -22.28
N ALA J 467 -11.99 -71.12 -21.36
CA ALA J 467 -11.39 -72.39 -21.74
C ALA J 467 -12.47 -73.36 -22.17
N PRO J 468 -12.18 -74.30 -23.08
CA PRO J 468 -13.23 -75.22 -23.52
C PRO J 468 -13.69 -76.17 -22.43
N ASN J 469 -14.99 -76.23 -22.24
CA ASN J 469 -15.65 -77.28 -21.47
C ASN J 469 -16.41 -78.18 -22.45
N LEU J 470 -16.18 -79.50 -22.33
CA LEU J 470 -16.55 -80.45 -23.37
C LEU J 470 -17.48 -81.52 -22.82
N THR J 471 -18.40 -81.97 -23.67
CA THR J 471 -19.37 -82.98 -23.29
C THR J 471 -18.74 -84.37 -23.25
N ASN J 472 -19.34 -85.25 -22.45
CA ASN J 472 -18.95 -86.65 -22.49
C ASN J 472 -19.30 -87.29 -23.83
N GLU J 473 -20.35 -86.81 -24.49
CA GLU J 473 -20.70 -87.28 -25.83
C GLU J 473 -19.77 -86.66 -26.86
N ALA J 480 -15.57 -81.80 -37.61
CA ALA J 480 -16.74 -81.04 -37.07
C ALA J 480 -16.33 -80.27 -35.81
N ASN J 481 -17.11 -79.24 -35.49
CA ASN J 481 -16.81 -78.44 -34.31
C ASN J 481 -16.98 -79.27 -33.04
N MET J 482 -16.10 -79.03 -32.08
CA MET J 482 -16.15 -79.72 -30.81
C MET J 482 -17.39 -79.29 -30.03
N SER J 483 -17.99 -80.26 -29.32
CA SER J 483 -19.25 -80.04 -28.61
C SER J 483 -18.97 -79.35 -27.28
N ARG J 484 -19.03 -78.02 -27.30
CA ARG J 484 -18.75 -77.23 -26.11
C ARG J 484 -19.98 -77.16 -25.20
N ILE J 485 -19.74 -77.18 -23.90
CA ILE J 485 -20.79 -76.89 -22.93
C ILE J 485 -20.89 -75.37 -22.86
N VAL J 486 -22.10 -74.86 -23.05
CA VAL J 486 -22.33 -73.42 -23.15
C VAL J 486 -21.99 -72.78 -21.82
N THR J 487 -20.96 -71.94 -21.82
CA THR J 487 -20.41 -71.34 -20.63
C THR J 487 -20.06 -69.89 -20.93
N TYR J 488 -20.05 -69.07 -19.88
CA TYR J 488 -19.70 -67.67 -20.02
C TYR J 488 -19.02 -67.21 -18.74
N SER J 489 -18.23 -66.15 -18.88
CA SER J 489 -17.42 -65.61 -17.81
C SER J 489 -17.84 -64.19 -17.49
N ASP J 490 -17.67 -63.83 -16.21
CA ASP J 490 -17.72 -62.45 -15.78
C ASP J 490 -16.55 -62.25 -14.83
N PHE J 491 -15.74 -61.21 -15.08
CA PHE J 491 -14.58 -60.94 -14.27
C PHE J 491 -14.40 -59.44 -14.16
N TRP J 492 -13.78 -59.01 -13.06
CA TRP J 492 -13.54 -57.61 -12.80
C TRP J 492 -12.15 -57.23 -13.29
N TRP J 493 -12.07 -56.17 -14.10
CA TRP J 493 -10.83 -55.61 -14.58
C TRP J 493 -10.56 -54.33 -13.79
N LYS J 494 -9.32 -54.17 -13.33
CA LYS J 494 -8.87 -52.98 -12.62
C LYS J 494 -7.57 -52.50 -13.21
N GLY J 495 -7.46 -51.20 -13.43
CA GLY J 495 -6.28 -50.62 -14.03
C GLY J 495 -6.00 -49.25 -13.47
N LYS J 496 -4.72 -48.87 -13.56
CA LYS J 496 -4.21 -47.63 -13.00
C LYS J 496 -3.29 -46.99 -14.03
N LEU J 497 -3.66 -45.82 -14.52
CA LEU J 497 -2.87 -45.05 -15.49
C LEU J 497 -2.48 -43.75 -14.84
N VAL J 498 -1.18 -43.53 -14.69
CA VAL J 498 -0.62 -42.42 -13.93
C VAL J 498 -0.10 -41.39 -14.93
N PHE J 499 -0.49 -40.14 -14.72
CA PHE J 499 -0.04 -39.00 -15.51
C PHE J 499 0.75 -38.06 -14.63
N LYS J 500 1.53 -37.20 -15.27
CA LYS J 500 2.25 -36.12 -14.62
C LYS J 500 2.00 -34.85 -15.41
N ALA J 501 1.48 -33.82 -14.76
CA ALA J 501 0.99 -32.61 -15.42
C ALA J 501 1.45 -31.36 -14.69
N LYS J 502 1.60 -30.27 -15.45
CA LYS J 502 2.09 -29.00 -14.92
C LYS J 502 0.96 -27.98 -14.87
N LEU J 503 0.78 -27.36 -13.72
CA LEU J 503 -0.22 -26.32 -13.57
C LEU J 503 0.21 -25.05 -14.28
N ARG J 504 -0.76 -24.34 -14.86
CA ARG J 504 -0.45 -23.20 -15.71
C ARG J 504 -0.24 -21.93 -14.88
N ALA J 505 0.09 -20.85 -15.58
CA ALA J 505 0.26 -19.53 -15.00
C ALA J 505 -0.47 -18.49 -15.84
N SER J 506 -0.81 -17.37 -15.20
CA SER J 506 -1.59 -16.29 -15.82
C SER J 506 -0.65 -15.27 -16.47
N HIS J 507 -0.17 -15.62 -17.66
CA HIS J 507 0.74 -14.73 -18.37
C HIS J 507 0.04 -13.49 -18.90
N THR J 508 -1.18 -13.65 -19.40
CA THR J 508 -1.93 -12.55 -19.99
C THR J 508 -2.70 -11.76 -18.95
N TRP J 509 -3.02 -10.53 -19.32
CA TRP J 509 -4.00 -9.75 -18.56
C TRP J 509 -5.40 -10.33 -18.71
N ASN J 510 -5.75 -10.75 -19.92
CA ASN J 510 -7.11 -11.20 -20.18
C ASN J 510 -7.32 -12.64 -19.73
N PRO J 511 -8.53 -12.99 -19.30
CA PRO J 511 -8.80 -14.39 -18.98
C PRO J 511 -8.84 -15.25 -20.23
N ILE J 512 -8.62 -16.55 -20.05
CA ILE J 512 -8.55 -17.51 -21.14
C ILE J 512 -9.85 -18.30 -21.27
N GLN J 513 -10.02 -19.00 -22.37
CA GLN J 513 -11.19 -19.85 -22.55
C GLN J 513 -11.12 -21.04 -21.61
N GLN J 514 -12.26 -21.40 -21.05
CA GLN J 514 -12.36 -22.45 -20.04
C GLN J 514 -13.59 -23.28 -20.30
N MET J 515 -13.48 -24.58 -20.10
CA MET J 515 -14.65 -25.45 -20.14
C MET J 515 -15.55 -25.10 -18.97
N SER J 516 -16.86 -25.16 -19.21
CA SER J 516 -17.81 -24.83 -18.17
C SER J 516 -19.12 -25.55 -18.44
N ILE J 517 -19.87 -25.75 -17.37
CA ILE J 517 -21.27 -26.11 -17.48
C ILE J 517 -22.08 -24.83 -17.66
N ASN J 518 -23.10 -24.88 -18.50
CA ASN J 518 -23.99 -23.75 -18.71
C ASN J 518 -25.39 -24.28 -18.95
N VAL J 519 -26.33 -23.35 -19.14
CA VAL J 519 -27.74 -23.68 -19.29
C VAL J 519 -27.97 -24.54 -20.51
N ASP J 520 -27.17 -24.35 -21.56
CA ASP J 520 -27.39 -25.10 -22.79
C ASP J 520 -26.96 -26.56 -22.65
N ASN J 521 -25.81 -26.81 -22.02
CA ASN J 521 -25.21 -28.14 -21.92
C ASN J 521 -25.42 -28.79 -20.56
N GLN J 522 -26.30 -28.25 -19.73
CA GLN J 522 -26.40 -28.69 -18.33
C GLN J 522 -26.77 -30.16 -18.21
N PHE J 523 -27.77 -30.59 -18.97
CA PHE J 523 -28.31 -31.93 -18.85
C PHE J 523 -27.55 -32.97 -19.67
N ASN J 524 -26.37 -32.64 -20.19
CA ASN J 524 -25.49 -33.68 -20.73
C ASN J 524 -24.82 -34.46 -19.61
N TYR J 525 -24.41 -33.78 -18.55
CA TYR J 525 -23.57 -34.35 -17.51
C TYR J 525 -24.35 -34.88 -16.31
N VAL J 526 -25.63 -35.19 -16.46
CA VAL J 526 -26.53 -35.56 -15.36
C VAL J 526 -27.35 -36.74 -15.88
N PRO J 527 -27.75 -37.71 -15.07
CA PRO J 527 -28.57 -38.79 -15.61
C PRO J 527 -29.99 -38.35 -15.87
N SER J 528 -30.70 -39.15 -16.66
CA SER J 528 -32.04 -38.83 -17.12
C SER J 528 -33.08 -39.53 -16.25
N ASN J 529 -34.34 -39.45 -16.67
CA ASN J 529 -35.43 -39.96 -15.85
C ASN J 529 -35.35 -41.47 -15.71
N ILE J 530 -35.09 -42.16 -16.81
CA ILE J 530 -34.98 -43.62 -16.83
C ILE J 530 -33.51 -44.03 -16.79
N GLY J 531 -32.65 -43.15 -16.29
CA GLY J 531 -31.27 -43.50 -16.07
C GLY J 531 -30.38 -43.50 -17.29
N GLY J 532 -30.76 -42.78 -18.34
CA GLY J 532 -29.89 -42.63 -19.47
C GLY J 532 -28.68 -41.78 -19.13
N MET J 533 -27.57 -42.06 -19.79
CA MET J 533 -26.35 -41.26 -19.69
C MET J 533 -25.80 -40.98 -21.06
N LYS J 534 -25.05 -39.89 -21.16
CA LYS J 534 -24.28 -39.58 -22.35
C LYS J 534 -23.02 -38.84 -21.92
N ILE J 535 -22.00 -38.90 -22.77
CA ILE J 535 -20.75 -38.18 -22.57
C ILE J 535 -20.50 -37.40 -23.85
N VAL J 536 -20.61 -36.07 -23.76
CA VAL J 536 -20.30 -35.24 -24.90
C VAL J 536 -18.78 -35.19 -25.10
N TYR J 537 -18.38 -34.79 -26.29
CA TYR J 537 -16.98 -34.47 -26.52
C TYR J 537 -16.62 -33.18 -25.81
N GLU J 538 -15.35 -33.03 -25.48
CA GLU J 538 -14.87 -31.80 -24.87
C GLU J 538 -13.47 -31.47 -25.37
N LYS J 539 -13.21 -30.18 -25.47
CA LYS J 539 -12.03 -29.68 -26.15
C LYS J 539 -10.84 -29.73 -25.22
N SER J 540 -9.79 -30.40 -25.65
CA SER J 540 -8.62 -30.58 -24.81
C SER J 540 -7.78 -29.32 -24.71
N GLN J 541 -7.62 -28.59 -25.80
CA GLN J 541 -6.70 -27.46 -25.88
C GLN J 541 -7.50 -26.16 -25.82
N LEU J 542 -7.31 -25.40 -24.76
CA LEU J 542 -8.11 -24.20 -24.51
C LEU J 542 -7.27 -22.93 -24.34
N ALA J 543 -6.16 -23.01 -23.65
CA ALA J 543 -5.40 -21.79 -23.36
C ALA J 543 -4.51 -21.46 -24.55
N PRO J 544 -4.52 -20.22 -25.06
CA PRO J 544 -3.61 -19.90 -26.15
C PRO J 544 -2.16 -19.91 -25.70
N ARG J 545 -1.28 -20.30 -26.61
CA ARG J 545 0.15 -20.40 -26.38
C ARG J 545 0.86 -19.57 -27.45
N LYS J 546 1.94 -18.91 -27.06
CA LYS J 546 2.78 -18.24 -28.05
C LYS J 546 3.47 -19.25 -28.94
N LEU J 547 3.42 -19.02 -30.24
CA LEU J 547 4.18 -19.83 -31.18
C LEU J 547 5.61 -19.35 -31.35
N TYR J 548 5.91 -18.13 -30.94
CA TYR J 548 7.14 -17.47 -31.35
C TYR J 548 7.51 -16.33 -30.40
#